data_1J7M
#
_entry.id   1J7M
#
_cell.length_a   1.000
_cell.length_b   1.000
_cell.length_c   1.000
_cell.angle_alpha   90.00
_cell.angle_beta   90.00
_cell.angle_gamma   90.00
#
_symmetry.space_group_name_H-M   'P 1'
#
_entity_poly.entity_id   1
_entity_poly.type   'polypeptide(L)'
_entity_poly.pdbx_seq_one_letter_code
;LAAHPPFASWMSTVGGNSGGAPCVFPFTFLGNKYESCTSAGRSDGKMWCATTANYDDDRKWGFCPDQGWISS
;
_entity_poly.pdbx_strand_id   A
#
# COMPACT_ATOMS: atom_id res chain seq x y z
N SER A 9 0.42 -3.32 -12.72
CA SER A 9 1.25 -4.02 -11.70
C SER A 9 1.02 -5.53 -11.73
N TRP A 10 -0.26 -5.93 -11.67
CA TRP A 10 -0.65 -7.34 -11.68
C TRP A 10 -0.02 -8.05 -10.48
N MET A 11 0.00 -7.37 -9.35
CA MET A 11 0.59 -7.93 -8.15
C MET A 11 -0.36 -7.84 -6.96
N SER A 12 -0.60 -8.98 -6.31
CA SER A 12 -1.47 -9.01 -5.14
C SER A 12 -0.69 -8.60 -3.91
N THR A 13 -1.38 -8.18 -2.86
CA THR A 13 -0.72 -7.73 -1.66
C THR A 13 -0.57 -8.83 -0.60
N VAL A 14 0.31 -8.52 0.34
CA VAL A 14 0.59 -9.34 1.48
C VAL A 14 0.43 -8.41 2.66
N GLY A 15 0.33 -8.90 3.89
CA GLY A 15 0.15 -7.93 4.98
C GLY A 15 -1.15 -7.16 4.82
N GLY A 16 -1.14 -5.90 5.24
CA GLY A 16 -2.31 -5.03 5.11
C GLY A 16 -3.61 -5.67 5.55
N ASN A 17 -4.68 -5.42 4.80
CA ASN A 17 -6.00 -5.97 5.12
C ASN A 17 -6.90 -6.04 3.89
N SER A 18 -6.30 -5.95 2.69
CA SER A 18 -7.04 -5.99 1.45
C SER A 18 -7.44 -7.42 1.10
N GLY A 19 -6.54 -8.36 1.38
CA GLY A 19 -6.79 -9.74 1.09
C GLY A 19 -6.16 -10.16 -0.23
N GLY A 20 -5.23 -9.34 -0.70
CA GLY A 20 -4.56 -9.64 -1.95
C GLY A 20 -5.05 -8.75 -3.08
N ALA A 21 -5.13 -7.46 -2.82
CA ALA A 21 -5.58 -6.51 -3.83
C ALA A 21 -4.39 -5.78 -4.44
N PRO A 22 -4.42 -5.55 -5.75
CA PRO A 22 -3.33 -4.86 -6.47
C PRO A 22 -3.09 -3.45 -5.94
N CYS A 23 -1.81 -3.09 -5.77
CA CYS A 23 -1.46 -1.76 -5.28
C CYS A 23 -1.83 -0.73 -6.36
N VAL A 24 -2.57 0.30 -5.98
CA VAL A 24 -2.96 1.34 -6.94
C VAL A 24 -1.99 2.52 -6.88
N PHE A 25 -1.25 2.71 -7.96
CA PHE A 25 -0.30 3.80 -8.04
C PHE A 25 -0.75 4.82 -9.06
N PRO A 26 -0.58 6.12 -8.76
CA PRO A 26 0.01 6.57 -7.50
C PRO A 26 -1.01 6.64 -6.38
N PHE A 27 -0.67 6.14 -5.21
CA PHE A 27 -1.58 6.19 -4.08
C PHE A 27 -1.15 7.28 -3.12
N THR A 28 -2.08 8.10 -2.67
CA THR A 28 -1.72 9.16 -1.75
C THR A 28 -1.96 8.76 -0.31
N PHE A 29 -0.90 8.79 0.48
CA PHE A 29 -0.97 8.46 1.88
C PHE A 29 -0.63 9.68 2.69
N LEU A 30 -1.48 9.96 3.65
CA LEU A 30 -1.28 11.04 4.59
C LEU A 30 -0.80 12.34 3.93
N GLY A 31 -1.27 12.60 2.70
CA GLY A 31 -0.90 13.83 2.02
C GLY A 31 0.09 13.70 0.88
N ASN A 32 0.80 12.58 0.77
CA ASN A 32 1.80 12.44 -0.29
C ASN A 32 1.38 11.42 -1.33
N LYS A 33 1.76 11.66 -2.59
CA LYS A 33 1.47 10.75 -3.65
C LYS A 33 2.58 9.70 -3.73
N TYR A 34 2.23 8.44 -3.61
CA TYR A 34 3.22 7.38 -3.65
C TYR A 34 3.14 6.63 -4.96
N GLU A 35 4.21 6.71 -5.71
CA GLU A 35 4.33 6.07 -7.00
C GLU A 35 4.97 4.70 -6.85
N SER A 36 5.59 4.51 -5.71
CA SER A 36 6.22 3.27 -5.37
C SER A 36 5.75 2.84 -3.99
N CYS A 37 6.25 1.73 -3.47
CA CYS A 37 5.84 1.29 -2.16
C CYS A 37 6.35 2.28 -1.12
N THR A 38 5.81 2.18 0.07
CA THR A 38 6.20 3.07 1.16
C THR A 38 6.28 2.31 2.45
N SER A 39 6.86 2.94 3.45
CA SER A 39 6.96 2.37 4.76
C SER A 39 6.28 3.36 5.71
N ALA A 40 5.45 4.21 5.11
CA ALA A 40 4.69 5.23 5.81
C ALA A 40 3.74 4.62 6.82
N GLY A 41 3.64 5.25 7.97
CA GLY A 41 2.75 4.75 9.00
C GLY A 41 3.33 3.54 9.71
N ARG A 42 4.49 3.07 9.27
CA ARG A 42 5.13 1.92 9.88
C ARG A 42 6.45 2.30 10.51
N SER A 43 6.73 1.75 11.68
CA SER A 43 7.98 2.02 12.39
C SER A 43 8.77 0.75 12.60
N ASP A 44 8.48 -0.24 11.76
CA ASP A 44 9.14 -1.53 11.82
C ASP A 44 10.18 -1.67 10.72
N GLY A 45 9.71 -1.98 9.53
CA GLY A 45 10.57 -2.13 8.39
C GLY A 45 9.84 -2.60 7.14
N LYS A 46 8.76 -3.35 7.34
CA LYS A 46 7.96 -3.86 6.25
C LYS A 46 7.34 -2.74 5.43
N MET A 47 7.67 -2.67 4.15
CA MET A 47 7.10 -1.64 3.29
C MET A 47 5.79 -2.15 2.72
N TRP A 48 4.86 -1.25 2.45
CA TRP A 48 3.57 -1.63 1.91
C TRP A 48 3.18 -0.75 0.71
N CYS A 49 1.91 -0.84 0.34
CA CYS A 49 1.34 -0.09 -0.77
C CYS A 49 -0.17 0.04 -0.57
N ALA A 50 -0.77 1.11 -1.03
CA ALA A 50 -2.22 1.24 -0.88
C ALA A 50 -2.90 0.53 -2.02
N THR A 51 -4.07 -0.01 -1.76
CA THR A 51 -4.81 -0.73 -2.77
C THR A 51 -5.91 0.14 -3.35
N THR A 52 -5.85 1.42 -3.04
CA THR A 52 -6.81 2.40 -3.51
C THR A 52 -6.06 3.65 -3.97
N ALA A 53 -6.65 4.40 -4.90
CA ALA A 53 -6.02 5.61 -5.41
C ALA A 53 -5.74 6.60 -4.30
N ASN A 54 -6.75 6.83 -3.47
CA ASN A 54 -6.61 7.73 -2.35
C ASN A 54 -6.73 6.93 -1.07
N TYR A 55 -5.62 6.76 -0.38
CA TYR A 55 -5.61 6.00 0.85
C TYR A 55 -6.25 6.76 1.99
N ASP A 56 -6.08 8.08 2.00
CA ASP A 56 -6.65 8.94 3.04
C ASP A 56 -8.13 8.65 3.29
N ASP A 57 -8.84 8.29 2.22
CA ASP A 57 -10.27 8.01 2.32
C ASP A 57 -10.56 6.53 2.60
N ASP A 58 -10.19 5.67 1.65
CA ASP A 58 -10.46 4.23 1.74
C ASP A 58 -9.64 3.52 2.82
N ARG A 59 -8.41 3.97 3.03
CA ARG A 59 -7.51 3.40 4.02
C ARG A 59 -7.39 1.89 3.91
N LYS A 60 -7.23 1.43 2.68
CA LYS A 60 -7.05 0.02 2.40
C LYS A 60 -5.64 -0.19 1.91
N TRP A 61 -4.89 -1.00 2.65
CA TRP A 61 -3.49 -1.20 2.34
C TRP A 61 -3.06 -2.65 2.31
N GLY A 62 -1.81 -2.83 1.91
CA GLY A 62 -1.19 -4.13 1.82
C GLY A 62 0.30 -3.99 1.61
N PHE A 63 1.07 -4.88 2.21
CA PHE A 63 2.53 -4.88 2.11
C PHE A 63 3.00 -4.94 0.66
N CYS A 64 4.21 -4.43 0.44
CA CYS A 64 4.82 -4.41 -0.89
C CYS A 64 5.18 -5.82 -1.34
N PRO A 65 5.03 -6.13 -2.64
CA PRO A 65 5.36 -7.45 -3.19
C PRO A 65 6.87 -7.72 -3.25
N ASP A 66 7.27 -8.51 -4.22
CA ASP A 66 8.68 -8.84 -4.39
C ASP A 66 9.50 -7.59 -4.66
N GLN A 67 10.41 -7.27 -3.75
CA GLN A 67 11.25 -6.10 -3.89
C GLN A 67 12.62 -6.46 -4.46
N GLY A 68 12.67 -7.53 -5.25
CA GLY A 68 13.92 -7.96 -5.85
C GLY A 68 14.27 -7.15 -7.08
N SER A 9 0.35 -13.08 -13.42
CA SER A 9 -0.64 -13.35 -12.34
C SER A 9 -1.12 -12.05 -11.71
N TRP A 10 -1.93 -12.16 -10.66
CA TRP A 10 -2.45 -10.97 -9.98
C TRP A 10 -1.45 -10.53 -8.91
N MET A 11 -1.12 -9.24 -8.89
CA MET A 11 -0.20 -8.70 -7.91
C MET A 11 -0.90 -8.41 -6.59
N SER A 12 -1.25 -9.46 -5.87
CA SER A 12 -1.92 -9.34 -4.59
C SER A 12 -0.96 -8.82 -3.52
N THR A 13 -1.52 -8.30 -2.43
CA THR A 13 -0.73 -7.77 -1.35
C THR A 13 -0.62 -8.73 -0.18
N VAL A 14 0.23 -8.36 0.76
CA VAL A 14 0.42 -9.10 1.99
C VAL A 14 -0.10 -8.23 3.10
N GLY A 15 0.18 -8.60 4.34
CA GLY A 15 -0.23 -7.80 5.49
C GLY A 15 -1.60 -7.18 5.31
N GLY A 16 -1.65 -5.86 5.49
CA GLY A 16 -2.87 -5.08 5.30
C GLY A 16 -4.15 -5.74 5.78
N ASN A 17 -5.20 -5.52 5.02
CA ASN A 17 -6.50 -6.08 5.32
C ASN A 17 -7.27 -6.38 4.03
N SER A 18 -6.59 -6.16 2.91
CA SER A 18 -7.17 -6.40 1.60
C SER A 18 -6.79 -7.79 1.11
N GLY A 19 -5.48 -8.05 1.03
CA GLY A 19 -5.00 -9.35 0.60
C GLY A 19 -5.05 -9.55 -0.91
N GLY A 20 -6.22 -9.91 -1.42
CA GLY A 20 -6.37 -10.15 -2.85
C GLY A 20 -6.30 -8.88 -3.67
N ALA A 21 -6.50 -7.74 -3.03
CA ALA A 21 -6.46 -6.46 -3.73
C ALA A 21 -5.02 -6.00 -3.92
N PRO A 22 -4.71 -5.46 -5.10
CA PRO A 22 -3.38 -4.96 -5.43
C PRO A 22 -3.21 -3.49 -5.04
N CYS A 23 -1.98 -3.00 -5.11
CA CYS A 23 -1.72 -1.61 -4.78
C CYS A 23 -2.18 -0.71 -5.92
N VAL A 24 -2.77 0.43 -5.61
CA VAL A 24 -3.22 1.35 -6.63
C VAL A 24 -2.28 2.56 -6.68
N PHE A 25 -1.49 2.65 -7.73
CA PHE A 25 -0.55 3.76 -7.88
C PHE A 25 -0.97 4.70 -8.99
N PRO A 26 -0.78 6.01 -8.77
CA PRO A 26 -0.22 6.54 -7.54
C PRO A 26 -1.28 6.74 -6.48
N PHE A 27 -1.02 6.32 -5.24
CA PHE A 27 -2.01 6.53 -4.18
C PHE A 27 -1.57 7.69 -3.32
N THR A 28 -2.25 7.89 -2.22
CA THR A 28 -1.92 8.97 -1.33
C THR A 28 -2.17 8.57 0.11
N PHE A 29 -1.12 8.58 0.90
CA PHE A 29 -1.23 8.23 2.31
C PHE A 29 -1.04 9.47 3.14
N LEU A 30 -1.94 9.66 4.07
CA LEU A 30 -1.88 10.72 5.03
C LEU A 30 -1.30 12.02 4.48
N GLY A 31 -1.76 12.36 3.27
CA GLY A 31 -1.34 13.59 2.63
C GLY A 31 -0.22 13.45 1.59
N ASN A 32 0.46 12.31 1.49
CA ASN A 32 1.54 12.20 0.53
C ASN A 32 1.21 11.20 -0.58
N LYS A 33 1.49 11.60 -1.82
CA LYS A 33 1.24 10.76 -2.96
C LYS A 33 2.33 9.71 -3.10
N TYR A 34 1.94 8.44 -3.12
CA TYR A 34 2.90 7.36 -3.22
C TYR A 34 2.79 6.67 -4.56
N GLU A 35 3.86 6.73 -5.30
CA GLU A 35 3.92 6.13 -6.62
C GLU A 35 4.59 4.75 -6.54
N SER A 36 5.19 4.49 -5.39
CA SER A 36 5.86 3.26 -5.12
C SER A 36 5.43 2.76 -3.76
N CYS A 37 6.00 1.67 -3.29
CA CYS A 37 5.66 1.16 -1.97
C CYS A 37 6.06 2.16 -0.90
N THR A 38 5.65 1.90 0.30
CA THR A 38 5.96 2.77 1.42
C THR A 38 6.02 1.95 2.70
N SER A 39 6.44 2.62 3.75
CA SER A 39 6.49 2.03 5.07
C SER A 39 5.87 3.05 6.01
N ALA A 40 5.02 3.89 5.40
CA ALA A 40 4.31 4.96 6.09
C ALA A 40 3.42 4.42 7.18
N GLY A 41 3.42 5.11 8.32
CA GLY A 41 2.61 4.69 9.44
C GLY A 41 3.17 3.45 10.11
N ARG A 42 4.25 2.90 9.57
CA ARG A 42 4.85 1.69 10.11
C ARG A 42 6.21 1.98 10.71
N SER A 43 7.21 2.10 9.84
CA SER A 43 8.61 2.35 10.24
C SER A 43 9.16 1.17 11.03
N ASP A 44 8.57 0.01 10.85
CA ASP A 44 9.00 -1.20 11.55
C ASP A 44 9.87 -2.05 10.64
N GLY A 45 9.53 -2.04 9.37
CA GLY A 45 10.26 -2.80 8.39
C GLY A 45 9.36 -3.30 7.28
N LYS A 46 8.18 -3.79 7.68
CA LYS A 46 7.20 -4.30 6.73
C LYS A 46 6.69 -3.17 5.83
N MET A 47 7.11 -3.17 4.58
CA MET A 47 6.66 -2.15 3.65
C MET A 47 5.32 -2.57 3.06
N TRP A 48 4.48 -1.59 2.79
CA TRP A 48 3.16 -1.86 2.26
C TRP A 48 2.80 -0.88 1.13
N CYS A 49 1.53 -0.89 0.76
CA CYS A 49 0.98 -0.06 -0.30
C CYS A 49 -0.53 0.06 -0.13
N ALA A 50 -1.13 1.12 -0.65
CA ALA A 50 -2.58 1.26 -0.54
C ALA A 50 -3.25 0.49 -1.66
N THR A 51 -4.41 -0.06 -1.37
CA THR A 51 -5.14 -0.82 -2.35
C THR A 51 -6.28 0.01 -2.93
N THR A 52 -6.25 1.30 -2.60
CA THR A 52 -7.21 2.27 -3.08
C THR A 52 -6.46 3.50 -3.57
N ALA A 53 -7.03 4.23 -4.52
CA ALA A 53 -6.38 5.42 -5.08
C ALA A 53 -6.07 6.44 -3.99
N ASN A 54 -7.00 6.64 -3.07
CA ASN A 54 -6.80 7.57 -1.96
C ASN A 54 -6.92 6.81 -0.66
N TYR A 55 -5.80 6.64 0.02
CA TYR A 55 -5.77 5.89 1.27
C TYR A 55 -6.45 6.66 2.39
N ASP A 56 -6.30 7.97 2.44
CA ASP A 56 -6.94 8.76 3.48
C ASP A 56 -8.44 8.50 3.56
N ASP A 57 -9.05 8.26 2.40
CA ASP A 57 -10.49 8.01 2.30
C ASP A 57 -10.89 6.60 2.75
N ASP A 58 -10.50 5.60 1.96
CA ASP A 58 -10.89 4.20 2.22
C ASP A 58 -9.96 3.47 3.19
N ARG A 59 -8.76 3.99 3.39
CA ARG A 59 -7.78 3.39 4.30
C ARG A 59 -7.64 1.88 4.15
N LYS A 60 -7.42 1.42 2.94
CA LYS A 60 -7.22 0.01 2.67
C LYS A 60 -5.81 -0.19 2.20
N TRP A 61 -5.09 -1.03 2.92
CA TRP A 61 -3.68 -1.25 2.65
C TRP A 61 -3.31 -2.72 2.54
N GLY A 62 -2.06 -2.93 2.15
CA GLY A 62 -1.50 -4.25 1.99
C GLY A 62 0.01 -4.19 1.84
N PHE A 63 0.72 -5.13 2.45
CA PHE A 63 2.18 -5.18 2.38
C PHE A 63 2.67 -5.41 0.96
N CYS A 64 3.91 -5.03 0.73
CA CYS A 64 4.53 -5.23 -0.58
C CYS A 64 5.33 -6.54 -0.55
N PRO A 65 5.15 -7.40 -1.56
CA PRO A 65 5.82 -8.71 -1.62
C PRO A 65 7.26 -8.66 -2.08
N ASP A 66 7.76 -7.47 -2.17
CA ASP A 66 9.14 -7.24 -2.58
C ASP A 66 9.88 -6.41 -1.53
N GLN A 67 10.42 -7.09 -0.53
CA GLN A 67 11.15 -6.41 0.55
C GLN A 67 12.56 -6.05 0.11
N GLY A 68 13.14 -5.06 0.78
CA GLY A 68 14.48 -4.65 0.46
C GLY A 68 14.83 -3.32 1.09
N SER A 9 -0.61 -6.39 -11.61
CA SER A 9 0.03 -7.24 -10.57
C SER A 9 -0.34 -8.71 -10.77
N TRP A 10 0.54 -9.61 -10.34
CA TRP A 10 0.29 -11.03 -10.48
C TRP A 10 0.33 -11.73 -9.13
N MET A 11 0.85 -11.06 -8.11
CA MET A 11 0.95 -11.65 -6.79
C MET A 11 0.25 -10.82 -5.72
N SER A 12 -0.66 -9.97 -6.16
CA SER A 12 -1.44 -9.11 -5.26
C SER A 12 -0.56 -8.42 -4.21
N THR A 13 -1.15 -8.16 -3.06
CA THR A 13 -0.46 -7.52 -1.96
C THR A 13 -0.32 -8.46 -0.78
N VAL A 14 0.46 -8.04 0.19
CA VAL A 14 0.64 -8.78 1.43
C VAL A 14 0.05 -7.93 2.53
N GLY A 15 0.37 -8.27 3.76
CA GLY A 15 -0.10 -7.50 4.92
C GLY A 15 -1.52 -6.99 4.76
N GLY A 16 -1.64 -5.66 4.93
CA GLY A 16 -2.91 -4.96 4.77
C GLY A 16 -4.14 -5.69 5.27
N ASN A 17 -5.21 -5.54 4.50
CA ASN A 17 -6.50 -6.16 4.81
C ASN A 17 -7.23 -6.50 3.52
N SER A 18 -6.84 -5.81 2.45
CA SER A 18 -7.45 -6.01 1.13
C SER A 18 -7.32 -7.48 0.69
N GLY A 19 -6.14 -8.05 0.90
CA GLY A 19 -5.92 -9.44 0.56
C GLY A 19 -5.70 -9.68 -0.92
N GLY A 20 -6.79 -9.74 -1.68
CA GLY A 20 -6.69 -9.99 -3.10
C GLY A 20 -6.83 -8.74 -3.95
N ALA A 21 -6.21 -7.64 -3.50
CA ALA A 21 -6.27 -6.39 -4.25
C ALA A 21 -4.88 -5.82 -4.46
N PRO A 22 -4.61 -5.28 -5.66
CA PRO A 22 -3.32 -4.69 -6.00
C PRO A 22 -3.22 -3.23 -5.54
N CYS A 23 -2.04 -2.67 -5.62
CA CYS A 23 -1.83 -1.28 -5.21
C CYS A 23 -2.28 -0.33 -6.31
N VAL A 24 -2.94 0.76 -5.93
CA VAL A 24 -3.38 1.77 -6.90
C VAL A 24 -2.42 2.94 -6.88
N PHE A 25 -1.65 3.09 -7.94
CA PHE A 25 -0.67 4.15 -8.03
C PHE A 25 -1.02 5.17 -9.11
N PRO A 26 -0.81 6.45 -8.81
CA PRO A 26 -0.27 6.89 -7.54
C PRO A 26 -1.35 7.09 -6.47
N PHE A 27 -1.09 6.64 -5.26
CA PHE A 27 -2.06 6.83 -4.19
C PHE A 27 -1.66 8.02 -3.35
N THR A 28 -2.32 8.24 -2.24
CA THR A 28 -2.01 9.39 -1.40
C THR A 28 -2.14 9.04 0.08
N PHE A 29 -1.09 9.33 0.83
CA PHE A 29 -1.05 9.09 2.25
C PHE A 29 -0.51 10.30 2.96
N LEU A 30 -1.11 10.61 4.11
CA LEU A 30 -0.73 11.70 4.97
C LEU A 30 -0.34 12.99 4.23
N GLY A 31 -0.98 13.24 3.10
CA GLY A 31 -0.70 14.45 2.35
C GLY A 31 0.24 14.27 1.16
N ASN A 32 0.88 13.11 1.02
CA ASN A 32 1.81 12.89 -0.09
C ASN A 32 1.26 11.90 -1.08
N LYS A 33 1.73 12.02 -2.31
CA LYS A 33 1.33 11.14 -3.38
C LYS A 33 2.34 10.02 -3.48
N TYR A 34 1.88 8.79 -3.43
CA TYR A 34 2.79 7.67 -3.48
C TYR A 34 2.65 6.91 -4.79
N GLU A 35 3.68 7.03 -5.59
CA GLU A 35 3.74 6.38 -6.89
C GLU A 35 4.36 5.00 -6.78
N SER A 36 4.91 4.72 -5.63
CA SER A 36 5.55 3.46 -5.33
C SER A 36 5.13 3.02 -3.94
N CYS A 37 5.75 1.97 -3.40
CA CYS A 37 5.41 1.52 -2.07
C CYS A 37 5.89 2.54 -1.05
N THR A 38 5.41 2.39 0.16
CA THR A 38 5.78 3.28 1.25
C THR A 38 5.88 2.51 2.54
N SER A 39 6.41 3.15 3.56
CA SER A 39 6.51 2.55 4.86
C SER A 39 5.82 3.50 5.84
N ALA A 40 5.02 4.40 5.24
CA ALA A 40 4.27 5.42 5.96
C ALA A 40 3.30 4.80 6.95
N GLY A 41 3.16 5.43 8.09
CA GLY A 41 2.25 4.93 9.11
C GLY A 41 2.77 3.68 9.78
N ARG A 42 3.88 3.15 9.29
CA ARG A 42 4.46 1.96 9.86
C ARG A 42 5.72 2.29 10.65
N SER A 43 6.80 2.61 9.92
CA SER A 43 8.09 2.94 10.54
C SER A 43 8.61 1.74 11.33
N ASP A 44 8.16 0.55 10.95
CA ASP A 44 8.55 -0.67 11.62
C ASP A 44 9.53 -1.44 10.77
N GLY A 45 9.35 -1.34 9.47
CA GLY A 45 10.21 -2.01 8.52
C GLY A 45 9.52 -2.36 7.23
N LYS A 46 8.49 -3.19 7.31
CA LYS A 46 7.74 -3.62 6.14
C LYS A 46 7.13 -2.44 5.39
N MET A 47 7.27 -2.47 4.07
CA MET A 47 6.70 -1.44 3.24
C MET A 47 5.40 -1.95 2.63
N TRP A 48 4.49 -1.05 2.37
CA TRP A 48 3.20 -1.41 1.81
C TRP A 48 2.80 -0.48 0.67
N CYS A 49 1.55 -0.61 0.23
CA CYS A 49 0.99 0.19 -0.85
C CYS A 49 -0.53 0.22 -0.69
N ALA A 50 -1.14 1.37 -0.96
CA ALA A 50 -2.58 1.47 -0.82
C ALA A 50 -3.26 0.79 -1.99
N THR A 51 -4.41 0.19 -1.74
CA THR A 51 -5.15 -0.48 -2.79
C THR A 51 -6.27 0.41 -3.29
N THR A 52 -6.22 1.67 -2.86
CA THR A 52 -7.19 2.68 -3.26
C THR A 52 -6.45 3.90 -3.79
N ALA A 53 -7.08 4.67 -4.67
CA ALA A 53 -6.46 5.88 -5.23
C ALA A 53 -6.08 6.85 -4.12
N ASN A 54 -6.93 6.95 -3.11
CA ASN A 54 -6.68 7.79 -1.97
C ASN A 54 -6.76 6.93 -0.72
N TYR A 55 -5.62 6.72 -0.08
CA TYR A 55 -5.58 5.87 1.09
C TYR A 55 -6.27 6.48 2.29
N ASP A 56 -6.10 7.77 2.50
CA ASP A 56 -6.71 8.43 3.65
C ASP A 56 -8.24 8.33 3.60
N ASP A 57 -8.78 8.29 2.39
CA ASP A 57 -10.22 8.20 2.18
C ASP A 57 -10.79 6.83 2.57
N ASP A 58 -10.32 5.78 1.92
CA ASP A 58 -10.84 4.43 2.17
C ASP A 58 -10.01 3.61 3.16
N ARG A 59 -8.74 3.96 3.31
CA ARG A 59 -7.82 3.30 4.22
C ARG A 59 -7.74 1.79 4.02
N LYS A 60 -7.50 1.40 2.77
CA LYS A 60 -7.31 0.00 2.44
C LYS A 60 -5.91 -0.16 1.89
N TRP A 61 -5.12 -0.96 2.57
CA TRP A 61 -3.74 -1.13 2.21
C TRP A 61 -3.31 -2.58 2.08
N GLY A 62 -2.08 -2.73 1.63
CA GLY A 62 -1.48 -4.03 1.46
C GLY A 62 0.02 -3.89 1.36
N PHE A 63 0.77 -4.81 1.95
CA PHE A 63 2.23 -4.76 1.91
C PHE A 63 2.75 -4.81 0.49
N CYS A 64 3.97 -4.31 0.31
CA CYS A 64 4.64 -4.32 -0.99
C CYS A 64 4.87 -5.78 -1.37
N PRO A 65 4.89 -6.13 -2.67
CA PRO A 65 5.09 -7.51 -3.13
C PRO A 65 6.44 -8.11 -2.76
N ASP A 66 6.95 -8.95 -3.65
CA ASP A 66 8.23 -9.65 -3.46
C ASP A 66 9.33 -8.70 -3.04
N GLN A 67 9.77 -8.84 -1.80
CA GLN A 67 10.84 -8.01 -1.25
C GLN A 67 11.97 -8.88 -0.73
N GLY A 68 13.15 -8.29 -0.62
CA GLY A 68 14.29 -9.02 -0.12
C GLY A 68 15.11 -8.18 0.83
N SER A 9 1.43 -2.94 -12.22
CA SER A 9 0.90 -4.31 -12.29
C SER A 9 -0.23 -4.51 -11.29
N TRP A 10 -1.12 -5.45 -11.60
CA TRP A 10 -2.25 -5.74 -10.71
C TRP A 10 -2.02 -7.08 -10.00
N MET A 11 -0.94 -7.15 -9.25
CA MET A 11 -0.60 -8.34 -8.50
C MET A 11 -1.37 -8.39 -7.19
N SER A 12 -0.95 -9.24 -6.27
CA SER A 12 -1.60 -9.35 -4.98
C SER A 12 -0.73 -8.74 -3.88
N THR A 13 -1.33 -8.48 -2.74
CA THR A 13 -0.62 -7.87 -1.62
C THR A 13 -0.45 -8.83 -0.45
N VAL A 14 0.33 -8.37 0.51
CA VAL A 14 0.58 -9.10 1.75
C VAL A 14 0.05 -8.24 2.86
N GLY A 15 0.41 -8.59 4.09
CA GLY A 15 -0.01 -7.80 5.26
C GLY A 15 -1.40 -7.24 5.14
N GLY A 16 -1.48 -5.91 5.23
CA GLY A 16 -2.73 -5.16 5.08
C GLY A 16 -3.98 -5.88 5.51
N ASN A 17 -5.00 -5.77 4.67
CA ASN A 17 -6.30 -6.40 4.92
C ASN A 17 -7.10 -6.48 3.62
N SER A 18 -6.38 -6.69 2.52
CA SER A 18 -6.99 -6.80 1.21
C SER A 18 -7.16 -8.25 0.79
N GLY A 19 -6.18 -9.09 1.15
CA GLY A 19 -6.23 -10.49 0.79
C GLY A 19 -5.58 -10.75 -0.56
N GLY A 20 -6.20 -10.27 -1.63
CA GLY A 20 -5.65 -10.48 -2.97
C GLY A 20 -5.72 -9.24 -3.83
N ALA A 21 -6.14 -8.13 -3.24
CA ALA A 21 -6.25 -6.87 -3.97
C ALA A 21 -4.87 -6.28 -4.24
N PRO A 22 -4.70 -5.59 -5.36
CA PRO A 22 -3.42 -4.99 -5.74
C PRO A 22 -3.24 -3.60 -5.14
N CYS A 23 -2.05 -3.04 -5.29
CA CYS A 23 -1.79 -1.70 -4.79
C CYS A 23 -1.97 -0.70 -5.92
N VAL A 24 -2.98 0.13 -5.83
CA VAL A 24 -3.27 1.12 -6.87
C VAL A 24 -2.26 2.26 -6.84
N PHE A 25 -1.47 2.39 -7.90
CA PHE A 25 -0.49 3.45 -8.01
C PHE A 25 -0.87 4.42 -9.10
N PRO A 26 -0.65 5.71 -8.87
CA PRO A 26 -0.10 6.19 -7.60
C PRO A 26 -1.18 6.40 -6.55
N PHE A 27 -0.91 6.03 -5.30
CA PHE A 27 -1.89 6.23 -4.25
C PHE A 27 -1.48 7.42 -3.42
N THR A 28 -2.21 7.67 -2.34
CA THR A 28 -1.91 8.78 -1.48
C THR A 28 -2.16 8.40 -0.03
N PHE A 29 -1.11 8.49 0.78
CA PHE A 29 -1.19 8.18 2.19
C PHE A 29 -0.89 9.42 2.97
N LEU A 30 -1.69 9.67 3.98
CA LEU A 30 -1.53 10.75 4.90
C LEU A 30 -0.95 12.01 4.27
N GLY A 31 -1.53 12.37 3.15
CA GLY A 31 -1.15 13.59 2.44
C GLY A 31 -0.05 13.44 1.38
N ASN A 32 0.59 12.29 1.25
CA ASN A 32 1.66 12.14 0.26
C ASN A 32 1.26 11.16 -0.83
N LYS A 33 1.67 11.44 -2.06
CA LYS A 33 1.38 10.58 -3.18
C LYS A 33 2.47 9.52 -3.28
N TYR A 34 2.08 8.25 -3.36
CA TYR A 34 3.03 7.17 -3.43
C TYR A 34 2.92 6.43 -4.75
N GLU A 35 4.00 6.46 -5.49
CA GLU A 35 4.08 5.81 -6.78
C GLU A 35 4.69 4.43 -6.63
N SER A 36 5.31 4.23 -5.48
CA SER A 36 5.94 2.98 -5.15
C SER A 36 5.48 2.57 -3.76
N CYS A 37 5.99 1.45 -3.25
CA CYS A 37 5.61 1.03 -1.92
C CYS A 37 6.16 2.03 -0.92
N THR A 38 5.61 1.99 0.26
CA THR A 38 6.01 2.90 1.33
C THR A 38 6.09 2.15 2.64
N SER A 39 6.67 2.79 3.61
CA SER A 39 6.78 2.24 4.93
C SER A 39 6.10 3.22 5.89
N ALA A 40 5.24 4.05 5.30
CA ALA A 40 4.47 5.06 6.00
C ALA A 40 3.54 4.45 7.04
N GLY A 41 3.52 5.04 8.23
CA GLY A 41 2.69 4.52 9.29
C GLY A 41 3.26 3.26 9.91
N ARG A 42 4.34 2.75 9.33
CA ARG A 42 4.97 1.54 9.84
C ARG A 42 6.31 1.85 10.47
N SER A 43 7.33 1.97 9.62
CA SER A 43 8.70 2.24 10.07
C SER A 43 9.18 1.14 11.03
N ASP A 44 8.66 -0.06 10.84
CA ASP A 44 8.99 -1.20 11.67
C ASP A 44 9.96 -2.10 10.91
N GLY A 45 9.64 -2.29 9.65
CA GLY A 45 10.43 -3.12 8.78
C GLY A 45 9.74 -3.40 7.46
N LYS A 46 8.54 -3.94 7.54
CA LYS A 46 7.75 -4.28 6.36
C LYS A 46 7.22 -3.06 5.64
N MET A 47 7.41 -3.00 4.34
CA MET A 47 6.88 -1.91 3.56
C MET A 47 5.55 -2.36 2.96
N TRP A 48 4.67 -1.42 2.66
CA TRP A 48 3.36 -1.74 2.13
C TRP A 48 2.95 -0.75 1.03
N CYS A 49 1.66 -0.73 0.72
CA CYS A 49 1.09 0.17 -0.28
C CYS A 49 -0.43 0.11 -0.20
N ALA A 50 -1.11 1.17 -0.65
CA ALA A 50 -2.56 1.20 -0.59
C ALA A 50 -3.19 0.41 -1.72
N THR A 51 -4.38 -0.09 -1.48
CA THR A 51 -5.11 -0.85 -2.47
C THR A 51 -6.18 0.02 -3.12
N THR A 52 -6.15 1.30 -2.77
CA THR A 52 -7.06 2.28 -3.31
C THR A 52 -6.25 3.48 -3.77
N ALA A 53 -6.75 4.19 -4.79
CA ALA A 53 -6.03 5.35 -5.31
C ALA A 53 -5.80 6.39 -4.22
N ASN A 54 -6.75 6.53 -3.31
CA ASN A 54 -6.63 7.45 -2.21
C ASN A 54 -6.81 6.68 -0.91
N TYR A 55 -5.73 6.53 -0.15
CA TYR A 55 -5.74 5.80 1.11
C TYR A 55 -6.41 6.60 2.21
N ASP A 56 -6.23 7.92 2.19
CA ASP A 56 -6.82 8.80 3.19
C ASP A 56 -8.32 8.57 3.32
N ASP A 57 -8.95 8.21 2.21
CA ASP A 57 -10.40 7.97 2.17
C ASP A 57 -10.80 6.56 2.62
N ASP A 58 -10.28 5.55 1.94
CA ASP A 58 -10.67 4.16 2.21
C ASP A 58 -9.80 3.44 3.25
N ARG A 59 -8.60 3.92 3.48
CA ARG A 59 -7.67 3.33 4.44
C ARG A 59 -7.55 1.81 4.32
N LYS A 60 -7.44 1.35 3.09
CA LYS A 60 -7.26 -0.06 2.82
C LYS A 60 -5.86 -0.26 2.28
N TRP A 61 -5.11 -1.11 2.95
CA TRP A 61 -3.72 -1.30 2.61
C TRP A 61 -3.31 -2.76 2.47
N GLY A 62 -2.08 -2.92 2.02
CA GLY A 62 -1.48 -4.22 1.82
C GLY A 62 0.03 -4.10 1.73
N PHE A 63 0.75 -5.10 2.23
CA PHE A 63 2.20 -5.08 2.22
C PHE A 63 2.77 -5.16 0.80
N CYS A 64 4.02 -4.76 0.69
CA CYS A 64 4.74 -4.81 -0.57
C CYS A 64 5.32 -6.21 -0.71
N PRO A 65 5.48 -6.74 -1.93
CA PRO A 65 6.00 -8.09 -2.15
C PRO A 65 7.49 -8.24 -1.81
N ASP A 66 8.14 -9.16 -2.50
CA ASP A 66 9.55 -9.43 -2.30
C ASP A 66 10.38 -8.17 -2.51
N GLN A 67 11.33 -7.94 -1.61
CA GLN A 67 12.19 -6.76 -1.68
C GLN A 67 13.33 -6.96 -2.69
N GLY A 68 13.13 -6.49 -3.91
CA GLY A 68 14.13 -6.61 -4.93
C GLY A 68 13.54 -6.68 -6.31
N SER A 9 4.76 -14.54 -9.66
CA SER A 9 3.94 -13.50 -10.34
C SER A 9 3.28 -12.59 -9.31
N TRP A 10 2.92 -11.38 -9.74
CA TRP A 10 2.28 -10.42 -8.84
C TRP A 10 0.79 -10.73 -8.74
N MET A 11 0.43 -11.60 -7.83
CA MET A 11 -0.97 -11.97 -7.63
C MET A 11 -1.52 -11.31 -6.37
N SER A 12 -2.19 -10.17 -6.54
CA SER A 12 -2.75 -9.43 -5.42
C SER A 12 -1.64 -8.94 -4.50
N THR A 13 -2.00 -8.63 -3.27
CA THR A 13 -1.03 -8.14 -2.30
C THR A 13 -0.76 -9.16 -1.21
N VAL A 14 0.06 -8.74 -0.26
CA VAL A 14 0.43 -9.52 0.90
C VAL A 14 0.24 -8.58 2.05
N GLY A 15 0.14 -9.03 3.27
CA GLY A 15 -0.05 -8.08 4.35
C GLY A 15 -1.38 -7.35 4.22
N GLY A 16 -1.43 -6.15 4.78
CA GLY A 16 -2.62 -5.31 4.68
C GLY A 16 -3.94 -6.00 5.01
N ASN A 17 -5.00 -5.51 4.37
CA ASN A 17 -6.35 -6.03 4.55
C ASN A 17 -7.17 -5.78 3.29
N SER A 18 -6.48 -5.79 2.15
CA SER A 18 -7.09 -5.54 0.85
C SER A 18 -8.25 -6.47 0.55
N GLY A 19 -8.02 -7.77 0.70
CA GLY A 19 -9.05 -8.74 0.40
C GLY A 19 -9.07 -9.06 -1.07
N GLY A 20 -7.88 -9.28 -1.63
CA GLY A 20 -7.76 -9.58 -3.04
C GLY A 20 -7.73 -8.33 -3.89
N ALA A 21 -6.72 -7.49 -3.69
CA ALA A 21 -6.59 -6.26 -4.46
C ALA A 21 -5.13 -5.86 -4.62
N PRO A 22 -4.77 -5.28 -5.78
CA PRO A 22 -3.41 -4.84 -6.06
C PRO A 22 -3.16 -3.43 -5.52
N CYS A 23 -1.98 -2.89 -5.76
CA CYS A 23 -1.68 -1.55 -5.28
C CYS A 23 -2.12 -0.51 -6.33
N VAL A 24 -2.98 0.41 -5.92
CA VAL A 24 -3.45 1.46 -6.82
C VAL A 24 -2.47 2.63 -6.83
N PHE A 25 -1.77 2.80 -7.95
CA PHE A 25 -0.81 3.89 -8.08
C PHE A 25 -1.23 4.86 -9.16
N PRO A 26 -1.08 6.16 -8.89
CA PRO A 26 -0.55 6.66 -7.63
C PRO A 26 -1.64 6.82 -6.58
N PHE A 27 -1.35 6.43 -5.35
CA PHE A 27 -2.33 6.59 -4.28
C PHE A 27 -1.94 7.77 -3.42
N THR A 28 -2.59 7.93 -2.29
CA THR A 28 -2.28 9.07 -1.44
C THR A 28 -2.39 8.72 0.02
N PHE A 29 -1.34 9.05 0.77
CA PHE A 29 -1.29 8.83 2.19
C PHE A 29 -0.80 10.10 2.85
N LEU A 30 -1.37 10.41 4.01
CA LEU A 30 -1.02 11.56 4.81
C LEU A 30 -0.80 12.82 3.97
N GLY A 31 -1.58 12.95 2.90
CA GLY A 31 -1.47 14.11 2.04
C GLY A 31 -0.45 13.99 0.91
N ASN A 32 0.34 12.92 0.89
CA ASN A 32 1.35 12.75 -0.15
C ASN A 32 0.95 11.69 -1.16
N LYS A 33 1.16 11.97 -2.45
CA LYS A 33 0.84 11.04 -3.49
C LYS A 33 1.93 9.98 -3.58
N TYR A 34 1.55 8.72 -3.46
CA TYR A 34 2.52 7.63 -3.49
C TYR A 34 2.43 6.88 -4.80
N GLU A 35 3.47 7.01 -5.58
CA GLU A 35 3.55 6.37 -6.88
C GLU A 35 4.22 5.01 -6.74
N SER A 36 4.92 4.82 -5.64
CA SER A 36 5.59 3.58 -5.36
C SER A 36 5.22 3.12 -3.95
N CYS A 37 5.84 2.06 -3.47
CA CYS A 37 5.55 1.58 -2.13
C CYS A 37 5.93 2.62 -1.10
N THR A 38 5.46 2.41 0.11
CA THR A 38 5.74 3.31 1.20
C THR A 38 5.81 2.53 2.49
N SER A 39 6.27 3.18 3.53
CA SER A 39 6.34 2.59 4.84
C SER A 39 5.66 3.55 5.80
N ALA A 40 4.87 4.45 5.21
CA ALA A 40 4.11 5.46 5.92
C ALA A 40 3.15 4.82 6.90
N GLY A 41 3.07 5.40 8.10
CA GLY A 41 2.17 4.88 9.12
C GLY A 41 2.73 3.65 9.78
N ARG A 42 3.82 3.12 9.24
CA ARG A 42 4.44 1.92 9.78
C ARG A 42 5.79 2.23 10.41
N SER A 43 6.55 3.10 9.74
CA SER A 43 7.93 3.43 10.13
C SER A 43 8.81 2.29 9.66
N ASP A 44 8.51 1.09 10.15
CA ASP A 44 9.17 -0.11 9.75
C ASP A 44 8.06 -1.08 9.35
N GLY A 45 7.80 -2.07 10.20
CA GLY A 45 6.74 -3.07 10.02
C GLY A 45 6.37 -3.33 8.57
N LYS A 46 7.39 -3.52 7.76
CA LYS A 46 7.29 -3.84 6.35
C LYS A 46 6.71 -2.70 5.52
N MET A 47 7.20 -2.57 4.29
CA MET A 47 6.69 -1.56 3.38
C MET A 47 5.41 -2.08 2.75
N TRP A 48 4.51 -1.16 2.42
CA TRP A 48 3.23 -1.54 1.84
C TRP A 48 2.84 -0.64 0.67
N CYS A 49 1.61 -0.84 0.20
CA CYS A 49 1.04 -0.09 -0.90
C CYS A 49 -0.47 -0.04 -0.72
N ALA A 50 -1.09 1.10 -1.01
CA ALA A 50 -2.53 1.20 -0.85
C ALA A 50 -3.24 0.49 -1.98
N THR A 51 -4.43 0.00 -1.71
CA THR A 51 -5.21 -0.70 -2.71
C THR A 51 -6.38 0.15 -3.16
N THR A 52 -6.30 1.43 -2.82
CA THR A 52 -7.30 2.41 -3.18
C THR A 52 -6.62 3.69 -3.63
N ALA A 53 -7.25 4.44 -4.54
CA ALA A 53 -6.67 5.68 -5.05
C ALA A 53 -6.35 6.65 -3.90
N ASN A 54 -7.26 6.75 -2.96
CA ASN A 54 -7.05 7.61 -1.80
C ASN A 54 -7.05 6.74 -0.56
N TYR A 55 -5.86 6.53 0.01
CA TYR A 55 -5.72 5.67 1.18
C TYR A 55 -6.25 6.34 2.44
N ASP A 56 -6.06 7.65 2.55
CA ASP A 56 -6.48 8.39 3.73
C ASP A 56 -7.97 8.17 4.04
N ASP A 57 -8.79 8.12 3.00
CA ASP A 57 -10.23 7.94 3.18
C ASP A 57 -10.65 6.48 3.32
N ASP A 58 -10.19 5.61 2.43
CA ASP A 58 -10.59 4.19 2.46
C ASP A 58 -9.76 3.36 3.43
N ARG A 59 -8.48 3.70 3.58
CA ARG A 59 -7.56 3.01 4.47
C ARG A 59 -7.47 1.51 4.22
N LYS A 60 -7.39 1.13 2.94
CA LYS A 60 -7.21 -0.27 2.57
C LYS A 60 -5.83 -0.43 2.00
N TRP A 61 -5.03 -1.24 2.66
CA TRP A 61 -3.64 -1.41 2.29
C TRP A 61 -3.20 -2.86 2.12
N GLY A 62 -1.97 -3.00 1.68
CA GLY A 62 -1.34 -4.29 1.47
C GLY A 62 0.17 -4.13 1.39
N PHE A 63 0.90 -5.06 1.95
CA PHE A 63 2.35 -5.02 1.94
C PHE A 63 2.91 -5.18 0.52
N CYS A 64 4.19 -4.82 0.38
CA CYS A 64 4.88 -4.93 -0.90
C CYS A 64 5.77 -6.17 -0.88
N PRO A 65 6.06 -6.76 -2.07
CA PRO A 65 6.89 -7.98 -2.19
C PRO A 65 8.36 -7.74 -1.91
N ASP A 66 9.21 -8.48 -2.61
CA ASP A 66 10.66 -8.40 -2.45
C ASP A 66 11.13 -6.95 -2.50
N GLN A 67 11.78 -6.53 -1.43
CA GLN A 67 12.28 -5.17 -1.30
C GLN A 67 13.35 -4.88 -2.35
N GLY A 68 12.99 -4.06 -3.33
CA GLY A 68 13.92 -3.71 -4.38
C GLY A 68 13.21 -3.30 -5.65
N SER A 9 -3.74 -14.50 -4.58
CA SER A 9 -3.26 -14.97 -5.90
C SER A 9 -3.28 -13.83 -6.91
N TRP A 10 -2.58 -14.01 -8.03
CA TRP A 10 -2.49 -12.97 -9.07
C TRP A 10 -1.83 -11.72 -8.50
N MET A 11 -2.27 -10.55 -8.96
CA MET A 11 -1.73 -9.30 -8.47
C MET A 11 -2.41 -8.92 -7.15
N SER A 12 -1.82 -9.37 -6.06
CA SER A 12 -2.36 -9.12 -4.73
C SER A 12 -1.31 -8.52 -3.82
N THR A 13 -1.63 -8.43 -2.55
CA THR A 13 -0.74 -7.87 -1.56
C THR A 13 -0.46 -8.86 -0.43
N VAL A 14 0.39 -8.42 0.47
CA VAL A 14 0.78 -9.14 1.65
C VAL A 14 0.52 -8.20 2.80
N GLY A 15 0.41 -8.67 4.02
CA GLY A 15 0.14 -7.71 5.09
C GLY A 15 -1.25 -7.12 4.97
N GLY A 16 -1.35 -5.85 5.33
CA GLY A 16 -2.61 -5.11 5.23
C GLY A 16 -3.84 -5.87 5.69
N ASN A 17 -4.96 -5.58 5.01
CA ASN A 17 -6.24 -6.23 5.29
C ASN A 17 -6.85 -6.72 4.00
N SER A 18 -6.57 -6.00 2.92
CA SER A 18 -7.09 -6.35 1.60
C SER A 18 -6.65 -7.75 1.20
N GLY A 19 -5.35 -7.98 1.15
CA GLY A 19 -4.83 -9.29 0.80
C GLY A 19 -4.91 -9.60 -0.68
N GLY A 20 -6.11 -9.90 -1.16
CA GLY A 20 -6.30 -10.22 -2.56
C GLY A 20 -6.54 -9.00 -3.43
N ALA A 21 -6.01 -7.86 -3.00
CA ALA A 21 -6.15 -6.62 -3.76
C ALA A 21 -4.79 -6.04 -4.11
N PRO A 22 -4.66 -5.43 -5.29
CA PRO A 22 -3.41 -4.83 -5.74
C PRO A 22 -3.21 -3.41 -5.21
N CYS A 23 -1.97 -2.95 -5.23
CA CYS A 23 -1.65 -1.60 -4.75
C CYS A 23 -1.92 -0.58 -5.85
N VAL A 24 -2.76 0.39 -5.57
CA VAL A 24 -3.08 1.44 -6.54
C VAL A 24 -2.13 2.61 -6.41
N PHE A 25 -1.40 2.90 -7.48
CA PHE A 25 -0.47 4.01 -7.50
C PHE A 25 -0.94 5.07 -8.49
N PRO A 26 -0.75 6.35 -8.14
CA PRO A 26 -0.16 6.77 -6.88
C PRO A 26 -1.19 6.87 -5.76
N PHE A 27 -0.88 6.30 -4.60
CA PHE A 27 -1.80 6.39 -3.49
C PHE A 27 -1.34 7.50 -2.56
N THR A 28 -2.25 8.40 -2.24
CA THR A 28 -1.90 9.52 -1.41
C THR A 28 -2.12 9.23 0.06
N PHE A 29 -1.07 9.44 0.83
CA PHE A 29 -1.08 9.25 2.27
C PHE A 29 -0.49 10.50 2.89
N LEU A 30 -0.99 10.88 4.06
CA LEU A 30 -0.52 12.02 4.82
C LEU A 30 -0.17 13.22 3.93
N GLY A 31 -0.96 13.42 2.87
CA GLY A 31 -0.74 14.55 1.98
C GLY A 31 0.26 14.31 0.86
N ASN A 32 0.93 13.15 0.83
CA ASN A 32 1.91 12.87 -0.20
C ASN A 32 1.45 11.79 -1.17
N LYS A 33 1.65 12.03 -2.46
CA LYS A 33 1.29 11.09 -3.49
C LYS A 33 2.32 9.97 -3.54
N TYR A 34 1.92 8.73 -3.26
CA TYR A 34 2.88 7.64 -3.27
C TYR A 34 2.77 6.83 -4.54
N GLU A 35 3.74 7.05 -5.39
CA GLU A 35 3.81 6.37 -6.67
C GLU A 35 4.49 5.02 -6.51
N SER A 36 5.18 4.87 -5.39
CA SER A 36 5.86 3.65 -5.06
C SER A 36 5.45 3.23 -3.65
N CYS A 37 6.00 2.14 -3.14
CA CYS A 37 5.67 1.71 -1.80
C CYS A 37 6.20 2.73 -0.79
N THR A 38 5.63 2.70 0.38
CA THR A 38 6.03 3.61 1.44
C THR A 38 6.11 2.86 2.75
N SER A 39 6.49 3.58 3.79
CA SER A 39 6.57 3.01 5.12
C SER A 39 5.80 3.92 6.07
N ALA A 40 4.96 4.76 5.46
CA ALA A 40 4.14 5.72 6.17
C ALA A 40 3.17 5.06 7.14
N GLY A 41 2.97 5.70 8.29
CA GLY A 41 2.07 5.17 9.28
C GLY A 41 2.61 3.96 10.02
N ARG A 42 3.77 3.46 9.60
CA ARG A 42 4.34 2.30 10.23
C ARG A 42 5.44 2.68 11.22
N SER A 43 5.67 1.80 12.18
CA SER A 43 6.69 2.02 13.19
C SER A 43 7.55 0.77 13.36
N ASP A 44 7.44 -0.17 12.43
CA ASP A 44 8.20 -1.40 12.47
C ASP A 44 9.33 -1.38 11.45
N GLY A 45 8.99 -1.64 10.21
CA GLY A 45 9.99 -1.62 9.17
C GLY A 45 9.46 -2.00 7.79
N LYS A 46 8.46 -2.87 7.74
CA LYS A 46 7.90 -3.32 6.46
C LYS A 46 7.29 -2.17 5.68
N MET A 47 7.58 -2.11 4.39
CA MET A 47 7.00 -1.10 3.55
C MET A 47 5.69 -1.65 2.99
N TRP A 48 4.80 -0.77 2.59
CA TRP A 48 3.51 -1.18 2.06
C TRP A 48 3.04 -0.28 0.94
N CYS A 49 1.81 -0.48 0.51
CA CYS A 49 1.17 0.32 -0.52
C CYS A 49 -0.33 0.18 -0.41
N ALA A 50 -1.06 1.28 -0.59
CA ALA A 50 -2.51 1.24 -0.47
C ALA A 50 -3.13 0.54 -1.64
N THR A 51 -4.33 0.02 -1.42
CA THR A 51 -5.06 -0.69 -2.44
C THR A 51 -6.15 0.22 -3.01
N THR A 52 -6.05 1.49 -2.64
CA THR A 52 -6.97 2.51 -3.10
C THR A 52 -6.17 3.73 -3.55
N ALA A 53 -6.72 4.51 -4.49
CA ALA A 53 -6.02 5.69 -4.99
C ALA A 53 -5.71 6.68 -3.86
N ASN A 54 -6.58 6.72 -2.87
CA ASN A 54 -6.39 7.58 -1.72
C ASN A 54 -6.49 6.74 -0.46
N TYR A 55 -5.41 6.73 0.30
CA TYR A 55 -5.37 5.93 1.53
C TYR A 55 -5.95 6.69 2.72
N ASP A 56 -5.82 8.00 2.74
CA ASP A 56 -6.33 8.81 3.84
C ASP A 56 -7.85 8.70 4.00
N ASP A 57 -8.54 8.47 2.90
CA ASP A 57 -10.00 8.37 2.88
C ASP A 57 -10.52 6.94 3.07
N ASP A 58 -9.93 5.97 2.37
CA ASP A 58 -10.41 4.59 2.45
C ASP A 58 -9.58 3.70 3.37
N ARG A 59 -8.36 4.12 3.67
CA ARG A 59 -7.45 3.39 4.54
C ARG A 59 -7.38 1.88 4.30
N LYS A 60 -7.18 1.51 3.05
CA LYS A 60 -7.03 0.10 2.71
C LYS A 60 -5.62 -0.11 2.20
N TRP A 61 -4.87 -0.96 2.89
CA TRP A 61 -3.48 -1.15 2.56
C TRP A 61 -3.04 -2.60 2.48
N GLY A 62 -1.77 -2.74 2.10
CA GLY A 62 -1.12 -4.02 1.97
C GLY A 62 0.38 -3.81 1.84
N PHE A 63 1.17 -4.68 2.44
CA PHE A 63 2.63 -4.57 2.39
C PHE A 63 3.16 -4.63 0.98
N CYS A 64 4.36 -4.09 0.79
CA CYS A 64 5.02 -4.07 -0.50
C CYS A 64 5.57 -5.46 -0.83
N PRO A 65 5.07 -6.10 -1.90
CA PRO A 65 5.51 -7.42 -2.30
C PRO A 65 6.72 -7.39 -3.22
N ASP A 66 6.95 -8.51 -3.91
CA ASP A 66 8.04 -8.71 -4.86
C ASP A 66 9.30 -7.88 -4.54
N GLN A 67 9.94 -8.19 -3.43
CA GLN A 67 11.16 -7.49 -3.03
C GLN A 67 12.31 -8.47 -2.86
N GLY A 68 12.20 -9.31 -1.83
CA GLY A 68 13.21 -10.30 -1.55
C GLY A 68 13.19 -10.70 -0.09
N SER A 9 -1.32 -7.85 -13.56
CA SER A 9 -0.34 -7.45 -12.52
C SER A 9 0.53 -8.64 -12.11
N TRP A 10 1.66 -8.35 -11.49
CA TRP A 10 2.57 -9.41 -11.05
C TRP A 10 2.03 -10.08 -9.79
N MET A 11 2.38 -9.55 -8.64
CA MET A 11 1.92 -10.10 -7.36
C MET A 11 0.80 -9.25 -6.78
N SER A 12 0.09 -9.82 -5.82
CA SER A 12 -1.00 -9.13 -5.15
C SER A 12 -0.53 -8.63 -3.80
N THR A 13 -1.45 -8.13 -2.99
CA THR A 13 -1.08 -7.61 -1.68
C THR A 13 -0.94 -8.72 -0.63
N VAL A 14 -0.14 -8.39 0.37
CA VAL A 14 0.14 -9.24 1.50
C VAL A 14 -0.01 -8.32 2.69
N GLY A 15 -0.14 -8.81 3.90
CA GLY A 15 -0.30 -7.88 5.00
C GLY A 15 -1.61 -7.12 4.87
N GLY A 16 -1.62 -5.88 5.38
CA GLY A 16 -2.79 -5.02 5.30
C GLY A 16 -4.10 -5.67 5.72
N ASN A 17 -5.19 -5.22 5.12
CA ASN A 17 -6.51 -5.78 5.43
C ASN A 17 -7.26 -6.13 4.15
N SER A 18 -6.72 -5.77 3.00
CA SER A 18 -7.34 -6.08 1.72
C SER A 18 -7.05 -7.53 1.35
N GLY A 19 -5.77 -7.91 1.40
CA GLY A 19 -5.37 -9.28 1.12
C GLY A 19 -5.80 -9.78 -0.24
N GLY A 20 -5.18 -9.28 -1.30
CA GLY A 20 -5.52 -9.74 -2.63
C GLY A 20 -5.63 -8.61 -3.63
N ALA A 21 -6.23 -7.50 -3.23
CA ALA A 21 -6.40 -6.37 -4.13
C ALA A 21 -5.05 -5.75 -4.49
N PRO A 22 -4.84 -5.44 -5.77
CA PRO A 22 -3.60 -4.83 -6.24
C PRO A 22 -3.42 -3.42 -5.68
N CYS A 23 -2.19 -2.96 -5.59
CA CYS A 23 -1.94 -1.61 -5.07
C CYS A 23 -2.33 -0.59 -6.13
N VAL A 24 -3.03 0.46 -5.73
CA VAL A 24 -3.44 1.50 -6.66
C VAL A 24 -2.44 2.65 -6.65
N PHE A 25 -1.76 2.82 -7.77
CA PHE A 25 -0.79 3.89 -7.90
C PHE A 25 -1.18 4.84 -9.01
N PRO A 26 -0.99 6.15 -8.80
CA PRO A 26 -0.44 6.66 -7.55
C PRO A 26 -1.50 6.90 -6.50
N PHE A 27 -1.23 6.49 -5.28
CA PHE A 27 -2.18 6.72 -4.19
C PHE A 27 -1.70 7.89 -3.38
N THR A 28 -2.29 8.11 -2.22
CA THR A 28 -1.90 9.23 -1.39
C THR A 28 -2.10 8.90 0.08
N PHE A 29 -1.04 9.07 0.84
CA PHE A 29 -1.09 8.77 2.26
C PHE A 29 -0.71 9.99 3.07
N LEU A 30 -1.54 10.26 4.06
CA LEU A 30 -1.30 11.31 5.02
C LEU A 30 -0.76 12.60 4.40
N GLY A 31 -1.18 12.89 3.17
CA GLY A 31 -0.74 14.11 2.51
C GLY A 31 0.23 13.90 1.34
N ASN A 32 0.88 12.74 1.25
CA ASN A 32 1.84 12.53 0.19
C ASN A 32 1.37 11.47 -0.81
N LYS A 33 1.46 11.79 -2.08
CA LYS A 33 1.07 10.88 -3.13
C LYS A 33 2.17 9.85 -3.32
N TYR A 34 1.82 8.56 -3.28
CA TYR A 34 2.80 7.52 -3.43
C TYR A 34 2.60 6.77 -4.73
N GLU A 35 3.64 6.80 -5.53
CA GLU A 35 3.65 6.13 -6.81
C GLU A 35 4.27 4.74 -6.69
N SER A 36 4.94 4.53 -5.57
CA SER A 36 5.58 3.28 -5.27
C SER A 36 5.18 2.85 -3.87
N CYS A 37 5.73 1.76 -3.36
CA CYS A 37 5.40 1.31 -2.03
C CYS A 37 5.92 2.31 -1.01
N THR A 38 5.45 2.20 0.21
CA THR A 38 5.85 3.11 1.26
C THR A 38 5.91 2.37 2.58
N SER A 39 6.54 2.99 3.56
CA SER A 39 6.62 2.43 4.89
C SER A 39 6.00 3.43 5.85
N ALA A 40 5.14 4.26 5.27
CA ALA A 40 4.43 5.31 5.98
C ALA A 40 3.46 4.76 7.00
N GLY A 41 3.40 5.40 8.15
CA GLY A 41 2.52 4.97 9.21
C GLY A 41 2.99 3.72 9.89
N ARG A 42 4.06 3.10 9.38
CA ARG A 42 4.57 1.89 9.98
C ARG A 42 5.78 2.17 10.84
N SER A 43 6.94 2.35 10.19
CA SER A 43 8.21 2.61 10.87
C SER A 43 8.62 1.39 11.68
N ASP A 44 7.98 0.26 11.40
CA ASP A 44 8.25 -0.98 12.10
C ASP A 44 9.24 -1.81 11.31
N GLY A 45 9.14 -1.71 10.00
CA GLY A 45 10.02 -2.43 9.12
C GLY A 45 9.42 -2.68 7.74
N LYS A 46 8.36 -3.47 7.69
CA LYS A 46 7.71 -3.81 6.43
C LYS A 46 7.14 -2.59 5.71
N MET A 47 7.12 -2.70 4.39
CA MET A 47 6.59 -1.66 3.53
C MET A 47 5.23 -2.10 3.01
N TRP A 48 4.41 -1.17 2.58
CA TRP A 48 3.08 -1.50 2.08
C TRP A 48 2.67 -0.64 0.89
N CYS A 49 1.39 -0.67 0.58
CA CYS A 49 0.81 0.08 -0.52
C CYS A 49 -0.68 0.19 -0.31
N ALA A 50 -1.32 1.22 -0.83
CA ALA A 50 -2.75 1.36 -0.69
C ALA A 50 -3.44 0.62 -1.81
N THR A 51 -4.61 0.09 -1.53
CA THR A 51 -5.36 -0.64 -2.53
C THR A 51 -6.49 0.23 -3.07
N THR A 52 -6.47 1.50 -2.67
CA THR A 52 -7.43 2.50 -3.10
C THR A 52 -6.67 3.73 -3.58
N ALA A 53 -7.26 4.49 -4.49
CA ALA A 53 -6.62 5.69 -5.03
C ALA A 53 -6.26 6.68 -3.93
N ASN A 54 -7.22 6.95 -3.06
CA ASN A 54 -6.96 7.85 -1.95
C ASN A 54 -7.06 7.08 -0.65
N TYR A 55 -5.91 6.81 -0.06
CA TYR A 55 -5.86 6.05 1.17
C TYR A 55 -6.42 6.83 2.35
N ASP A 56 -6.17 8.13 2.39
CA ASP A 56 -6.66 8.97 3.47
C ASP A 56 -8.17 8.82 3.65
N ASP A 57 -8.86 8.51 2.56
CA ASP A 57 -10.31 8.34 2.58
C ASP A 57 -10.74 6.92 2.96
N ASP A 58 -10.51 5.98 2.04
CA ASP A 58 -10.94 4.59 2.23
C ASP A 58 -10.06 3.79 3.19
N ARG A 59 -8.83 4.24 3.41
CA ARG A 59 -7.89 3.59 4.31
C ARG A 59 -7.80 2.07 4.13
N LYS A 60 -7.61 1.63 2.91
CA LYS A 60 -7.45 0.22 2.63
C LYS A 60 -6.05 -0.03 2.13
N TRP A 61 -5.31 -0.82 2.88
CA TRP A 61 -3.91 -1.06 2.59
C TRP A 61 -3.51 -2.53 2.55
N GLY A 62 -2.28 -2.72 2.11
CA GLY A 62 -1.68 -4.02 2.01
C GLY A 62 -0.19 -3.87 1.82
N PHE A 63 0.59 -4.74 2.42
CA PHE A 63 2.03 -4.71 2.31
C PHE A 63 2.48 -4.75 0.85
N CYS A 64 3.68 -4.23 0.60
CA CYS A 64 4.24 -4.17 -0.74
C CYS A 64 4.23 -5.55 -1.40
N PRO A 65 3.85 -5.62 -2.69
CA PRO A 65 3.79 -6.90 -3.43
C PRO A 65 5.15 -7.50 -3.70
N ASP A 66 6.13 -6.86 -3.16
CA ASP A 66 7.53 -7.27 -3.28
C ASP A 66 8.24 -7.04 -1.96
N GLN A 67 8.04 -7.93 -1.02
CA GLN A 67 8.67 -7.83 0.29
C GLN A 67 9.95 -8.64 0.31
N GLY A 68 9.87 -9.86 -0.22
CA GLY A 68 11.01 -10.74 -0.27
C GLY A 68 10.66 -12.06 -0.93
N SER A 9 -6.70 -11.93 -11.47
CA SER A 9 -6.06 -10.92 -10.58
C SER A 9 -4.83 -10.31 -11.25
N TRP A 10 -4.27 -9.28 -10.62
CA TRP A 10 -3.08 -8.63 -11.13
C TRP A 10 -1.94 -8.86 -10.15
N MET A 11 -1.52 -7.80 -9.45
CA MET A 11 -0.47 -7.94 -8.46
C MET A 11 -1.11 -8.25 -7.11
N SER A 12 -0.35 -8.74 -6.15
CA SER A 12 -0.92 -9.09 -4.86
C SER A 12 -0.24 -8.37 -3.71
N THR A 13 -0.91 -8.31 -2.57
CA THR A 13 -0.39 -7.66 -1.39
C THR A 13 -0.27 -8.62 -0.23
N VAL A 14 0.53 -8.22 0.75
CA VAL A 14 0.73 -8.98 1.96
C VAL A 14 0.21 -8.11 3.09
N GLY A 15 0.56 -8.45 4.31
CA GLY A 15 0.14 -7.66 5.47
C GLY A 15 -1.27 -7.11 5.33
N GLY A 16 -1.36 -5.78 5.49
CA GLY A 16 -2.61 -5.03 5.34
C GLY A 16 -3.87 -5.78 5.71
N ASN A 17 -4.88 -5.61 4.85
CA ASN A 17 -6.17 -6.25 5.04
C ASN A 17 -6.92 -6.33 3.71
N SER A 18 -6.14 -6.46 2.64
CA SER A 18 -6.68 -6.53 1.30
C SER A 18 -6.98 -7.97 0.90
N GLY A 19 -6.04 -8.86 1.18
CA GLY A 19 -6.22 -10.25 0.82
C GLY A 19 -5.62 -10.57 -0.54
N GLY A 20 -6.31 -10.16 -1.60
CA GLY A 20 -5.81 -10.39 -2.94
C GLY A 20 -5.88 -9.17 -3.83
N ALA A 21 -6.00 -8.00 -3.21
CA ALA A 21 -6.07 -6.75 -3.96
C ALA A 21 -4.68 -6.24 -4.27
N PRO A 22 -4.48 -5.65 -5.46
CA PRO A 22 -3.19 -5.10 -5.86
C PRO A 22 -2.99 -3.66 -5.38
N CYS A 23 -1.76 -3.18 -5.45
CA CYS A 23 -1.47 -1.81 -5.02
C CYS A 23 -1.85 -0.84 -6.13
N VAL A 24 -2.54 0.25 -5.80
CA VAL A 24 -2.91 1.24 -6.80
C VAL A 24 -1.91 2.39 -6.81
N PHE A 25 -1.22 2.54 -7.93
CA PHE A 25 -0.22 3.58 -8.06
C PHE A 25 -0.59 4.56 -9.18
N PRO A 26 -0.38 5.86 -8.95
CA PRO A 26 0.18 6.37 -7.70
C PRO A 26 -0.91 6.59 -6.65
N PHE A 27 -0.67 6.20 -5.42
CA PHE A 27 -1.65 6.41 -4.38
C PHE A 27 -1.23 7.56 -3.50
N THR A 28 -1.91 7.76 -2.41
CA THR A 28 -1.57 8.84 -1.51
C THR A 28 -1.88 8.45 -0.07
N PHE A 29 -0.88 8.58 0.78
CA PHE A 29 -1.04 8.26 2.19
C PHE A 29 -0.84 9.48 3.02
N LEU A 30 -1.75 9.70 3.93
CA LEU A 30 -1.69 10.75 4.91
C LEU A 30 -1.03 12.02 4.40
N GLY A 31 -1.43 12.41 3.19
CA GLY A 31 -0.92 13.63 2.59
C GLY A 31 0.17 13.45 1.52
N ASN A 32 0.86 12.31 1.47
CA ASN A 32 1.92 12.15 0.47
C ASN A 32 1.57 11.12 -0.60
N LYS A 33 1.82 11.48 -1.85
CA LYS A 33 1.55 10.59 -2.98
C LYS A 33 2.62 9.51 -3.06
N TYR A 34 2.22 8.25 -3.11
CA TYR A 34 3.17 7.18 -3.21
C TYR A 34 3.00 6.44 -4.51
N GLU A 35 3.98 6.63 -5.35
CA GLU A 35 4.04 6.04 -6.67
C GLU A 35 4.68 4.68 -6.62
N SER A 36 5.26 4.38 -5.48
CA SER A 36 5.90 3.11 -5.23
C SER A 36 5.43 2.62 -3.87
N CYS A 37 6.07 1.60 -3.33
CA CYS A 37 5.69 1.13 -2.02
C CYS A 37 6.19 2.12 -0.98
N THR A 38 5.72 1.99 0.24
CA THR A 38 6.11 2.89 1.31
C THR A 38 6.15 2.15 2.64
N SER A 39 6.69 2.79 3.65
CA SER A 39 6.74 2.20 4.98
C SER A 39 6.02 3.14 5.95
N ALA A 40 5.18 3.99 5.37
CA ALA A 40 4.40 4.98 6.11
C ALA A 40 3.47 4.33 7.13
N GLY A 41 3.36 4.95 8.29
CA GLY A 41 2.49 4.42 9.34
C GLY A 41 3.07 3.19 9.99
N ARG A 42 4.24 2.75 9.53
CA ARG A 42 4.87 1.57 10.09
C ARG A 42 6.09 1.95 10.92
N SER A 43 7.10 2.50 10.25
CA SER A 43 8.35 2.91 10.89
C SER A 43 9.13 1.70 11.40
N ASP A 44 8.77 0.51 10.94
CA ASP A 44 9.46 -0.70 11.36
C ASP A 44 10.42 -1.16 10.28
N GLY A 45 9.91 -1.88 9.32
CA GLY A 45 10.74 -2.37 8.24
C GLY A 45 9.93 -2.80 7.03
N LYS A 46 8.88 -3.58 7.25
CA LYS A 46 8.05 -4.07 6.17
C LYS A 46 7.38 -2.93 5.44
N MET A 47 7.61 -2.83 4.14
CA MET A 47 7.00 -1.79 3.35
C MET A 47 5.68 -2.31 2.78
N TRP A 48 4.75 -1.41 2.55
CA TRP A 48 3.44 -1.76 2.04
C TRP A 48 3.05 -0.89 0.84
N CYS A 49 1.78 -0.95 0.47
CA CYS A 49 1.24 -0.20 -0.65
C CYS A 49 -0.27 -0.09 -0.50
N ALA A 50 -0.86 1.03 -0.88
CA ALA A 50 -2.30 1.17 -0.78
C ALA A 50 -2.96 0.40 -1.90
N THR A 51 -4.15 -0.09 -1.65
CA THR A 51 -4.88 -0.85 -2.65
C THR A 51 -5.99 0.01 -3.24
N THR A 52 -5.90 1.31 -2.96
CA THR A 52 -6.84 2.30 -3.45
C THR A 52 -6.08 3.55 -3.88
N ALA A 53 -6.65 4.33 -4.78
CA ALA A 53 -6.00 5.54 -5.27
C ALA A 53 -5.75 6.53 -4.13
N ASN A 54 -6.78 6.77 -3.32
CA ASN A 54 -6.64 7.68 -2.18
C ASN A 54 -6.81 6.90 -0.90
N TYR A 55 -5.70 6.69 -0.21
CA TYR A 55 -5.69 5.94 1.03
C TYR A 55 -6.26 6.76 2.18
N ASP A 56 -6.03 8.07 2.16
CA ASP A 56 -6.52 8.95 3.22
C ASP A 56 -8.00 8.73 3.53
N ASP A 57 -8.78 8.50 2.49
CA ASP A 57 -10.22 8.30 2.63
C ASP A 57 -10.64 6.83 2.69
N ASP A 58 -9.96 5.97 1.94
CA ASP A 58 -10.33 4.55 1.91
C ASP A 58 -9.63 3.70 2.97
N ARG A 59 -8.42 4.07 3.35
CA ARG A 59 -7.64 3.36 4.36
C ARG A 59 -7.57 1.85 4.15
N LYS A 60 -7.28 1.44 2.93
CA LYS A 60 -7.14 0.03 2.61
C LYS A 60 -5.71 -0.20 2.13
N TRP A 61 -4.99 -1.03 2.85
CA TRP A 61 -3.59 -1.26 2.56
C TRP A 61 -3.19 -2.72 2.54
N GLY A 62 -1.95 -2.93 2.13
CA GLY A 62 -1.35 -4.25 2.06
C GLY A 62 0.15 -4.11 1.86
N PHE A 63 0.93 -5.03 2.40
CA PHE A 63 2.39 -4.98 2.28
C PHE A 63 2.82 -5.06 0.81
N CYS A 64 4.01 -4.53 0.55
CA CYS A 64 4.60 -4.52 -0.79
C CYS A 64 4.85 -5.95 -1.25
N PRO A 65 4.68 -6.24 -2.56
CA PRO A 65 4.87 -7.59 -3.12
C PRO A 65 6.29 -8.12 -3.05
N ASP A 66 7.12 -7.32 -2.46
CA ASP A 66 8.53 -7.67 -2.27
C ASP A 66 8.88 -7.65 -0.78
N GLN A 67 8.86 -8.83 -0.16
CA GLN A 67 9.18 -8.94 1.26
C GLN A 67 10.61 -9.40 1.44
N GLY A 68 11.53 -8.78 0.73
CA GLY A 68 12.92 -9.14 0.84
C GLY A 68 13.79 -7.97 1.28
N SER A 9 0.33 -14.20 -13.54
CA SER A 9 -0.41 -13.68 -12.36
C SER A 9 0.43 -12.65 -11.61
N TRP A 10 -0.21 -11.61 -11.14
CA TRP A 10 0.48 -10.56 -10.40
C TRP A 10 0.33 -10.80 -8.92
N MET A 11 1.46 -10.85 -8.21
CA MET A 11 1.46 -11.06 -6.79
C MET A 11 0.87 -9.85 -6.08
N SER A 12 -0.26 -10.06 -5.43
CA SER A 12 -0.97 -8.98 -4.73
C SER A 12 -0.36 -8.71 -3.36
N THR A 13 -1.13 -8.04 -2.53
CA THR A 13 -0.70 -7.69 -1.19
C THR A 13 -0.60 -8.92 -0.29
N VAL A 14 -0.01 -8.73 0.89
CA VAL A 14 0.17 -9.79 1.86
C VAL A 14 -0.45 -9.41 3.17
N GLY A 15 -0.07 -8.24 3.54
CA GLY A 15 -0.53 -7.60 4.74
C GLY A 15 -1.86 -6.91 4.55
N GLY A 16 -2.20 -6.01 5.46
CA GLY A 16 -3.44 -5.26 5.33
C GLY A 16 -4.68 -6.05 5.70
N ASN A 17 -5.83 -5.60 5.18
CA ASN A 17 -7.10 -6.26 5.43
C ASN A 17 -7.63 -6.82 4.13
N SER A 18 -7.27 -6.13 3.05
CA SER A 18 -7.70 -6.50 1.69
C SER A 18 -7.41 -7.96 1.38
N GLY A 19 -6.20 -8.40 1.69
CA GLY A 19 -5.84 -9.79 1.45
C GLY A 19 -5.30 -10.04 0.06
N GLY A 20 -6.19 -10.29 -0.89
CA GLY A 20 -5.76 -10.56 -2.26
C GLY A 20 -6.06 -9.43 -3.21
N ALA A 21 -5.80 -8.20 -2.77
CA ALA A 21 -6.05 -7.03 -3.61
C ALA A 21 -4.74 -6.36 -3.98
N PRO A 22 -4.68 -5.81 -5.20
CA PRO A 22 -3.48 -5.11 -5.69
C PRO A 22 -3.38 -3.71 -5.13
N CYS A 23 -2.15 -3.19 -5.06
CA CYS A 23 -1.93 -1.84 -4.55
C CYS A 23 -2.32 -0.82 -5.63
N VAL A 24 -2.92 0.28 -5.22
CA VAL A 24 -3.34 1.30 -6.19
C VAL A 24 -2.48 2.56 -6.08
N PHE A 25 -1.42 2.62 -6.87
CA PHE A 25 -0.57 3.78 -6.88
C PHE A 25 -0.97 4.74 -7.98
N PRO A 26 -0.86 6.05 -7.69
CA PRO A 26 -0.38 6.51 -6.39
C PRO A 26 -1.51 6.57 -5.37
N PHE A 27 -1.29 5.99 -4.19
CA PHE A 27 -2.33 6.08 -3.17
C PHE A 27 -2.08 7.37 -2.43
N THR A 28 -2.65 7.57 -1.28
CA THR A 28 -2.41 8.84 -0.62
C THR A 28 -2.40 8.84 0.90
N PHE A 29 -1.26 9.28 1.38
CA PHE A 29 -0.97 9.56 2.75
C PHE A 29 -0.91 10.99 3.20
N LEU A 30 -0.44 11.05 4.45
CA LEU A 30 -0.32 12.19 5.34
C LEU A 30 0.41 13.37 4.73
N GLY A 31 0.04 13.66 3.51
CA GLY A 31 0.61 14.75 2.78
C GLY A 31 1.33 14.31 1.52
N ASN A 32 1.35 13.01 1.21
CA ASN A 32 2.05 12.55 0.04
C ASN A 32 1.30 11.49 -0.73
N LYS A 33 1.29 11.62 -2.05
CA LYS A 33 0.69 10.64 -2.90
C LYS A 33 1.70 9.52 -3.03
N TYR A 34 1.34 8.31 -2.66
CA TYR A 34 2.29 7.22 -2.67
C TYR A 34 2.23 6.41 -3.94
N GLU A 35 3.16 6.75 -4.82
CA GLU A 35 3.30 6.13 -6.13
C GLU A 35 3.99 4.78 -6.04
N SER A 36 4.57 4.49 -4.90
CA SER A 36 5.22 3.23 -4.65
C SER A 36 4.86 2.79 -3.25
N CYS A 37 5.37 1.64 -2.81
CA CYS A 37 5.06 1.20 -1.46
C CYS A 37 5.64 2.19 -0.47
N THR A 38 5.16 2.11 0.76
CA THR A 38 5.62 3.01 1.81
C THR A 38 5.66 2.25 3.13
N SER A 39 6.25 2.87 4.13
CA SER A 39 6.31 2.30 5.46
C SER A 39 5.67 3.28 6.43
N ALA A 40 4.93 4.23 5.84
CA ALA A 40 4.21 5.27 6.58
C ALA A 40 3.13 4.68 7.44
N GLY A 41 2.87 5.31 8.58
CA GLY A 41 1.83 4.84 9.47
C GLY A 41 2.27 3.61 10.24
N ARG A 42 3.46 3.10 9.93
CA ARG A 42 3.99 1.92 10.58
C ARG A 42 5.20 2.27 11.44
N SER A 43 6.27 2.71 10.77
CA SER A 43 7.53 3.07 11.43
C SER A 43 8.25 1.85 11.98
N ASP A 44 7.83 0.65 11.55
CA ASP A 44 8.47 -0.57 12.00
C ASP A 44 9.52 -1.02 11.00
N GLY A 45 9.07 -1.71 9.97
CA GLY A 45 9.96 -2.18 8.95
C GLY A 45 9.21 -2.71 7.74
N LYS A 46 8.06 -3.32 7.97
CA LYS A 46 7.24 -3.87 6.91
C LYS A 46 6.62 -2.76 6.08
N MET A 47 6.93 -2.73 4.79
CA MET A 47 6.38 -1.73 3.92
C MET A 47 5.08 -2.24 3.31
N TRP A 48 4.11 -1.37 3.15
CA TRP A 48 2.82 -1.74 2.60
C TRP A 48 2.49 -0.90 1.37
N CYS A 49 1.26 -1.04 0.91
CA CYS A 49 0.74 -0.30 -0.22
C CYS A 49 -0.79 -0.27 -0.10
N ALA A 50 -1.39 0.88 -0.32
CA ALA A 50 -2.83 0.97 -0.20
C ALA A 50 -3.49 0.29 -1.38
N THR A 51 -4.68 -0.25 -1.14
CA THR A 51 -5.40 -0.94 -2.18
C THR A 51 -6.50 -0.05 -2.74
N THR A 52 -6.42 1.22 -2.40
CA THR A 52 -7.35 2.24 -2.86
C THR A 52 -6.56 3.47 -3.29
N ALA A 53 -7.08 4.20 -4.28
CA ALA A 53 -6.42 5.41 -4.79
C ALA A 53 -6.17 6.41 -3.66
N ASN A 54 -7.11 6.49 -2.72
CA ASN A 54 -6.98 7.36 -1.58
C ASN A 54 -7.01 6.49 -0.33
N TYR A 55 -5.92 6.49 0.40
CA TYR A 55 -5.83 5.68 1.60
C TYR A 55 -6.36 6.43 2.82
N ASP A 56 -6.01 7.70 2.96
CA ASP A 56 -6.46 8.53 4.08
C ASP A 56 -7.94 8.33 4.41
N ASP A 57 -8.77 8.17 3.38
CA ASP A 57 -10.21 7.99 3.57
C ASP A 57 -10.64 6.53 3.69
N ASP A 58 -10.51 5.77 2.60
CA ASP A 58 -10.93 4.36 2.56
C ASP A 58 -10.14 3.47 3.52
N ARG A 59 -8.90 3.88 3.82
CA ARG A 59 -8.01 3.17 4.72
C ARG A 59 -7.97 1.65 4.50
N LYS A 60 -7.72 1.27 3.25
CA LYS A 60 -7.58 -0.13 2.89
C LYS A 60 -6.17 -0.33 2.38
N TRP A 61 -5.41 -1.14 3.12
CA TRP A 61 -4.02 -1.36 2.79
C TRP A 61 -3.66 -2.83 2.74
N GLY A 62 -2.43 -3.06 2.35
CA GLY A 62 -1.87 -4.38 2.25
C GLY A 62 -0.37 -4.28 2.16
N PHE A 63 0.35 -5.19 2.77
CA PHE A 63 1.80 -5.15 2.75
C PHE A 63 2.32 -5.25 1.32
N CYS A 64 3.45 -4.59 1.08
CA CYS A 64 4.08 -4.55 -0.24
C CYS A 64 4.39 -5.95 -0.74
N PRO A 65 4.06 -6.22 -2.01
CA PRO A 65 4.31 -7.52 -2.64
C PRO A 65 5.78 -7.74 -2.96
N ASP A 66 6.01 -8.37 -4.09
CA ASP A 66 7.36 -8.66 -4.56
C ASP A 66 8.11 -7.34 -4.81
N GLN A 67 9.01 -7.00 -3.91
CA GLN A 67 9.79 -5.76 -4.04
C GLN A 67 10.94 -5.97 -5.01
N GLY A 68 10.77 -5.48 -6.23
CA GLY A 68 11.79 -5.61 -7.24
C GLY A 68 11.61 -4.59 -8.36
N SER A 9 1.09 -5.26 -15.13
CA SER A 9 0.11 -5.99 -14.32
C SER A 9 0.69 -6.32 -12.95
N TRP A 10 0.15 -5.69 -11.91
CA TRP A 10 0.62 -5.92 -10.55
C TRP A 10 -0.04 -7.14 -9.93
N MET A 11 0.66 -7.75 -8.98
CA MET A 11 0.16 -8.94 -8.31
C MET A 11 -0.69 -8.56 -7.10
N SER A 12 -1.15 -9.56 -6.35
CA SER A 12 -1.97 -9.31 -5.18
C SER A 12 -1.11 -8.87 -4.01
N THR A 13 -1.74 -8.53 -2.90
CA THR A 13 -1.01 -8.06 -1.73
C THR A 13 -0.86 -9.15 -0.67
N VAL A 14 -0.08 -8.80 0.34
CA VAL A 14 0.19 -9.62 1.49
C VAL A 14 0.04 -8.70 2.67
N GLY A 15 -0.15 -9.19 3.87
CA GLY A 15 -0.29 -8.24 4.96
C GLY A 15 -1.60 -7.47 4.86
N GLY A 16 -1.57 -6.22 5.32
CA GLY A 16 -2.73 -5.35 5.24
C GLY A 16 -4.04 -5.98 5.70
N ASN A 17 -5.12 -5.57 5.06
CA ASN A 17 -6.43 -6.10 5.39
C ASN A 17 -7.28 -6.28 4.12
N SER A 18 -6.60 -6.30 2.97
CA SER A 18 -7.27 -6.46 1.70
C SER A 18 -7.70 -7.91 1.48
N GLY A 19 -6.71 -8.78 1.32
CA GLY A 19 -7.00 -10.18 1.11
C GLY A 19 -6.65 -10.62 -0.29
N GLY A 20 -7.29 -10.01 -1.27
CA GLY A 20 -7.03 -10.33 -2.66
C GLY A 20 -7.02 -9.11 -3.55
N ALA A 21 -6.70 -7.96 -2.99
CA ALA A 21 -6.66 -6.72 -3.75
C ALA A 21 -5.22 -6.30 -4.04
N PRO A 22 -4.97 -5.72 -5.23
CA PRO A 22 -3.65 -5.26 -5.62
C PRO A 22 -3.41 -3.81 -5.19
N CYS A 23 -2.16 -3.38 -5.26
CA CYS A 23 -1.83 -1.99 -4.89
C CYS A 23 -2.26 -1.04 -6.02
N VAL A 24 -2.79 0.12 -5.66
CA VAL A 24 -3.20 1.11 -6.64
C VAL A 24 -2.28 2.32 -6.59
N PHE A 25 -1.53 2.55 -7.65
CA PHE A 25 -0.61 3.67 -7.70
C PHE A 25 -1.02 4.66 -8.79
N PRO A 26 -0.82 5.96 -8.54
CA PRO A 26 -0.26 6.46 -7.28
C PRO A 26 -1.34 6.62 -6.22
N PHE A 27 -1.07 6.14 -5.02
CA PHE A 27 -2.05 6.26 -3.95
C PHE A 27 -1.63 7.38 -3.02
N THR A 28 -2.55 7.84 -2.21
CA THR A 28 -2.22 8.93 -1.29
C THR A 28 -2.43 8.50 0.14
N PHE A 29 -1.35 8.60 0.92
CA PHE A 29 -1.40 8.26 2.33
C PHE A 29 -1.03 9.49 3.12
N LEU A 30 -1.81 9.76 4.15
CA LEU A 30 -1.59 10.81 5.08
C LEU A 30 -1.00 12.07 4.45
N GLY A 31 -1.61 12.46 3.35
CA GLY A 31 -1.23 13.66 2.63
C GLY A 31 -0.10 13.51 1.62
N ASN A 32 0.53 12.34 1.49
CA ASN A 32 1.62 12.19 0.53
C ASN A 32 1.22 11.31 -0.64
N LYS A 33 1.90 11.49 -1.76
CA LYS A 33 1.65 10.73 -2.95
C LYS A 33 2.61 9.54 -3.02
N TYR A 34 2.06 8.36 -3.28
CA TYR A 34 2.86 7.17 -3.33
C TYR A 34 2.72 6.44 -4.65
N GLU A 35 3.77 6.53 -5.43
CA GLU A 35 3.82 5.89 -6.73
C GLU A 35 4.47 4.52 -6.59
N SER A 36 5.10 4.32 -5.45
CA SER A 36 5.76 3.09 -5.11
C SER A 36 5.25 2.63 -3.75
N CYS A 37 5.78 1.54 -3.22
CA CYS A 37 5.36 1.10 -1.90
C CYS A 37 5.82 2.10 -0.86
N THR A 38 5.34 1.96 0.35
CA THR A 38 5.70 2.87 1.41
C THR A 38 5.81 2.14 2.74
N SER A 39 6.34 2.82 3.71
CA SER A 39 6.43 2.29 5.05
C SER A 39 5.73 3.26 5.98
N ALA A 40 4.94 4.14 5.36
CA ALA A 40 4.17 5.18 6.05
C ALA A 40 3.26 4.60 7.12
N GLY A 41 3.23 5.27 8.26
CA GLY A 41 2.41 4.82 9.36
C GLY A 41 3.02 3.63 10.08
N ARG A 42 3.95 2.94 9.41
CA ARG A 42 4.60 1.79 9.99
C ARG A 42 5.93 2.19 10.60
N SER A 43 6.94 2.31 9.75
CA SER A 43 8.30 2.66 10.17
C SER A 43 8.87 1.60 11.10
N ASP A 44 8.25 0.43 11.12
CA ASP A 44 8.68 -0.67 11.96
C ASP A 44 9.64 -1.56 11.18
N GLY A 45 9.36 -1.67 9.90
CA GLY A 45 10.19 -2.46 9.02
C GLY A 45 9.52 -2.78 7.69
N LYS A 46 8.45 -3.58 7.75
CA LYS A 46 7.72 -3.99 6.56
C LYS A 46 7.11 -2.82 5.81
N MET A 47 7.28 -2.82 4.49
CA MET A 47 6.69 -1.80 3.66
C MET A 47 5.37 -2.31 3.10
N TRP A 48 4.46 -1.42 2.80
CA TRP A 48 3.16 -1.80 2.27
C TRP A 48 2.77 -0.93 1.06
N CYS A 49 1.50 -1.01 0.71
CA CYS A 49 0.94 -0.28 -0.42
C CYS A 49 -0.57 -0.17 -0.25
N ALA A 50 -1.17 0.90 -0.75
CA ALA A 50 -2.61 1.04 -0.64
C ALA A 50 -3.28 0.29 -1.77
N THR A 51 -4.45 -0.23 -1.52
CA THR A 51 -5.16 -0.98 -2.53
C THR A 51 -6.27 -0.12 -3.14
N THR A 52 -6.23 1.16 -2.81
CA THR A 52 -7.18 2.13 -3.31
C THR A 52 -6.43 3.36 -3.79
N ALA A 53 -6.98 4.08 -4.77
CA ALA A 53 -6.34 5.28 -5.31
C ALA A 53 -6.05 6.29 -4.21
N ASN A 54 -6.98 6.40 -3.26
CA ASN A 54 -6.80 7.30 -2.14
C ASN A 54 -6.95 6.51 -0.84
N TYR A 55 -5.86 6.38 -0.12
CA TYR A 55 -5.86 5.63 1.13
C TYR A 55 -6.56 6.38 2.24
N ASP A 56 -6.40 7.69 2.27
CA ASP A 56 -7.04 8.51 3.30
C ASP A 56 -8.54 8.27 3.34
N ASP A 57 -9.11 8.03 2.17
CA ASP A 57 -10.54 7.78 2.03
C ASP A 57 -10.96 6.37 2.45
N ASP A 58 -10.60 5.37 1.66
CA ASP A 58 -11.00 3.99 1.90
C ASP A 58 -10.14 3.25 2.94
N ARG A 59 -8.94 3.75 3.22
CA ARG A 59 -8.01 3.15 4.18
C ARG A 59 -7.88 1.64 4.06
N LYS A 60 -7.53 1.19 2.87
CA LYS A 60 -7.31 -0.23 2.62
C LYS A 60 -5.87 -0.41 2.17
N TRP A 61 -5.15 -1.21 2.93
CA TRP A 61 -3.74 -1.43 2.67
C TRP A 61 -3.34 -2.89 2.58
N GLY A 62 -2.12 -3.08 2.13
CA GLY A 62 -1.51 -4.38 1.98
C GLY A 62 -0.01 -4.24 1.86
N PHE A 63 0.74 -5.14 2.47
CA PHE A 63 2.19 -5.10 2.42
C PHE A 63 2.70 -5.19 0.99
N CYS A 64 3.89 -4.65 0.77
CA CYS A 64 4.51 -4.65 -0.55
C CYS A 64 4.85 -6.08 -0.97
N PRO A 65 4.70 -6.41 -2.27
CA PRO A 65 5.00 -7.74 -2.80
C PRO A 65 6.49 -8.09 -2.77
N ASP A 66 6.93 -8.82 -3.79
CA ASP A 66 8.32 -9.25 -3.91
C ASP A 66 9.30 -8.10 -3.68
N GLN A 67 9.96 -8.13 -2.52
CA GLN A 67 10.91 -7.09 -2.14
C GLN A 67 12.29 -7.35 -2.73
N GLY A 68 12.90 -6.31 -3.28
CA GLY A 68 14.21 -6.44 -3.86
C GLY A 68 14.41 -5.42 -4.97
N SER A 9 0.05 -11.13 -14.91
CA SER A 9 -0.91 -10.00 -14.80
C SER A 9 -1.54 -9.95 -13.41
N TRP A 10 -1.57 -8.75 -12.84
CA TRP A 10 -2.17 -8.52 -11.52
C TRP A 10 -1.41 -9.24 -10.40
N MET A 11 -0.66 -8.47 -9.60
CA MET A 11 0.05 -9.03 -8.48
C MET A 11 -0.70 -8.66 -7.21
N SER A 12 -0.84 -9.62 -6.30
CA SER A 12 -1.57 -9.37 -5.06
C SER A 12 -0.67 -8.77 -3.99
N THR A 13 -1.25 -8.54 -2.82
CA THR A 13 -0.53 -7.95 -1.70
C THR A 13 -0.30 -8.94 -0.56
N VAL A 14 0.32 -8.41 0.47
CA VAL A 14 0.62 -9.14 1.71
C VAL A 14 0.08 -8.29 2.84
N GLY A 15 0.44 -8.64 4.06
CA GLY A 15 0.03 -7.86 5.23
C GLY A 15 -1.37 -7.27 5.11
N GLY A 16 -1.47 -5.97 5.41
CA GLY A 16 -2.72 -5.23 5.29
C GLY A 16 -3.96 -5.97 5.75
N ASN A 17 -5.05 -5.73 5.05
CA ASN A 17 -6.32 -6.38 5.34
C ASN A 17 -6.99 -6.74 4.01
N SER A 18 -6.48 -6.15 2.94
CA SER A 18 -6.99 -6.41 1.60
C SER A 18 -6.14 -7.48 0.95
N GLY A 19 -5.83 -8.54 1.70
CA GLY A 19 -5.01 -9.61 1.18
C GLY A 19 -5.54 -10.16 -0.13
N GLY A 20 -4.94 -9.73 -1.23
CA GLY A 20 -5.40 -10.19 -2.53
C GLY A 20 -5.63 -9.04 -3.49
N ALA A 21 -6.00 -7.87 -2.95
CA ALA A 21 -6.23 -6.70 -3.79
C ALA A 21 -4.90 -6.08 -4.19
N PRO A 22 -4.83 -5.51 -5.40
CA PRO A 22 -3.62 -4.89 -5.90
C PRO A 22 -3.46 -3.47 -5.37
N CYS A 23 -2.24 -2.99 -5.29
CA CYS A 23 -1.99 -1.64 -4.80
C CYS A 23 -2.39 -0.62 -5.86
N VAL A 24 -3.15 0.39 -5.46
CA VAL A 24 -3.58 1.43 -6.39
C VAL A 24 -2.51 2.52 -6.47
N PHE A 25 -1.81 2.59 -7.61
CA PHE A 25 -0.77 3.58 -7.79
C PHE A 25 -1.11 4.55 -8.91
N PRO A 26 -0.82 5.84 -8.70
CA PRO A 26 -0.22 6.35 -7.47
C PRO A 26 -1.30 6.65 -6.43
N PHE A 27 -1.10 6.24 -5.19
CA PHE A 27 -2.09 6.54 -4.17
C PHE A 27 -1.66 7.77 -3.40
N THR A 28 -2.32 8.05 -2.31
CA THR A 28 -1.98 9.20 -1.53
C THR A 28 -2.13 8.93 -0.04
N PHE A 29 -1.05 9.13 0.68
CA PHE A 29 -1.03 8.94 2.11
C PHE A 29 -0.52 10.23 2.74
N LEU A 30 -1.09 10.59 3.89
CA LEU A 30 -0.72 11.76 4.64
C LEU A 30 -0.46 13.01 3.77
N GLY A 31 -1.11 13.07 2.60
CA GLY A 31 -0.96 14.20 1.72
C GLY A 31 0.04 14.01 0.59
N ASN A 32 0.78 12.89 0.58
CA ASN A 32 1.76 12.65 -0.47
C ASN A 32 1.28 11.60 -1.46
N LYS A 33 1.71 11.72 -2.72
CA LYS A 33 1.36 10.77 -3.73
C LYS A 33 2.37 9.63 -3.75
N TYR A 34 1.93 8.41 -3.48
CA TYR A 34 2.84 7.29 -3.47
C TYR A 34 2.69 6.46 -4.71
N GLU A 35 3.74 6.49 -5.50
CA GLU A 35 3.79 5.77 -6.76
C GLU A 35 4.39 4.39 -6.57
N SER A 36 5.07 4.24 -5.45
CA SER A 36 5.69 2.98 -5.09
C SER A 36 5.28 2.64 -3.67
N CYS A 37 5.81 1.57 -3.11
CA CYS A 37 5.46 1.18 -1.76
C CYS A 37 5.96 2.22 -0.76
N THR A 38 5.43 2.16 0.44
CA THR A 38 5.79 3.09 1.49
C THR A 38 5.85 2.36 2.83
N SER A 39 6.40 3.02 3.81
CA SER A 39 6.46 2.48 5.14
C SER A 39 5.76 3.47 6.07
N ALA A 40 4.95 4.33 5.44
CA ALA A 40 4.20 5.36 6.12
C ALA A 40 3.17 4.78 7.06
N GLY A 41 3.03 5.39 8.22
CA GLY A 41 2.07 4.93 9.20
C GLY A 41 2.51 3.67 9.91
N ARG A 42 3.65 3.10 9.52
CA ARG A 42 4.14 1.90 10.16
C ARG A 42 5.31 2.21 11.07
N SER A 43 5.21 1.76 12.32
CA SER A 43 6.26 1.98 13.31
C SER A 43 7.17 0.77 13.40
N ASP A 44 6.95 -0.19 12.52
CA ASP A 44 7.74 -1.41 12.49
C ASP A 44 8.82 -1.34 11.42
N GLY A 45 8.45 -1.68 10.20
CA GLY A 45 9.40 -1.65 9.12
C GLY A 45 8.87 -2.16 7.80
N LYS A 46 7.96 -3.13 7.83
CA LYS A 46 7.40 -3.71 6.62
C LYS A 46 6.74 -2.65 5.74
N MET A 47 7.29 -2.46 4.56
CA MET A 47 6.73 -1.49 3.63
C MET A 47 5.50 -2.08 2.95
N TRP A 48 4.51 -1.23 2.74
CA TRP A 48 3.25 -1.66 2.15
C TRP A 48 2.84 -0.78 0.97
N CYS A 49 1.60 -0.94 0.55
CA CYS A 49 1.02 -0.18 -0.56
C CYS A 49 -0.49 -0.09 -0.34
N ALA A 50 -1.09 1.04 -0.66
CA ALA A 50 -2.54 1.20 -0.47
C ALA A 50 -3.31 0.47 -1.55
N THR A 51 -4.48 -0.02 -1.18
CA THR A 51 -5.33 -0.71 -2.13
C THR A 51 -6.47 0.21 -2.57
N THR A 52 -6.31 1.48 -2.23
CA THR A 52 -7.26 2.52 -2.60
C THR A 52 -6.49 3.76 -3.04
N ALA A 53 -7.09 4.58 -3.89
CA ALA A 53 -6.43 5.80 -4.37
C ALA A 53 -6.15 6.74 -3.20
N ASN A 54 -7.17 6.99 -2.39
CA ASN A 54 -6.99 7.83 -1.22
C ASN A 54 -6.99 6.95 0.01
N TYR A 55 -5.80 6.72 0.54
CA TYR A 55 -5.64 5.85 1.69
C TYR A 55 -6.08 6.53 2.98
N ASP A 56 -5.87 7.84 3.08
CA ASP A 56 -6.23 8.59 4.28
C ASP A 56 -7.68 8.35 4.69
N ASP A 57 -8.57 8.25 3.71
CA ASP A 57 -9.99 8.05 3.97
C ASP A 57 -10.36 6.58 4.16
N ASP A 58 -10.33 5.82 3.06
CA ASP A 58 -10.71 4.39 3.08
C ASP A 58 -9.80 3.53 3.95
N ARG A 59 -8.55 3.96 4.14
CA ARG A 59 -7.57 3.26 4.94
C ARG A 59 -7.54 1.75 4.71
N LYS A 60 -7.43 1.37 3.45
CA LYS A 60 -7.34 -0.03 3.07
C LYS A 60 -5.98 -0.24 2.43
N TRP A 61 -5.20 -1.12 3.05
CA TRP A 61 -3.84 -1.34 2.64
C TRP A 61 -3.44 -2.81 2.52
N GLY A 62 -2.21 -2.98 2.06
CA GLY A 62 -1.60 -4.29 1.93
C GLY A 62 -0.09 -4.12 1.81
N PHE A 63 0.67 -5.10 2.27
CA PHE A 63 2.12 -5.03 2.22
C PHE A 63 2.66 -5.01 0.80
N CYS A 64 3.91 -4.57 0.67
CA CYS A 64 4.59 -4.52 -0.62
C CYS A 64 4.80 -5.94 -1.12
N PRO A 65 4.79 -6.17 -2.44
CA PRO A 65 4.96 -7.51 -3.04
C PRO A 65 6.27 -8.21 -2.67
N ASP A 66 6.94 -8.72 -3.68
CA ASP A 66 8.20 -9.45 -3.50
C ASP A 66 9.18 -8.66 -2.64
N GLN A 67 9.41 -9.14 -1.43
CA GLN A 67 10.32 -8.49 -0.50
C GLN A 67 11.40 -9.47 -0.05
N GLY A 68 12.40 -8.97 0.67
CA GLY A 68 13.47 -9.81 1.16
C GLY A 68 14.56 -9.99 0.11
N SER A 9 -0.33 -9.13 -15.62
CA SER A 9 -0.14 -10.22 -14.64
C SER A 9 -1.12 -10.08 -13.49
N TRP A 10 -1.37 -11.19 -12.79
CA TRP A 10 -2.28 -11.21 -11.65
C TRP A 10 -1.52 -10.82 -10.39
N MET A 11 -1.48 -9.53 -10.09
CA MET A 11 -0.78 -9.03 -8.91
C MET A 11 -1.68 -8.94 -7.71
N SER A 12 -1.20 -9.45 -6.59
CA SER A 12 -1.93 -9.42 -5.33
C SER A 12 -1.04 -8.82 -4.25
N THR A 13 -1.58 -8.58 -3.07
CA THR A 13 -0.81 -8.01 -1.98
C THR A 13 -0.57 -9.00 -0.86
N VAL A 14 0.26 -8.58 0.08
CA VAL A 14 0.61 -9.32 1.25
C VAL A 14 0.36 -8.38 2.39
N GLY A 15 0.30 -8.82 3.63
CA GLY A 15 0.04 -7.88 4.70
C GLY A 15 -1.30 -7.19 4.52
N GLY A 16 -1.40 -5.95 4.99
CA GLY A 16 -2.62 -5.17 4.85
C GLY A 16 -3.87 -5.89 5.28
N ASN A 17 -4.97 -5.61 4.57
CA ASN A 17 -6.26 -6.25 4.86
C ASN A 17 -6.98 -6.48 3.54
N SER A 18 -6.20 -6.66 2.48
CA SER A 18 -6.73 -6.85 1.16
C SER A 18 -6.57 -8.28 0.69
N GLY A 19 -5.31 -8.70 0.51
CA GLY A 19 -5.04 -10.04 0.05
C GLY A 19 -5.17 -10.20 -1.44
N GLY A 20 -6.40 -10.09 -1.94
CA GLY A 20 -6.64 -10.23 -3.36
C GLY A 20 -6.58 -8.92 -4.12
N ALA A 21 -6.60 -7.80 -3.39
CA ALA A 21 -6.55 -6.49 -4.02
C ALA A 21 -5.12 -6.06 -4.30
N PRO A 22 -4.88 -5.46 -5.48
CA PRO A 22 -3.56 -5.00 -5.89
C PRO A 22 -3.31 -3.55 -5.48
N CYS A 23 -2.07 -3.08 -5.61
CA CYS A 23 -1.75 -1.70 -5.24
C CYS A 23 -2.16 -0.75 -6.36
N VAL A 24 -2.66 0.42 -5.99
CA VAL A 24 -3.08 1.41 -6.97
C VAL A 24 -2.23 2.68 -6.88
N PHE A 25 -1.12 2.71 -7.61
CA PHE A 25 -0.27 3.89 -7.62
C PHE A 25 -0.68 4.83 -8.73
N PRO A 26 -0.54 6.13 -8.47
CA PRO A 26 -0.03 6.62 -7.19
C PRO A 26 -1.12 6.71 -6.14
N PHE A 27 -0.87 6.20 -4.93
CA PHE A 27 -1.87 6.32 -3.88
C PHE A 27 -1.57 7.60 -3.16
N THR A 28 -2.18 7.84 -2.03
CA THR A 28 -1.89 9.09 -1.37
C THR A 28 -2.01 9.09 0.15
N PHE A 29 -0.90 9.47 0.74
CA PHE A 29 -0.70 9.75 2.13
C PHE A 29 -0.80 11.16 2.62
N LEU A 30 -0.47 11.22 3.91
CA LEU A 30 -0.54 12.34 4.82
C LEU A 30 0.23 13.55 4.33
N GLY A 31 0.07 13.81 3.06
CA GLY A 31 0.70 14.93 2.42
C GLY A 31 1.56 14.53 1.23
N ASN A 32 1.64 13.23 0.94
CA ASN A 32 2.46 12.79 -0.16
C ASN A 32 1.80 11.72 -0.99
N LYS A 33 1.88 11.89 -2.30
CA LYS A 33 1.34 10.93 -3.22
C LYS A 33 2.39 9.83 -3.41
N TYR A 34 2.00 8.58 -3.23
CA TYR A 34 2.95 7.49 -3.38
C TYR A 34 2.74 6.67 -4.63
N GLU A 35 3.70 6.84 -5.51
CA GLU A 35 3.73 6.19 -6.82
C GLU A 35 4.36 4.80 -6.74
N SER A 36 5.00 4.54 -5.62
CA SER A 36 5.64 3.27 -5.39
C SER A 36 5.29 2.84 -3.97
N CYS A 37 5.81 1.72 -3.50
CA CYS A 37 5.53 1.32 -2.14
C CYS A 37 6.14 2.31 -1.16
N THR A 38 5.54 2.38 0.01
CA THR A 38 6.02 3.26 1.05
C THR A 38 6.08 2.46 2.33
N SER A 39 6.58 3.06 3.38
CA SER A 39 6.64 2.41 4.66
C SER A 39 6.05 3.36 5.69
N ALA A 40 5.31 4.34 5.15
CA ALA A 40 4.62 5.36 5.91
C ALA A 40 3.54 4.74 6.78
N GLY A 41 3.21 5.39 7.88
CA GLY A 41 2.18 4.87 8.76
C GLY A 41 2.64 3.63 9.52
N ARG A 42 3.85 3.18 9.24
CA ARG A 42 4.40 2.00 9.87
C ARG A 42 5.61 2.33 10.73
N SER A 43 6.63 2.88 10.07
CA SER A 43 7.88 3.27 10.72
C SER A 43 8.73 2.08 11.17
N ASP A 44 8.40 0.87 10.71
CA ASP A 44 9.18 -0.30 11.07
C ASP A 44 10.16 -0.66 9.96
N GLY A 45 9.66 -1.45 9.03
CA GLY A 45 10.47 -1.88 7.90
C GLY A 45 9.63 -2.47 6.79
N LYS A 46 8.54 -3.14 7.16
CA LYS A 46 7.65 -3.74 6.20
C LYS A 46 6.96 -2.68 5.36
N MET A 47 7.29 -2.62 4.08
CA MET A 47 6.71 -1.65 3.20
C MET A 47 5.38 -2.15 2.64
N TRP A 48 4.49 -1.21 2.35
CA TRP A 48 3.17 -1.54 1.83
C TRP A 48 2.84 -0.69 0.61
N CYS A 49 1.60 -0.82 0.18
CA CYS A 49 1.07 -0.10 -0.96
C CYS A 49 -0.44 0.00 -0.81
N ALA A 50 -1.02 1.16 -1.10
CA ALA A 50 -2.46 1.29 -0.98
C ALA A 50 -3.13 0.60 -2.15
N THR A 51 -4.28 0.02 -1.88
CA THR A 51 -5.02 -0.68 -2.91
C THR A 51 -6.13 0.22 -3.46
N THR A 52 -5.98 1.50 -3.18
CA THR A 52 -6.91 2.52 -3.63
C THR A 52 -6.12 3.76 -4.03
N ALA A 53 -6.61 4.48 -5.03
CA ALA A 53 -5.94 5.69 -5.52
C ALA A 53 -5.69 6.68 -4.40
N ASN A 54 -6.59 6.72 -3.42
CA ASN A 54 -6.45 7.60 -2.28
C ASN A 54 -6.54 6.76 -1.02
N TYR A 55 -5.50 6.80 -0.21
CA TYR A 55 -5.46 6.00 1.00
C TYR A 55 -6.09 6.74 2.19
N ASP A 56 -5.77 8.02 2.35
CA ASP A 56 -6.31 8.82 3.46
C ASP A 56 -7.81 8.61 3.67
N ASP A 57 -8.54 8.34 2.59
CA ASP A 57 -9.98 8.14 2.67
C ASP A 57 -10.37 6.67 2.82
N ASP A 58 -10.07 5.86 1.81
CA ASP A 58 -10.45 4.44 1.82
C ASP A 58 -9.63 3.57 2.78
N ARG A 59 -8.45 4.04 3.18
CA ARG A 59 -7.57 3.32 4.10
C ARG A 59 -7.48 1.82 3.84
N LYS A 60 -7.17 1.46 2.60
CA LYS A 60 -7.01 0.07 2.24
C LYS A 60 -5.58 -0.14 1.76
N TRP A 61 -4.85 -0.99 2.47
CA TRP A 61 -3.45 -1.19 2.19
C TRP A 61 -3.05 -2.65 2.09
N GLY A 62 -1.80 -2.85 1.71
CA GLY A 62 -1.21 -4.15 1.55
C GLY A 62 0.29 -4.04 1.37
N PHE A 63 1.04 -4.90 2.04
CA PHE A 63 2.48 -4.93 1.96
C PHE A 63 2.98 -5.19 0.54
N CYS A 64 4.22 -4.81 0.29
CA CYS A 64 4.84 -5.03 -1.01
C CYS A 64 5.76 -6.26 -0.94
N PRO A 65 6.15 -6.83 -2.09
CA PRO A 65 7.00 -8.03 -2.13
C PRO A 65 8.45 -7.75 -1.73
N ASP A 66 9.36 -8.54 -2.32
CA ASP A 66 10.80 -8.45 -2.06
C ASP A 66 11.27 -7.00 -2.07
N GLN A 67 11.63 -6.50 -0.89
CA GLN A 67 12.08 -5.12 -0.73
C GLN A 67 13.55 -4.97 -1.11
N GLY A 68 14.32 -6.05 -0.96
CA GLY A 68 15.73 -5.99 -1.30
C GLY A 68 16.56 -7.04 -0.56
N SER A 9 -5.26 -15.15 -7.79
CA SER A 9 -4.79 -13.80 -7.42
C SER A 9 -3.39 -13.52 -7.97
N TRP A 10 -3.32 -12.77 -9.06
CA TRP A 10 -2.03 -12.44 -9.67
C TRP A 10 -1.39 -11.25 -8.96
N MET A 11 -2.00 -10.08 -9.13
CA MET A 11 -1.51 -8.88 -8.50
C MET A 11 -2.25 -8.66 -7.18
N SER A 12 -1.70 -9.20 -6.11
CA SER A 12 -2.31 -9.08 -4.81
C SER A 12 -1.33 -8.47 -3.81
N THR A 13 -1.72 -8.46 -2.54
CA THR A 13 -0.89 -7.89 -1.52
C THR A 13 -0.62 -8.88 -0.40
N VAL A 14 0.27 -8.48 0.48
CA VAL A 14 0.65 -9.24 1.66
C VAL A 14 0.45 -8.28 2.80
N GLY A 15 0.39 -8.73 4.04
CA GLY A 15 0.16 -7.76 5.09
C GLY A 15 -1.22 -7.14 4.99
N GLY A 16 -1.30 -5.86 5.33
CA GLY A 16 -2.54 -5.11 5.23
C GLY A 16 -3.78 -5.88 5.66
N ASN A 17 -4.85 -5.70 4.88
CA ASN A 17 -6.12 -6.37 5.14
C ASN A 17 -6.83 -6.76 3.85
N SER A 18 -6.57 -6.02 2.77
CA SER A 18 -7.20 -6.32 1.48
C SER A 18 -6.90 -7.75 1.06
N GLY A 19 -5.63 -8.05 0.85
CA GLY A 19 -5.24 -9.39 0.46
C GLY A 19 -5.21 -9.61 -1.04
N GLY A 20 -6.34 -10.04 -1.61
CA GLY A 20 -6.41 -10.28 -3.03
C GLY A 20 -6.41 -9.03 -3.88
N ALA A 21 -6.59 -7.87 -3.25
CA ALA A 21 -6.62 -6.61 -3.97
C ALA A 21 -5.21 -6.09 -4.24
N PRO A 22 -5.00 -5.46 -5.41
CA PRO A 22 -3.69 -4.93 -5.79
C PRO A 22 -3.49 -3.49 -5.33
N CYS A 23 -2.24 -3.05 -5.31
CA CYS A 23 -1.93 -1.68 -4.89
C CYS A 23 -2.19 -0.72 -6.05
N VAL A 24 -2.85 0.39 -5.76
CA VAL A 24 -3.16 1.39 -6.78
C VAL A 24 -2.25 2.61 -6.65
N PHE A 25 -1.40 2.83 -7.65
CA PHE A 25 -0.51 3.97 -7.64
C PHE A 25 -0.95 5.01 -8.66
N PRO A 26 -0.74 6.30 -8.35
CA PRO A 26 -0.14 6.75 -7.11
C PRO A 26 -1.17 6.85 -5.99
N PHE A 27 -0.85 6.29 -4.83
CA PHE A 27 -1.78 6.36 -3.71
C PHE A 27 -1.31 7.44 -2.76
N THR A 28 -2.19 8.34 -2.44
CA THR A 28 -1.84 9.43 -1.56
C THR A 28 -2.09 9.08 -0.10
N PHE A 29 -1.03 9.23 0.69
CA PHE A 29 -1.08 8.97 2.13
C PHE A 29 -0.60 10.23 2.83
N LEU A 30 -1.22 10.55 3.94
CA LEU A 30 -0.89 11.70 4.75
C LEU A 30 -0.56 12.94 3.93
N GLY A 31 -1.20 13.07 2.77
CA GLY A 31 -0.99 14.22 1.90
C GLY A 31 0.04 14.03 0.80
N ASN A 32 0.81 12.94 0.83
CA ASN A 32 1.83 12.71 -0.18
C ASN A 32 1.41 11.62 -1.17
N LYS A 33 1.63 11.87 -2.45
CA LYS A 33 1.31 10.93 -3.49
C LYS A 33 2.39 9.85 -3.55
N TYR A 34 2.00 8.60 -3.35
CA TYR A 34 2.97 7.52 -3.35
C TYR A 34 2.91 6.73 -4.65
N GLU A 35 3.96 6.89 -5.42
CA GLU A 35 4.10 6.24 -6.71
C GLU A 35 4.75 4.87 -6.57
N SER A 36 5.41 4.68 -5.43
CA SER A 36 6.04 3.43 -5.11
C SER A 36 5.56 3.03 -3.73
N CYS A 37 5.99 1.87 -3.25
CA CYS A 37 5.58 1.44 -1.93
C CYS A 37 6.12 2.40 -0.89
N THR A 38 5.53 2.36 0.28
CA THR A 38 5.94 3.23 1.37
C THR A 38 5.99 2.44 2.67
N SER A 39 6.50 3.06 3.70
CA SER A 39 6.54 2.45 5.01
C SER A 39 5.84 3.38 5.99
N ALA A 40 5.07 4.29 5.41
CA ALA A 40 4.30 5.28 6.14
C ALA A 40 3.27 4.64 7.05
N GLY A 41 3.05 5.26 8.19
CA GLY A 41 2.08 4.73 9.12
C GLY A 41 2.66 3.66 10.01
N ARG A 42 3.81 3.09 9.63
CA ARG A 42 4.42 2.05 10.43
C ARG A 42 5.56 2.61 11.26
N SER A 43 6.38 1.73 11.84
CA SER A 43 7.49 2.18 12.67
C SER A 43 8.73 1.30 12.57
N ASP A 44 8.60 0.02 12.19
CA ASP A 44 9.78 -0.83 12.13
C ASP A 44 10.42 -0.87 10.76
N GLY A 45 9.99 -1.78 9.92
CA GLY A 45 10.62 -1.91 8.63
C GLY A 45 9.80 -2.37 7.43
N LYS A 46 8.59 -2.95 7.59
CA LYS A 46 7.87 -3.38 6.41
C LYS A 46 7.38 -2.21 5.59
N MET A 47 7.23 -2.44 4.31
CA MET A 47 6.73 -1.42 3.40
C MET A 47 5.45 -1.94 2.77
N TRP A 48 4.53 -1.04 2.48
CA TRP A 48 3.25 -1.42 1.91
C TRP A 48 2.83 -0.47 0.79
N CYS A 49 1.58 -0.60 0.39
CA CYS A 49 0.99 0.24 -0.64
C CYS A 49 -0.52 0.14 -0.56
N ALA A 50 -1.21 1.26 -0.75
CA ALA A 50 -2.66 1.26 -0.66
C ALA A 50 -3.25 0.52 -1.85
N THR A 51 -4.40 -0.09 -1.64
CA THR A 51 -5.06 -0.82 -2.69
C THR A 51 -6.11 0.07 -3.36
N THR A 52 -5.99 1.36 -3.09
CA THR A 52 -6.87 2.37 -3.65
C THR A 52 -6.05 3.59 -4.06
N ALA A 53 -6.61 4.42 -4.94
CA ALA A 53 -5.90 5.62 -5.42
C ALA A 53 -5.64 6.58 -4.26
N ASN A 54 -6.54 6.62 -3.30
CA ASN A 54 -6.37 7.49 -2.14
C ASN A 54 -6.52 6.64 -0.88
N TYR A 55 -5.45 6.55 -0.12
CA TYR A 55 -5.46 5.73 1.09
C TYR A 55 -6.10 6.46 2.28
N ASP A 56 -5.96 7.77 2.33
CA ASP A 56 -6.52 8.55 3.44
C ASP A 56 -8.01 8.34 3.60
N ASP A 57 -8.71 8.14 2.49
CA ASP A 57 -10.15 7.94 2.51
C ASP A 57 -10.53 6.48 2.65
N ASP A 58 -10.15 5.67 1.67
CA ASP A 58 -10.49 4.24 1.64
C ASP A 58 -9.78 3.43 2.72
N ARG A 59 -8.64 3.91 3.19
CA ARG A 59 -7.84 3.25 4.24
C ARG A 59 -7.77 1.73 4.09
N LYS A 60 -7.45 1.28 2.88
CA LYS A 60 -7.26 -0.12 2.61
C LYS A 60 -5.84 -0.30 2.10
N TRP A 61 -5.07 -1.11 2.78
CA TRP A 61 -3.68 -1.27 2.45
C TRP A 61 -3.20 -2.71 2.43
N GLY A 62 -1.95 -2.85 2.00
CA GLY A 62 -1.30 -4.13 1.92
C GLY A 62 0.19 -3.93 1.68
N PHE A 63 1.01 -4.76 2.31
CA PHE A 63 2.45 -4.69 2.17
C PHE A 63 2.89 -4.81 0.72
N CYS A 64 4.05 -4.25 0.43
CA CYS A 64 4.63 -4.27 -0.91
C CYS A 64 4.81 -5.70 -1.38
N PRO A 65 4.39 -6.02 -2.62
CA PRO A 65 4.50 -7.38 -3.18
C PRO A 65 5.92 -7.78 -3.53
N ASP A 66 6.81 -6.90 -3.19
CA ASP A 66 8.23 -7.09 -3.42
C ASP A 66 9.02 -6.72 -2.16
N GLN A 67 9.50 -7.73 -1.45
CA GLN A 67 10.26 -7.52 -0.23
C GLN A 67 11.61 -8.23 -0.32
N GLY A 68 12.29 -8.03 -1.44
CA GLY A 68 13.58 -8.67 -1.64
C GLY A 68 14.68 -7.66 -1.88
N SER A 9 -6.75 -9.95 -12.27
CA SER A 9 -5.59 -9.02 -12.26
C SER A 9 -4.29 -9.81 -12.18
N TRP A 10 -3.17 -9.10 -12.33
CA TRP A 10 -1.84 -9.70 -12.28
C TRP A 10 -1.56 -10.29 -10.89
N MET A 11 -1.25 -9.44 -9.93
CA MET A 11 -0.97 -9.89 -8.58
C MET A 11 -1.81 -9.14 -7.56
N SER A 12 -1.59 -9.46 -6.30
CA SER A 12 -2.29 -8.83 -5.20
C SER A 12 -1.26 -8.31 -4.19
N THR A 13 -1.72 -7.86 -3.05
CA THR A 13 -0.84 -7.32 -2.02
C THR A 13 -0.68 -8.30 -0.84
N VAL A 14 0.36 -8.05 -0.06
CA VAL A 14 0.62 -8.83 1.14
C VAL A 14 0.04 -8.05 2.29
N GLY A 15 0.37 -8.45 3.51
CA GLY A 15 -0.10 -7.72 4.68
C GLY A 15 -1.52 -7.24 4.54
N GLY A 16 -1.65 -5.92 4.73
CA GLY A 16 -2.91 -5.21 4.59
C GLY A 16 -4.16 -5.93 5.07
N ASN A 17 -5.25 -5.70 4.35
CA ASN A 17 -6.54 -6.29 4.64
C ASN A 17 -7.46 -6.20 3.42
N SER A 18 -6.87 -6.31 2.24
CA SER A 18 -7.60 -6.23 1.00
C SER A 18 -8.31 -7.53 0.69
N GLY A 19 -7.56 -8.62 0.68
CA GLY A 19 -8.12 -9.93 0.40
C GLY A 19 -7.71 -10.42 -0.97
N GLY A 20 -7.77 -9.51 -1.94
CA GLY A 20 -7.41 -9.84 -3.31
C GLY A 20 -7.33 -8.61 -4.18
N ALA A 21 -6.76 -7.54 -3.63
CA ALA A 21 -6.62 -6.29 -4.35
C ALA A 21 -5.15 -5.92 -4.51
N PRO A 22 -4.78 -5.29 -5.64
CA PRO A 22 -3.41 -4.88 -5.93
C PRO A 22 -3.13 -3.46 -5.45
N CYS A 23 -1.89 -3.02 -5.58
CA CYS A 23 -1.53 -1.67 -5.15
C CYS A 23 -1.97 -0.66 -6.21
N VAL A 24 -2.76 0.33 -5.82
CA VAL A 24 -3.22 1.35 -6.76
C VAL A 24 -2.30 2.56 -6.71
N PHE A 25 -1.49 2.73 -7.73
CA PHE A 25 -0.55 3.84 -7.80
C PHE A 25 -1.06 4.89 -8.77
N PRO A 26 -0.91 6.18 -8.44
CA PRO A 26 -0.31 6.62 -7.18
C PRO A 26 -1.33 6.71 -6.06
N PHE A 27 -1.00 6.15 -4.90
CA PHE A 27 -1.90 6.21 -3.77
C PHE A 27 -1.44 7.31 -2.84
N THR A 28 -2.36 8.17 -2.44
CA THR A 28 -2.00 9.27 -1.58
C THR A 28 -2.26 8.96 -0.11
N PHE A 29 -1.20 9.08 0.67
CA PHE A 29 -1.26 8.83 2.10
C PHE A 29 -0.67 10.01 2.84
N LEU A 30 -1.28 10.36 3.96
CA LEU A 30 -0.80 11.41 4.81
C LEU A 30 -0.48 12.69 4.02
N GLY A 31 -1.24 12.92 2.95
CA GLY A 31 -1.06 14.10 2.13
C GLY A 31 -0.01 13.95 1.03
N ASN A 32 0.64 12.80 0.94
CA ASN A 32 1.68 12.60 -0.06
C ASN A 32 1.31 11.53 -1.08
N LYS A 33 1.60 11.81 -2.35
CA LYS A 33 1.33 10.91 -3.45
C LYS A 33 2.38 9.81 -3.49
N TYR A 34 1.95 8.56 -3.47
CA TYR A 34 2.92 7.47 -3.51
C TYR A 34 2.80 6.70 -4.81
N GLU A 35 3.83 6.85 -5.61
CA GLU A 35 3.93 6.21 -6.90
C GLU A 35 4.64 4.86 -6.80
N SER A 36 5.16 4.61 -5.61
CA SER A 36 5.85 3.39 -5.31
C SER A 36 5.41 2.94 -3.93
N CYS A 37 6.04 1.91 -3.38
CA CYS A 37 5.69 1.48 -2.04
C CYS A 37 6.15 2.53 -1.05
N THR A 38 5.62 2.46 0.14
CA THR A 38 5.97 3.40 1.18
C THR A 38 6.06 2.67 2.51
N SER A 39 6.57 3.35 3.50
CA SER A 39 6.69 2.79 4.83
C SER A 39 5.95 3.71 5.78
N ALA A 40 5.13 4.57 5.20
CA ALA A 40 4.32 5.55 5.94
C ALA A 40 3.37 4.87 6.89
N GLY A 41 3.24 5.44 8.08
CA GLY A 41 2.35 4.88 9.08
C GLY A 41 2.93 3.64 9.72
N ARG A 42 4.05 3.16 9.19
CA ARG A 42 4.71 1.98 9.74
C ARG A 42 6.03 2.35 10.39
N SER A 43 7.01 2.67 9.54
CA SER A 43 8.34 3.05 9.99
C SER A 43 9.01 1.93 10.80
N ASP A 44 8.49 0.71 10.65
CA ASP A 44 9.01 -0.44 11.34
C ASP A 44 10.04 -1.16 10.48
N GLY A 45 9.60 -1.49 9.29
CA GLY A 45 10.46 -2.17 8.35
C GLY A 45 9.74 -2.56 7.08
N LYS A 46 8.62 -3.26 7.22
CA LYS A 46 7.86 -3.71 6.07
C LYS A 46 7.19 -2.56 5.33
N MET A 47 7.57 -2.34 4.09
CA MET A 47 6.97 -1.29 3.31
C MET A 47 5.68 -1.83 2.69
N TRP A 48 4.72 -0.96 2.46
CA TRP A 48 3.44 -1.38 1.91
C TRP A 48 3.00 -0.54 0.72
N CYS A 49 1.77 -0.75 0.30
CA CYS A 49 1.14 -0.05 -0.82
C CYS A 49 -0.37 -0.06 -0.62
N ALA A 50 -1.04 1.03 -0.93
CA ALA A 50 -2.49 1.06 -0.78
C ALA A 50 -3.16 0.37 -1.94
N THR A 51 -4.37 -0.10 -1.71
CA THR A 51 -5.12 -0.78 -2.73
C THR A 51 -6.27 0.10 -3.22
N THR A 52 -6.14 1.39 -2.93
CA THR A 52 -7.11 2.39 -3.33
C THR A 52 -6.35 3.64 -3.79
N ALA A 53 -6.89 4.35 -4.77
CA ALA A 53 -6.25 5.56 -5.28
C ALA A 53 -5.93 6.53 -4.16
N ASN A 54 -6.90 6.74 -3.28
CA ASN A 54 -6.70 7.60 -2.14
C ASN A 54 -6.84 6.76 -0.89
N TYR A 55 -5.72 6.48 -0.25
CA TYR A 55 -5.72 5.65 0.95
C TYR A 55 -6.33 6.36 2.14
N ASP A 56 -5.96 7.62 2.36
CA ASP A 56 -6.45 8.42 3.49
C ASP A 56 -7.96 8.28 3.70
N ASP A 57 -8.71 8.15 2.62
CA ASP A 57 -10.16 8.03 2.72
C ASP A 57 -10.64 6.60 2.94
N ASP A 58 -10.37 5.72 1.97
CA ASP A 58 -10.84 4.31 2.01
C ASP A 58 -9.97 3.40 2.88
N ARG A 59 -8.76 3.84 3.18
CA ARG A 59 -7.78 3.11 3.99
C ARG A 59 -7.80 1.60 3.87
N LYS A 60 -7.48 1.14 2.67
CA LYS A 60 -7.34 -0.28 2.41
C LYS A 60 -5.95 -0.47 1.83
N TRP A 61 -5.11 -1.15 2.58
CA TRP A 61 -3.72 -1.30 2.21
C TRP A 61 -3.28 -2.75 2.03
N GLY A 62 -2.03 -2.89 1.63
CA GLY A 62 -1.38 -4.16 1.42
C GLY A 62 0.12 -3.97 1.48
N PHE A 63 0.89 -5.02 1.65
CA PHE A 63 2.34 -4.91 1.75
C PHE A 63 3.04 -4.95 0.40
N CYS A 64 4.30 -4.53 0.41
CA CYS A 64 5.15 -4.54 -0.77
C CYS A 64 5.75 -5.94 -0.87
N PRO A 65 6.30 -6.39 -2.02
CA PRO A 65 6.88 -7.73 -2.14
C PRO A 65 8.15 -7.92 -1.33
N ASP A 66 8.99 -8.83 -1.79
CA ASP A 66 10.25 -9.12 -1.09
C ASP A 66 11.27 -8.03 -1.36
N GLN A 67 11.70 -7.37 -0.28
CA GLN A 67 12.67 -6.28 -0.39
C GLN A 67 14.00 -6.66 0.27
N GLY A 68 14.38 -7.92 0.16
CA GLY A 68 15.61 -8.37 0.77
C GLY A 68 16.31 -9.43 -0.05
N SER A 9 -2.15 -9.54 -12.00
CA SER A 9 -1.64 -8.32 -11.35
C SER A 9 -0.16 -8.47 -11.00
N TRP A 10 0.64 -7.47 -11.33
CA TRP A 10 2.06 -7.52 -11.07
C TRP A 10 2.39 -7.28 -9.59
N MET A 11 1.69 -6.35 -8.96
CA MET A 11 1.94 -6.09 -7.54
C MET A 11 0.71 -6.35 -6.70
N SER A 12 0.78 -7.42 -5.91
CA SER A 12 -0.31 -7.78 -5.01
C SER A 12 0.11 -7.47 -3.58
N THR A 13 -0.84 -7.52 -2.65
CA THR A 13 -0.55 -7.20 -1.27
C THR A 13 -0.15 -8.43 -0.44
N VAL A 14 0.58 -8.19 0.64
CA VAL A 14 1.05 -9.27 1.53
C VAL A 14 0.68 -8.97 2.96
N GLY A 15 -0.07 -7.93 3.06
CA GLY A 15 -0.51 -7.43 4.33
C GLY A 15 -1.75 -6.58 4.20
N GLY A 16 -1.96 -5.70 5.15
CA GLY A 16 -3.11 -4.82 5.09
C GLY A 16 -4.41 -5.50 5.40
N ASN A 17 -5.45 -5.07 4.70
CA ASN A 17 -6.78 -5.65 4.88
C ASN A 17 -7.45 -5.78 3.53
N SER A 18 -6.64 -5.97 2.51
CA SER A 18 -7.11 -6.11 1.15
C SER A 18 -7.44 -7.56 0.83
N GLY A 19 -6.61 -8.46 1.30
CA GLY A 19 -6.83 -9.88 1.04
C GLY A 19 -6.29 -10.30 -0.32
N GLY A 20 -5.09 -9.83 -0.64
CA GLY A 20 -4.50 -10.17 -1.91
C GLY A 20 -4.98 -9.28 -3.03
N ALA A 21 -5.22 -8.01 -2.73
CA ALA A 21 -5.68 -7.07 -3.75
C ALA A 21 -4.50 -6.35 -4.38
N PRO A 22 -4.62 -5.98 -5.66
CA PRO A 22 -3.55 -5.28 -6.39
C PRO A 22 -3.41 -3.83 -5.95
N CYS A 23 -2.19 -3.45 -5.58
CA CYS A 23 -1.91 -2.08 -5.15
C CYS A 23 -2.14 -1.11 -6.30
N VAL A 24 -2.69 0.06 -6.00
CA VAL A 24 -2.96 1.07 -7.02
C VAL A 24 -1.99 2.24 -6.90
N PHE A 25 -1.41 2.65 -8.02
CA PHE A 25 -0.48 3.76 -8.05
C PHE A 25 -0.92 4.81 -9.05
N PRO A 26 -0.73 6.09 -8.75
CA PRO A 26 -0.14 6.54 -7.49
C PRO A 26 -1.17 6.63 -6.38
N PHE A 27 -0.86 6.06 -5.22
CA PHE A 27 -1.78 6.11 -4.10
C PHE A 27 -1.30 7.14 -3.11
N THR A 28 -2.18 8.01 -2.70
CA THR A 28 -1.80 9.05 -1.78
C THR A 28 -2.09 8.64 -0.33
N PHE A 29 -1.03 8.64 0.46
CA PHE A 29 -1.13 8.28 1.87
C PHE A 29 -0.84 9.49 2.71
N LEU A 30 -1.74 9.75 3.65
CA LEU A 30 -1.58 10.80 4.60
C LEU A 30 -1.04 12.10 3.98
N GLY A 31 -1.50 12.38 2.76
CA GLY A 31 -1.09 13.60 2.07
C GLY A 31 -0.01 13.41 0.99
N ASN A 32 0.69 12.28 0.95
CA ASN A 32 1.73 12.10 -0.05
C ASN A 32 1.36 11.08 -1.11
N LYS A 33 1.51 11.47 -2.36
CA LYS A 33 1.21 10.60 -3.48
C LYS A 33 2.32 9.58 -3.67
N TYR A 34 2.00 8.31 -3.57
CA TYR A 34 2.99 7.27 -3.70
C TYR A 34 2.83 6.51 -5.00
N GLU A 35 3.81 6.66 -5.84
CA GLU A 35 3.85 6.02 -7.14
C GLU A 35 4.51 4.66 -7.06
N SER A 36 5.09 4.38 -5.91
CA SER A 36 5.75 3.14 -5.63
C SER A 36 5.35 2.69 -4.25
N CYS A 37 5.89 1.59 -3.76
CA CYS A 37 5.56 1.13 -2.44
C CYS A 37 6.10 2.10 -1.39
N THR A 38 5.61 1.97 -0.18
CA THR A 38 6.03 2.83 0.91
C THR A 38 6.08 2.05 2.20
N SER A 39 6.63 2.68 3.22
CA SER A 39 6.71 2.09 4.53
C SER A 39 6.05 3.05 5.51
N ALA A 40 5.24 3.94 4.93
CA ALA A 40 4.51 4.96 5.68
C ALA A 40 3.52 4.35 6.66
N GLY A 41 3.49 4.92 7.86
CA GLY A 41 2.60 4.43 8.88
C GLY A 41 3.01 3.07 9.42
N ARG A 42 4.04 2.48 8.84
CA ARG A 42 4.50 1.16 9.28
C ARG A 42 5.80 1.23 10.07
N SER A 43 6.30 0.06 10.43
CA SER A 43 7.53 -0.07 11.18
C SER A 43 8.75 0.01 10.26
N ASP A 44 8.56 0.67 9.11
CA ASP A 44 9.55 0.91 8.06
C ASP A 44 10.02 -0.37 7.38
N GLY A 45 9.98 -1.44 8.12
CA GLY A 45 10.41 -2.73 7.63
C GLY A 45 9.55 -3.26 6.51
N LYS A 46 8.39 -3.79 6.87
CA LYS A 46 7.47 -4.33 5.90
C LYS A 46 6.81 -3.23 5.11
N MET A 47 7.28 -3.01 3.89
CA MET A 47 6.72 -1.97 3.04
C MET A 47 5.39 -2.45 2.49
N TRP A 48 4.53 -1.51 2.17
CA TRP A 48 3.20 -1.83 1.66
C TRP A 48 2.83 -0.89 0.50
N CYS A 49 1.56 -0.91 0.16
CA CYS A 49 1.00 -0.08 -0.90
C CYS A 49 -0.52 -0.11 -0.81
N ALA A 50 -1.18 1.02 -1.06
CA ALA A 50 -2.62 1.07 -0.98
C ALA A 50 -3.26 0.35 -2.15
N THR A 51 -4.49 -0.08 -1.93
CA THR A 51 -5.23 -0.78 -2.95
C THR A 51 -6.28 0.14 -3.55
N THR A 52 -6.11 1.43 -3.25
CA THR A 52 -6.98 2.49 -3.72
C THR A 52 -6.13 3.67 -4.16
N ALA A 53 -6.53 4.35 -5.23
CA ALA A 53 -5.77 5.49 -5.74
C ALA A 53 -5.56 6.54 -4.64
N ASN A 54 -6.59 6.76 -3.82
CA ASN A 54 -6.49 7.70 -2.73
C ASN A 54 -6.72 6.97 -1.42
N TYR A 55 -5.64 6.72 -0.70
CA TYR A 55 -5.70 6.00 0.57
C TYR A 55 -6.31 6.87 1.66
N ASP A 56 -6.05 8.17 1.59
CA ASP A 56 -6.57 9.12 2.58
C ASP A 56 -8.08 8.97 2.79
N ASP A 57 -8.78 8.53 1.76
CA ASP A 57 -10.23 8.35 1.83
C ASP A 57 -10.66 6.93 2.20
N ASP A 58 -10.29 5.95 1.36
CA ASP A 58 -10.70 4.56 1.57
C ASP A 58 -9.85 3.79 2.58
N ARG A 59 -8.64 4.26 2.85
CA ARG A 59 -7.73 3.62 3.80
C ARG A 59 -7.64 2.10 3.66
N LYS A 60 -7.54 1.63 2.43
CA LYS A 60 -7.39 0.21 2.18
C LYS A 60 -5.99 -0.05 1.69
N TRP A 61 -5.24 -0.79 2.50
CA TRP A 61 -3.84 -1.05 2.22
C TRP A 61 -3.49 -2.53 2.22
N GLY A 62 -2.24 -2.78 1.88
CA GLY A 62 -1.67 -4.12 1.84
C GLY A 62 -0.19 -4.04 1.60
N PHE A 63 0.57 -5.03 2.02
CA PHE A 63 2.02 -5.03 1.87
C PHE A 63 2.50 -5.04 0.43
N CYS A 64 3.78 -4.72 0.26
CA CYS A 64 4.45 -4.69 -1.03
C CYS A 64 5.04 -6.08 -1.28
N PRO A 65 5.06 -6.55 -2.54
CA PRO A 65 5.60 -7.88 -2.89
C PRO A 65 7.11 -8.01 -2.69
N ASP A 66 7.70 -8.81 -3.57
CA ASP A 66 9.13 -9.11 -3.53
C ASP A 66 9.99 -7.85 -3.46
N GLN A 67 10.60 -7.63 -2.30
CA GLN A 67 11.48 -6.48 -2.12
C GLN A 67 12.90 -6.85 -2.53
N GLY A 68 13.25 -8.10 -2.28
CA GLY A 68 14.57 -8.59 -2.61
C GLY A 68 15.06 -9.60 -1.61
N SER A 9 0.31 -9.27 -14.22
CA SER A 9 0.61 -10.13 -13.07
C SER A 9 -0.35 -9.84 -11.91
N TRP A 10 -0.27 -10.64 -10.86
CA TRP A 10 -1.12 -10.45 -9.69
C TRP A 10 -0.28 -9.95 -8.53
N MET A 11 -0.04 -8.64 -8.51
CA MET A 11 0.78 -8.02 -7.48
C MET A 11 -0.07 -7.59 -6.28
N SER A 12 -0.78 -8.55 -5.70
CA SER A 12 -1.62 -8.28 -4.54
C SER A 12 -0.74 -8.03 -3.30
N THR A 13 -1.30 -7.34 -2.32
CA THR A 13 -0.57 -7.01 -1.10
C THR A 13 -0.32 -8.22 -0.21
N VAL A 14 0.45 -8.02 0.84
CA VAL A 14 0.77 -9.08 1.79
C VAL A 14 0.02 -8.87 3.06
N GLY A 15 0.43 -7.83 3.69
CA GLY A 15 -0.11 -7.40 4.95
C GLY A 15 -1.44 -6.71 4.80
N GLY A 16 -1.77 -5.88 5.77
CA GLY A 16 -3.00 -5.14 5.71
C GLY A 16 -4.22 -5.97 5.99
N ASN A 17 -5.27 -5.72 5.23
CA ASN A 17 -6.53 -6.44 5.38
C ASN A 17 -7.38 -6.30 4.12
N SER A 18 -6.72 -6.46 2.97
CA SER A 18 -7.37 -6.35 1.68
C SER A 18 -8.14 -7.62 1.31
N GLY A 19 -7.58 -8.76 1.69
CA GLY A 19 -8.23 -10.02 1.38
C GLY A 19 -7.95 -10.40 -0.06
N GLY A 20 -6.73 -10.15 -0.51
CA GLY A 20 -6.36 -10.47 -1.88
C GLY A 20 -6.60 -9.32 -2.83
N ALA A 21 -6.04 -8.17 -2.49
CA ALA A 21 -6.18 -6.98 -3.32
C ALA A 21 -4.83 -6.34 -3.59
N PRO A 22 -4.64 -5.78 -4.79
CA PRO A 22 -3.39 -5.13 -5.17
C PRO A 22 -3.30 -3.70 -4.66
N CYS A 23 -2.13 -3.09 -4.79
CA CYS A 23 -1.92 -1.72 -4.34
C CYS A 23 -2.34 -0.75 -5.45
N VAL A 24 -3.08 0.30 -5.11
CA VAL A 24 -3.50 1.27 -6.11
C VAL A 24 -2.55 2.47 -6.10
N PHE A 25 -1.85 2.67 -7.21
CA PHE A 25 -0.91 3.77 -7.32
C PHE A 25 -1.38 4.78 -8.36
N PRO A 26 -1.22 6.08 -8.05
CA PRO A 26 -0.64 6.51 -6.79
C PRO A 26 -1.67 6.59 -5.67
N PHE A 27 -1.31 6.11 -4.50
CA PHE A 27 -2.21 6.17 -3.36
C PHE A 27 -1.77 7.30 -2.46
N THR A 28 -2.71 8.09 -1.98
CA THR A 28 -2.34 9.22 -1.15
C THR A 28 -2.49 8.91 0.35
N PHE A 29 -1.38 9.08 1.05
CA PHE A 29 -1.32 8.89 2.49
C PHE A 29 -0.79 10.18 3.08
N LEU A 30 -1.24 10.53 4.28
CA LEU A 30 -0.81 11.70 5.00
C LEU A 30 -0.57 12.93 4.11
N GLY A 31 -1.41 13.08 3.08
CA GLY A 31 -1.30 14.21 2.17
C GLY A 31 -0.33 14.03 1.01
N ASN A 32 0.35 12.88 0.93
CA ASN A 32 1.31 12.66 -0.14
C ASN A 32 0.86 11.58 -1.11
N LYS A 33 1.17 11.74 -2.38
CA LYS A 33 0.82 10.78 -3.38
C LYS A 33 1.94 9.73 -3.46
N TYR A 34 1.60 8.48 -3.21
CA TYR A 34 2.61 7.42 -3.21
C TYR A 34 2.54 6.61 -4.50
N GLU A 35 3.63 6.68 -5.22
CA GLU A 35 3.76 5.97 -6.49
C GLU A 35 4.35 4.59 -6.27
N SER A 36 5.06 4.44 -5.18
CA SER A 36 5.65 3.18 -4.83
C SER A 36 5.21 2.82 -3.43
N CYS A 37 5.70 1.71 -2.90
CA CYS A 37 5.33 1.32 -1.56
C CYS A 37 5.85 2.35 -0.56
N THR A 38 5.32 2.28 0.63
CA THR A 38 5.71 3.20 1.68
C THR A 38 5.83 2.46 3.00
N SER A 39 6.33 3.16 3.98
CA SER A 39 6.48 2.64 5.31
C SER A 39 5.80 3.61 6.28
N ALA A 40 4.92 4.42 5.68
CA ALA A 40 4.15 5.44 6.38
C ALA A 40 3.15 4.83 7.34
N GLY A 41 3.05 5.43 8.52
CA GLY A 41 2.11 4.96 9.53
C GLY A 41 2.57 3.71 10.22
N ARG A 42 3.73 3.19 9.83
CA ARG A 42 4.24 1.98 10.45
C ARG A 42 5.42 2.27 11.35
N SER A 43 5.34 1.76 12.57
CA SER A 43 6.40 1.95 13.54
C SER A 43 7.22 0.67 13.67
N ASP A 44 6.94 -0.30 12.81
CA ASP A 44 7.63 -1.57 12.83
C ASP A 44 8.80 -1.56 11.86
N GLY A 45 8.51 -1.86 10.61
CA GLY A 45 9.55 -1.88 9.59
C GLY A 45 9.07 -2.34 8.23
N LYS A 46 8.01 -3.15 8.18
CA LYS A 46 7.49 -3.64 6.90
C LYS A 46 6.93 -2.51 6.04
N MET A 47 7.25 -2.54 4.76
CA MET A 47 6.75 -1.54 3.84
C MET A 47 5.45 -2.06 3.23
N TRP A 48 4.50 -1.18 2.99
CA TRP A 48 3.21 -1.57 2.46
C TRP A 48 2.78 -0.69 1.29
N CYS A 49 1.51 -0.81 0.92
CA CYS A 49 0.91 -0.04 -0.16
C CYS A 49 -0.60 -0.03 0.04
N ALA A 50 -1.24 1.11 -0.18
CA ALA A 50 -2.68 1.19 -0.01
C ALA A 50 -3.37 0.44 -1.13
N THR A 51 -4.55 -0.08 -0.84
CA THR A 51 -5.31 -0.83 -1.81
C THR A 51 -6.44 0.03 -2.39
N THR A 52 -6.32 1.33 -2.17
CA THR A 52 -7.27 2.31 -2.66
C THR A 52 -6.53 3.53 -3.18
N ALA A 53 -7.17 4.28 -4.09
CA ALA A 53 -6.54 5.48 -4.66
C ALA A 53 -6.24 6.51 -3.57
N ASN A 54 -7.10 6.57 -2.58
CA ASN A 54 -6.93 7.49 -1.46
C ASN A 54 -6.96 6.68 -0.18
N TYR A 55 -5.83 6.62 0.51
CA TYR A 55 -5.72 5.85 1.74
C TYR A 55 -6.29 6.60 2.93
N ASP A 56 -6.15 7.92 2.94
CA ASP A 56 -6.65 8.73 4.06
C ASP A 56 -8.14 8.49 4.30
N ASP A 57 -8.89 8.26 3.23
CA ASP A 57 -10.32 8.04 3.31
C ASP A 57 -10.68 6.59 3.64
N ASP A 58 -10.30 5.68 2.74
CA ASP A 58 -10.62 4.25 2.88
C ASP A 58 -9.80 3.52 3.93
N ARG A 59 -8.57 3.98 4.15
CA ARG A 59 -7.66 3.36 5.13
C ARG A 59 -7.62 1.85 5.04
N LYS A 60 -7.52 1.38 3.81
CA LYS A 60 -7.39 -0.03 3.52
C LYS A 60 -6.02 -0.25 2.91
N TRP A 61 -5.22 -1.06 3.58
CA TRP A 61 -3.85 -1.26 3.16
C TRP A 61 -3.43 -2.72 3.08
N GLY A 62 -2.17 -2.90 2.69
CA GLY A 62 -1.56 -4.22 2.58
C GLY A 62 -0.07 -4.05 2.36
N PHE A 63 0.74 -5.01 2.78
CA PHE A 63 2.20 -4.89 2.64
C PHE A 63 2.64 -4.91 1.18
N CYS A 64 3.87 -4.46 0.96
CA CYS A 64 4.47 -4.40 -0.36
C CYS A 64 4.80 -5.81 -0.84
N PRO A 65 4.32 -6.19 -2.04
CA PRO A 65 4.55 -7.51 -2.60
C PRO A 65 5.89 -7.62 -3.34
N ASP A 66 5.98 -8.65 -4.19
CA ASP A 66 7.17 -8.93 -5.00
C ASP A 66 8.47 -8.57 -4.28
N GLN A 67 8.68 -9.14 -3.10
CA GLN A 67 9.89 -8.86 -2.33
C GLN A 67 10.91 -9.98 -2.51
N GLY A 68 11.01 -10.47 -3.74
CA GLY A 68 11.96 -11.53 -4.04
C GLY A 68 12.85 -11.16 -5.19
N SER A 9 1.43 -11.07 -14.59
CA SER A 9 2.07 -10.79 -13.28
C SER A 9 1.03 -10.36 -12.25
N TRP A 10 1.18 -10.86 -11.02
CA TRP A 10 0.26 -10.52 -9.93
C TRP A 10 0.78 -9.37 -9.10
N MET A 11 0.19 -8.20 -9.27
CA MET A 11 0.58 -7.02 -8.50
C MET A 11 -0.27 -6.94 -7.24
N SER A 12 -0.58 -8.09 -6.68
CA SER A 12 -1.39 -8.18 -5.48
C SER A 12 -0.54 -7.85 -4.26
N THR A 13 -1.21 -7.54 -3.15
CA THR A 13 -0.50 -7.18 -1.95
C THR A 13 -0.50 -8.25 -0.87
N VAL A 14 0.31 -7.99 0.14
CA VAL A 14 0.45 -8.82 1.33
C VAL A 14 -0.10 -7.99 2.46
N GLY A 15 0.39 -8.26 3.66
CA GLY A 15 0.02 -7.49 4.84
C GLY A 15 -1.38 -6.90 4.79
N GLY A 16 -1.41 -5.58 4.93
CA GLY A 16 -2.64 -4.81 4.85
C GLY A 16 -3.85 -5.43 5.49
N ASN A 17 -5.00 -5.21 4.86
CA ASN A 17 -6.28 -5.74 5.32
C ASN A 17 -7.24 -5.88 4.15
N SER A 18 -6.69 -5.70 2.95
CA SER A 18 -7.46 -5.80 1.72
C SER A 18 -7.34 -7.19 1.10
N GLY A 19 -6.92 -8.15 1.92
CA GLY A 19 -6.74 -9.51 1.44
C GLY A 19 -5.56 -9.64 0.51
N GLY A 20 -5.82 -9.62 -0.78
CA GLY A 20 -4.76 -9.71 -1.76
C GLY A 20 -5.03 -8.83 -2.96
N ALA A 21 -5.61 -7.66 -2.70
CA ALA A 21 -5.92 -6.70 -3.77
C ALA A 21 -4.67 -5.97 -4.23
N PRO A 22 -4.61 -5.58 -5.51
CA PRO A 22 -3.46 -4.86 -6.08
C PRO A 22 -3.34 -3.43 -5.56
N CYS A 23 -2.14 -2.87 -5.62
CA CYS A 23 -1.90 -1.50 -5.16
C CYS A 23 -2.37 -0.53 -6.24
N VAL A 24 -3.08 0.52 -5.85
CA VAL A 24 -3.53 1.52 -6.81
C VAL A 24 -2.61 2.74 -6.76
N PHE A 25 -1.87 2.96 -7.83
CA PHE A 25 -0.95 4.08 -7.90
C PHE A 25 -1.45 5.15 -8.85
N PRO A 26 -1.25 6.43 -8.49
CA PRO A 26 -0.60 6.82 -7.25
C PRO A 26 -1.58 6.92 -6.09
N PHE A 27 -1.22 6.39 -4.93
CA PHE A 27 -2.09 6.48 -3.77
C PHE A 27 -1.59 7.55 -2.84
N THR A 28 -2.46 8.43 -2.45
CA THR A 28 -2.08 9.54 -1.58
C THR A 28 -2.27 9.21 -0.11
N PHE A 29 -1.20 9.41 0.65
CA PHE A 29 -1.20 9.17 2.08
C PHE A 29 -0.61 10.41 2.74
N LEU A 30 -1.13 10.76 3.91
CA LEU A 30 -0.68 11.88 4.69
C LEU A 30 -0.35 13.12 3.83
N GLY A 31 -1.14 13.32 2.78
CA GLY A 31 -0.95 14.47 1.91
C GLY A 31 0.03 14.23 0.76
N ASN A 32 0.76 13.12 0.76
CA ASN A 32 1.72 12.85 -0.30
C ASN A 32 1.25 11.75 -1.23
N LYS A 33 1.39 11.99 -2.52
CA LYS A 33 1.00 11.05 -3.54
C LYS A 33 2.07 9.98 -3.69
N TYR A 34 1.71 8.73 -3.48
CA TYR A 34 2.67 7.66 -3.57
C TYR A 34 2.51 6.89 -4.86
N GLU A 35 3.49 7.06 -5.72
CA GLU A 35 3.50 6.40 -7.01
C GLU A 35 4.17 5.04 -6.92
N SER A 36 4.88 4.83 -5.83
CA SER A 36 5.55 3.58 -5.56
C SER A 36 5.17 3.14 -4.16
N CYS A 37 5.76 2.05 -3.67
CA CYS A 37 5.45 1.59 -2.32
C CYS A 37 5.93 2.61 -1.30
N THR A 38 5.41 2.48 -0.10
CA THR A 38 5.77 3.37 0.99
C THR A 38 5.92 2.53 2.26
N SER A 39 6.18 3.20 3.34
CA SER A 39 6.30 2.54 4.62
C SER A 39 5.65 3.44 5.67
N ALA A 40 4.81 4.34 5.15
CA ALA A 40 4.06 5.32 5.93
C ALA A 40 3.05 4.67 6.85
N GLY A 41 2.85 5.29 8.01
CA GLY A 41 1.88 4.78 8.98
C GLY A 41 2.27 3.44 9.58
N ARG A 42 3.45 2.94 9.26
CA ARG A 42 3.91 1.67 9.78
C ARG A 42 4.99 1.87 10.83
N SER A 43 6.20 2.17 10.35
CA SER A 43 7.38 2.42 11.19
C SER A 43 8.02 1.16 11.80
N ASP A 44 7.86 -0.01 11.19
CA ASP A 44 8.50 -1.19 11.72
C ASP A 44 9.62 -1.69 10.81
N GLY A 45 9.27 -2.53 9.85
CA GLY A 45 10.28 -3.07 8.96
C GLY A 45 9.88 -3.19 7.49
N LYS A 46 8.68 -3.72 7.23
CA LYS A 46 8.19 -3.95 5.86
C LYS A 46 7.98 -2.68 5.05
N MET A 47 7.14 -2.79 4.02
CA MET A 47 6.77 -1.71 3.15
C MET A 47 5.45 -2.10 2.50
N TRP A 48 4.58 -1.13 2.24
CA TRP A 48 3.28 -1.45 1.67
C TRP A 48 2.88 -0.50 0.53
N CYS A 49 1.66 -0.71 0.08
CA CYS A 49 1.04 0.08 -0.98
C CYS A 49 -0.47 0.05 -0.78
N ALA A 50 -1.13 1.18 -0.93
CA ALA A 50 -2.57 1.19 -0.74
C ALA A 50 -3.25 0.53 -1.91
N THR A 51 -4.40 -0.04 -1.63
CA THR A 51 -5.17 -0.72 -2.66
C THR A 51 -6.29 0.20 -3.14
N THR A 52 -6.12 1.48 -2.84
CA THR A 52 -7.06 2.51 -3.21
C THR A 52 -6.30 3.72 -3.76
N ALA A 53 -6.94 4.48 -4.66
CA ALA A 53 -6.29 5.65 -5.24
C ALA A 53 -5.94 6.67 -4.17
N ASN A 54 -6.81 6.81 -3.18
CA ASN A 54 -6.57 7.72 -2.09
C ASN A 54 -6.64 6.94 -0.78
N TYR A 55 -5.50 6.73 -0.16
CA TYR A 55 -5.44 5.96 1.07
C TYR A 55 -5.98 6.75 2.26
N ASP A 56 -5.78 8.06 2.24
CA ASP A 56 -6.24 8.94 3.32
C ASP A 56 -7.73 8.79 3.60
N ASP A 57 -8.51 8.54 2.56
CA ASP A 57 -9.96 8.42 2.68
C ASP A 57 -10.43 6.97 2.84
N ASP A 58 -10.07 6.11 1.88
CA ASP A 58 -10.52 4.71 1.89
C ASP A 58 -9.74 3.83 2.88
N ARG A 59 -8.54 4.27 3.26
CA ARG A 59 -7.68 3.57 4.20
C ARG A 59 -7.66 2.04 4.06
N LYS A 60 -7.39 1.58 2.84
CA LYS A 60 -7.25 0.15 2.59
C LYS A 60 -5.88 -0.09 2.00
N TRP A 61 -5.08 -0.86 2.70
CA TRP A 61 -3.70 -1.07 2.29
C TRP A 61 -3.32 -2.55 2.16
N GLY A 62 -2.12 -2.74 1.65
CA GLY A 62 -1.55 -4.06 1.45
C GLY A 62 -0.05 -3.98 1.36
N PHE A 63 0.65 -5.05 1.71
CA PHE A 63 2.10 -5.05 1.67
C PHE A 63 2.68 -5.28 0.28
N CYS A 64 3.93 -4.83 0.12
CA CYS A 64 4.67 -5.02 -1.11
C CYS A 64 5.57 -6.22 -0.90
N PRO A 65 5.48 -7.23 -1.78
CA PRO A 65 6.25 -8.47 -1.63
C PRO A 65 7.69 -8.34 -2.07
N ASP A 66 8.30 -9.50 -2.36
CA ASP A 66 9.69 -9.62 -2.80
C ASP A 66 10.61 -8.68 -2.02
N GLN A 67 10.66 -8.86 -0.70
CA GLN A 67 11.51 -8.03 0.15
C GLN A 67 12.63 -8.85 0.77
N GLY A 68 12.92 -9.98 0.15
CA GLY A 68 13.98 -10.84 0.66
C GLY A 68 14.98 -11.21 -0.42
N SER A 9 -3.63 -15.44 -10.21
CA SER A 9 -3.10 -14.50 -9.20
C SER A 9 -2.32 -13.38 -9.86
N TRP A 10 -2.71 -12.14 -9.56
CA TRP A 10 -2.06 -10.97 -10.11
C TRP A 10 -1.02 -10.41 -9.14
N MET A 11 -0.99 -9.08 -8.99
CA MET A 11 -0.08 -8.44 -8.07
C MET A 11 -0.74 -8.30 -6.70
N SER A 12 -0.97 -9.42 -6.04
CA SER A 12 -1.62 -9.43 -4.73
C SER A 12 -0.68 -8.85 -3.66
N THR A 13 -1.26 -8.46 -2.54
CA THR A 13 -0.51 -7.88 -1.44
C THR A 13 -0.37 -8.84 -0.26
N VAL A 14 0.41 -8.39 0.72
CA VAL A 14 0.62 -9.12 1.96
C VAL A 14 0.08 -8.24 3.06
N GLY A 15 0.39 -8.58 4.30
CA GLY A 15 -0.04 -7.78 5.45
C GLY A 15 -1.42 -7.18 5.28
N GLY A 16 -1.47 -5.85 5.38
CA GLY A 16 -2.70 -5.08 5.18
C GLY A 16 -3.97 -5.74 5.65
N ASN A 17 -5.02 -5.55 4.87
CA ASN A 17 -6.32 -6.14 5.17
C ASN A 17 -7.05 -6.51 3.89
N SER A 18 -6.39 -6.24 2.76
CA SER A 18 -6.94 -6.55 1.46
C SER A 18 -6.49 -7.94 1.02
N GLY A 19 -5.18 -8.11 0.83
CA GLY A 19 -4.64 -9.40 0.43
C GLY A 19 -4.81 -9.68 -1.05
N GLY A 20 -6.04 -10.00 -1.45
CA GLY A 20 -6.33 -10.30 -2.84
C GLY A 20 -6.34 -9.07 -3.73
N ALA A 21 -6.33 -7.89 -3.11
CA ALA A 21 -6.35 -6.65 -3.87
C ALA A 21 -4.93 -6.14 -4.11
N PRO A 22 -4.68 -5.60 -5.31
CA PRO A 22 -3.36 -5.06 -5.68
C PRO A 22 -3.20 -3.60 -5.26
N CYS A 23 -1.97 -3.09 -5.32
CA CYS A 23 -1.72 -1.71 -4.96
C CYS A 23 -2.10 -0.77 -6.11
N VAL A 24 -2.71 0.36 -5.79
CA VAL A 24 -3.10 1.33 -6.80
C VAL A 24 -2.17 2.54 -6.72
N PHE A 25 -1.35 2.73 -7.74
CA PHE A 25 -0.41 3.84 -7.77
C PHE A 25 -0.76 4.83 -8.87
N PRO A 26 -0.56 6.12 -8.62
CA PRO A 26 -0.05 6.62 -7.35
C PRO A 26 -1.18 6.83 -6.33
N PHE A 27 -0.93 6.42 -5.09
CA PHE A 27 -1.93 6.61 -4.05
C PHE A 27 -1.55 7.79 -3.18
N THR A 28 -2.35 8.08 -2.16
CA THR A 28 -2.04 9.20 -1.30
C THR A 28 -2.20 8.83 0.17
N PHE A 29 -1.15 9.09 0.92
CA PHE A 29 -1.13 8.82 2.36
C PHE A 29 -0.54 10.03 3.06
N LEU A 30 -1.11 10.37 4.22
CA LEU A 30 -0.68 11.47 5.05
C LEU A 30 -0.31 12.73 4.26
N GLY A 31 -1.06 13.02 3.21
CA GLY A 31 -0.83 14.20 2.42
C GLY A 31 0.24 14.04 1.33
N ASN A 32 0.87 12.88 1.23
CA ASN A 32 1.91 12.67 0.23
C ASN A 32 1.42 11.75 -0.88
N LYS A 33 2.03 11.89 -2.05
CA LYS A 33 1.70 11.09 -3.19
C LYS A 33 2.65 9.91 -3.27
N TYR A 34 2.12 8.69 -3.34
CA TYR A 34 2.95 7.52 -3.37
C TYR A 34 2.85 6.79 -4.69
N GLU A 35 3.95 6.83 -5.42
CA GLU A 35 4.04 6.19 -6.71
C GLU A 35 4.68 4.81 -6.59
N SER A 36 5.18 4.52 -5.40
CA SER A 36 5.81 3.27 -5.10
C SER A 36 5.32 2.79 -3.76
N CYS A 37 5.89 1.71 -3.21
CA CYS A 37 5.48 1.24 -1.91
C CYS A 37 5.93 2.25 -0.86
N THR A 38 5.43 2.08 0.34
CA THR A 38 5.77 2.98 1.43
C THR A 38 5.86 2.24 2.73
N SER A 39 6.41 2.91 3.72
CA SER A 39 6.51 2.37 5.05
C SER A 39 5.77 3.32 5.98
N ALA A 40 5.01 4.22 5.36
CA ALA A 40 4.22 5.22 6.06
C ALA A 40 3.27 4.59 7.06
N GLY A 41 3.19 5.18 8.24
CA GLY A 41 2.31 4.65 9.27
C GLY A 41 2.91 3.43 9.94
N ARG A 42 3.98 2.89 9.37
CA ARG A 42 4.64 1.72 9.93
C ARG A 42 6.00 2.10 10.48
N SER A 43 6.92 2.37 9.56
CA SER A 43 8.31 2.74 9.89
C SER A 43 8.98 1.68 10.73
N ASP A 44 8.54 0.43 10.59
CA ASP A 44 9.10 -0.67 11.34
C ASP A 44 10.08 -1.45 10.48
N GLY A 45 9.55 -2.03 9.44
CA GLY A 45 10.35 -2.81 8.51
C GLY A 45 9.55 -3.22 7.29
N LYS A 46 8.36 -3.78 7.51
CA LYS A 46 7.52 -4.23 6.42
C LYS A 46 6.90 -3.07 5.66
N MET A 47 7.36 -2.82 4.45
CA MET A 47 6.80 -1.76 3.64
C MET A 47 5.51 -2.27 2.99
N TRP A 48 4.56 -1.38 2.79
CA TRP A 48 3.28 -1.76 2.21
C TRP A 48 2.92 -0.88 1.01
N CYS A 49 1.65 -0.95 0.62
CA CYS A 49 1.11 -0.17 -0.49
C CYS A 49 -0.40 -0.09 -0.35
N ALA A 50 -1.00 1.01 -0.79
CA ALA A 50 -2.43 1.13 -0.69
C ALA A 50 -3.09 0.41 -1.84
N THR A 51 -4.21 -0.21 -1.59
CA THR A 51 -4.92 -0.95 -2.61
C THR A 51 -6.02 -0.08 -3.22
N THR A 52 -5.94 1.21 -2.92
CA THR A 52 -6.88 2.19 -3.43
C THR A 52 -6.11 3.40 -3.95
N ALA A 53 -6.74 4.19 -4.82
CA ALA A 53 -6.09 5.39 -5.38
C ALA A 53 -5.84 6.41 -4.27
N ASN A 54 -6.65 6.37 -3.23
CA ASN A 54 -6.50 7.26 -2.11
C ASN A 54 -6.57 6.45 -0.84
N TYR A 55 -5.50 6.44 -0.07
CA TYR A 55 -5.45 5.66 1.16
C TYR A 55 -6.02 6.42 2.34
N ASP A 56 -5.82 7.73 2.39
CA ASP A 56 -6.31 8.55 3.51
C ASP A 56 -7.81 8.35 3.73
N ASP A 57 -8.54 8.21 2.63
CA ASP A 57 -9.99 8.04 2.70
C ASP A 57 -10.41 6.57 2.83
N ASP A 58 -10.15 5.78 1.78
CA ASP A 58 -10.57 4.36 1.74
C ASP A 58 -9.78 3.46 2.69
N ARG A 59 -8.61 3.91 3.11
CA ARG A 59 -7.72 3.18 4.02
C ARG A 59 -7.66 1.68 3.81
N LYS A 60 -7.40 1.28 2.58
CA LYS A 60 -7.25 -0.12 2.26
C LYS A 60 -5.80 -0.33 1.85
N TRP A 61 -5.11 -1.16 2.60
CA TRP A 61 -3.71 -1.37 2.38
C TRP A 61 -3.29 -2.84 2.33
N GLY A 62 -2.04 -3.02 1.96
CA GLY A 62 -1.43 -4.33 1.87
C GLY A 62 0.07 -4.19 1.75
N PHE A 63 0.82 -5.10 2.36
CA PHE A 63 2.27 -5.06 2.34
C PHE A 63 2.81 -5.14 0.92
N CYS A 64 3.99 -4.55 0.71
CA CYS A 64 4.62 -4.58 -0.60
C CYS A 64 4.93 -6.03 -0.96
N PRO A 65 4.51 -6.49 -2.15
CA PRO A 65 4.71 -7.89 -2.57
C PRO A 65 6.14 -8.26 -2.91
N ASP A 66 6.99 -7.31 -2.66
CA ASP A 66 8.43 -7.48 -2.90
C ASP A 66 9.23 -6.55 -2.00
N GLN A 67 10.03 -7.12 -1.11
CA GLN A 67 10.83 -6.32 -0.19
C GLN A 67 12.27 -6.24 -0.70
N GLY A 68 12.70 -5.03 -1.02
CA GLY A 68 14.05 -4.84 -1.51
C GLY A 68 14.64 -3.53 -1.03
N SER A 9 -0.76 -4.67 -12.87
CA SER A 9 -0.88 -6.03 -13.43
C SER A 9 -1.70 -6.92 -12.48
N TRP A 10 -1.55 -8.24 -12.61
CA TRP A 10 -2.29 -9.16 -11.76
C TRP A 10 -1.51 -9.53 -10.49
N MET A 11 -0.47 -8.77 -10.17
CA MET A 11 0.31 -9.03 -8.98
C MET A 11 -0.38 -8.43 -7.76
N SER A 12 -0.53 -9.24 -6.71
CA SER A 12 -1.20 -8.78 -5.50
C SER A 12 -0.21 -8.32 -4.46
N THR A 13 -0.71 -7.68 -3.41
CA THR A 13 0.12 -7.18 -2.34
C THR A 13 0.28 -8.21 -1.23
N VAL A 14 1.09 -7.83 -0.26
CA VAL A 14 1.32 -8.63 0.94
C VAL A 14 0.74 -7.84 2.08
N GLY A 15 1.07 -8.22 3.31
CA GLY A 15 0.61 -7.49 4.48
C GLY A 15 -0.79 -6.91 4.34
N GLY A 16 -0.87 -5.59 4.59
CA GLY A 16 -2.10 -4.83 4.47
C GLY A 16 -3.36 -5.52 4.96
N ASN A 17 -4.47 -5.18 4.32
CA ASN A 17 -5.78 -5.75 4.66
C ASN A 17 -6.60 -5.95 3.40
N SER A 18 -6.00 -5.70 2.24
CA SER A 18 -6.65 -5.87 0.96
C SER A 18 -6.57 -7.32 0.50
N GLY A 19 -5.37 -7.89 0.62
CA GLY A 19 -5.17 -9.28 0.23
C GLY A 19 -4.76 -9.42 -1.23
N GLY A 20 -5.70 -9.85 -2.05
CA GLY A 20 -5.41 -10.04 -3.47
C GLY A 20 -5.57 -8.79 -4.30
N ALA A 21 -5.30 -7.64 -3.71
CA ALA A 21 -5.40 -6.38 -4.43
C ALA A 21 -4.02 -5.86 -4.79
N PRO A 22 -3.87 -5.22 -5.97
CA PRO A 22 -2.60 -4.68 -6.41
C PRO A 22 -2.38 -3.24 -5.92
N CYS A 23 -1.15 -2.75 -6.05
CA CYS A 23 -0.83 -1.39 -5.63
C CYS A 23 -1.20 -0.41 -6.74
N VAL A 24 -1.95 0.63 -6.42
CA VAL A 24 -2.35 1.63 -7.41
C VAL A 24 -1.40 2.82 -7.37
N PHE A 25 -0.62 2.99 -8.44
CA PHE A 25 0.34 4.08 -8.51
C PHE A 25 -0.14 5.14 -9.50
N PRO A 26 0.02 6.42 -9.14
CA PRO A 26 0.61 6.83 -7.88
C PRO A 26 -0.41 6.89 -6.75
N PHE A 27 -0.08 6.31 -5.61
CA PHE A 27 -0.99 6.36 -4.48
C PHE A 27 -0.53 7.44 -3.53
N THR A 28 -1.44 8.34 -3.20
CA THR A 28 -1.09 9.43 -2.31
C THR A 28 -1.40 9.05 -0.87
N PHE A 29 -0.37 9.12 -0.04
CA PHE A 29 -0.53 8.80 1.38
C PHE A 29 -0.27 10.02 2.20
N LEU A 30 -1.20 10.28 3.09
CA LEU A 30 -1.13 11.35 4.04
C LEU A 30 -0.44 12.59 3.50
N GLY A 31 -0.84 12.95 2.28
CA GLY A 31 -0.31 14.14 1.64
C GLY A 31 0.72 13.92 0.53
N ASN A 32 1.42 12.79 0.49
CA ASN A 32 2.43 12.59 -0.55
C ASN A 32 2.05 11.52 -1.56
N LYS A 33 2.21 11.85 -2.84
CA LYS A 33 1.93 10.93 -3.91
C LYS A 33 3.06 9.93 -4.04
N TYR A 34 2.75 8.65 -4.01
CA TYR A 34 3.78 7.64 -4.11
C TYR A 34 3.71 6.89 -5.43
N GLU A 35 4.79 7.01 -6.17
CA GLU A 35 4.92 6.38 -7.46
C GLU A 35 5.52 4.98 -7.33
N SER A 36 6.03 4.71 -6.14
CA SER A 36 6.62 3.43 -5.83
C SER A 36 6.14 3.01 -4.46
N CYS A 37 6.70 1.94 -3.92
CA CYS A 37 6.29 1.51 -2.59
C CYS A 37 6.77 2.51 -1.55
N THR A 38 6.25 2.41 -0.36
CA THR A 38 6.60 3.32 0.71
C THR A 38 6.64 2.59 2.04
N SER A 39 7.13 3.27 3.04
CA SER A 39 7.16 2.73 4.38
C SER A 39 6.45 3.72 5.28
N ALA A 40 5.62 4.56 4.64
CA ALA A 40 4.85 5.59 5.32
C ALA A 40 3.91 4.98 6.34
N GLY A 41 3.90 5.54 7.53
CA GLY A 41 3.04 5.03 8.58
C GLY A 41 3.60 3.78 9.21
N ARG A 42 4.68 3.27 8.63
CA ARG A 42 5.32 2.06 9.15
C ARG A 42 6.66 2.39 9.79
N SER A 43 7.67 2.57 8.93
CA SER A 43 9.05 2.85 9.36
C SER A 43 9.53 1.82 10.37
N ASP A 44 9.03 0.59 10.24
CA ASP A 44 9.38 -0.51 11.12
C ASP A 44 10.31 -1.45 10.40
N GLY A 45 10.05 -1.63 9.12
CA GLY A 45 10.85 -2.50 8.30
C GLY A 45 10.24 -2.75 6.94
N LYS A 46 9.10 -3.41 6.90
CA LYS A 46 8.45 -3.74 5.64
C LYS A 46 7.84 -2.52 4.97
N MET A 47 8.06 -2.44 3.66
CA MET A 47 7.48 -1.36 2.87
C MET A 47 6.18 -1.86 2.26
N TRP A 48 5.25 -0.95 2.00
CA TRP A 48 3.96 -1.33 1.44
C TRP A 48 3.56 -0.43 0.26
N CYS A 49 2.30 -0.53 -0.13
CA CYS A 49 1.74 0.24 -1.22
C CYS A 49 0.22 0.28 -1.07
N ALA A 50 -0.40 1.39 -1.43
CA ALA A 50 -1.85 1.47 -1.31
C ALA A 50 -2.50 0.74 -2.47
N THR A 51 -3.69 0.24 -2.27
CA THR A 51 -4.39 -0.48 -3.29
C THR A 51 -5.48 0.40 -3.91
N THR A 52 -5.44 1.68 -3.56
CA THR A 52 -6.36 2.68 -4.08
C THR A 52 -5.57 3.91 -4.51
N ALA A 53 -6.10 4.66 -5.47
CA ALA A 53 -5.43 5.87 -5.97
C ALA A 53 -5.15 6.86 -4.85
N ASN A 54 -6.12 7.04 -3.96
CA ASN A 54 -5.96 7.94 -2.84
C ASN A 54 -6.14 7.15 -1.55
N TYR A 55 -5.05 6.99 -0.81
CA TYR A 55 -5.07 6.22 0.42
C TYR A 55 -5.69 7.01 1.56
N ASP A 56 -5.54 8.33 1.56
CA ASP A 56 -6.09 9.18 2.62
C ASP A 56 -7.58 8.91 2.85
N ASP A 57 -8.29 8.56 1.79
CA ASP A 57 -9.71 8.31 1.87
C ASP A 57 -10.03 6.84 2.16
N ASP A 58 -9.80 5.98 1.17
CA ASP A 58 -10.11 4.55 1.28
C ASP A 58 -9.26 3.80 2.31
N ARG A 59 -8.05 4.28 2.56
CA ARG A 59 -7.13 3.69 3.52
C ARG A 59 -7.05 2.17 3.43
N LYS A 60 -6.81 1.69 2.22
CA LYS A 60 -6.64 0.26 1.99
C LYS A 60 -5.24 0.03 1.47
N TRP A 61 -4.47 -0.74 2.22
CA TRP A 61 -3.08 -0.96 1.90
C TRP A 61 -2.68 -2.42 1.82
N GLY A 62 -1.46 -2.61 1.36
CA GLY A 62 -0.85 -3.91 1.22
C GLY A 62 0.66 -3.77 1.13
N PHE A 63 1.42 -4.73 1.63
CA PHE A 63 2.87 -4.66 1.58
C PHE A 63 3.37 -4.64 0.14
N CYS A 64 4.57 -4.14 -0.04
CA CYS A 64 5.19 -4.05 -1.35
C CYS A 64 5.44 -5.44 -1.95
N PRO A 65 5.02 -5.65 -3.21
CA PRO A 65 5.19 -6.94 -3.91
C PRO A 65 6.60 -7.12 -4.44
N ASP A 66 7.44 -6.24 -3.98
CA ASP A 66 8.85 -6.21 -4.35
C ASP A 66 9.73 -6.33 -3.12
N GLN A 67 9.57 -7.44 -2.39
CA GLN A 67 10.35 -7.68 -1.18
C GLN A 67 11.03 -9.04 -1.27
N GLY A 68 11.21 -9.68 -0.12
CA GLY A 68 11.84 -10.99 -0.10
C GLY A 68 11.43 -11.80 1.10
N SER A 9 -1.65 -11.25 -14.75
CA SER A 9 -0.70 -11.06 -13.64
C SER A 9 -1.28 -11.61 -12.34
N TRP A 10 -0.52 -12.46 -11.67
CA TRP A 10 -0.96 -13.07 -10.43
C TRP A 10 -0.28 -12.39 -9.24
N MET A 11 -0.75 -11.20 -8.89
CA MET A 11 -0.17 -10.45 -7.80
C MET A 11 -1.26 -9.85 -6.92
N SER A 12 -1.09 -10.01 -5.61
CA SER A 12 -2.02 -9.49 -4.64
C SER A 12 -1.22 -8.88 -3.49
N THR A 13 -1.90 -8.51 -2.42
CA THR A 13 -1.23 -7.90 -1.29
C THR A 13 -0.96 -8.89 -0.16
N VAL A 14 -0.11 -8.42 0.75
CA VAL A 14 0.29 -9.15 1.93
C VAL A 14 0.07 -8.19 3.08
N GLY A 15 0.05 -8.63 4.31
CA GLY A 15 -0.16 -7.67 5.38
C GLY A 15 -1.51 -6.98 5.26
N GLY A 16 -1.51 -5.67 5.57
CA GLY A 16 -2.71 -4.83 5.46
C GLY A 16 -4.01 -5.48 5.89
N ASN A 17 -5.05 -5.22 5.12
CA ASN A 17 -6.38 -5.76 5.40
C ASN A 17 -7.23 -5.75 4.13
N SER A 18 -6.57 -5.86 3.00
CA SER A 18 -7.24 -5.87 1.71
C SER A 18 -7.77 -7.25 1.38
N GLY A 19 -6.90 -8.25 1.45
CA GLY A 19 -7.28 -9.61 1.14
C GLY A 19 -6.84 -10.02 -0.24
N GLY A 20 -7.44 -9.43 -1.25
CA GLY A 20 -7.08 -9.75 -2.63
C GLY A 20 -7.05 -8.52 -3.51
N ALA A 21 -6.70 -7.39 -2.93
CA ALA A 21 -6.64 -6.15 -3.71
C ALA A 21 -5.19 -5.75 -3.98
N PRO A 22 -4.90 -5.28 -5.20
CA PRO A 22 -3.57 -4.85 -5.59
C PRO A 22 -3.29 -3.41 -5.16
N CYS A 23 -2.03 -2.99 -5.16
CA CYS A 23 -1.69 -1.63 -4.78
C CYS A 23 -2.12 -0.65 -5.88
N VAL A 24 -2.67 0.48 -5.50
CA VAL A 24 -3.12 1.48 -6.47
C VAL A 24 -2.19 2.69 -6.44
N PHE A 25 -1.46 2.90 -7.54
CA PHE A 25 -0.53 4.02 -7.63
C PHE A 25 -0.97 4.99 -8.73
N PRO A 26 -0.82 6.30 -8.47
CA PRO A 26 -0.30 6.82 -7.22
C PRO A 26 -1.41 6.98 -6.18
N PHE A 27 -1.16 6.52 -4.96
CA PHE A 27 -2.16 6.67 -3.92
C PHE A 27 -1.83 7.86 -3.05
N THR A 28 -2.59 8.06 -2.00
CA THR A 28 -2.35 9.19 -1.12
C THR A 28 -2.54 8.78 0.33
N PHE A 29 -1.48 8.91 1.11
CA PHE A 29 -1.53 8.60 2.53
C PHE A 29 -1.25 9.83 3.32
N LEU A 30 -2.07 10.04 4.32
CA LEU A 30 -1.94 11.11 5.27
C LEU A 30 -1.38 12.40 4.66
N GLY A 31 -1.95 12.77 3.53
CA GLY A 31 -1.57 14.00 2.85
C GLY A 31 -0.49 13.87 1.77
N ASN A 32 0.18 12.72 1.63
CA ASN A 32 1.23 12.60 0.63
C ASN A 32 0.83 11.69 -0.53
N LYS A 33 1.38 11.96 -1.71
CA LYS A 33 1.10 11.17 -2.88
C LYS A 33 2.17 10.08 -2.99
N TYR A 34 1.74 8.82 -3.09
CA TYR A 34 2.67 7.72 -3.17
C TYR A 34 2.59 7.00 -4.50
N GLU A 35 3.65 7.09 -5.25
CA GLU A 35 3.75 6.47 -6.55
C GLU A 35 4.39 5.10 -6.43
N SER A 36 4.96 4.85 -5.26
CA SER A 36 5.60 3.59 -4.97
C SER A 36 5.12 3.13 -3.60
N CYS A 37 5.77 2.14 -3.00
CA CYS A 37 5.37 1.70 -1.68
C CYS A 37 5.84 2.69 -0.64
N THR A 38 5.37 2.51 0.57
CA THR A 38 5.73 3.40 1.66
C THR A 38 5.77 2.64 2.97
N SER A 39 6.28 3.28 3.99
CA SER A 39 6.33 2.71 5.32
C SER A 39 5.63 3.68 6.24
N ALA A 40 4.81 4.52 5.62
CA ALA A 40 4.04 5.55 6.30
C ALA A 40 3.08 4.97 7.32
N GLY A 41 3.09 5.57 8.50
CA GLY A 41 2.23 5.12 9.58
C GLY A 41 2.70 3.81 10.18
N ARG A 42 3.80 3.27 9.65
CA ARG A 42 4.31 2.01 10.16
C ARG A 42 5.58 2.19 10.98
N SER A 43 6.71 2.32 10.28
CA SER A 43 8.02 2.45 10.93
C SER A 43 8.33 1.22 11.78
N ASP A 44 7.74 0.09 11.39
CA ASP A 44 7.93 -1.17 12.09
C ASP A 44 8.96 -2.02 11.38
N GLY A 45 8.95 -1.91 10.07
CA GLY A 45 9.88 -2.67 9.25
C GLY A 45 9.33 -2.99 7.88
N LYS A 46 8.06 -3.38 7.81
CA LYS A 46 7.44 -3.72 6.54
C LYS A 46 6.90 -2.51 5.80
N MET A 47 7.23 -2.43 4.53
CA MET A 47 6.71 -1.36 3.71
C MET A 47 5.41 -1.84 3.10
N TRP A 48 4.47 -0.96 2.90
CA TRP A 48 3.17 -1.34 2.35
C TRP A 48 2.79 -0.48 1.15
N CYS A 49 1.55 -0.63 0.73
CA CYS A 49 0.98 0.11 -0.40
C CYS A 49 -0.53 0.20 -0.21
N ALA A 50 -1.13 1.31 -0.57
CA ALA A 50 -2.57 1.44 -0.42
C ALA A 50 -3.26 0.67 -1.53
N THR A 51 -4.37 0.06 -1.21
CA THR A 51 -5.11 -0.71 -2.18
C THR A 51 -6.27 0.12 -2.72
N THR A 52 -6.24 1.39 -2.37
CA THR A 52 -7.24 2.34 -2.82
C THR A 52 -6.53 3.63 -3.24
N ALA A 53 -7.07 4.31 -4.24
CA ALA A 53 -6.47 5.55 -4.73
C ALA A 53 -6.32 6.57 -3.62
N ASN A 54 -7.37 6.79 -2.85
CA ASN A 54 -7.32 7.72 -1.74
C ASN A 54 -7.36 6.95 -0.44
N TYR A 55 -6.19 6.76 0.15
CA TYR A 55 -6.09 6.02 1.41
C TYR A 55 -6.65 6.85 2.56
N ASP A 56 -6.49 8.17 2.47
CA ASP A 56 -6.96 9.10 3.48
C ASP A 56 -8.39 8.79 3.92
N ASP A 57 -9.22 8.42 2.97
CA ASP A 57 -10.62 8.10 3.24
C ASP A 57 -10.87 6.59 3.43
N ASP A 58 -10.48 5.79 2.44
CA ASP A 58 -10.72 4.34 2.47
C ASP A 58 -9.88 3.60 3.53
N ARG A 59 -8.65 4.07 3.74
CA ARG A 59 -7.74 3.47 4.72
C ARG A 59 -7.58 1.97 4.56
N LYS A 60 -7.55 1.50 3.32
CA LYS A 60 -7.35 0.09 3.05
C LYS A 60 -5.96 -0.08 2.49
N TRP A 61 -5.17 -0.83 3.21
CA TRP A 61 -3.78 -1.02 2.85
C TRP A 61 -3.36 -2.47 2.78
N GLY A 62 -2.13 -2.65 2.33
CA GLY A 62 -1.52 -3.95 2.21
C GLY A 62 -0.03 -3.80 2.04
N PHE A 63 0.74 -4.69 2.63
CA PHE A 63 2.19 -4.65 2.54
C PHE A 63 2.66 -4.74 1.09
N CYS A 64 3.85 -4.19 0.86
CA CYS A 64 4.47 -4.19 -0.47
C CYS A 64 4.82 -5.63 -0.82
N PRO A 65 4.88 -5.98 -2.14
CA PRO A 65 5.20 -7.35 -2.58
C PRO A 65 6.59 -7.83 -2.20
N ASP A 66 7.19 -8.59 -3.10
CA ASP A 66 8.52 -9.13 -2.87
C ASP A 66 9.57 -8.04 -2.68
N GLN A 67 10.13 -7.99 -1.49
CA GLN A 67 11.16 -7.01 -1.16
C GLN A 67 12.35 -7.74 -0.53
N GLY A 68 12.05 -8.47 0.53
CA GLY A 68 13.06 -9.22 1.26
C GLY A 68 12.49 -9.84 2.51
N SER A 9 1.33 -8.23 -15.67
CA SER A 9 0.12 -8.47 -14.86
C SER A 9 0.18 -7.69 -13.56
N TRP A 10 -0.97 -7.57 -12.90
CA TRP A 10 -1.03 -6.85 -11.62
C TRP A 10 -0.59 -7.76 -10.49
N MET A 11 0.40 -7.32 -9.72
CA MET A 11 0.92 -8.10 -8.61
C MET A 11 0.07 -7.90 -7.35
N SER A 12 -0.26 -9.01 -6.69
CA SER A 12 -1.04 -8.96 -5.46
C SER A 12 -0.21 -8.42 -4.32
N THR A 13 -0.87 -7.95 -3.26
CA THR A 13 -0.17 -7.41 -2.12
C THR A 13 0.00 -8.41 -0.99
N VAL A 14 0.92 -8.10 -0.10
CA VAL A 14 1.18 -8.89 1.08
C VAL A 14 0.70 -8.09 2.26
N GLY A 15 1.13 -8.47 3.44
CA GLY A 15 0.77 -7.73 4.66
C GLY A 15 -0.64 -7.16 4.61
N GLY A 16 -0.71 -5.84 4.77
CA GLY A 16 -1.97 -5.08 4.69
C GLY A 16 -3.22 -5.82 5.10
N ASN A 17 -4.25 -5.66 4.29
CA ASN A 17 -5.53 -6.31 4.52
C ASN A 17 -6.15 -6.69 3.18
N SER A 18 -5.85 -5.88 2.16
CA SER A 18 -6.36 -6.13 0.81
C SER A 18 -5.94 -7.52 0.33
N GLY A 19 -4.63 -7.70 0.13
CA GLY A 19 -4.11 -8.98 -0.32
C GLY A 19 -4.41 -9.26 -1.78
N GLY A 20 -5.67 -9.52 -2.08
CA GLY A 20 -6.07 -9.82 -3.45
C GLY A 20 -6.00 -8.61 -4.35
N ALA A 21 -5.86 -7.42 -3.78
CA ALA A 21 -5.79 -6.22 -4.59
C ALA A 21 -4.34 -5.81 -4.83
N PRO A 22 -4.03 -5.34 -6.04
CA PRO A 22 -2.68 -4.92 -6.42
C PRO A 22 -2.38 -3.47 -6.04
N CYS A 23 -1.11 -3.09 -6.07
CA CYS A 23 -0.72 -1.73 -5.74
C CYS A 23 -1.15 -0.80 -6.87
N VAL A 24 -1.86 0.26 -6.54
CA VAL A 24 -2.31 1.20 -7.56
C VAL A 24 -1.46 2.46 -7.56
N PHE A 25 -0.53 2.55 -8.51
CA PHE A 25 0.33 3.70 -8.62
C PHE A 25 -0.11 4.61 -9.76
N PRO A 26 0.01 5.93 -9.56
CA PRO A 26 0.53 6.49 -8.32
C PRO A 26 -0.54 6.64 -7.26
N PHE A 27 -0.21 6.27 -6.03
CA PHE A 27 -1.17 6.43 -4.96
C PHE A 27 -0.80 7.63 -4.13
N THR A 28 -1.47 7.84 -3.02
CA THR A 28 -1.19 9.00 -2.20
C THR A 28 -1.35 8.70 -0.72
N PHE A 29 -0.31 9.02 0.04
CA PHE A 29 -0.32 8.82 1.47
C PHE A 29 0.24 10.07 2.12
N LEU A 30 -0.33 10.44 3.27
CA LEU A 30 0.07 11.58 4.04
C LEU A 30 0.36 12.81 3.19
N GLY A 31 -0.41 12.98 2.10
CA GLY A 31 -0.23 14.14 1.23
C GLY A 31 0.76 13.94 0.09
N ASN A 32 1.51 12.85 0.09
CA ASN A 32 2.49 12.62 -0.97
C ASN A 32 2.07 11.53 -1.94
N LYS A 33 2.30 11.77 -3.22
CA LYS A 33 1.98 10.81 -4.25
C LYS A 33 3.07 9.75 -4.30
N TYR A 34 2.70 8.50 -4.15
CA TYR A 34 3.68 7.42 -4.15
C TYR A 34 3.61 6.64 -5.45
N GLU A 35 4.69 6.75 -6.19
CA GLU A 35 4.83 6.08 -7.47
C GLU A 35 5.38 4.68 -7.27
N SER A 36 6.07 4.52 -6.16
CA SER A 36 6.65 3.26 -5.80
C SER A 36 6.10 2.87 -4.44
N CYS A 37 6.62 1.80 -3.86
CA CYS A 37 6.15 1.39 -2.55
C CYS A 37 6.66 2.34 -1.49
N THR A 38 6.10 2.24 -0.31
CA THR A 38 6.48 3.12 0.76
C THR A 38 6.51 2.36 2.07
N SER A 39 7.11 2.97 3.07
CA SER A 39 7.15 2.40 4.39
C SER A 39 6.48 3.39 5.33
N ALA A 40 5.71 4.29 4.70
CA ALA A 40 4.97 5.34 5.39
C ALA A 40 3.99 4.78 6.39
N GLY A 41 3.91 5.42 7.55
CA GLY A 41 3.00 4.96 8.57
C GLY A 41 3.53 3.75 9.32
N ARG A 42 4.72 3.29 8.92
CA ARG A 42 5.33 2.14 9.55
C ARG A 42 6.64 2.55 10.22
N SER A 43 6.99 1.88 11.30
CA SER A 43 8.22 2.19 12.02
C SER A 43 9.16 0.99 12.01
N ASP A 44 8.75 -0.07 11.33
CA ASP A 44 9.53 -1.30 11.24
C ASP A 44 10.46 -1.28 10.04
N GLY A 45 9.92 -1.61 8.90
CA GLY A 45 10.69 -1.63 7.68
C GLY A 45 9.95 -2.27 6.53
N LYS A 46 8.87 -2.98 6.85
CA LYS A 46 8.05 -3.65 5.83
C LYS A 46 7.39 -2.63 4.90
N MET A 47 7.93 -2.47 3.70
CA MET A 47 7.36 -1.52 2.76
C MET A 47 6.07 -2.07 2.17
N TRP A 48 5.11 -1.19 1.95
CA TRP A 48 3.81 -1.58 1.41
C TRP A 48 3.40 -0.68 0.25
N CYS A 49 2.14 -0.79 -0.15
CA CYS A 49 1.57 0.00 -1.24
C CYS A 49 0.06 0.09 -1.10
N ALA A 50 -0.55 1.19 -1.57
CA ALA A 50 -2.00 1.31 -1.49
C ALA A 50 -2.63 0.57 -2.64
N THR A 51 -3.85 0.10 -2.43
CA THR A 51 -4.55 -0.66 -3.45
C THR A 51 -5.82 0.09 -3.90
N THR A 52 -5.94 1.33 -3.47
CA THR A 52 -7.12 2.13 -3.78
C THR A 52 -6.81 3.44 -4.48
N ALA A 53 -5.58 3.58 -4.96
CA ALA A 53 -5.11 4.79 -5.64
C ALA A 53 -4.99 5.97 -4.66
N ASN A 54 -5.89 6.05 -3.70
CA ASN A 54 -5.85 7.09 -2.68
C ASN A 54 -5.96 6.41 -1.33
N TYR A 55 -4.88 6.42 -0.58
CA TYR A 55 -4.86 5.76 0.72
C TYR A 55 -5.36 6.65 1.85
N ASP A 56 -5.18 7.95 1.70
CA ASP A 56 -5.61 8.90 2.73
C ASP A 56 -7.10 8.79 3.00
N ASP A 57 -7.87 8.50 1.95
CA ASP A 57 -9.32 8.38 2.08
C ASP A 57 -9.77 6.94 2.34
N ASP A 58 -9.33 6.02 1.47
CA ASP A 58 -9.73 4.61 1.57
C ASP A 58 -9.06 3.85 2.71
N ARG A 59 -7.75 4.04 2.87
CA ARG A 59 -6.99 3.38 3.92
C ARG A 59 -6.97 1.85 3.80
N LYS A 60 -6.87 1.37 2.57
CA LYS A 60 -6.76 -0.06 2.30
C LYS A 60 -5.38 -0.29 1.72
N TRP A 61 -4.58 -1.10 2.40
CA TRP A 61 -3.20 -1.31 2.02
C TRP A 61 -2.78 -2.77 1.95
N GLY A 62 -1.55 -2.93 1.50
CA GLY A 62 -0.93 -4.23 1.36
C GLY A 62 0.57 -4.05 1.17
N PHE A 63 1.36 -5.00 1.66
CA PHE A 63 2.81 -4.94 1.55
C PHE A 63 3.26 -4.91 0.10
N CYS A 64 4.47 -4.41 -0.09
CA CYS A 64 5.05 -4.29 -1.42
C CYS A 64 5.42 -5.64 -2.00
N PRO A 65 4.93 -5.96 -3.21
CA PRO A 65 5.24 -7.22 -3.89
C PRO A 65 6.59 -7.17 -4.58
N ASP A 66 7.25 -6.08 -4.32
CA ASP A 66 8.58 -5.81 -4.85
C ASP A 66 9.51 -5.36 -3.74
N GLN A 67 9.82 -6.27 -2.84
CA GLN A 67 10.70 -5.97 -1.71
C GLN A 67 12.15 -6.01 -2.14
N GLY A 68 13.04 -5.43 -1.34
CA GLY A 68 14.43 -5.41 -1.68
C GLY A 68 14.98 -4.01 -1.77
N SER A 9 8.37 -13.29 -5.98
CA SER A 9 7.44 -12.14 -6.04
C SER A 9 6.11 -12.57 -6.64
N TRP A 10 5.04 -12.22 -5.95
CA TRP A 10 3.69 -12.57 -6.40
C TRP A 10 2.84 -11.32 -6.47
N MET A 11 1.95 -11.24 -7.46
CA MET A 11 1.09 -10.08 -7.64
C MET A 11 0.03 -10.00 -6.52
N SER A 12 -0.88 -9.03 -6.66
CA SER A 12 -1.94 -8.80 -5.68
C SER A 12 -1.33 -8.30 -4.39
N THR A 13 -2.12 -8.24 -3.32
CA THR A 13 -1.61 -7.75 -2.06
C THR A 13 -1.28 -8.86 -1.07
N VAL A 14 -0.42 -8.49 -0.13
CA VAL A 14 0.05 -9.31 0.95
C VAL A 14 0.04 -8.39 2.14
N GLY A 15 0.05 -8.88 3.35
CA GLY A 15 0.04 -7.95 4.47
C GLY A 15 -1.23 -7.12 4.48
N GLY A 16 -1.13 -5.89 4.95
CA GLY A 16 -2.27 -4.98 4.97
C GLY A 16 -3.53 -5.59 5.58
N ASN A 17 -4.69 -5.16 5.09
CA ASN A 17 -5.95 -5.70 5.58
C ASN A 17 -6.89 -6.05 4.43
N SER A 18 -6.54 -5.63 3.21
CA SER A 18 -7.35 -5.91 2.04
C SER A 18 -7.19 -7.38 1.64
N GLY A 19 -5.94 -7.80 1.42
CA GLY A 19 -5.66 -9.18 1.05
C GLY A 19 -6.39 -9.65 -0.19
N GLY A 20 -6.02 -9.12 -1.34
CA GLY A 20 -6.68 -9.52 -2.57
C GLY A 20 -6.87 -8.37 -3.53
N ALA A 21 -7.07 -7.18 -2.98
CA ALA A 21 -7.24 -6.00 -3.80
C ALA A 21 -5.89 -5.52 -4.32
N PRO A 22 -5.86 -4.95 -5.53
CA PRO A 22 -4.62 -4.45 -6.12
C PRO A 22 -4.25 -3.06 -5.60
N CYS A 23 -2.95 -2.76 -5.55
CA CYS A 23 -2.51 -1.45 -5.09
C CYS A 23 -2.71 -0.43 -6.21
N VAL A 24 -3.41 0.65 -5.90
CA VAL A 24 -3.69 1.70 -6.87
C VAL A 24 -2.68 2.83 -6.76
N PHE A 25 -1.99 3.10 -7.87
CA PHE A 25 -0.99 4.15 -7.91
C PHE A 25 -1.38 5.25 -8.89
N PRO A 26 -1.15 6.51 -8.50
CA PRO A 26 -0.56 6.83 -7.21
C PRO A 26 -1.60 6.95 -6.11
N PHE A 27 -1.29 6.41 -4.94
CA PHE A 27 -2.22 6.50 -3.83
C PHE A 27 -1.72 7.55 -2.86
N THR A 28 -2.57 8.46 -2.49
CA THR A 28 -2.18 9.54 -1.62
C THR A 28 -2.39 9.22 -0.15
N PHE A 29 -1.33 9.40 0.63
CA PHE A 29 -1.36 9.18 2.05
C PHE A 29 -0.77 10.42 2.74
N LEU A 30 -1.30 10.77 3.90
CA LEU A 30 -0.84 11.90 4.68
C LEU A 30 -0.50 13.13 3.84
N GLY A 31 -1.26 13.34 2.77
CA GLY A 31 -1.04 14.49 1.91
C GLY A 31 -0.08 14.23 0.75
N ASN A 32 0.62 13.10 0.75
CA ASN A 32 1.57 12.82 -0.31
C ASN A 32 1.11 11.69 -1.18
N LYS A 33 1.21 11.90 -2.47
CA LYS A 33 0.82 10.93 -3.45
C LYS A 33 1.93 9.92 -3.64
N TYR A 34 1.62 8.65 -3.42
CA TYR A 34 2.61 7.60 -3.54
C TYR A 34 2.43 6.82 -4.82
N GLU A 35 3.39 7.01 -5.70
CA GLU A 35 3.40 6.35 -6.99
C GLU A 35 4.01 4.96 -6.90
N SER A 36 4.69 4.73 -5.79
CA SER A 36 5.30 3.45 -5.51
C SER A 36 4.91 3.06 -4.11
N CYS A 37 5.42 1.95 -3.61
CA CYS A 37 5.08 1.53 -2.26
C CYS A 37 5.67 2.51 -1.25
N THR A 38 5.14 2.46 -0.04
CA THR A 38 5.59 3.32 1.04
C THR A 38 5.65 2.52 2.32
N SER A 39 5.99 3.17 3.41
CA SER A 39 6.04 2.52 4.70
C SER A 39 5.38 3.45 5.72
N ALA A 40 4.53 4.33 5.17
CA ALA A 40 3.81 5.33 5.94
C ALA A 40 2.77 4.72 6.88
N GLY A 41 2.54 5.42 7.98
CA GLY A 41 1.55 5.01 8.96
C GLY A 41 1.91 3.75 9.71
N ARG A 42 3.12 3.23 9.53
CA ARG A 42 3.50 2.01 10.23
C ARG A 42 4.38 2.28 11.43
N SER A 43 5.12 1.25 11.85
CA SER A 43 5.98 1.35 13.03
C SER A 43 7.39 0.80 12.82
N ASP A 44 7.53 -0.33 12.13
CA ASP A 44 8.86 -0.92 11.93
C ASP A 44 9.45 -0.56 10.59
N GLY A 45 9.24 -1.43 9.60
CA GLY A 45 9.80 -1.18 8.30
C GLY A 45 9.21 -1.96 7.13
N LYS A 46 7.98 -2.48 7.26
CA LYS A 46 7.37 -3.19 6.16
C LYS A 46 6.83 -2.19 5.17
N MET A 47 7.02 -2.41 3.89
CA MET A 47 6.52 -1.46 2.92
C MET A 47 5.21 -1.97 2.37
N TRP A 48 4.30 -1.06 2.08
CA TRP A 48 2.99 -1.42 1.56
C TRP A 48 2.54 -0.46 0.47
N CYS A 49 1.28 -0.62 0.06
CA CYS A 49 0.65 0.21 -0.95
C CYS A 49 -0.86 0.17 -0.77
N ALA A 50 -1.52 1.31 -0.93
CA ALA A 50 -2.96 1.36 -0.76
C ALA A 50 -3.66 0.70 -1.93
N THR A 51 -4.85 0.19 -1.66
CA THR A 51 -5.62 -0.48 -2.68
C THR A 51 -6.68 0.47 -3.21
N THR A 52 -6.49 1.75 -2.92
CA THR A 52 -7.40 2.80 -3.35
C THR A 52 -6.57 3.97 -3.89
N ALA A 53 -7.16 4.78 -4.77
CA ALA A 53 -6.47 5.93 -5.34
C ALA A 53 -6.11 6.93 -4.25
N ASN A 54 -6.98 7.03 -3.26
CA ASN A 54 -6.74 7.91 -2.12
C ASN A 54 -6.86 7.10 -0.85
N TYR A 55 -5.73 6.89 -0.19
CA TYR A 55 -5.69 6.08 1.03
C TYR A 55 -6.24 6.83 2.23
N ASP A 56 -6.02 8.14 2.29
CA ASP A 56 -6.49 8.94 3.42
C ASP A 56 -7.98 8.77 3.68
N ASP A 57 -8.75 8.62 2.61
CA ASP A 57 -10.20 8.47 2.71
C ASP A 57 -10.64 7.03 3.01
N ASP A 58 -10.37 6.11 2.09
CA ASP A 58 -10.78 4.71 2.23
C ASP A 58 -9.99 3.95 3.28
N ARG A 59 -8.70 4.23 3.38
CA ARG A 59 -7.83 3.57 4.34
C ARG A 59 -7.84 2.04 4.23
N LYS A 60 -7.65 1.57 3.01
CA LYS A 60 -7.55 0.13 2.73
C LYS A 60 -6.19 -0.11 2.10
N TRP A 61 -5.37 -0.87 2.78
CA TRP A 61 -4.00 -1.09 2.34
C TRP A 61 -3.56 -2.55 2.27
N GLY A 62 -2.36 -2.71 1.73
CA GLY A 62 -1.74 -4.02 1.59
C GLY A 62 -0.25 -3.85 1.40
N PHE A 63 0.54 -4.78 1.91
CA PHE A 63 1.99 -4.74 1.81
C PHE A 63 2.47 -4.78 0.35
N CYS A 64 3.74 -4.41 0.18
CA CYS A 64 4.37 -4.38 -1.12
C CYS A 64 4.88 -5.78 -1.47
N PRO A 65 4.63 -6.26 -2.70
CA PRO A 65 5.06 -7.61 -3.15
C PRO A 65 6.55 -7.74 -3.40
N ASP A 66 7.24 -6.73 -2.98
CA ASP A 66 8.69 -6.66 -3.12
C ASP A 66 9.38 -7.25 -1.90
N GLN A 67 8.58 -7.81 -1.01
CA GLN A 67 9.11 -8.42 0.21
C GLN A 67 9.09 -9.94 0.11
N GLY A 68 8.63 -10.59 1.17
CA GLY A 68 8.57 -12.03 1.19
C GLY A 68 7.42 -12.53 2.04
N SER A 9 -1.15 -5.42 -10.71
CA SER A 9 0.27 -5.71 -10.42
C SER A 9 0.55 -7.21 -10.41
N TRP A 10 -0.09 -7.94 -11.33
CA TRP A 10 0.06 -9.40 -11.44
C TRP A 10 -0.47 -10.11 -10.21
N MET A 11 0.38 -10.24 -9.19
CA MET A 11 -0.01 -10.90 -7.95
C MET A 11 -0.80 -9.96 -7.05
N SER A 12 -1.26 -10.50 -5.92
CA SER A 12 -2.04 -9.71 -4.97
C SER A 12 -1.12 -9.12 -3.90
N THR A 13 -1.71 -8.50 -2.89
CA THR A 13 -0.94 -7.88 -1.83
C THR A 13 -0.61 -8.85 -0.71
N VAL A 14 0.08 -8.32 0.28
CA VAL A 14 0.47 -9.05 1.48
C VAL A 14 0.00 -8.21 2.65
N GLY A 15 0.39 -8.58 3.86
CA GLY A 15 0.02 -7.80 5.04
C GLY A 15 -1.38 -7.23 4.97
N GLY A 16 -1.46 -5.90 5.05
CA GLY A 16 -2.70 -5.13 4.96
C GLY A 16 -3.96 -5.85 5.37
N ASN A 17 -5.00 -5.66 4.54
CA ASN A 17 -6.30 -6.27 4.76
C ASN A 17 -7.09 -6.28 3.46
N SER A 18 -6.40 -6.61 2.37
CA SER A 18 -7.02 -6.67 1.06
C SER A 18 -7.23 -8.11 0.62
N GLY A 19 -6.23 -8.94 0.87
CA GLY A 19 -6.30 -10.34 0.51
C GLY A 19 -5.93 -10.60 -0.94
N GLY A 20 -6.87 -10.33 -1.85
CA GLY A 20 -6.60 -10.55 -3.26
C GLY A 20 -6.77 -9.28 -4.09
N ALA A 21 -6.46 -8.13 -3.51
CA ALA A 21 -6.56 -6.88 -4.23
C ALA A 21 -5.18 -6.32 -4.53
N PRO A 22 -4.99 -5.67 -5.68
CA PRO A 22 -3.70 -5.10 -6.07
C PRO A 22 -3.50 -3.69 -5.52
N CYS A 23 -2.28 -3.19 -5.60
CA CYS A 23 -1.98 -1.84 -5.11
C CYS A 23 -2.23 -0.81 -6.21
N VAL A 24 -2.93 0.27 -5.85
CA VAL A 24 -3.23 1.34 -6.80
C VAL A 24 -2.21 2.46 -6.70
N PHE A 25 -1.60 2.80 -7.83
CA PHE A 25 -0.61 3.85 -7.88
C PHE A 25 -1.03 4.93 -8.87
N PRO A 26 -0.82 6.20 -8.50
CA PRO A 26 -0.24 6.59 -7.23
C PRO A 26 -1.28 6.71 -6.13
N PHE A 27 -1.00 6.14 -4.97
CA PHE A 27 -1.93 6.24 -3.85
C PHE A 27 -1.45 7.33 -2.91
N THR A 28 -2.34 8.22 -2.55
CA THR A 28 -1.96 9.32 -1.68
C THR A 28 -2.17 8.98 -0.21
N PHE A 29 -1.09 9.15 0.55
CA PHE A 29 -1.12 8.89 1.98
C PHE A 29 -0.51 10.10 2.68
N LEU A 30 -1.09 10.46 3.83
CA LEU A 30 -0.65 11.55 4.64
C LEU A 30 -0.27 12.80 3.82
N GLY A 31 -1.02 13.05 2.75
CA GLY A 31 -0.76 14.22 1.92
C GLY A 31 0.25 14.00 0.80
N ASN A 32 0.88 12.83 0.75
CA ASN A 32 1.88 12.56 -0.29
C ASN A 32 1.41 11.50 -1.27
N LYS A 33 1.63 11.74 -2.55
CA LYS A 33 1.26 10.80 -3.59
C LYS A 33 2.32 9.70 -3.68
N TYR A 34 1.91 8.47 -3.52
CA TYR A 34 2.86 7.37 -3.54
C TYR A 34 2.77 6.59 -4.83
N GLU A 35 3.81 6.72 -5.62
CA GLU A 35 3.91 6.07 -6.90
C GLU A 35 4.54 4.70 -6.75
N SER A 36 5.22 4.50 -5.65
CA SER A 36 5.85 3.24 -5.34
C SER A 36 5.39 2.82 -3.95
N CYS A 37 5.86 1.69 -3.47
CA CYS A 37 5.48 1.25 -2.15
C CYS A 37 6.05 2.19 -1.11
N THR A 38 5.42 2.22 0.04
CA THR A 38 5.82 3.08 1.13
C THR A 38 5.91 2.27 2.42
N SER A 39 6.40 2.91 3.45
CA SER A 39 6.48 2.29 4.76
C SER A 39 5.81 3.23 5.74
N ALA A 40 5.00 4.15 5.16
CA ALA A 40 4.26 5.15 5.91
C ALA A 40 3.24 4.51 6.83
N GLY A 41 2.93 5.19 7.92
CA GLY A 41 1.96 4.70 8.86
C GLY A 41 2.49 3.56 9.73
N ARG A 42 3.74 3.17 9.51
CA ARG A 42 4.30 2.09 10.28
C ARG A 42 5.48 2.57 11.12
N SER A 43 6.17 1.64 11.76
CA SER A 43 7.30 1.98 12.60
C SER A 43 8.54 1.13 12.30
N ASP A 44 8.37 -0.12 11.83
CA ASP A 44 9.51 -0.98 11.55
C ASP A 44 9.96 -0.84 10.10
N GLY A 45 9.44 -1.68 9.23
CA GLY A 45 9.85 -1.59 7.85
C GLY A 45 9.09 -2.47 6.85
N LYS A 46 7.85 -2.85 7.14
CA LYS A 46 7.09 -3.66 6.20
C LYS A 46 6.44 -2.76 5.17
N MET A 47 7.18 -2.45 4.12
CA MET A 47 6.68 -1.58 3.09
C MET A 47 5.41 -2.15 2.46
N TRP A 48 4.44 -1.28 2.25
CA TRP A 48 3.17 -1.66 1.69
C TRP A 48 2.73 -0.69 0.59
N CYS A 49 1.49 -0.83 0.17
CA CYS A 49 0.90 0.02 -0.85
C CYS A 49 -0.63 -0.07 -0.74
N ALA A 50 -1.30 1.07 -0.87
CA ALA A 50 -2.75 1.08 -0.75
C ALA A 50 -3.40 0.39 -1.93
N THR A 51 -4.60 -0.10 -1.72
CA THR A 51 -5.35 -0.78 -2.76
C THR A 51 -6.42 0.16 -3.31
N THR A 52 -6.28 1.42 -2.95
CA THR A 52 -7.19 2.48 -3.39
C THR A 52 -6.37 3.67 -3.86
N ALA A 53 -6.95 4.47 -4.76
CA ALA A 53 -6.24 5.65 -5.29
C ALA A 53 -5.89 6.61 -4.16
N ASN A 54 -6.78 6.74 -3.19
CA ASN A 54 -6.56 7.60 -2.05
C ASN A 54 -6.67 6.76 -0.78
N TYR A 55 -5.55 6.54 -0.12
CA TYR A 55 -5.52 5.73 1.09
C TYR A 55 -6.09 6.46 2.31
N ASP A 56 -5.87 7.76 2.36
CA ASP A 56 -6.34 8.58 3.48
C ASP A 56 -7.85 8.47 3.68
N ASP A 57 -8.57 8.27 2.59
CA ASP A 57 -10.03 8.16 2.65
C ASP A 57 -10.51 6.73 2.87
N ASP A 58 -10.20 5.84 1.94
CA ASP A 58 -10.65 4.44 2.01
C ASP A 58 -9.90 3.61 3.05
N ARG A 59 -8.66 3.96 3.34
CA ARG A 59 -7.83 3.26 4.31
C ARG A 59 -7.80 1.75 4.13
N LYS A 60 -7.56 1.32 2.91
CA LYS A 60 -7.42 -0.10 2.60
C LYS A 60 -6.04 -0.31 2.01
N TRP A 61 -5.24 -1.10 2.71
CA TRP A 61 -3.86 -1.31 2.31
C TRP A 61 -3.45 -2.77 2.21
N GLY A 62 -2.20 -2.94 1.81
CA GLY A 62 -1.60 -4.25 1.66
C GLY A 62 -0.11 -4.11 1.49
N PHE A 63 0.67 -5.07 1.98
CA PHE A 63 2.12 -5.01 1.88
C PHE A 63 2.60 -5.03 0.43
N CYS A 64 3.82 -4.52 0.25
CA CYS A 64 4.44 -4.46 -1.07
C CYS A 64 4.89 -5.85 -1.49
N PRO A 65 4.63 -6.25 -2.75
CA PRO A 65 5.00 -7.57 -3.25
C PRO A 65 6.48 -7.71 -3.57
N ASP A 66 7.19 -6.69 -3.22
CA ASP A 66 8.63 -6.62 -3.43
C ASP A 66 9.27 -5.74 -2.38
N GLN A 67 9.81 -6.36 -1.34
CA GLN A 67 10.45 -5.62 -0.27
C GLN A 67 11.95 -5.91 -0.23
N GLY A 68 12.61 -5.65 -1.34
CA GLY A 68 14.05 -5.88 -1.43
C GLY A 68 14.77 -4.71 -2.04
N SER A 9 4.52 -8.91 -14.44
CA SER A 9 3.99 -8.30 -13.20
C SER A 9 4.10 -9.26 -12.03
N TRP A 10 3.68 -8.81 -10.85
CA TRP A 10 3.75 -9.63 -9.65
C TRP A 10 2.36 -9.91 -9.11
N MET A 11 2.29 -10.59 -7.96
CA MET A 11 1.01 -10.92 -7.34
C MET A 11 0.44 -9.72 -6.60
N SER A 12 -0.59 -9.96 -5.79
CA SER A 12 -1.24 -8.93 -5.02
C SER A 12 -0.44 -8.55 -3.77
N THR A 13 -1.10 -7.88 -2.84
CA THR A 13 -0.48 -7.43 -1.61
C THR A 13 -0.03 -8.59 -0.70
N VAL A 14 0.74 -8.27 0.34
CA VAL A 14 1.26 -9.28 1.27
C VAL A 14 0.93 -8.91 2.70
N GLY A 15 0.17 -7.88 2.79
CA GLY A 15 -0.22 -7.36 4.07
C GLY A 15 -1.51 -6.60 3.99
N GLY A 16 -1.70 -5.68 4.92
CA GLY A 16 -2.90 -4.88 4.91
C GLY A 16 -4.12 -5.66 5.33
N ASN A 17 -5.28 -5.06 5.12
CA ASN A 17 -6.55 -5.71 5.45
C ASN A 17 -7.25 -6.19 4.18
N SER A 18 -6.63 -5.92 3.04
CA SER A 18 -7.18 -6.34 1.77
C SER A 18 -6.68 -7.74 1.44
N GLY A 19 -5.36 -7.88 1.31
CA GLY A 19 -4.77 -9.17 1.04
C GLY A 19 -4.79 -9.57 -0.42
N GLY A 20 -5.97 -9.73 -0.98
CA GLY A 20 -6.08 -10.14 -2.37
C GLY A 20 -6.18 -8.99 -3.34
N ALA A 21 -6.53 -7.79 -2.85
CA ALA A 21 -6.64 -6.64 -3.73
C ALA A 21 -5.28 -6.05 -4.07
N PRO A 22 -5.10 -5.64 -5.33
CA PRO A 22 -3.86 -5.05 -5.82
C PRO A 22 -3.72 -3.59 -5.38
N CYS A 23 -2.51 -3.05 -5.49
CA CYS A 23 -2.26 -1.67 -5.11
C CYS A 23 -2.56 -0.72 -6.27
N VAL A 24 -3.11 0.45 -5.97
CA VAL A 24 -3.44 1.43 -6.99
C VAL A 24 -2.49 2.63 -6.92
N PHE A 25 -1.79 2.88 -8.02
CA PHE A 25 -0.86 3.99 -8.10
C PHE A 25 -1.26 4.98 -9.17
N PRO A 26 -1.04 6.28 -8.91
CA PRO A 26 -0.47 6.74 -7.66
C PRO A 26 -1.53 6.96 -6.58
N PHE A 27 -1.23 6.59 -5.35
CA PHE A 27 -2.18 6.82 -4.29
C PHE A 27 -1.72 8.01 -3.47
N THR A 28 -2.40 8.30 -2.39
CA THR A 28 -2.02 9.43 -1.57
C THR A 28 -2.18 9.11 -0.08
N PHE A 29 -1.10 9.33 0.67
CA PHE A 29 -1.10 9.09 2.10
C PHE A 29 -0.51 10.32 2.79
N LEU A 30 -1.02 10.64 3.97
CA LEU A 30 -0.57 11.73 4.79
C LEU A 30 -0.18 12.99 3.99
N GLY A 31 -0.90 13.24 2.90
CA GLY A 31 -0.65 14.41 2.08
C GLY A 31 0.39 14.21 0.97
N ASN A 32 1.01 13.03 0.89
CA ASN A 32 2.00 12.77 -0.13
C ASN A 32 1.50 11.77 -1.17
N LYS A 33 1.81 12.04 -2.43
CA LYS A 33 1.42 11.19 -3.52
C LYS A 33 2.37 9.99 -3.60
N TYR A 34 1.84 8.78 -3.50
CA TYR A 34 2.68 7.60 -3.54
C TYR A 34 2.50 6.86 -4.84
N GLU A 35 3.51 6.96 -5.66
CA GLU A 35 3.54 6.33 -6.97
C GLU A 35 4.18 4.95 -6.86
N SER A 36 4.85 4.74 -5.75
CA SER A 36 5.50 3.48 -5.47
C SER A 36 5.07 3.02 -4.09
N CYS A 37 5.58 1.90 -3.62
CA CYS A 37 5.24 1.43 -2.29
C CYS A 37 5.77 2.39 -1.26
N THR A 38 5.27 2.26 -0.05
CA THR A 38 5.68 3.14 1.03
C THR A 38 5.77 2.34 2.32
N SER A 39 6.22 2.99 3.37
CA SER A 39 6.31 2.37 4.67
C SER A 39 5.62 3.29 5.68
N ALA A 40 4.80 4.18 5.12
CA ALA A 40 4.04 5.17 5.89
C ALA A 40 3.00 4.50 6.77
N GLY A 41 2.65 5.18 7.86
CA GLY A 41 1.65 4.67 8.78
C GLY A 41 2.12 3.50 9.61
N ARG A 42 3.36 3.06 9.43
CA ARG A 42 3.86 1.93 10.20
C ARG A 42 4.95 2.37 11.18
N SER A 43 5.52 1.39 11.87
CA SER A 43 6.56 1.67 12.86
C SER A 43 7.80 0.79 12.69
N ASP A 44 7.71 -0.30 11.92
CA ASP A 44 8.85 -1.19 11.74
C ASP A 44 9.42 -1.06 10.34
N GLY A 45 9.02 -1.95 9.44
CA GLY A 45 9.54 -1.88 8.10
C GLY A 45 8.90 -2.79 7.07
N LYS A 46 7.57 -2.95 7.10
CA LYS A 46 6.89 -3.76 6.13
C LYS A 46 6.28 -2.86 5.06
N MET A 47 7.06 -2.49 4.05
CA MET A 47 6.58 -1.59 3.01
C MET A 47 5.31 -2.14 2.34
N TRP A 48 4.37 -1.25 2.12
CA TRP A 48 3.09 -1.60 1.54
C TRP A 48 2.69 -0.62 0.44
N CYS A 49 1.42 -0.69 0.07
CA CYS A 49 0.84 0.20 -0.94
C CYS A 49 -0.68 0.15 -0.82
N ALA A 50 -1.34 1.28 -1.07
CA ALA A 50 -2.79 1.34 -0.95
C ALA A 50 -3.46 0.58 -2.07
N THR A 51 -4.63 0.04 -1.78
CA THR A 51 -5.38 -0.71 -2.76
C THR A 51 -6.45 0.19 -3.38
N THR A 52 -6.38 1.48 -3.03
CA THR A 52 -7.28 2.49 -3.55
C THR A 52 -6.48 3.67 -4.08
N ALA A 53 -7.06 4.45 -5.00
CA ALA A 53 -6.38 5.60 -5.57
C ALA A 53 -6.07 6.63 -4.50
N ASN A 54 -6.92 6.71 -3.50
CA ASN A 54 -6.72 7.62 -2.38
C ASN A 54 -6.82 6.84 -1.09
N TYR A 55 -5.70 6.69 -0.41
CA TYR A 55 -5.65 5.93 0.82
C TYR A 55 -6.21 6.72 2.00
N ASP A 56 -5.98 8.02 2.02
CA ASP A 56 -6.46 8.88 3.10
C ASP A 56 -7.97 8.72 3.34
N ASP A 57 -8.68 8.40 2.27
CA ASP A 57 -10.13 8.23 2.33
C ASP A 57 -10.54 6.83 2.76
N ASP A 58 -10.33 5.86 1.87
CA ASP A 58 -10.73 4.47 2.12
C ASP A 58 -9.86 3.75 3.13
N ARG A 59 -8.59 4.14 3.22
CA ARG A 59 -7.64 3.53 4.15
C ARG A 59 -7.60 2.01 4.06
N LYS A 60 -7.52 1.53 2.83
CA LYS A 60 -7.42 0.09 2.57
C LYS A 60 -6.04 -0.16 1.97
N TRP A 61 -5.25 -0.96 2.66
CA TRP A 61 -3.87 -1.19 2.26
C TRP A 61 -3.48 -2.66 2.18
N GLY A 62 -2.23 -2.85 1.76
CA GLY A 62 -1.62 -4.17 1.63
C GLY A 62 -0.15 -4.01 1.32
N PHE A 63 0.66 -4.98 1.74
CA PHE A 63 2.11 -4.92 1.54
C PHE A 63 2.53 -4.88 0.09
N CYS A 64 3.75 -4.40 -0.12
CA CYS A 64 4.35 -4.31 -1.44
C CYS A 64 4.63 -5.71 -1.96
N PRO A 65 4.47 -5.96 -3.27
CA PRO A 65 4.71 -7.28 -3.86
C PRO A 65 6.18 -7.69 -3.86
N ASP A 66 6.55 -8.46 -4.87
CA ASP A 66 7.94 -8.94 -4.99
C ASP A 66 8.89 -7.77 -5.18
N GLN A 67 9.62 -7.44 -4.13
CA GLN A 67 10.56 -6.32 -4.17
C GLN A 67 11.87 -6.72 -4.85
N GLY A 68 12.65 -5.72 -5.25
CA GLY A 68 13.91 -5.98 -5.92
C GLY A 68 14.92 -4.89 -5.67
N SER A 9 3.38 -8.26 -12.69
CA SER A 9 2.03 -7.62 -12.66
C SER A 9 1.40 -7.67 -11.27
N TRP A 10 2.22 -7.98 -10.25
CA TRP A 10 1.80 -8.07 -8.85
C TRP A 10 0.94 -9.31 -8.61
N MET A 11 1.29 -10.06 -7.58
CA MET A 11 0.53 -11.24 -7.20
C MET A 11 -0.34 -10.92 -5.99
N SER A 12 -1.09 -9.82 -6.14
CA SER A 12 -1.95 -9.32 -5.09
C SER A 12 -1.08 -8.73 -3.98
N THR A 13 -1.67 -8.45 -2.84
CA THR A 13 -0.93 -7.86 -1.74
C THR A 13 -0.80 -8.81 -0.56
N VAL A 14 0.12 -8.49 0.33
CA VAL A 14 0.33 -9.23 1.55
C VAL A 14 -0.26 -8.39 2.66
N GLY A 15 0.05 -8.73 3.89
CA GLY A 15 -0.43 -7.94 5.02
C GLY A 15 -1.86 -7.45 4.85
N GLY A 16 -2.02 -6.13 4.95
CA GLY A 16 -3.30 -5.46 4.75
C GLY A 16 -4.52 -6.19 5.27
N ASN A 17 -5.63 -5.97 4.58
CA ASN A 17 -6.90 -6.57 4.93
C ASN A 17 -7.73 -6.83 3.68
N SER A 18 -7.50 -6.03 2.64
CA SER A 18 -8.23 -6.14 1.38
C SER A 18 -8.29 -7.60 0.90
N GLY A 19 -7.12 -8.19 0.68
CA GLY A 19 -7.04 -9.58 0.25
C GLY A 19 -7.64 -9.82 -1.13
N GLY A 20 -6.85 -9.55 -2.16
CA GLY A 20 -7.34 -9.77 -3.51
C GLY A 20 -7.22 -8.53 -4.38
N ALA A 21 -7.23 -7.37 -3.74
CA ALA A 21 -7.11 -6.13 -4.48
C ALA A 21 -5.66 -5.75 -4.69
N PRO A 22 -5.33 -5.20 -5.86
CA PRO A 22 -3.96 -4.79 -6.18
C PRO A 22 -3.68 -3.39 -5.66
N CYS A 23 -2.40 -3.01 -5.64
CA CYS A 23 -2.03 -1.68 -5.17
C CYS A 23 -2.39 -0.63 -6.22
N VAL A 24 -3.24 0.32 -5.85
CA VAL A 24 -3.63 1.37 -6.79
C VAL A 24 -2.70 2.57 -6.67
N PHE A 25 -1.82 2.72 -7.64
CA PHE A 25 -0.87 3.82 -7.66
C PHE A 25 -1.35 4.92 -8.59
N PRO A 26 -1.19 6.18 -8.18
CA PRO A 26 -0.60 6.54 -6.90
C PRO A 26 -1.62 6.59 -5.77
N PHE A 27 -1.34 5.89 -4.69
CA PHE A 27 -2.24 5.91 -3.55
C PHE A 27 -1.81 7.00 -2.60
N THR A 28 -2.73 7.87 -2.24
CA THR A 28 -2.40 8.97 -1.39
C THR A 28 -2.59 8.64 0.09
N PHE A 29 -1.50 8.79 0.83
CA PHE A 29 -1.49 8.56 2.26
C PHE A 29 -0.89 9.78 2.92
N LEU A 30 -1.41 10.15 4.08
CA LEU A 30 -0.96 11.27 4.85
C LEU A 30 -0.68 12.51 3.99
N GLY A 31 -1.50 12.70 2.96
CA GLY A 31 -1.35 13.84 2.08
C GLY A 31 -0.38 13.62 0.92
N ASN A 32 0.33 12.50 0.89
CA ASN A 32 1.28 12.24 -0.18
C ASN A 32 0.80 11.14 -1.12
N LYS A 33 0.89 11.39 -2.41
CA LYS A 33 0.49 10.44 -3.41
C LYS A 33 1.64 9.47 -3.65
N TYR A 34 1.42 8.19 -3.39
CA TYR A 34 2.46 7.21 -3.55
C TYR A 34 2.36 6.45 -4.85
N GLU A 35 3.31 6.70 -5.70
CA GLU A 35 3.39 6.07 -7.00
C GLU A 35 4.04 4.70 -6.90
N SER A 36 4.72 4.49 -5.80
CA SER A 36 5.39 3.24 -5.52
C SER A 36 5.02 2.80 -4.11
N CYS A 37 5.64 1.74 -3.61
CA CYS A 37 5.35 1.27 -2.27
C CYS A 37 5.76 2.32 -1.25
N THR A 38 5.29 2.15 -0.04
CA THR A 38 5.61 3.06 1.04
C THR A 38 5.73 2.27 2.33
N SER A 39 6.19 2.94 3.34
CA SER A 39 6.31 2.35 4.66
C SER A 39 5.62 3.28 5.65
N ALA A 40 4.77 4.14 5.08
CA ALA A 40 4.00 5.12 5.83
C ALA A 40 3.07 4.45 6.81
N GLY A 41 2.99 5.00 8.02
CA GLY A 41 2.13 4.43 9.03
C GLY A 41 2.71 3.16 9.62
N ARG A 42 3.85 2.73 9.09
CA ARG A 42 4.51 1.53 9.57
C ARG A 42 5.84 1.87 10.22
N SER A 43 6.86 2.05 9.37
CA SER A 43 8.21 2.35 9.84
C SER A 43 8.70 1.27 10.79
N ASP A 44 8.25 0.04 10.54
CA ASP A 44 8.61 -1.10 11.37
C ASP A 44 9.49 -2.06 10.59
N GLY A 45 9.30 -2.05 9.29
CA GLY A 45 10.08 -2.90 8.42
C GLY A 45 9.41 -3.18 7.09
N LYS A 46 8.29 -3.91 7.13
CA LYS A 46 7.55 -4.27 5.94
C LYS A 46 6.94 -3.05 5.25
N MET A 47 7.09 -2.99 3.94
CA MET A 47 6.52 -1.92 3.17
C MET A 47 5.20 -2.38 2.57
N TRP A 48 4.31 -1.45 2.30
CA TRP A 48 3.00 -1.81 1.77
C TRP A 48 2.57 -0.89 0.62
N CYS A 49 1.32 -1.09 0.21
CA CYS A 49 0.69 -0.33 -0.87
C CYS A 49 -0.82 -0.34 -0.65
N ALA A 50 -1.50 0.77 -0.96
CA ALA A 50 -2.95 0.80 -0.78
C ALA A 50 -3.64 0.15 -1.95
N THR A 51 -4.87 -0.28 -1.72
CA THR A 51 -5.63 -0.92 -2.77
C THR A 51 -6.75 0.01 -3.25
N THR A 52 -6.60 1.28 -2.91
CA THR A 52 -7.53 2.32 -3.30
C THR A 52 -6.74 3.55 -3.73
N ALA A 53 -7.27 4.32 -4.67
CA ALA A 53 -6.58 5.51 -5.16
C ALA A 53 -6.25 6.46 -4.02
N ASN A 54 -7.20 6.63 -3.11
CA ASN A 54 -7.01 7.48 -1.95
C ASN A 54 -7.07 6.64 -0.69
N TYR A 55 -5.91 6.40 -0.10
CA TYR A 55 -5.83 5.58 1.10
C TYR A 55 -6.29 6.35 2.33
N ASP A 56 -6.12 7.67 2.32
CA ASP A 56 -6.50 8.50 3.45
C ASP A 56 -7.98 8.36 3.82
N ASP A 57 -8.83 8.16 2.82
CA ASP A 57 -10.27 8.04 3.05
C ASP A 57 -10.75 6.60 3.16
N ASP A 58 -10.43 5.78 2.17
CA ASP A 58 -10.89 4.39 2.14
C ASP A 58 -10.05 3.45 3.00
N ARG A 59 -8.84 3.87 3.33
CA ARG A 59 -7.91 3.11 4.17
C ARG A 59 -7.91 1.59 3.94
N LYS A 60 -7.67 1.18 2.70
CA LYS A 60 -7.55 -0.23 2.36
C LYS A 60 -6.15 -0.48 1.84
N TRP A 61 -5.42 -1.34 2.51
CA TRP A 61 -4.03 -1.56 2.15
C TRP A 61 -3.62 -3.03 2.05
N GLY A 62 -2.36 -3.21 1.66
CA GLY A 62 -1.75 -4.52 1.51
C GLY A 62 -0.25 -4.38 1.42
N PHE A 63 0.49 -5.35 1.93
CA PHE A 63 1.94 -5.30 1.92
C PHE A 63 2.50 -5.47 0.50
N CYS A 64 3.74 -5.03 0.32
CA CYS A 64 4.43 -5.15 -0.96
C CYS A 64 5.28 -6.43 -0.94
N PRO A 65 5.89 -6.83 -2.09
CA PRO A 65 6.70 -8.07 -2.17
C PRO A 65 7.95 -8.07 -1.31
N ASP A 66 8.10 -7.01 -0.57
CA ASP A 66 9.21 -6.80 0.37
C ASP A 66 10.58 -6.74 -0.34
N GLN A 67 11.49 -5.99 0.26
CA GLN A 67 12.83 -5.80 -0.28
C GLN A 67 13.68 -7.05 -0.09
N GLY A 68 13.59 -7.66 1.08
CA GLY A 68 14.36 -8.85 1.35
C GLY A 68 14.65 -9.03 2.83
N SER A 9 -5.23 -9.50 -10.00
CA SER A 9 -3.89 -9.41 -10.60
C SER A 9 -2.97 -10.48 -10.01
N TRP A 10 -1.75 -10.56 -10.54
CA TRP A 10 -0.78 -11.55 -10.06
C TRP A 10 -0.06 -11.02 -8.82
N MET A 11 0.37 -9.75 -8.88
CA MET A 11 1.06 -9.13 -7.77
C MET A 11 0.09 -8.53 -6.76
N SER A 12 -0.43 -9.37 -5.88
CA SER A 12 -1.38 -8.92 -4.86
C SER A 12 -0.65 -8.48 -3.60
N THR A 13 -1.37 -7.88 -2.67
CA THR A 13 -0.78 -7.40 -1.44
C THR A 13 -0.64 -8.47 -0.36
N VAL A 14 -0.05 -8.05 0.75
CA VAL A 14 0.17 -8.87 1.93
C VAL A 14 -0.20 -8.01 3.12
N GLY A 15 0.24 -8.42 4.29
CA GLY A 15 0.02 -7.64 5.51
C GLY A 15 -1.40 -7.09 5.69
N GLY A 16 -1.59 -5.90 5.12
CA GLY A 16 -2.85 -5.15 5.15
C GLY A 16 -4.14 -5.96 5.10
N ASN A 17 -5.22 -5.30 5.51
CA ASN A 17 -6.54 -5.92 5.55
C ASN A 17 -7.19 -6.10 4.17
N SER A 18 -6.59 -5.54 3.13
CA SER A 18 -7.15 -5.66 1.80
C SER A 18 -7.00 -7.09 1.27
N GLY A 19 -6.10 -7.86 1.87
CA GLY A 19 -5.89 -9.22 1.45
C GLY A 19 -5.13 -9.33 0.15
N GLY A 20 -5.84 -9.66 -0.93
CA GLY A 20 -5.20 -9.78 -2.23
C GLY A 20 -5.62 -8.69 -3.19
N ALA A 21 -5.63 -7.45 -2.73
CA ALA A 21 -6.00 -6.35 -3.59
C ALA A 21 -4.78 -5.72 -4.23
N PRO A 22 -4.92 -5.19 -5.45
CA PRO A 22 -3.81 -4.56 -6.17
C PRO A 22 -3.52 -3.16 -5.64
N CYS A 23 -2.24 -2.78 -5.60
CA CYS A 23 -1.87 -1.46 -5.13
C CYS A 23 -2.25 -0.42 -6.18
N VAL A 24 -3.15 0.50 -5.83
CA VAL A 24 -3.57 1.53 -6.76
C VAL A 24 -2.58 2.70 -6.77
N PHE A 25 -1.83 2.83 -7.85
CA PHE A 25 -0.86 3.91 -7.96
C PHE A 25 -1.34 4.97 -8.95
N PRO A 26 -1.15 6.25 -8.62
CA PRO A 26 -0.52 6.67 -7.38
C PRO A 26 -1.52 6.73 -6.23
N PHE A 27 -1.15 6.19 -5.08
CA PHE A 27 -2.05 6.22 -3.92
C PHE A 27 -1.57 7.28 -2.96
N THR A 28 -2.49 8.07 -2.43
CA THR A 28 -2.11 9.12 -1.53
C THR A 28 -2.30 8.68 -0.08
N PHE A 29 -1.22 8.70 0.68
CA PHE A 29 -1.28 8.34 2.09
C PHE A 29 -1.02 9.56 2.92
N LEU A 30 -1.88 9.75 3.89
CA LEU A 30 -1.79 10.81 4.86
C LEU A 30 -1.20 12.10 4.30
N GLY A 31 -1.68 12.46 3.12
CA GLY A 31 -1.25 13.70 2.48
C GLY A 31 -0.26 13.57 1.33
N ASN A 32 0.48 12.47 1.19
CA ASN A 32 1.45 12.36 0.11
C ASN A 32 1.02 11.38 -0.95
N LYS A 33 1.36 11.65 -2.21
CA LYS A 33 1.04 10.79 -3.32
C LYS A 33 2.15 9.76 -3.50
N TYR A 34 1.80 8.48 -3.51
CA TYR A 34 2.78 7.44 -3.64
C TYR A 34 2.63 6.70 -4.96
N GLU A 35 3.66 6.81 -5.76
CA GLU A 35 3.71 6.17 -7.06
C GLU A 35 4.33 4.79 -6.93
N SER A 36 5.08 4.63 -5.87
CA SER A 36 5.74 3.37 -5.57
C SER A 36 5.31 2.91 -4.19
N CYS A 37 5.87 1.81 -3.71
CA CYS A 37 5.51 1.32 -2.39
C CYS A 37 5.95 2.31 -1.32
N THR A 38 5.49 2.07 -0.11
CA THR A 38 5.83 2.93 1.00
C THR A 38 5.90 2.10 2.27
N SER A 39 6.27 2.75 3.34
CA SER A 39 6.33 2.12 4.64
C SER A 39 5.79 3.15 5.63
N ALA A 40 4.95 4.02 5.07
CA ALA A 40 4.30 5.11 5.78
C ALA A 40 3.36 4.62 6.86
N GLY A 41 3.38 5.30 8.01
CA GLY A 41 2.53 4.93 9.11
C GLY A 41 3.01 3.71 9.85
N ARG A 42 4.06 3.07 9.34
CA ARG A 42 4.58 1.88 9.98
C ARG A 42 5.74 2.20 10.90
N SER A 43 5.88 1.39 11.94
CA SER A 43 6.95 1.57 12.91
C SER A 43 7.83 0.33 12.98
N ASP A 44 7.54 -0.65 12.14
CA ASP A 44 8.31 -1.88 12.10
C ASP A 44 9.37 -1.83 11.02
N GLY A 45 8.93 -2.04 9.79
CA GLY A 45 9.83 -2.01 8.68
C GLY A 45 9.24 -2.60 7.41
N LYS A 46 8.06 -3.23 7.53
CA LYS A 46 7.42 -3.83 6.36
C LYS A 46 6.96 -2.75 5.40
N MET A 47 7.13 -2.99 4.11
CA MET A 47 6.69 -2.03 3.13
C MET A 47 5.32 -2.45 2.60
N TRP A 48 4.48 -1.48 2.33
CA TRP A 48 3.13 -1.75 1.86
C TRP A 48 2.72 -0.81 0.72
N CYS A 49 1.44 -0.81 0.42
CA CYS A 49 0.86 0.02 -0.63
C CYS A 49 -0.64 0.16 -0.39
N ALA A 50 -1.22 1.28 -0.77
CA ALA A 50 -2.65 1.45 -0.61
C ALA A 50 -3.36 0.77 -1.75
N THR A 51 -4.50 0.18 -1.46
CA THR A 51 -5.26 -0.52 -2.48
C THR A 51 -6.42 0.34 -2.98
N THR A 52 -6.32 1.62 -2.68
CA THR A 52 -7.31 2.60 -3.10
C THR A 52 -6.58 3.85 -3.61
N ALA A 53 -7.22 4.59 -4.52
CA ALA A 53 -6.61 5.80 -5.08
C ALA A 53 -6.30 6.81 -3.98
N ASN A 54 -7.20 6.92 -3.01
CA ASN A 54 -7.01 7.82 -1.89
C ASN A 54 -7.07 7.01 -0.60
N TYR A 55 -5.94 6.87 0.05
CA TYR A 55 -5.87 6.10 1.28
C TYR A 55 -6.46 6.87 2.45
N ASP A 56 -6.27 8.19 2.46
CA ASP A 56 -6.78 9.04 3.55
C ASP A 56 -8.25 8.75 3.87
N ASP A 57 -9.04 8.49 2.84
CA ASP A 57 -10.47 8.23 3.02
C ASP A 57 -10.79 6.76 3.32
N ASP A 58 -10.50 5.87 2.38
CA ASP A 58 -10.83 4.44 2.52
C ASP A 58 -9.87 3.68 3.44
N ARG A 59 -8.65 4.17 3.59
CA ARG A 59 -7.63 3.56 4.43
C ARG A 59 -7.56 2.04 4.29
N LYS A 60 -7.46 1.59 3.04
CA LYS A 60 -7.32 0.17 2.75
C LYS A 60 -5.92 -0.06 2.26
N TRP A 61 -5.19 -0.89 2.98
CA TRP A 61 -3.79 -1.12 2.67
C TRP A 61 -3.40 -2.58 2.61
N GLY A 62 -2.16 -2.80 2.18
CA GLY A 62 -1.60 -4.13 2.09
C GLY A 62 -0.12 -4.06 1.78
N PHE A 63 0.66 -5.00 2.30
CA PHE A 63 2.10 -5.04 2.08
C PHE A 63 2.42 -5.23 0.61
N CYS A 64 3.63 -4.85 0.22
CA CYS A 64 4.08 -5.01 -1.15
C CYS A 64 4.71 -6.39 -1.35
N PRO A 65 4.63 -6.92 -2.60
CA PRO A 65 5.18 -8.26 -2.91
C PRO A 65 6.69 -8.33 -2.94
N ASP A 66 7.28 -7.24 -2.56
CA ASP A 66 8.73 -7.10 -2.50
C ASP A 66 9.20 -7.32 -1.07
N GLN A 67 9.77 -8.49 -0.81
CA GLN A 67 10.25 -8.82 0.53
C GLN A 67 11.76 -9.02 0.53
N GLY A 68 12.48 -8.18 -0.22
CA GLY A 68 13.93 -8.30 -0.28
C GLY A 68 14.59 -6.98 -0.57
N SER A 9 5.49 -4.82 -12.97
CA SER A 9 4.98 -6.06 -12.34
C SER A 9 3.55 -5.88 -11.84
N TRP A 10 2.75 -6.93 -11.96
CA TRP A 10 1.35 -6.90 -11.53
C TRP A 10 1.04 -8.10 -10.65
N MET A 11 1.36 -7.98 -9.36
CA MET A 11 1.14 -9.06 -8.43
C MET A 11 0.05 -8.69 -7.41
N SER A 12 -0.38 -9.66 -6.63
CA SER A 12 -1.39 -9.43 -5.62
C SER A 12 -0.72 -8.94 -4.33
N THR A 13 -1.51 -8.71 -3.28
CA THR A 13 -0.94 -8.23 -2.03
C THR A 13 -0.80 -9.31 -0.96
N VAL A 14 -0.11 -8.91 0.09
CA VAL A 14 0.17 -9.71 1.25
C VAL A 14 -0.03 -8.78 2.43
N GLY A 15 -0.15 -9.27 3.64
CA GLY A 15 -0.34 -8.34 4.74
C GLY A 15 -1.67 -7.62 4.64
N GLY A 16 -1.70 -6.38 5.14
CA GLY A 16 -2.90 -5.55 5.07
C GLY A 16 -4.15 -6.25 5.57
N ASN A 17 -5.27 -5.89 4.95
CA ASN A 17 -6.58 -6.46 5.29
C ASN A 17 -7.34 -6.82 4.03
N SER A 18 -7.08 -6.09 2.95
CA SER A 18 -7.73 -6.34 1.66
C SER A 18 -7.57 -7.80 1.24
N GLY A 19 -6.40 -8.37 1.51
CA GLY A 19 -6.15 -9.75 1.16
C GLY A 19 -5.17 -9.91 0.03
N GLY A 20 -5.65 -9.85 -1.20
CA GLY A 20 -4.79 -9.99 -2.35
C GLY A 20 -5.16 -9.06 -3.48
N ALA A 21 -5.68 -7.89 -3.12
CA ALA A 21 -6.08 -6.90 -4.11
C ALA A 21 -4.88 -6.12 -4.62
N PRO A 22 -4.84 -5.82 -5.93
CA PRO A 22 -3.73 -5.07 -6.54
C PRO A 22 -3.59 -3.67 -5.94
N CYS A 23 -2.35 -3.27 -5.68
CA CYS A 23 -2.08 -1.94 -5.12
C CYS A 23 -2.25 -0.85 -6.19
N VAL A 24 -3.07 0.14 -5.89
CA VAL A 24 -3.32 1.24 -6.83
C VAL A 24 -2.27 2.34 -6.69
N PHE A 25 -1.56 2.63 -7.77
CA PHE A 25 -0.55 3.67 -7.77
C PHE A 25 -0.94 4.79 -8.73
N PRO A 26 -0.72 6.05 -8.35
CA PRO A 26 -0.14 6.41 -7.05
C PRO A 26 -1.19 6.52 -5.96
N PHE A 27 -0.95 5.85 -4.85
CA PHE A 27 -1.88 5.93 -3.73
C PHE A 27 -1.41 7.02 -2.80
N THR A 28 -2.30 7.92 -2.45
CA THR A 28 -1.93 9.03 -1.60
C THR A 28 -2.16 8.74 -0.12
N PHE A 29 -1.09 8.87 0.63
CA PHE A 29 -1.11 8.68 2.08
C PHE A 29 -0.50 9.92 2.72
N LEU A 30 -1.04 10.32 3.87
CA LEU A 30 -0.57 11.45 4.62
C LEU A 30 -0.24 12.67 3.74
N GLY A 31 -0.96 12.82 2.63
CA GLY A 31 -0.74 13.95 1.75
C GLY A 31 0.30 13.72 0.64
N ASN A 32 0.92 12.55 0.60
CA ASN A 32 1.93 12.27 -0.41
C ASN A 32 1.47 11.20 -1.38
N LYS A 33 1.70 11.43 -2.67
CA LYS A 33 1.34 10.50 -3.71
C LYS A 33 2.36 9.38 -3.75
N TYR A 34 1.95 8.15 -3.52
CA TYR A 34 2.89 7.04 -3.52
C TYR A 34 2.78 6.25 -4.80
N GLU A 35 3.76 6.44 -5.63
CA GLU A 35 3.84 5.79 -6.92
C GLU A 35 4.45 4.40 -6.78
N SER A 36 5.08 4.17 -5.64
CA SER A 36 5.67 2.91 -5.32
C SER A 36 5.23 2.53 -3.92
N CYS A 37 5.75 1.43 -3.39
CA CYS A 37 5.38 1.02 -2.05
C CYS A 37 5.91 2.03 -1.05
N THR A 38 5.37 1.96 0.15
CA THR A 38 5.76 2.87 1.21
C THR A 38 5.86 2.13 2.52
N SER A 39 6.28 2.83 3.55
CA SER A 39 6.36 2.28 4.87
C SER A 39 5.64 3.22 5.83
N ALA A 40 4.82 4.09 5.22
CA ALA A 40 4.04 5.08 5.94
C ALA A 40 3.03 4.43 6.87
N GLY A 41 2.87 5.00 8.05
CA GLY A 41 1.94 4.44 9.00
C GLY A 41 2.49 3.21 9.71
N ARG A 42 3.60 2.69 9.21
CA ARG A 42 4.23 1.52 9.80
C ARG A 42 5.49 1.93 10.56
N SER A 43 6.53 2.29 9.80
CA SER A 43 7.81 2.71 10.36
C SER A 43 8.43 1.58 11.18
N ASP A 44 8.17 0.34 10.77
CA ASP A 44 8.69 -0.82 11.43
C ASP A 44 9.72 -1.53 10.57
N GLY A 45 9.24 -2.01 9.44
CA GLY A 45 10.09 -2.71 8.51
C GLY A 45 9.37 -3.13 7.24
N LYS A 46 8.26 -3.84 7.40
CA LYS A 46 7.48 -4.33 6.27
C LYS A 46 6.80 -3.20 5.52
N MET A 47 7.25 -2.94 4.30
CA MET A 47 6.65 -1.91 3.50
C MET A 47 5.35 -2.43 2.90
N TRP A 48 4.47 -1.53 2.52
CA TRP A 48 3.18 -1.89 1.96
C TRP A 48 2.77 -0.96 0.82
N CYS A 49 1.52 -1.09 0.39
CA CYS A 49 0.94 -0.25 -0.65
C CYS A 49 -0.58 -0.32 -0.55
N ALA A 50 -1.27 0.78 -0.82
CA ALA A 50 -2.73 0.80 -0.72
C ALA A 50 -3.37 0.12 -1.92
N THR A 51 -4.56 -0.40 -1.71
CA THR A 51 -5.30 -1.07 -2.75
C THR A 51 -6.37 -0.13 -3.30
N THR A 52 -6.28 1.12 -2.87
CA THR A 52 -7.20 2.17 -3.29
C THR A 52 -6.40 3.39 -3.72
N ALA A 53 -6.96 4.21 -4.61
CA ALA A 53 -6.28 5.41 -5.09
C ALA A 53 -5.94 6.36 -3.95
N ASN A 54 -6.91 6.65 -3.10
CA ASN A 54 -6.69 7.52 -1.97
C ASN A 54 -6.78 6.69 -0.69
N TYR A 55 -5.64 6.48 -0.07
CA TYR A 55 -5.57 5.69 1.15
C TYR A 55 -6.03 6.47 2.37
N ASP A 56 -5.84 7.78 2.36
CA ASP A 56 -6.25 8.62 3.50
C ASP A 56 -7.73 8.47 3.81
N ASP A 57 -8.53 8.24 2.79
CA ASP A 57 -9.97 8.10 2.92
C ASP A 57 -10.42 6.66 3.17
N ASP A 58 -10.07 5.77 2.24
CA ASP A 58 -10.49 4.36 2.32
C ASP A 58 -9.67 3.53 3.30
N ARG A 59 -8.41 3.88 3.48
CA ARG A 59 -7.50 3.17 4.38
C ARG A 59 -7.50 1.66 4.19
N LYS A 60 -7.46 1.24 2.93
CA LYS A 60 -7.39 -0.17 2.59
C LYS A 60 -6.01 -0.44 2.03
N TRP A 61 -5.26 -1.28 2.71
CA TRP A 61 -3.87 -1.52 2.34
C TRP A 61 -3.46 -2.99 2.29
N GLY A 62 -2.22 -3.16 1.86
CA GLY A 62 -1.60 -4.47 1.75
C GLY A 62 -0.10 -4.32 1.65
N PHE A 63 0.63 -5.23 2.24
CA PHE A 63 2.09 -5.22 2.25
C PHE A 63 2.67 -5.31 0.84
N CYS A 64 3.92 -4.86 0.72
CA CYS A 64 4.63 -4.87 -0.54
C CYS A 64 5.33 -6.22 -0.71
N PRO A 65 4.91 -7.03 -1.71
CA PRO A 65 5.49 -8.35 -1.95
C PRO A 65 6.80 -8.31 -2.72
N ASP A 66 7.22 -7.10 -2.97
CA ASP A 66 8.46 -6.83 -3.68
C ASP A 66 9.11 -5.58 -3.11
N GLN A 67 9.71 -5.73 -1.93
CA GLN A 67 10.36 -4.60 -1.28
C GLN A 67 11.69 -4.30 -1.93
N GLY A 68 12.41 -5.35 -2.33
CA GLY A 68 13.70 -5.18 -2.96
C GLY A 68 14.49 -6.45 -2.99
N SER A 9 2.93 -9.92 -14.00
CA SER A 9 3.57 -10.48 -12.79
C SER A 9 2.63 -10.44 -11.60
N TRP A 10 2.76 -11.43 -10.72
CA TRP A 10 1.92 -11.50 -9.53
C TRP A 10 2.41 -10.48 -8.51
N MET A 11 1.92 -9.25 -8.66
CA MET A 11 2.31 -8.16 -7.77
C MET A 11 1.17 -7.82 -6.81
N SER A 12 0.58 -8.85 -6.23
CA SER A 12 -0.51 -8.67 -5.28
C SER A 12 0.02 -8.15 -3.94
N THR A 13 -0.85 -8.01 -2.95
CA THR A 13 -0.43 -7.50 -1.68
C THR A 13 -0.33 -8.55 -0.59
N VAL A 14 0.25 -8.11 0.50
CA VAL A 14 0.42 -8.91 1.71
C VAL A 14 -0.15 -8.07 2.83
N GLY A 15 0.13 -8.44 4.07
CA GLY A 15 -0.32 -7.67 5.23
C GLY A 15 -1.69 -7.03 5.03
N GLY A 16 -1.74 -5.73 5.29
CA GLY A 16 -2.95 -4.94 5.10
C GLY A 16 -4.24 -5.57 5.59
N ASN A 17 -5.33 -5.24 4.91
CA ASN A 17 -6.65 -5.76 5.23
C ASN A 17 -7.33 -6.22 3.96
N SER A 18 -7.01 -5.54 2.86
CA SER A 18 -7.57 -5.85 1.55
C SER A 18 -7.25 -7.29 1.13
N GLY A 19 -6.12 -7.81 1.61
CA GLY A 19 -5.74 -9.16 1.28
C GLY A 19 -4.68 -9.20 0.20
N GLY A 20 -5.09 -9.53 -1.01
CA GLY A 20 -4.15 -9.59 -2.11
C GLY A 20 -4.61 -8.77 -3.29
N ALA A 21 -5.17 -7.59 -3.02
CA ALA A 21 -5.66 -6.72 -4.09
C ALA A 21 -4.55 -5.81 -4.60
N PRO A 22 -4.48 -5.63 -5.92
CA PRO A 22 -3.47 -4.77 -6.55
C PRO A 22 -3.49 -3.34 -6.02
N CYS A 23 -2.33 -2.82 -5.68
CA CYS A 23 -2.24 -1.46 -5.15
C CYS A 23 -2.42 -0.43 -6.27
N VAL A 24 -3.31 0.53 -6.03
CA VAL A 24 -3.58 1.58 -7.02
C VAL A 24 -2.55 2.69 -6.93
N PHE A 25 -1.80 2.90 -8.01
CA PHE A 25 -0.77 3.93 -8.04
C PHE A 25 -1.06 4.97 -9.12
N PRO A 26 -0.78 6.24 -8.81
CA PRO A 26 -0.21 6.65 -7.53
C PRO A 26 -1.29 6.88 -6.49
N PHE A 27 -1.05 6.45 -5.26
CA PHE A 27 -2.03 6.68 -4.21
C PHE A 27 -1.58 7.87 -3.39
N THR A 28 -2.18 8.06 -2.23
CA THR A 28 -1.83 9.19 -1.40
C THR A 28 -2.00 8.86 0.07
N PHE A 29 -0.95 9.08 0.82
CA PHE A 29 -0.99 8.83 2.25
C PHE A 29 -0.47 10.04 2.98
N LEU A 30 -1.15 10.34 4.08
CA LEU A 30 -0.78 11.39 4.99
C LEU A 30 -0.13 12.60 4.32
N GLY A 31 -0.78 13.05 3.26
CA GLY A 31 -0.34 14.22 2.54
C GLY A 31 0.60 13.97 1.37
N ASN A 32 1.16 12.77 1.23
CA ASN A 32 2.09 12.51 0.14
C ASN A 32 1.55 11.48 -0.86
N LYS A 33 1.69 11.79 -2.14
CA LYS A 33 1.27 10.91 -3.20
C LYS A 33 2.31 9.81 -3.37
N TYR A 34 1.89 8.56 -3.30
CA TYR A 34 2.84 7.47 -3.43
C TYR A 34 2.63 6.73 -4.73
N GLU A 35 3.68 6.76 -5.54
CA GLU A 35 3.67 6.12 -6.83
C GLU A 35 4.20 4.69 -6.73
N SER A 36 4.72 4.35 -5.57
CA SER A 36 5.24 3.04 -5.31
C SER A 36 4.87 2.62 -3.89
N CYS A 37 5.50 1.59 -3.35
CA CYS A 37 5.20 1.16 -2.00
C CYS A 37 5.77 2.17 -1.01
N THR A 38 5.37 2.05 0.23
CA THR A 38 5.82 2.95 1.29
C THR A 38 5.84 2.22 2.62
N SER A 39 6.48 2.83 3.60
CA SER A 39 6.53 2.26 4.93
C SER A 39 5.90 3.28 5.88
N ALA A 40 5.09 4.15 5.27
CA ALA A 40 4.38 5.22 5.96
C ALA A 40 3.43 4.68 7.02
N GLY A 41 3.38 5.37 8.16
CA GLY A 41 2.51 4.96 9.25
C GLY A 41 3.02 3.73 9.97
N ARG A 42 4.06 3.11 9.43
CA ARG A 42 4.60 1.93 10.05
C ARG A 42 5.92 2.23 10.74
N SER A 43 6.92 2.61 9.95
CA SER A 43 8.25 2.94 10.46
C SER A 43 8.92 1.72 11.10
N ASP A 44 8.39 0.54 10.82
CA ASP A 44 8.95 -0.70 11.36
C ASP A 44 9.95 -1.30 10.39
N GLY A 45 9.41 -1.82 9.31
CA GLY A 45 10.22 -2.43 8.29
C GLY A 45 9.39 -2.95 7.12
N LYS A 46 8.19 -3.42 7.43
CA LYS A 46 7.29 -3.95 6.42
C LYS A 46 6.69 -2.83 5.59
N MET A 47 7.03 -2.79 4.31
CA MET A 47 6.51 -1.77 3.43
C MET A 47 5.18 -2.22 2.83
N TRP A 48 4.28 -1.28 2.61
CA TRP A 48 2.96 -1.56 2.08
C TRP A 48 2.59 -0.58 0.96
N CYS A 49 1.30 -0.54 0.63
CA CYS A 49 0.76 0.34 -0.38
C CYS A 49 -0.76 0.31 -0.32
N ALA A 50 -1.40 1.37 -0.79
CA ALA A 50 -2.86 1.43 -0.75
C ALA A 50 -3.46 0.69 -1.93
N THR A 51 -4.61 0.08 -1.71
CA THR A 51 -5.30 -0.65 -2.74
C THR A 51 -6.40 0.23 -3.35
N THR A 52 -6.34 1.51 -3.00
CA THR A 52 -7.27 2.50 -3.48
C THR A 52 -6.49 3.75 -3.91
N ALA A 53 -7.08 4.58 -4.76
CA ALA A 53 -6.40 5.79 -5.22
C ALA A 53 -6.10 6.74 -4.06
N ASN A 54 -7.07 6.93 -3.20
CA ASN A 54 -6.88 7.78 -2.04
C ASN A 54 -7.00 6.95 -0.78
N TYR A 55 -5.87 6.71 -0.13
CA TYR A 55 -5.85 5.89 1.07
C TYR A 55 -6.47 6.63 2.26
N ASP A 56 -6.19 7.92 2.37
CA ASP A 56 -6.69 8.72 3.48
C ASP A 56 -8.20 8.56 3.70
N ASP A 57 -8.95 8.43 2.62
CA ASP A 57 -10.40 8.28 2.69
C ASP A 57 -10.84 6.82 2.86
N ASP A 58 -10.47 5.98 1.90
CA ASP A 58 -10.89 4.57 1.90
C ASP A 58 -10.14 3.70 2.90
N ARG A 59 -8.93 4.12 3.27
CA ARG A 59 -8.10 3.41 4.23
C ARG A 59 -8.01 1.91 4.01
N LYS A 60 -7.74 1.51 2.77
CA LYS A 60 -7.56 0.10 2.45
C LYS A 60 -6.14 -0.10 1.98
N TRP A 61 -5.40 -0.89 2.71
CA TRP A 61 -4.00 -1.10 2.43
C TRP A 61 -3.59 -2.56 2.36
N GLY A 62 -2.34 -2.74 1.94
CA GLY A 62 -1.74 -4.05 1.80
C GLY A 62 -0.23 -3.92 1.66
N PHE A 63 0.50 -4.88 2.21
CA PHE A 63 1.96 -4.88 2.16
C PHE A 63 2.48 -4.99 0.73
N CYS A 64 3.72 -4.56 0.54
CA CYS A 64 4.37 -4.63 -0.76
C CYS A 64 4.76 -6.07 -1.05
N PRO A 65 4.64 -6.53 -2.32
CA PRO A 65 4.96 -7.91 -2.70
C PRO A 65 6.46 -8.19 -2.74
N ASP A 66 6.84 -9.14 -3.57
CA ASP A 66 8.24 -9.52 -3.72
C ASP A 66 9.04 -8.37 -4.30
N GLN A 67 9.88 -7.77 -3.45
CA GLN A 67 10.70 -6.64 -3.85
C GLN A 67 12.04 -7.12 -4.40
N GLY A 68 12.21 -6.99 -5.71
CA GLY A 68 13.44 -7.42 -6.34
C GLY A 68 14.53 -6.38 -6.25
N SER A 9 -0.24 -5.86 -14.75
CA SER A 9 -0.97 -5.89 -13.47
C SER A 9 -0.01 -6.04 -12.29
N TRP A 10 -0.47 -5.65 -11.11
CA TRP A 10 0.34 -5.74 -9.91
C TRP A 10 0.01 -7.03 -9.17
N MET A 11 0.94 -7.51 -8.35
CA MET A 11 0.73 -8.74 -7.60
C MET A 11 -0.18 -8.47 -6.40
N SER A 12 -0.77 -9.53 -5.85
CA SER A 12 -1.65 -9.39 -4.69
C SER A 12 -0.84 -8.97 -3.49
N THR A 13 -1.50 -8.32 -2.55
CA THR A 13 -0.83 -7.86 -1.35
C THR A 13 -0.70 -8.94 -0.30
N VAL A 14 0.08 -8.62 0.71
CA VAL A 14 0.33 -9.46 1.85
C VAL A 14 0.07 -8.57 3.04
N GLY A 15 -0.10 -9.08 4.23
CA GLY A 15 -0.36 -8.15 5.32
C GLY A 15 -1.71 -7.48 5.15
N GLY A 16 -1.78 -6.22 5.56
CA GLY A 16 -2.98 -5.40 5.41
C GLY A 16 -4.29 -6.08 5.75
N ASN A 17 -5.35 -5.64 5.06
CA ASN A 17 -6.69 -6.17 5.24
C ASN A 17 -7.48 -6.07 3.95
N SER A 18 -6.76 -6.16 2.84
CA SER A 18 -7.34 -6.08 1.52
C SER A 18 -8.20 -7.31 1.21
N GLY A 19 -7.58 -8.49 1.23
CA GLY A 19 -8.31 -9.70 0.94
C GLY A 19 -8.20 -10.10 -0.52
N GLY A 20 -6.97 -10.10 -1.03
CA GLY A 20 -6.75 -10.47 -2.42
C GLY A 20 -6.73 -9.27 -3.36
N ALA A 21 -6.54 -8.08 -2.82
CA ALA A 21 -6.50 -6.88 -3.64
C ALA A 21 -5.07 -6.40 -3.83
N PRO A 22 -4.74 -5.93 -5.03
CA PRO A 22 -3.40 -5.43 -5.34
C PRO A 22 -3.25 -3.96 -4.95
N CYS A 23 -2.03 -3.44 -5.01
CA CYS A 23 -1.79 -2.05 -4.65
C CYS A 23 -2.29 -1.13 -5.77
N VAL A 24 -2.75 0.06 -5.39
CA VAL A 24 -3.21 1.04 -6.37
C VAL A 24 -2.28 2.25 -6.36
N PHE A 25 -1.63 2.52 -7.47
CA PHE A 25 -0.71 3.64 -7.56
C PHE A 25 -1.22 4.68 -8.54
N PRO A 26 -1.07 5.97 -8.18
CA PRO A 26 -0.48 6.39 -6.92
C PRO A 26 -1.49 6.44 -5.79
N PHE A 27 -1.15 5.85 -4.65
CA PHE A 27 -2.06 5.89 -3.52
C PHE A 27 -1.61 6.99 -2.57
N THR A 28 -2.52 7.85 -2.19
CA THR A 28 -2.19 8.95 -1.31
C THR A 28 -2.39 8.57 0.16
N PHE A 29 -1.33 8.68 0.94
CA PHE A 29 -1.41 8.39 2.35
C PHE A 29 -1.10 9.62 3.15
N LEU A 30 -1.97 9.89 4.09
CA LEU A 30 -1.85 10.96 5.02
C LEU A 30 -1.21 12.21 4.43
N GLY A 31 -1.74 12.60 3.28
CA GLY A 31 -1.27 13.79 2.61
C GLY A 31 -0.29 13.58 1.45
N ASN A 32 0.40 12.43 1.35
CA ASN A 32 1.36 12.25 0.28
C ASN A 32 0.99 11.16 -0.72
N LYS A 33 1.10 11.48 -2.00
CA LYS A 33 0.80 10.55 -3.07
C LYS A 33 1.96 9.57 -3.24
N TYR A 34 1.66 8.28 -3.18
CA TYR A 34 2.70 7.28 -3.30
C TYR A 34 2.63 6.51 -4.60
N GLU A 35 3.68 6.64 -5.37
CA GLU A 35 3.80 5.97 -6.65
C GLU A 35 4.43 4.60 -6.47
N SER A 36 5.08 4.43 -5.34
CA SER A 36 5.73 3.20 -4.98
C SER A 36 5.24 2.80 -3.60
N CYS A 37 5.74 1.70 -3.07
CA CYS A 37 5.34 1.29 -1.74
C CYS A 37 5.84 2.28 -0.71
N THR A 38 5.37 2.12 0.50
CA THR A 38 5.77 3.03 1.57
C THR A 38 5.82 2.29 2.89
N SER A 39 6.31 2.98 3.90
CA SER A 39 6.36 2.45 5.24
C SER A 39 5.64 3.42 6.16
N ALA A 40 4.81 4.25 5.51
CA ALA A 40 4.01 5.29 6.17
C ALA A 40 3.07 4.69 7.20
N GLY A 41 3.01 5.32 8.37
CA GLY A 41 2.15 4.83 9.44
C GLY A 41 2.69 3.58 10.10
N ARG A 42 3.75 3.02 9.51
CA ARG A 42 4.36 1.82 10.03
C ARG A 42 5.73 2.11 10.63
N SER A 43 6.75 1.97 9.80
CA SER A 43 8.14 2.18 10.19
C SER A 43 8.54 1.10 11.20
N ASP A 44 7.97 -0.09 11.03
CA ASP A 44 8.25 -1.20 11.90
C ASP A 44 9.18 -2.18 11.23
N GLY A 45 9.06 -2.22 9.92
CA GLY A 45 9.86 -3.11 9.11
C GLY A 45 9.20 -3.44 7.80
N LYS A 46 7.94 -3.84 7.85
CA LYS A 46 7.21 -4.20 6.65
C LYS A 46 6.72 -2.98 5.90
N MET A 47 7.09 -2.85 4.64
CA MET A 47 6.61 -1.76 3.83
C MET A 47 5.31 -2.22 3.17
N TRP A 48 4.38 -1.31 2.98
CA TRP A 48 3.08 -1.69 2.41
C TRP A 48 2.68 -0.81 1.23
N CYS A 49 1.43 -0.93 0.84
CA CYS A 49 0.84 -0.18 -0.26
C CYS A 49 -0.67 -0.16 -0.09
N ALA A 50 -1.32 0.94 -0.44
CA ALA A 50 -2.77 0.99 -0.29
C ALA A 50 -3.42 0.24 -1.44
N THR A 51 -4.59 -0.29 -1.18
CA THR A 51 -5.30 -1.04 -2.19
C THR A 51 -6.43 -0.19 -2.76
N THR A 52 -6.37 1.10 -2.44
CA THR A 52 -7.33 2.08 -2.92
C THR A 52 -6.56 3.32 -3.39
N ALA A 53 -7.10 4.01 -4.38
CA ALA A 53 -6.45 5.22 -4.92
C ALA A 53 -6.18 6.24 -3.82
N ASN A 54 -7.11 6.35 -2.89
CA ASN A 54 -6.95 7.28 -1.77
C ASN A 54 -7.11 6.51 -0.47
N TYR A 55 -6.00 6.39 0.26
CA TYR A 55 -5.99 5.65 1.51
C TYR A 55 -6.63 6.43 2.64
N ASP A 56 -6.47 7.75 2.63
CA ASP A 56 -7.02 8.60 3.68
C ASP A 56 -8.52 8.39 3.90
N ASP A 57 -9.24 8.05 2.84
CA ASP A 57 -10.68 7.84 2.93
C ASP A 57 -11.06 6.40 3.28
N ASP A 58 -10.64 5.44 2.45
CA ASP A 58 -11.01 4.03 2.66
C ASP A 58 -10.08 3.26 3.58
N ARG A 59 -8.87 3.76 3.79
CA ARG A 59 -7.88 3.13 4.65
C ARG A 59 -7.75 1.62 4.46
N LYS A 60 -7.62 1.20 3.21
CA LYS A 60 -7.43 -0.20 2.90
C LYS A 60 -6.01 -0.41 2.45
N TRP A 61 -5.27 -1.19 3.21
CA TRP A 61 -3.86 -1.39 2.93
C TRP A 61 -3.47 -2.86 2.81
N GLY A 62 -2.22 -3.03 2.41
CA GLY A 62 -1.61 -4.33 2.25
C GLY A 62 -0.11 -4.17 2.08
N PHE A 63 0.66 -5.03 2.72
CA PHE A 63 2.10 -4.98 2.64
C PHE A 63 2.57 -5.06 1.17
N CYS A 64 3.74 -4.50 0.92
CA CYS A 64 4.32 -4.49 -0.42
C CYS A 64 4.73 -5.90 -0.82
N PRO A 65 4.62 -6.25 -2.13
CA PRO A 65 5.00 -7.56 -2.62
C PRO A 65 6.51 -7.73 -2.68
N ASP A 66 6.96 -8.65 -3.52
CA ASP A 66 8.38 -8.95 -3.68
C ASP A 66 8.97 -9.45 -2.36
N GLN A 67 8.08 -9.75 -1.43
CA GLN A 67 8.41 -10.25 -0.11
C GLN A 67 7.34 -11.24 0.34
N GLY A 68 7.41 -11.68 1.59
CA GLY A 68 6.43 -12.60 2.10
C GLY A 68 7.00 -13.97 2.38
N SER A 9 4.12 -9.57 -14.28
CA SER A 9 2.73 -10.03 -14.04
C SER A 9 2.04 -9.15 -13.01
N TRP A 10 0.71 -9.07 -13.12
CA TRP A 10 -0.07 -8.27 -12.18
C TRP A 10 -0.22 -9.05 -10.88
N MET A 11 0.44 -8.58 -9.83
CA MET A 11 0.42 -9.27 -8.55
C MET A 11 -0.57 -8.65 -7.57
N SER A 12 -0.69 -9.30 -6.41
CA SER A 12 -1.58 -8.85 -5.35
C SER A 12 -0.75 -8.31 -4.18
N THR A 13 -1.34 -8.28 -3.01
CA THR A 13 -0.67 -7.76 -1.83
C THR A 13 -0.26 -8.85 -0.84
N VAL A 14 0.51 -8.43 0.14
CA VAL A 14 0.99 -9.24 1.22
C VAL A 14 0.84 -8.35 2.43
N GLY A 15 0.83 -8.88 3.63
CA GLY A 15 0.65 -7.99 4.76
C GLY A 15 -0.71 -7.31 4.70
N GLY A 16 -0.82 -6.14 5.32
CA GLY A 16 -2.06 -5.35 5.29
C GLY A 16 -3.32 -6.19 5.42
N ASN A 17 -4.34 -5.80 4.68
CA ASN A 17 -5.61 -6.51 4.68
C ASN A 17 -6.16 -6.56 3.27
N SER A 18 -7.08 -5.64 2.98
CA SER A 18 -7.73 -5.46 1.69
C SER A 18 -7.96 -6.77 0.91
N GLY A 19 -8.21 -7.88 1.62
CA GLY A 19 -8.45 -9.15 0.95
C GLY A 19 -7.25 -9.62 0.15
N GLY A 20 -7.20 -9.18 -1.10
CA GLY A 20 -6.12 -9.51 -1.99
C GLY A 20 -6.05 -8.54 -3.14
N ALA A 21 -6.47 -7.30 -2.86
CA ALA A 21 -6.47 -6.25 -3.87
C ALA A 21 -5.07 -5.75 -4.18
N PRO A 22 -4.81 -5.38 -5.44
CA PRO A 22 -3.51 -4.88 -5.87
C PRO A 22 -3.30 -3.42 -5.43
N CYS A 23 -2.04 -3.06 -5.19
CA CYS A 23 -1.72 -1.70 -4.78
C CYS A 23 -1.90 -0.73 -5.95
N VAL A 24 -2.63 0.35 -5.72
CA VAL A 24 -2.88 1.35 -6.75
C VAL A 24 -1.95 2.54 -6.58
N PHE A 25 -1.26 2.92 -7.65
CA PHE A 25 -0.37 4.05 -7.62
C PHE A 25 -0.80 5.10 -8.63
N PRO A 26 -0.65 6.38 -8.28
CA PRO A 26 -0.11 6.81 -6.99
C PRO A 26 -1.17 6.83 -5.91
N PHE A 27 -0.87 6.26 -4.76
CA PHE A 27 -1.83 6.26 -3.66
C PHE A 27 -1.43 7.34 -2.68
N THR A 28 -2.39 8.14 -2.28
CA THR A 28 -2.09 9.25 -1.41
C THR A 28 -2.26 8.91 0.06
N PHE A 29 -1.18 9.13 0.80
CA PHE A 29 -1.19 8.90 2.23
C PHE A 29 -0.73 10.19 2.90
N LEU A 30 -1.30 10.50 4.05
CA LEU A 30 -0.97 11.67 4.83
C LEU A 30 -0.71 12.92 3.97
N GLY A 31 -1.44 13.04 2.87
CA GLY A 31 -1.29 14.20 1.99
C GLY A 31 -0.24 14.05 0.89
N ASN A 32 0.51 12.95 0.88
CA ASN A 32 1.55 12.76 -0.13
C ASN A 32 1.17 11.69 -1.14
N LYS A 33 1.45 11.95 -2.41
CA LYS A 33 1.18 11.03 -3.49
C LYS A 33 2.27 9.96 -3.52
N TYR A 34 1.90 8.71 -3.32
CA TYR A 34 2.87 7.63 -3.30
C TYR A 34 2.85 6.85 -4.59
N GLU A 35 3.88 7.03 -5.37
CA GLU A 35 4.05 6.37 -6.64
C GLU A 35 4.76 5.04 -6.46
N SER A 36 5.39 4.88 -5.31
CA SER A 36 6.08 3.67 -4.96
C SER A 36 5.62 3.24 -3.57
N CYS A 37 6.08 2.07 -3.11
CA CYS A 37 5.68 1.62 -1.79
C CYS A 37 6.16 2.62 -0.74
N THR A 38 5.59 2.53 0.43
CA THR A 38 5.94 3.42 1.51
C THR A 38 6.02 2.66 2.82
N SER A 39 6.34 3.37 3.86
CA SER A 39 6.41 2.82 5.19
C SER A 39 5.68 3.75 6.13
N ALA A 40 4.88 4.64 5.51
CA ALA A 40 4.08 5.63 6.22
C ALA A 40 3.10 4.98 7.16
N GLY A 41 2.94 5.55 8.34
CA GLY A 41 2.02 5.01 9.32
C GLY A 41 2.56 3.76 9.98
N ARG A 42 3.70 3.27 9.50
CA ARG A 42 4.32 2.08 10.05
C ARG A 42 5.59 2.42 10.82
N SER A 43 6.66 2.70 10.07
CA SER A 43 7.96 3.04 10.67
C SER A 43 8.48 1.87 11.50
N ASP A 44 8.23 0.66 11.03
CA ASP A 44 8.64 -0.55 11.73
C ASP A 44 9.66 -1.31 10.93
N GLY A 45 9.53 -1.21 9.63
CA GLY A 45 10.41 -1.90 8.71
C GLY A 45 9.68 -2.45 7.51
N LYS A 46 8.49 -2.98 7.76
CA LYS A 46 7.65 -3.55 6.71
C LYS A 46 7.05 -2.44 5.85
N MET A 47 7.48 -2.35 4.60
CA MET A 47 6.96 -1.35 3.70
C MET A 47 5.69 -1.87 3.04
N TRP A 48 4.75 -0.98 2.77
CA TRP A 48 3.49 -1.36 2.17
C TRP A 48 3.07 -0.42 1.06
N CYS A 49 1.83 -0.59 0.60
CA CYS A 49 1.24 0.24 -0.45
C CYS A 49 -0.27 0.13 -0.37
N ALA A 50 -0.98 1.22 -0.67
CA ALA A 50 -2.44 1.20 -0.61
C ALA A 50 -3.01 0.50 -1.82
N THR A 51 -4.17 -0.10 -1.65
CA THR A 51 -4.82 -0.81 -2.72
C THR A 51 -5.86 0.08 -3.39
N THR A 52 -5.84 1.36 -3.01
CA THR A 52 -6.74 2.36 -3.56
C THR A 52 -5.94 3.59 -3.93
N ALA A 53 -6.47 4.38 -4.87
CA ALA A 53 -5.78 5.61 -5.30
C ALA A 53 -5.64 6.59 -4.14
N ASN A 54 -6.58 6.54 -3.20
CA ASN A 54 -6.54 7.40 -2.04
C ASN A 54 -6.62 6.55 -0.78
N TYR A 55 -5.54 6.55 0.00
CA TYR A 55 -5.51 5.77 1.22
C TYR A 55 -6.05 6.55 2.41
N ASP A 56 -5.90 7.87 2.36
CA ASP A 56 -6.38 8.73 3.44
C ASP A 56 -7.84 8.46 3.77
N ASP A 57 -8.64 8.22 2.74
CA ASP A 57 -10.06 7.97 2.91
C ASP A 57 -10.39 6.48 3.03
N ASP A 58 -10.13 5.74 1.96
CA ASP A 58 -10.44 4.30 1.90
C ASP A 58 -9.65 3.46 2.92
N ARG A 59 -8.45 3.92 3.29
CA ARG A 59 -7.60 3.23 4.26
C ARG A 59 -7.52 1.71 4.07
N LYS A 60 -7.27 1.28 2.85
CA LYS A 60 -7.11 -0.14 2.56
C LYS A 60 -5.67 -0.35 2.12
N TRP A 61 -4.92 -1.12 2.89
CA TRP A 61 -3.51 -1.29 2.59
C TRP A 61 -3.04 -2.73 2.52
N GLY A 62 -1.77 -2.86 2.18
CA GLY A 62 -1.09 -4.13 2.07
C GLY A 62 0.39 -3.88 1.87
N PHE A 63 1.23 -4.75 2.40
CA PHE A 63 2.67 -4.61 2.27
C PHE A 63 3.12 -4.64 0.81
N CYS A 64 4.33 -4.13 0.57
CA CYS A 64 4.90 -4.14 -0.77
C CYS A 64 4.96 -5.60 -1.19
N PRO A 65 4.56 -5.97 -2.41
CA PRO A 65 4.50 -7.37 -2.84
C PRO A 65 5.86 -8.02 -3.11
N ASP A 66 5.77 -9.14 -3.81
CA ASP A 66 6.90 -9.98 -4.20
C ASP A 66 8.01 -10.00 -3.14
N GLN A 67 7.69 -10.51 -1.96
CA GLN A 67 8.66 -10.61 -0.87
C GLN A 67 9.10 -12.05 -0.69
N GLY A 68 10.38 -12.25 -0.34
CA GLY A 68 10.88 -13.59 -0.14
C GLY A 68 11.06 -13.92 1.32
N SER A 9 4.40 -7.29 -14.39
CA SER A 9 4.67 -7.26 -12.93
C SER A 9 3.63 -6.43 -12.18
N TRP A 10 2.55 -7.06 -11.77
CA TRP A 10 1.49 -6.39 -11.03
C TRP A 10 1.55 -6.81 -9.57
N MET A 11 1.84 -5.86 -8.71
CA MET A 11 1.99 -6.10 -7.28
C MET A 11 0.69 -6.45 -6.58
N SER A 12 0.79 -7.46 -5.72
CA SER A 12 -0.33 -7.90 -4.89
C SER A 12 -0.06 -7.47 -3.46
N THR A 13 -0.89 -7.88 -2.52
CA THR A 13 -0.70 -7.46 -1.14
C THR A 13 -0.55 -8.62 -0.16
N VAL A 14 0.17 -8.30 0.90
CA VAL A 14 0.40 -9.18 2.03
C VAL A 14 -0.13 -8.41 3.22
N GLY A 15 0.23 -8.84 4.42
CA GLY A 15 -0.18 -8.13 5.63
C GLY A 15 -1.55 -7.49 5.52
N GLY A 16 -1.59 -6.18 5.75
CA GLY A 16 -2.80 -5.37 5.63
C GLY A 16 -4.08 -6.04 6.07
N ASN A 17 -5.17 -5.71 5.38
CA ASN A 17 -6.49 -6.27 5.68
C ASN A 17 -7.30 -6.50 4.40
N SER A 18 -6.82 -5.98 3.27
CA SER A 18 -7.50 -6.12 2.00
C SER A 18 -7.35 -7.54 1.45
N GLY A 19 -6.34 -8.24 1.94
CA GLY A 19 -6.09 -9.59 1.48
C GLY A 19 -5.06 -9.66 0.38
N GLY A 20 -5.52 -9.87 -0.84
CA GLY A 20 -4.61 -9.94 -1.97
C GLY A 20 -5.04 -9.04 -3.11
N ALA A 21 -5.51 -7.85 -2.77
CA ALA A 21 -5.95 -6.89 -3.78
C ALA A 21 -4.77 -6.09 -4.30
N PRO A 22 -4.73 -5.82 -5.62
CA PRO A 22 -3.66 -5.04 -6.24
C PRO A 22 -3.56 -3.63 -5.68
N CYS A 23 -2.35 -3.22 -5.32
CA CYS A 23 -2.14 -1.88 -4.78
C CYS A 23 -2.29 -0.83 -5.89
N VAL A 24 -3.23 0.08 -5.72
CA VAL A 24 -3.49 1.13 -6.71
C VAL A 24 -2.44 2.23 -6.66
N PHE A 25 -1.69 2.38 -7.74
CA PHE A 25 -0.66 3.38 -7.83
C PHE A 25 -0.96 4.37 -8.96
N PRO A 26 -0.70 5.66 -8.72
CA PRO A 26 -0.17 6.16 -7.45
C PRO A 26 -1.28 6.37 -6.41
N PHE A 27 -1.02 5.98 -5.16
CA PHE A 27 -2.02 6.19 -4.12
C PHE A 27 -1.60 7.38 -3.27
N THR A 28 -2.33 7.63 -2.21
CA THR A 28 -2.01 8.74 -1.34
C THR A 28 -2.20 8.35 0.11
N PHE A 29 -1.15 8.51 0.89
CA PHE A 29 -1.21 8.19 2.31
C PHE A 29 -0.86 9.41 3.11
N LEU A 30 -1.68 9.65 4.11
CA LEU A 30 -1.50 10.70 5.08
C LEU A 30 -0.82 11.94 4.53
N GLY A 31 -1.33 12.39 3.38
CA GLY A 31 -0.83 13.60 2.76
C GLY A 31 0.23 13.42 1.67
N ASN A 32 0.81 12.23 1.52
CA ASN A 32 1.84 12.04 0.50
C ASN A 32 1.35 11.17 -0.66
N LYS A 33 1.97 11.35 -1.83
CA LYS A 33 1.64 10.61 -3.01
C LYS A 33 2.59 9.41 -3.13
N TYR A 34 2.06 8.20 -3.28
CA TYR A 34 2.91 7.03 -3.35
C TYR A 34 2.74 6.29 -4.67
N GLU A 35 3.84 6.15 -5.37
CA GLU A 35 3.87 5.46 -6.65
C GLU A 35 4.38 4.05 -6.45
N SER A 36 5.03 3.84 -5.33
CA SER A 36 5.58 2.55 -4.99
C SER A 36 5.12 2.19 -3.58
N CYS A 37 5.64 1.09 -3.04
CA CYS A 37 5.26 0.70 -1.69
C CYS A 37 5.82 1.72 -0.69
N THR A 38 5.34 1.63 0.53
CA THR A 38 5.76 2.55 1.57
C THR A 38 5.80 1.84 2.91
N SER A 39 6.35 2.50 3.89
CA SER A 39 6.39 1.98 5.23
C SER A 39 5.70 2.99 6.14
N ALA A 40 4.92 3.85 5.48
CA ALA A 40 4.15 4.91 6.14
C ALA A 40 3.20 4.34 7.17
N GLY A 41 3.18 4.96 8.35
CA GLY A 41 2.29 4.50 9.41
C GLY A 41 2.82 3.25 10.10
N ARG A 42 3.91 2.71 9.58
CA ARG A 42 4.52 1.52 10.14
C ARG A 42 5.88 1.83 10.73
N SER A 43 6.76 2.36 9.86
CA SER A 43 8.13 2.73 10.21
C SER A 43 8.91 1.56 10.83
N ASP A 44 8.54 0.33 10.48
CA ASP A 44 9.20 -0.85 10.99
C ASP A 44 10.04 -1.52 9.90
N GLY A 45 9.43 -2.40 9.16
CA GLY A 45 10.10 -3.09 8.09
C GLY A 45 9.12 -3.68 7.10
N LYS A 46 7.89 -3.88 7.55
CA LYS A 46 6.84 -4.44 6.70
C LYS A 46 6.26 -3.38 5.77
N MET A 47 7.00 -3.05 4.72
CA MET A 47 6.53 -2.05 3.76
C MET A 47 5.27 -2.56 3.07
N TRP A 48 4.28 -1.68 2.98
CA TRP A 48 2.99 -1.99 2.39
C TRP A 48 2.64 -1.02 1.26
N CYS A 49 1.35 -0.97 0.93
CA CYS A 49 0.82 -0.07 -0.11
C CYS A 49 -0.70 -0.08 -0.07
N ALA A 50 -1.33 1.00 -0.52
CA ALA A 50 -2.79 1.09 -0.49
C ALA A 50 -3.40 0.31 -1.64
N THR A 51 -4.57 -0.24 -1.40
CA THR A 51 -5.26 -1.00 -2.41
C THR A 51 -6.35 -0.16 -3.05
N THR A 52 -6.35 1.11 -2.68
CA THR A 52 -7.29 2.09 -3.21
C THR A 52 -6.52 3.30 -3.72
N ALA A 53 -7.12 4.07 -4.62
CA ALA A 53 -6.46 5.26 -5.17
C ALA A 53 -6.17 6.27 -4.07
N ASN A 54 -7.13 6.46 -3.19
CA ASN A 54 -6.96 7.38 -2.07
C ASN A 54 -7.09 6.60 -0.77
N TYR A 55 -5.97 6.37 -0.11
CA TYR A 55 -5.98 5.62 1.14
C TYR A 55 -6.59 6.44 2.26
N ASP A 56 -6.31 7.73 2.28
CA ASP A 56 -6.84 8.63 3.32
C ASP A 56 -8.33 8.40 3.60
N ASP A 57 -9.09 8.11 2.55
CA ASP A 57 -10.53 7.90 2.68
C ASP A 57 -10.89 6.43 2.94
N ASP A 58 -10.60 5.57 1.96
CA ASP A 58 -10.97 4.14 2.05
C ASP A 58 -10.09 3.31 2.99
N ARG A 59 -8.91 3.83 3.32
CA ARG A 59 -7.95 3.16 4.21
C ARG A 59 -7.90 1.66 4.12
N LYS A 60 -7.65 1.15 2.92
CA LYS A 60 -7.51 -0.27 2.71
C LYS A 60 -6.08 -0.52 2.29
N TRP A 61 -5.36 -1.25 3.12
CA TRP A 61 -3.94 -1.48 2.89
C TRP A 61 -3.54 -2.94 2.84
N GLY A 62 -2.31 -3.14 2.42
CA GLY A 62 -1.70 -4.45 2.31
C GLY A 62 -0.21 -4.33 2.09
N PHE A 63 0.55 -5.27 2.62
CA PHE A 63 2.01 -5.26 2.50
C PHE A 63 2.46 -5.36 1.04
N CYS A 64 3.73 -5.02 0.83
CA CYS A 64 4.34 -5.06 -0.48
C CYS A 64 4.68 -6.50 -0.84
N PRO A 65 4.46 -6.91 -2.10
CA PRO A 65 4.73 -8.27 -2.58
C PRO A 65 6.21 -8.59 -2.67
N ASP A 66 6.57 -9.41 -3.65
CA ASP A 66 7.95 -9.79 -3.87
C ASP A 66 8.81 -8.54 -4.08
N GLN A 67 9.69 -8.27 -3.12
CA GLN A 67 10.54 -7.09 -3.17
C GLN A 67 11.99 -7.42 -3.46
N GLY A 68 12.89 -6.56 -3.02
CA GLY A 68 14.31 -6.76 -3.22
C GLY A 68 15.12 -6.20 -2.09
N SER A 9 4.81 -12.29 -12.29
CA SER A 9 4.70 -10.99 -11.60
C SER A 9 3.86 -11.15 -10.34
N TRP A 10 3.98 -10.20 -9.43
CA TRP A 10 3.22 -10.25 -8.19
C TRP A 10 1.81 -9.69 -8.39
N MET A 11 0.81 -10.45 -7.95
CA MET A 11 -0.58 -10.05 -8.09
C MET A 11 -1.08 -9.34 -6.83
N SER A 12 -2.11 -9.92 -6.27
CA SER A 12 -2.77 -9.41 -5.06
C SER A 12 -1.77 -9.10 -3.95
N THR A 13 -2.18 -8.22 -3.03
CA THR A 13 -1.32 -7.80 -1.93
C THR A 13 -1.07 -8.90 -0.90
N VAL A 14 -0.21 -8.54 0.05
CA VAL A 14 0.18 -9.38 1.16
C VAL A 14 0.07 -8.48 2.37
N GLY A 15 0.04 -9.01 3.57
CA GLY A 15 -0.09 -8.11 4.71
C GLY A 15 -1.42 -7.37 4.67
N GLY A 16 -1.42 -6.13 5.12
CA GLY A 16 -2.62 -5.29 5.10
C GLY A 16 -3.89 -5.99 5.57
N ASN A 17 -5.00 -5.61 4.96
CA ASN A 17 -6.29 -6.21 5.28
C ASN A 17 -7.13 -6.40 4.02
N SER A 18 -6.61 -5.92 2.89
CA SER A 18 -7.30 -6.06 1.62
C SER A 18 -6.76 -7.27 0.89
N GLY A 19 -6.76 -8.42 1.57
CA GLY A 19 -6.26 -9.64 0.98
C GLY A 19 -7.03 -10.03 -0.27
N GLY A 20 -6.47 -9.65 -1.41
CA GLY A 20 -7.12 -9.96 -2.67
C GLY A 20 -7.11 -8.79 -3.62
N ALA A 21 -6.88 -7.58 -3.10
CA ALA A 21 -6.84 -6.40 -3.95
C ALA A 21 -5.41 -5.92 -4.14
N PRO A 22 -5.06 -5.42 -5.34
CA PRO A 22 -3.73 -4.93 -5.64
C PRO A 22 -3.54 -3.47 -5.23
N CYS A 23 -2.32 -2.98 -5.30
CA CYS A 23 -2.04 -1.60 -4.93
C CYS A 23 -2.52 -0.66 -6.02
N VAL A 24 -3.05 0.49 -5.65
CA VAL A 24 -3.52 1.46 -6.63
C VAL A 24 -2.62 2.69 -6.61
N PHE A 25 -1.96 2.95 -7.72
CA PHE A 25 -1.08 4.10 -7.82
C PHE A 25 -1.60 5.11 -8.82
N PRO A 26 -1.45 6.41 -8.53
CA PRO A 26 -0.82 6.88 -7.30
C PRO A 26 -1.79 6.91 -6.12
N PHE A 27 -1.37 6.45 -4.95
CA PHE A 27 -2.26 6.48 -3.80
C PHE A 27 -1.78 7.57 -2.85
N THR A 28 -2.71 8.39 -2.39
CA THR A 28 -2.35 9.46 -1.49
C THR A 28 -2.52 9.03 -0.05
N PHE A 29 -1.44 9.14 0.72
CA PHE A 29 -1.45 8.79 2.12
C PHE A 29 -0.99 9.97 2.92
N LEU A 30 -1.68 10.22 4.02
CA LEU A 30 -1.33 11.24 4.97
C LEU A 30 -0.78 12.51 4.33
N GLY A 31 -1.51 12.98 3.33
CA GLY A 31 -1.16 14.21 2.64
C GLY A 31 -0.18 14.07 1.47
N ASN A 32 0.43 12.91 1.26
CA ASN A 32 1.38 12.78 0.16
C ASN A 32 0.90 11.82 -0.92
N LYS A 33 1.38 12.03 -2.13
CA LYS A 33 1.03 11.20 -3.26
C LYS A 33 2.07 10.09 -3.40
N TYR A 34 1.65 8.83 -3.37
CA TYR A 34 2.59 7.73 -3.45
C TYR A 34 2.45 7.00 -4.77
N GLU A 35 3.56 6.97 -5.49
CA GLU A 35 3.62 6.30 -6.77
C GLU A 35 4.16 4.90 -6.60
N SER A 36 4.84 4.71 -5.49
CA SER A 36 5.43 3.43 -5.15
C SER A 36 4.97 3.03 -3.75
N CYS A 37 5.49 1.93 -3.23
CA CYS A 37 5.12 1.51 -1.90
C CYS A 37 5.64 2.51 -0.88
N THR A 38 5.21 2.36 0.35
CA THR A 38 5.61 3.25 1.41
C THR A 38 5.68 2.49 2.73
N SER A 39 6.24 3.12 3.73
CA SER A 39 6.31 2.55 5.05
C SER A 39 5.61 3.51 6.00
N ALA A 40 4.82 4.38 5.38
CA ALA A 40 4.06 5.42 6.08
C ALA A 40 3.04 4.82 7.03
N GLY A 41 2.94 5.40 8.21
CA GLY A 41 1.99 4.91 9.19
C GLY A 41 2.45 3.63 9.86
N ARG A 42 3.62 3.14 9.48
CA ARG A 42 4.16 1.93 10.05
C ARG A 42 5.33 2.22 10.96
N SER A 43 6.49 2.49 10.36
CA SER A 43 7.72 2.78 11.10
C SER A 43 8.23 1.52 11.81
N ASP A 44 7.97 0.36 11.19
CA ASP A 44 8.41 -0.90 11.75
C ASP A 44 9.48 -1.53 10.88
N GLY A 45 9.03 -2.24 9.85
CA GLY A 45 9.94 -2.87 8.93
C GLY A 45 9.33 -3.17 7.59
N LYS A 46 8.05 -3.54 7.56
CA LYS A 46 7.39 -3.87 6.32
C LYS A 46 6.92 -2.62 5.58
N MET A 47 7.01 -2.67 4.26
CA MET A 47 6.53 -1.59 3.44
C MET A 47 5.20 -2.02 2.84
N TRP A 48 4.31 -1.09 2.56
CA TRP A 48 2.99 -1.45 2.04
C TRP A 48 2.55 -0.54 0.89
N CYS A 49 1.30 -0.67 0.50
CA CYS A 49 0.69 0.10 -0.58
C CYS A 49 -0.81 0.15 -0.37
N ALA A 50 -1.45 1.23 -0.75
CA ALA A 50 -2.90 1.33 -0.59
C ALA A 50 -3.56 0.58 -1.74
N THR A 51 -4.73 0.02 -1.48
CA THR A 51 -5.44 -0.72 -2.50
C THR A 51 -6.53 0.15 -3.11
N THR A 52 -6.42 1.44 -2.85
CA THR A 52 -7.33 2.45 -3.36
C THR A 52 -6.56 3.72 -3.69
N ALA A 53 -7.06 4.50 -4.65
CA ALA A 53 -6.40 5.75 -5.06
C ALA A 53 -6.20 6.69 -3.89
N ASN A 54 -7.21 6.79 -3.04
CA ASN A 54 -7.14 7.64 -1.87
C ASN A 54 -7.29 6.79 -0.62
N TYR A 55 -6.19 6.61 0.09
CA TYR A 55 -6.17 5.79 1.28
C TYR A 55 -6.86 6.49 2.45
N ASP A 56 -6.64 7.79 2.58
CA ASP A 56 -7.21 8.56 3.68
C ASP A 56 -8.72 8.33 3.85
N ASP A 57 -9.43 8.21 2.74
CA ASP A 57 -10.87 8.02 2.77
C ASP A 57 -11.31 6.56 2.79
N ASP A 58 -10.63 5.69 2.04
CA ASP A 58 -11.03 4.28 1.96
C ASP A 58 -10.30 3.39 2.96
N ARG A 59 -9.12 3.83 3.38
CA ARG A 59 -8.27 3.14 4.35
C ARG A 59 -8.16 1.63 4.16
N LYS A 60 -7.86 1.23 2.93
CA LYS A 60 -7.63 -0.17 2.62
C LYS A 60 -6.20 -0.32 2.15
N TRP A 61 -5.44 -1.13 2.86
CA TRP A 61 -4.03 -1.28 2.56
C TRP A 61 -3.56 -2.73 2.46
N GLY A 62 -2.34 -2.85 1.97
CA GLY A 62 -1.69 -4.14 1.81
C GLY A 62 -0.21 -3.94 1.68
N PHE A 63 0.57 -4.88 2.20
CA PHE A 63 2.01 -4.82 2.15
C PHE A 63 2.54 -4.87 0.72
N CYS A 64 3.77 -4.41 0.55
CA CYS A 64 4.43 -4.42 -0.74
C CYS A 64 4.76 -5.88 -1.08
N PRO A 65 4.92 -6.24 -2.38
CA PRO A 65 5.22 -7.61 -2.86
C PRO A 65 6.05 -8.50 -1.93
N ASP A 66 7.26 -8.78 -2.35
CA ASP A 66 8.14 -9.65 -1.59
C ASP A 66 8.84 -8.89 -0.46
N GLN A 67 8.34 -9.07 0.75
CA GLN A 67 8.90 -8.41 1.93
C GLN A 67 9.60 -9.42 2.82
N GLY A 68 8.82 -10.18 3.57
CA GLY A 68 9.36 -11.17 4.47
C GLY A 68 8.36 -11.60 5.53
N SER A 9 2.54 -11.64 -13.77
CA SER A 9 2.60 -10.37 -13.01
C SER A 9 1.81 -10.51 -11.71
N TRP A 10 2.45 -10.16 -10.60
CA TRP A 10 1.81 -10.24 -9.29
C TRP A 10 2.26 -9.11 -8.39
N MET A 11 1.50 -8.03 -8.38
CA MET A 11 1.81 -6.87 -7.56
C MET A 11 0.73 -6.67 -6.51
N SER A 12 0.29 -7.78 -5.92
CA SER A 12 -0.76 -7.76 -4.92
C SER A 12 -0.19 -7.42 -3.54
N THR A 13 -1.03 -7.49 -2.52
CA THR A 13 -0.63 -7.16 -1.17
C THR A 13 -0.18 -8.39 -0.36
N VAL A 14 0.58 -8.12 0.69
CA VAL A 14 1.09 -9.17 1.59
C VAL A 14 0.74 -8.86 3.01
N GLY A 15 -0.04 -7.83 3.12
CA GLY A 15 -0.46 -7.34 4.40
C GLY A 15 -1.74 -6.57 4.28
N GLY A 16 -2.02 -5.74 5.26
CA GLY A 16 -3.21 -4.93 5.20
C GLY A 16 -4.49 -5.70 5.48
N ASN A 17 -5.57 -4.97 5.68
CA ASN A 17 -6.88 -5.58 5.92
C ASN A 17 -7.49 -6.15 4.64
N SER A 18 -6.86 -5.87 3.51
CA SER A 18 -7.34 -6.35 2.22
C SER A 18 -6.90 -7.81 2.03
N GLY A 19 -5.60 -8.04 2.15
CA GLY A 19 -5.04 -9.39 2.02
C GLY A 19 -5.38 -10.04 0.69
N GLY A 20 -4.66 -9.68 -0.35
CA GLY A 20 -4.90 -10.28 -1.65
C GLY A 20 -5.13 -9.26 -2.74
N ALA A 21 -5.77 -8.15 -2.40
CA ALA A 21 -6.06 -7.10 -3.38
C ALA A 21 -4.77 -6.42 -3.83
N PRO A 22 -4.72 -5.94 -5.07
CA PRO A 22 -3.54 -5.26 -5.60
C PRO A 22 -3.48 -3.80 -5.19
N CYS A 23 -2.28 -3.27 -5.09
CA CYS A 23 -2.10 -1.88 -4.70
C CYS A 23 -2.36 -0.96 -5.90
N VAL A 24 -3.04 0.16 -5.67
CA VAL A 24 -3.34 1.10 -6.74
C VAL A 24 -2.46 2.33 -6.64
N PHE A 25 -1.65 2.57 -7.67
CA PHE A 25 -0.78 3.72 -7.69
C PHE A 25 -1.25 4.71 -8.75
N PRO A 26 -1.07 6.02 -8.51
CA PRO A 26 -0.47 6.54 -7.28
C PRO A 26 -1.48 6.63 -6.14
N PHE A 27 -1.07 6.17 -4.97
CA PHE A 27 -1.94 6.24 -3.80
C PHE A 27 -1.42 7.30 -2.85
N THR A 28 -2.28 8.21 -2.45
CA THR A 28 -1.87 9.27 -1.56
C THR A 28 -2.09 8.89 -0.11
N PHE A 29 -1.04 9.02 0.69
CA PHE A 29 -1.11 8.72 2.10
C PHE A 29 -0.69 9.91 2.90
N LEU A 30 -1.46 10.19 3.93
CA LEU A 30 -1.19 11.22 4.88
C LEU A 30 -0.54 12.46 4.27
N GLY A 31 -1.11 12.90 3.16
CA GLY A 31 -0.64 14.09 2.48
C GLY A 31 0.29 13.87 1.30
N ASN A 32 0.96 12.71 1.19
CA ASN A 32 1.88 12.51 0.08
C ASN A 32 1.40 11.45 -0.90
N LYS A 33 1.49 11.76 -2.18
CA LYS A 33 1.10 10.86 -3.23
C LYS A 33 2.20 9.83 -3.44
N TYR A 34 1.86 8.55 -3.36
CA TYR A 34 2.86 7.51 -3.53
C TYR A 34 2.68 6.77 -4.82
N GLU A 35 3.73 6.78 -5.61
CA GLU A 35 3.74 6.10 -6.89
C GLU A 35 4.47 4.77 -6.75
N SER A 36 5.11 4.60 -5.61
CA SER A 36 5.81 3.39 -5.30
C SER A 36 5.37 2.95 -3.90
N CYS A 37 5.79 1.77 -3.47
CA CYS A 37 5.41 1.31 -2.15
C CYS A 37 6.02 2.22 -1.10
N THR A 38 5.46 2.17 0.09
CA THR A 38 5.92 3.02 1.17
C THR A 38 5.96 2.22 2.47
N SER A 39 6.47 2.84 3.50
CA SER A 39 6.52 2.23 4.81
C SER A 39 5.89 3.22 5.78
N ALA A 40 5.07 4.10 5.19
CA ALA A 40 4.35 5.15 5.91
C ALA A 40 3.41 4.59 6.95
N GLY A 41 3.37 5.22 8.12
CA GLY A 41 2.50 4.78 9.18
C GLY A 41 3.00 3.54 9.88
N ARG A 42 4.08 2.95 9.36
CA ARG A 42 4.61 1.74 9.97
C ARG A 42 5.87 2.05 10.78
N SER A 43 6.13 1.23 11.78
CA SER A 43 7.30 1.40 12.63
C SER A 43 8.14 0.12 12.67
N ASP A 44 7.72 -0.88 11.91
CA ASP A 44 8.45 -2.14 11.86
C ASP A 44 9.49 -2.12 10.77
N GLY A 45 9.04 -2.27 9.55
CA GLY A 45 9.92 -2.26 8.42
C GLY A 45 9.24 -2.70 7.13
N LYS A 46 8.17 -3.47 7.28
CA LYS A 46 7.43 -3.98 6.14
C LYS A 46 6.87 -2.83 5.30
N MET A 47 7.17 -2.82 4.02
CA MET A 47 6.65 -1.80 3.16
C MET A 47 5.30 -2.23 2.59
N TRP A 48 4.41 -1.29 2.44
CA TRP A 48 3.07 -1.58 1.94
C TRP A 48 2.67 -0.61 0.83
N CYS A 49 1.38 -0.61 0.53
CA CYS A 49 0.80 0.25 -0.48
C CYS A 49 -0.72 0.18 -0.37
N ALA A 50 -1.40 1.25 -0.73
CA ALA A 50 -2.85 1.27 -0.65
C ALA A 50 -3.47 0.49 -1.78
N THR A 51 -4.63 -0.09 -1.52
CA THR A 51 -5.34 -0.86 -2.51
C THR A 51 -6.38 0.02 -3.19
N THR A 52 -6.31 1.30 -2.88
CA THR A 52 -7.18 2.31 -3.43
C THR A 52 -6.34 3.49 -3.91
N ALA A 53 -6.81 4.21 -4.92
CA ALA A 53 -6.08 5.36 -5.45
C ALA A 53 -5.83 6.41 -4.37
N ASN A 54 -6.79 6.59 -3.48
CA ASN A 54 -6.65 7.53 -2.38
C ASN A 54 -6.84 6.78 -1.08
N TYR A 55 -5.77 6.68 -0.31
CA TYR A 55 -5.80 5.97 0.96
C TYR A 55 -6.48 6.77 2.04
N ASP A 56 -6.24 8.09 2.06
CA ASP A 56 -6.83 8.98 3.08
C ASP A 56 -8.32 8.73 3.29
N ASP A 57 -9.02 8.41 2.21
CA ASP A 57 -10.46 8.15 2.27
C ASP A 57 -10.80 6.73 2.72
N ASP A 58 -10.66 5.78 1.79
CA ASP A 58 -11.01 4.38 2.03
C ASP A 58 -10.11 3.65 3.01
N ARG A 59 -8.89 4.18 3.23
CA ARG A 59 -7.93 3.60 4.14
C ARG A 59 -7.81 2.08 4.03
N LYS A 60 -7.64 1.62 2.80
CA LYS A 60 -7.49 0.21 2.52
C LYS A 60 -6.06 -0.02 2.05
N TRP A 61 -5.34 -0.82 2.81
CA TRP A 61 -3.93 -1.04 2.53
C TRP A 61 -3.54 -2.51 2.47
N GLY A 62 -2.27 -2.71 2.16
CA GLY A 62 -1.68 -4.02 2.05
C GLY A 62 -0.21 -3.92 1.77
N PHE A 63 0.57 -4.92 2.15
CA PHE A 63 2.01 -4.89 1.95
C PHE A 63 2.42 -4.89 0.49
N CYS A 64 3.66 -4.47 0.26
CA CYS A 64 4.25 -4.43 -1.08
C CYS A 64 4.64 -5.85 -1.48
N PRO A 65 4.43 -6.23 -2.75
CA PRO A 65 4.74 -7.59 -3.24
C PRO A 65 6.23 -7.92 -3.29
N ASP A 66 6.58 -8.78 -4.24
CA ASP A 66 7.96 -9.21 -4.42
C ASP A 66 8.84 -8.05 -4.84
N GLN A 67 9.73 -7.66 -3.94
CA GLN A 67 10.66 -6.56 -4.19
C GLN A 67 12.07 -7.10 -4.38
N GLY A 68 12.99 -6.66 -3.53
CA GLY A 68 14.37 -7.12 -3.63
C GLY A 68 15.09 -6.97 -2.31
N SER A 9 -1.99 -6.89 -15.77
CA SER A 9 -2.67 -7.89 -14.92
C SER A 9 -2.71 -7.43 -13.46
N TRP A 10 -3.76 -7.82 -12.75
CA TRP A 10 -3.92 -7.43 -11.35
C TRP A 10 -2.97 -8.24 -10.47
N MET A 11 -2.39 -7.60 -9.47
CA MET A 11 -1.47 -8.26 -8.55
C MET A 11 -2.16 -8.55 -7.23
N SER A 12 -1.43 -9.14 -6.30
CA SER A 12 -1.97 -9.45 -4.99
C SER A 12 -1.05 -8.90 -3.92
N THR A 13 -1.60 -8.67 -2.74
CA THR A 13 -0.80 -8.13 -1.65
C THR A 13 -0.55 -9.16 -0.55
N VAL A 14 0.20 -8.72 0.43
CA VAL A 14 0.54 -9.49 1.61
C VAL A 14 0.25 -8.56 2.77
N GLY A 15 0.17 -9.04 3.99
CA GLY A 15 -0.11 -8.11 5.06
C GLY A 15 -1.46 -7.44 4.89
N GLY A 16 -1.56 -6.19 5.36
CA GLY A 16 -2.78 -5.41 5.20
C GLY A 16 -4.05 -6.10 5.67
N ASN A 17 -5.16 -5.72 5.07
CA ASN A 17 -6.46 -6.31 5.41
C ASN A 17 -7.38 -6.34 4.19
N SER A 18 -6.79 -6.25 3.01
CA SER A 18 -7.54 -6.26 1.78
C SER A 18 -7.88 -7.68 1.35
N GLY A 19 -7.04 -8.64 1.74
CA GLY A 19 -7.29 -10.03 1.39
C GLY A 19 -6.82 -10.39 -0.01
N GLY A 20 -7.56 -9.94 -1.01
CA GLY A 20 -7.20 -10.22 -2.38
C GLY A 20 -7.30 -8.99 -3.25
N ALA A 21 -6.54 -7.96 -2.91
CA ALA A 21 -6.55 -6.72 -3.66
C ALA A 21 -5.14 -6.26 -4.00
N PRO A 22 -4.95 -5.64 -5.18
CA PRO A 22 -3.65 -5.16 -5.63
C PRO A 22 -3.36 -3.75 -5.11
N CYS A 23 -2.16 -3.24 -5.35
CA CYS A 23 -1.81 -1.91 -4.93
C CYS A 23 -2.28 -0.90 -5.97
N VAL A 24 -3.02 0.12 -5.56
CA VAL A 24 -3.48 1.12 -6.49
C VAL A 24 -2.53 2.31 -6.49
N PHE A 25 -1.77 2.46 -7.57
CA PHE A 25 -0.80 3.54 -7.68
C PHE A 25 -1.25 4.56 -8.72
N PRO A 26 -1.01 5.85 -8.45
CA PRO A 26 -0.37 6.29 -7.21
C PRO A 26 -1.39 6.39 -6.07
N PHE A 27 -1.00 5.96 -4.87
CA PHE A 27 -1.89 6.05 -3.74
C PHE A 27 -1.44 7.16 -2.82
N THR A 28 -2.38 7.97 -2.36
CA THR A 28 -2.02 9.07 -1.49
C THR A 28 -2.20 8.69 -0.03
N PHE A 29 -1.10 8.77 0.71
CA PHE A 29 -1.13 8.46 2.13
C PHE A 29 -0.78 9.69 2.92
N LEU A 30 -1.57 9.91 3.94
CA LEU A 30 -1.38 10.97 4.90
C LEU A 30 -0.75 12.23 4.32
N GLY A 31 -1.28 12.63 3.18
CA GLY A 31 -0.83 13.86 2.54
C GLY A 31 0.17 13.70 1.39
N ASN A 32 0.76 12.52 1.18
CA ASN A 32 1.75 12.38 0.11
C ASN A 32 1.29 11.43 -1.00
N LYS A 33 1.87 11.62 -2.18
CA LYS A 33 1.57 10.80 -3.33
C LYS A 33 2.55 9.62 -3.40
N TYR A 34 2.04 8.39 -3.40
CA TYR A 34 2.91 7.24 -3.45
C TYR A 34 2.72 6.46 -4.73
N GLU A 35 3.73 6.50 -5.56
CA GLU A 35 3.72 5.82 -6.84
C GLU A 35 4.30 4.42 -6.71
N SER A 36 4.86 4.15 -5.55
CA SER A 36 5.44 2.88 -5.25
C SER A 36 5.08 2.50 -3.83
N CYS A 37 5.74 1.50 -3.27
CA CYS A 37 5.45 1.11 -1.91
C CYS A 37 5.97 2.15 -0.93
N THR A 38 5.55 2.04 0.31
CA THR A 38 5.95 2.96 1.35
C THR A 38 6.04 2.22 2.67
N SER A 39 6.54 2.91 3.68
CA SER A 39 6.64 2.37 5.01
C SER A 39 5.97 3.36 5.95
N ALA A 40 5.13 4.21 5.33
CA ALA A 40 4.38 5.25 6.02
C ALA A 40 3.41 4.70 7.04
N GLY A 41 3.33 5.38 8.17
CA GLY A 41 2.43 4.97 9.22
C GLY A 41 2.90 3.73 9.95
N ARG A 42 4.03 3.17 9.53
CA ARG A 42 4.55 1.97 10.16
C ARG A 42 5.73 2.26 11.06
N SER A 43 5.79 1.56 12.17
CA SER A 43 6.87 1.71 13.14
C SER A 43 7.77 0.49 13.14
N ASP A 44 7.44 -0.50 12.31
CA ASP A 44 8.24 -1.72 12.24
C ASP A 44 9.32 -1.61 11.17
N GLY A 45 8.94 -1.94 9.97
CA GLY A 45 9.85 -1.90 8.85
C GLY A 45 9.27 -2.55 7.61
N LYS A 46 8.13 -3.21 7.73
CA LYS A 46 7.50 -3.86 6.58
C LYS A 46 6.89 -2.82 5.67
N MET A 47 7.41 -2.67 4.47
CA MET A 47 6.85 -1.71 3.55
C MET A 47 5.52 -2.24 3.03
N TRP A 48 4.61 -1.34 2.69
CA TRP A 48 3.29 -1.74 2.21
C TRP A 48 2.84 -0.87 1.03
N CYS A 49 1.55 -0.92 0.73
CA CYS A 49 0.95 -0.14 -0.35
C CYS A 49 -0.55 -0.04 -0.10
N ALA A 50 -1.20 0.99 -0.62
CA ALA A 50 -2.63 1.11 -0.44
C ALA A 50 -3.34 0.41 -1.56
N THR A 51 -4.47 -0.20 -1.27
CA THR A 51 -5.22 -0.91 -2.28
C THR A 51 -6.37 -0.06 -2.79
N THR A 52 -6.30 1.22 -2.45
CA THR A 52 -7.27 2.21 -2.87
C THR A 52 -6.53 3.48 -3.29
N ALA A 53 -7.07 4.20 -4.27
CA ALA A 53 -6.44 5.42 -4.77
C ALA A 53 -6.11 6.38 -3.64
N ASN A 54 -7.09 6.61 -2.78
CA ASN A 54 -6.89 7.47 -1.62
C ASN A 54 -7.00 6.62 -0.37
N TYR A 55 -5.89 6.47 0.32
CA TYR A 55 -5.85 5.64 1.52
C TYR A 55 -6.53 6.32 2.69
N ASP A 56 -6.35 7.63 2.84
CA ASP A 56 -6.95 8.38 3.94
C ASP A 56 -8.43 8.08 4.12
N ASP A 57 -9.13 7.88 3.01
CA ASP A 57 -10.56 7.61 3.04
C ASP A 57 -10.89 6.15 3.38
N ASP A 58 -10.58 5.25 2.47
CA ASP A 58 -10.90 3.82 2.62
C ASP A 58 -9.96 3.08 3.58
N ARG A 59 -8.77 3.60 3.78
CA ARG A 59 -7.78 2.99 4.66
C ARG A 59 -7.64 1.49 4.48
N LYS A 60 -7.46 1.09 3.23
CA LYS A 60 -7.27 -0.30 2.89
C LYS A 60 -5.86 -0.47 2.39
N TRP A 61 -5.08 -1.25 3.11
CA TRP A 61 -3.67 -1.42 2.79
C TRP A 61 -3.24 -2.86 2.65
N GLY A 62 -2.02 -3.01 2.16
CA GLY A 62 -1.41 -4.31 1.96
C GLY A 62 0.10 -4.17 1.88
N PHE A 63 0.80 -5.07 2.53
CA PHE A 63 2.27 -5.07 2.54
C PHE A 63 2.83 -5.20 1.14
N CYS A 64 4.08 -4.78 1.00
CA CYS A 64 4.79 -4.82 -0.26
C CYS A 64 5.54 -6.14 -0.39
N PRO A 65 5.70 -6.67 -1.63
CA PRO A 65 6.42 -7.92 -1.89
C PRO A 65 7.90 -7.84 -1.53
N ASP A 66 8.72 -7.93 -2.53
CA ASP A 66 10.17 -7.87 -2.37
C ASP A 66 10.58 -6.56 -1.70
N GLN A 67 10.92 -6.64 -0.43
CA GLN A 67 11.33 -5.47 0.34
C GLN A 67 12.84 -5.36 0.39
N GLY A 68 13.51 -6.41 -0.08
CA GLY A 68 14.95 -6.42 -0.07
C GLY A 68 15.51 -7.62 0.66
N SER A 9 1.87 -15.43 -7.06
CA SER A 9 0.69 -15.69 -7.90
C SER A 9 -0.30 -14.53 -7.83
N TRP A 10 -0.48 -13.84 -8.97
CA TRP A 10 -1.38 -12.67 -9.06
C TRP A 10 -0.77 -11.47 -8.35
N MET A 11 -1.07 -10.27 -8.86
CA MET A 11 -0.55 -9.03 -8.30
C MET A 11 -1.30 -8.64 -7.02
N SER A 12 -1.24 -9.52 -6.02
CA SER A 12 -1.89 -9.28 -4.75
C SER A 12 -0.95 -8.64 -3.74
N THR A 13 -1.47 -8.32 -2.57
CA THR A 13 -0.68 -7.71 -1.52
C THR A 13 -0.48 -8.65 -0.34
N VAL A 14 0.36 -8.21 0.59
CA VAL A 14 0.63 -8.94 1.82
C VAL A 14 0.08 -8.11 2.95
N GLY A 15 0.44 -8.44 4.18
CA GLY A 15 0.01 -7.66 5.34
C GLY A 15 -1.41 -7.15 5.21
N GLY A 16 -1.53 -5.83 5.39
CA GLY A 16 -2.80 -5.11 5.24
C GLY A 16 -4.05 -5.88 5.62
N ASN A 17 -5.10 -5.65 4.83
CA ASN A 17 -6.40 -6.29 5.02
C ASN A 17 -7.15 -6.35 3.70
N SER A 18 -6.39 -6.39 2.61
CA SER A 18 -6.92 -6.42 1.27
C SER A 18 -7.20 -7.86 0.81
N GLY A 19 -6.39 -8.79 1.27
CA GLY A 19 -6.57 -10.18 0.86
C GLY A 19 -5.87 -10.47 -0.45
N GLY A 20 -6.47 -10.01 -1.55
CA GLY A 20 -5.88 -10.22 -2.85
C GLY A 20 -5.96 -8.99 -3.73
N ALA A 21 -6.20 -7.83 -3.13
CA ALA A 21 -6.29 -6.59 -3.88
C ALA A 21 -4.90 -6.03 -4.18
N PRO A 22 -4.72 -5.46 -5.38
CA PRO A 22 -3.45 -4.87 -5.78
C PRO A 22 -3.30 -3.45 -5.29
N CYS A 23 -2.09 -2.91 -5.34
CA CYS A 23 -1.86 -1.55 -4.89
C CYS A 23 -2.27 -0.56 -5.97
N VAL A 24 -2.95 0.51 -5.58
CA VAL A 24 -3.37 1.53 -6.53
C VAL A 24 -2.37 2.69 -6.55
N PHE A 25 -1.59 2.77 -7.62
CA PHE A 25 -0.59 3.82 -7.73
C PHE A 25 -0.97 4.81 -8.83
N PRO A 26 -0.77 6.10 -8.56
CA PRO A 26 -0.24 6.58 -7.28
C PRO A 26 -1.33 6.82 -6.26
N PHE A 27 -1.11 6.36 -5.04
CA PHE A 27 -2.08 6.60 -3.99
C PHE A 27 -1.65 7.80 -3.18
N THR A 28 -2.29 8.03 -2.05
CA THR A 28 -1.93 9.17 -1.25
C THR A 28 -2.11 8.89 0.23
N PHE A 29 -1.04 9.14 0.98
CA PHE A 29 -1.06 8.95 2.42
C PHE A 29 -0.53 10.22 3.06
N LEU A 30 -1.09 10.58 4.20
CA LEU A 30 -0.70 11.74 4.98
C LEU A 30 -0.36 12.95 4.12
N GLY A 31 -1.09 13.11 3.01
CA GLY A 31 -0.87 14.25 2.14
C GLY A 31 0.11 14.00 1.00
N ASN A 32 0.87 12.90 1.02
CA ASN A 32 1.83 12.64 -0.03
C ASN A 32 1.37 11.54 -0.96
N LYS A 33 1.53 11.76 -2.27
CA LYS A 33 1.16 10.79 -3.25
C LYS A 33 2.22 9.72 -3.34
N TYR A 34 1.84 8.46 -3.20
CA TYR A 34 2.82 7.39 -3.26
C TYR A 34 2.67 6.60 -4.53
N GLU A 35 3.71 6.68 -5.33
CA GLU A 35 3.79 6.01 -6.60
C GLU A 35 4.41 4.64 -6.46
N SER A 36 5.13 4.47 -5.35
CA SER A 36 5.76 3.22 -5.03
C SER A 36 5.31 2.81 -3.63
N CYS A 37 5.86 1.73 -3.10
CA CYS A 37 5.47 1.32 -1.77
C CYS A 37 5.97 2.33 -0.76
N THR A 38 5.41 2.28 0.42
CA THR A 38 5.80 3.21 1.47
C THR A 38 5.90 2.48 2.79
N SER A 39 6.42 3.17 3.79
CA SER A 39 6.53 2.64 5.12
C SER A 39 5.85 3.63 6.07
N ALA A 40 4.97 4.44 5.48
CA ALA A 40 4.22 5.45 6.19
C ALA A 40 3.25 4.83 7.19
N GLY A 41 3.14 5.46 8.34
CA GLY A 41 2.25 4.97 9.37
C GLY A 41 2.79 3.75 10.08
N ARG A 42 3.94 3.27 9.64
CA ARG A 42 4.56 2.10 10.23
C ARG A 42 5.80 2.48 11.02
N SER A 43 5.93 1.93 12.21
CA SER A 43 7.07 2.20 13.05
C SER A 43 8.06 1.04 13.01
N ASP A 44 7.75 0.02 12.22
CA ASP A 44 8.62 -1.14 12.10
C ASP A 44 9.58 -1.01 10.93
N GLY A 45 9.08 -1.34 9.76
CA GLY A 45 9.87 -1.26 8.56
C GLY A 45 9.20 -1.95 7.39
N LYS A 46 8.16 -2.74 7.69
CA LYS A 46 7.40 -3.46 6.68
C LYS A 46 6.74 -2.50 5.70
N MET A 47 7.37 -2.31 4.55
CA MET A 47 6.81 -1.41 3.56
C MET A 47 5.54 -1.99 2.96
N TRP A 48 4.55 -1.14 2.77
CA TRP A 48 3.27 -1.55 2.22
C TRP A 48 2.85 -0.67 1.04
N CYS A 49 1.58 -0.78 0.67
CA CYS A 49 1.00 -0.01 -0.43
C CYS A 49 -0.51 0.06 -0.23
N ALA A 50 -1.14 1.13 -0.68
CA ALA A 50 -2.59 1.24 -0.53
C ALA A 50 -3.29 0.54 -1.66
N THR A 51 -4.45 0.00 -1.37
CA THR A 51 -5.22 -0.70 -2.37
C THR A 51 -6.36 0.18 -2.84
N THR A 52 -6.29 1.44 -2.44
CA THR A 52 -7.26 2.45 -2.82
C THR A 52 -6.51 3.68 -3.32
N ALA A 53 -7.12 4.43 -4.25
CA ALA A 53 -6.49 5.63 -4.80
C ALA A 53 -6.15 6.63 -3.70
N ASN A 54 -7.05 6.81 -2.77
CA ASN A 54 -6.82 7.69 -1.65
C ASN A 54 -6.87 6.87 -0.38
N TYR A 55 -5.71 6.68 0.23
CA TYR A 55 -5.63 5.86 1.43
C TYR A 55 -6.13 6.60 2.67
N ASP A 56 -5.90 7.90 2.73
CA ASP A 56 -6.34 8.71 3.87
C ASP A 56 -7.82 8.49 4.18
N ASP A 57 -8.62 8.28 3.15
CA ASP A 57 -10.05 8.08 3.31
C ASP A 57 -10.43 6.61 3.57
N ASP A 58 -10.40 5.81 2.51
CA ASP A 58 -10.81 4.39 2.58
C ASP A 58 -9.88 3.54 3.44
N ARG A 59 -8.66 4.03 3.68
CA ARG A 59 -7.65 3.36 4.49
C ARG A 59 -7.59 1.84 4.29
N LYS A 60 -7.43 1.42 3.04
CA LYS A 60 -7.28 0.01 2.75
C LYS A 60 -5.86 -0.22 2.24
N TRP A 61 -5.13 -1.03 2.97
CA TRP A 61 -3.73 -1.24 2.66
C TRP A 61 -3.33 -2.70 2.57
N GLY A 62 -2.10 -2.87 2.15
CA GLY A 62 -1.50 -4.18 2.00
C GLY A 62 0.00 -4.04 1.88
N PHE A 63 0.74 -4.98 2.44
CA PHE A 63 2.20 -4.93 2.39
C PHE A 63 2.72 -4.99 0.96
N CYS A 64 3.93 -4.48 0.79
CA CYS A 64 4.61 -4.47 -0.51
C CYS A 64 5.00 -5.91 -0.86
N PRO A 65 4.87 -6.31 -2.14
CA PRO A 65 5.20 -7.67 -2.59
C PRO A 65 6.69 -7.98 -2.48
N ASP A 66 7.20 -8.73 -3.45
CA ASP A 66 8.60 -9.09 -3.47
C ASP A 66 9.48 -7.85 -3.59
N GLN A 67 9.77 -7.24 -2.45
CA GLN A 67 10.56 -6.04 -2.38
C GLN A 67 12.06 -6.33 -2.46
N GLY A 68 12.42 -7.60 -2.30
CA GLY A 68 13.81 -7.98 -2.36
C GLY A 68 14.20 -8.45 -3.75
N SER A 9 -2.22 -11.53 -12.82
CA SER A 9 -2.91 -10.32 -12.29
C SER A 9 -1.91 -9.26 -11.86
N TRP A 10 -2.42 -8.14 -11.36
CA TRP A 10 -1.57 -7.05 -10.88
C TRP A 10 -0.97 -7.45 -9.54
N MET A 11 0.06 -6.71 -9.11
CA MET A 11 0.75 -6.99 -7.86
C MET A 11 -0.23 -7.14 -6.69
N SER A 12 -0.46 -8.38 -6.27
CA SER A 12 -1.37 -8.68 -5.17
C SER A 12 -0.71 -8.35 -3.84
N THR A 13 -1.52 -8.16 -2.80
CA THR A 13 -1.00 -7.80 -1.50
C THR A 13 -0.74 -8.99 -0.58
N VAL A 14 0.04 -8.68 0.44
CA VAL A 14 0.43 -9.57 1.49
C VAL A 14 0.34 -8.72 2.74
N GLY A 15 0.28 -9.28 3.93
CA GLY A 15 0.18 -8.40 5.08
C GLY A 15 -1.12 -7.61 5.07
N GLY A 16 -1.09 -6.40 5.60
CA GLY A 16 -2.25 -5.53 5.60
C GLY A 16 -3.52 -6.20 6.09
N ASN A 17 -4.64 -5.93 5.41
CA ASN A 17 -5.93 -6.51 5.77
C ASN A 17 -6.88 -6.57 4.58
N SER A 18 -6.35 -6.52 3.37
CA SER A 18 -7.16 -6.53 2.18
C SER A 18 -7.28 -7.94 1.58
N GLY A 19 -6.45 -8.85 2.05
CA GLY A 19 -6.50 -10.23 1.54
C GLY A 19 -5.56 -10.46 0.39
N GLY A 20 -5.96 -10.02 -0.80
CA GLY A 20 -5.13 -10.19 -1.98
C GLY A 20 -5.39 -9.15 -3.03
N ALA A 21 -5.92 -8.01 -2.62
CA ALA A 21 -6.22 -6.92 -3.53
C ALA A 21 -4.94 -6.29 -4.05
N PRO A 22 -4.93 -5.82 -5.30
CA PRO A 22 -3.75 -5.20 -5.89
C PRO A 22 -3.53 -3.77 -5.40
N CYS A 23 -2.27 -3.42 -5.14
CA CYS A 23 -1.95 -2.07 -4.68
C CYS A 23 -2.13 -1.06 -5.82
N VAL A 24 -2.94 -0.04 -5.57
CA VAL A 24 -3.22 0.99 -6.56
C VAL A 24 -2.22 2.14 -6.45
N PHE A 25 -1.52 2.41 -7.54
CA PHE A 25 -0.54 3.48 -7.59
C PHE A 25 -0.95 4.51 -8.63
N PRO A 26 -0.76 5.80 -8.33
CA PRO A 26 -0.18 6.25 -7.06
C PRO A 26 -1.24 6.39 -5.97
N PHE A 27 -0.94 5.85 -4.79
CA PHE A 27 -1.88 5.98 -3.68
C PHE A 27 -1.40 7.05 -2.75
N THR A 28 -2.28 7.93 -2.35
CA THR A 28 -1.88 9.04 -1.49
C THR A 28 -2.12 8.74 -0.02
N PHE A 29 -1.06 8.92 0.77
CA PHE A 29 -1.11 8.73 2.21
C PHE A 29 -0.57 9.99 2.86
N LEU A 30 -1.13 10.36 4.00
CA LEU A 30 -0.73 11.52 4.77
C LEU A 30 -0.38 12.73 3.90
N GLY A 31 -1.08 12.87 2.77
CA GLY A 31 -0.84 14.00 1.88
C GLY A 31 0.19 13.76 0.78
N ASN A 32 0.90 12.63 0.81
CA ASN A 32 1.91 12.35 -0.19
C ASN A 32 1.47 11.24 -1.14
N LYS A 33 1.69 11.46 -2.43
CA LYS A 33 1.36 10.50 -3.45
C LYS A 33 2.41 9.40 -3.49
N TYR A 34 2.00 8.16 -3.31
CA TYR A 34 2.94 7.06 -3.31
C TYR A 34 2.82 6.24 -4.58
N GLU A 35 3.85 6.34 -5.38
CA GLU A 35 3.94 5.65 -6.65
C GLU A 35 4.51 4.25 -6.45
N SER A 36 5.21 4.09 -5.34
CA SER A 36 5.81 2.84 -4.97
C SER A 36 5.33 2.48 -3.57
N CYS A 37 5.85 1.39 -3.01
CA CYS A 37 5.47 1.01 -1.67
C CYS A 37 5.96 2.05 -0.68
N THR A 38 5.40 2.03 0.50
CA THR A 38 5.76 2.96 1.54
C THR A 38 5.89 2.25 2.88
N SER A 39 6.34 2.98 3.87
CA SER A 39 6.46 2.45 5.20
C SER A 39 5.72 3.39 6.14
N ALA A 40 4.93 4.26 5.52
CA ALA A 40 4.13 5.25 6.22
C ALA A 40 3.12 4.60 7.14
N GLY A 41 2.97 5.16 8.33
CA GLY A 41 2.03 4.63 9.29
C GLY A 41 2.58 3.42 10.02
N ARG A 42 3.71 2.89 9.59
CA ARG A 42 4.31 1.74 10.25
C ARG A 42 5.52 2.14 11.07
N SER A 43 5.65 1.56 12.24
CA SER A 43 6.78 1.85 13.12
C SER A 43 7.72 0.66 13.21
N ASP A 44 7.44 -0.41 12.46
CA ASP A 44 8.28 -1.59 12.50
C ASP A 44 9.33 -1.57 11.42
N GLY A 45 8.94 -1.88 10.20
CA GLY A 45 9.87 -1.88 9.10
C GLY A 45 9.28 -2.38 7.80
N LYS A 46 8.34 -3.32 7.87
CA LYS A 46 7.74 -3.87 6.67
C LYS A 46 7.05 -2.79 5.84
N MET A 47 7.40 -2.71 4.58
CA MET A 47 6.81 -1.72 3.71
C MET A 47 5.52 -2.27 3.12
N TRP A 48 4.58 -1.40 2.81
CA TRP A 48 3.29 -1.80 2.28
C TRP A 48 2.85 -0.87 1.14
N CYS A 49 1.59 -0.99 0.74
CA CYS A 49 1.01 -0.17 -0.30
C CYS A 49 -0.51 -0.23 -0.20
N ALA A 50 -1.17 0.89 -0.46
CA ALA A 50 -2.63 0.93 -0.37
C ALA A 50 -3.25 0.16 -1.52
N THR A 51 -4.46 -0.31 -1.30
CA THR A 51 -5.18 -1.06 -2.31
C THR A 51 -6.25 -0.18 -2.95
N THR A 52 -6.18 1.10 -2.62
CA THR A 52 -7.09 2.10 -3.15
C THR A 52 -6.29 3.31 -3.61
N ALA A 53 -6.85 4.09 -4.55
CA ALA A 53 -6.16 5.27 -5.06
C ALA A 53 -5.83 6.26 -3.94
N ASN A 54 -6.72 6.37 -2.97
CA ASN A 54 -6.52 7.26 -1.84
C ASN A 54 -6.65 6.44 -0.57
N TYR A 55 -5.55 6.30 0.15
CA TYR A 55 -5.53 5.50 1.37
C TYR A 55 -6.14 6.24 2.55
N ASP A 56 -6.01 7.55 2.58
CA ASP A 56 -6.55 8.36 3.68
C ASP A 56 -8.07 8.17 3.83
N ASP A 57 -8.75 8.00 2.71
CA ASP A 57 -10.20 7.81 2.70
C ASP A 57 -10.60 6.38 3.07
N ASP A 58 -10.22 5.43 2.22
CA ASP A 58 -10.57 4.02 2.42
C ASP A 58 -9.81 3.34 3.55
N ARG A 59 -8.55 3.70 3.73
CA ARG A 59 -7.70 3.11 4.77
C ARG A 59 -7.66 1.59 4.70
N LYS A 60 -7.48 1.07 3.48
CA LYS A 60 -7.35 -0.35 3.25
C LYS A 60 -5.96 -0.58 2.69
N TRP A 61 -5.17 -1.38 3.37
CA TRP A 61 -3.80 -1.55 2.97
C TRP A 61 -3.33 -3.00 2.93
N GLY A 62 -2.13 -3.14 2.40
CA GLY A 62 -1.47 -4.41 2.29
C GLY A 62 0.01 -4.20 2.10
N PHE A 63 0.81 -5.11 2.62
CA PHE A 63 2.26 -5.03 2.52
C PHE A 63 2.72 -4.99 1.06
N CYS A 64 3.97 -4.59 0.88
CA CYS A 64 4.57 -4.50 -0.44
C CYS A 64 4.60 -5.88 -1.08
N PRO A 65 4.20 -6.01 -2.36
CA PRO A 65 4.17 -7.30 -3.08
C PRO A 65 5.55 -7.84 -3.39
N ASP A 66 5.66 -8.52 -4.53
CA ASP A 66 6.90 -9.13 -4.97
C ASP A 66 8.02 -8.09 -5.03
N GLN A 67 8.95 -8.18 -4.10
CA GLN A 67 10.07 -7.26 -4.03
C GLN A 67 11.34 -7.91 -4.57
N GLY A 68 11.62 -7.67 -5.85
CA GLY A 68 12.80 -8.24 -6.46
C GLY A 68 13.97 -7.30 -6.41
N SER A 9 1.26 -14.37 -12.38
CA SER A 9 0.48 -13.23 -12.92
C SER A 9 0.21 -12.18 -11.85
N TRP A 10 1.15 -12.06 -10.90
CA TRP A 10 1.05 -11.09 -9.80
C TRP A 10 -0.13 -11.41 -8.90
N MET A 11 0.16 -12.05 -7.77
CA MET A 11 -0.86 -12.43 -6.81
C MET A 11 -1.25 -11.25 -5.90
N SER A 12 -1.91 -10.25 -6.48
CA SER A 12 -2.37 -9.08 -5.76
C SER A 12 -1.33 -8.56 -4.76
N THR A 13 -1.78 -8.27 -3.57
CA THR A 13 -0.92 -7.76 -2.52
C THR A 13 -0.57 -8.82 -1.49
N VAL A 14 0.25 -8.42 -0.55
CA VAL A 14 0.68 -9.22 0.55
C VAL A 14 0.51 -8.34 1.76
N GLY A 15 0.43 -8.87 2.95
CA GLY A 15 0.25 -7.97 4.07
C GLY A 15 -1.11 -7.32 4.03
N GLY A 16 -1.17 -6.08 4.50
CA GLY A 16 -2.39 -5.29 4.48
C GLY A 16 -3.65 -6.02 4.90
N ASN A 17 -4.76 -5.68 4.24
CA ASN A 17 -6.05 -6.29 4.53
C ASN A 17 -6.99 -6.17 3.32
N SER A 18 -6.39 -6.13 2.13
CA SER A 18 -7.13 -6.01 0.89
C SER A 18 -7.74 -7.33 0.46
N GLY A 19 -7.03 -8.42 0.73
CA GLY A 19 -7.52 -9.74 0.34
C GLY A 19 -7.04 -10.14 -1.04
N GLY A 20 -7.47 -9.40 -2.05
CA GLY A 20 -7.06 -9.70 -3.41
C GLY A 20 -7.06 -8.47 -4.29
N ALA A 21 -6.80 -7.33 -3.67
CA ALA A 21 -6.75 -6.06 -4.40
C ALA A 21 -5.31 -5.64 -4.68
N PRO A 22 -5.06 -5.02 -5.83
CA PRO A 22 -3.71 -4.56 -6.19
C PRO A 22 -3.43 -3.15 -5.66
N CYS A 23 -2.17 -2.74 -5.68
CA CYS A 23 -1.81 -1.41 -5.20
C CYS A 23 -2.08 -0.36 -6.28
N VAL A 24 -2.96 0.59 -5.97
CA VAL A 24 -3.31 1.65 -6.90
C VAL A 24 -2.29 2.77 -6.84
N PHE A 25 -1.63 3.01 -7.97
CA PHE A 25 -0.63 4.06 -8.05
C PHE A 25 -1.08 5.14 -9.02
N PRO A 26 -0.92 6.41 -8.62
CA PRO A 26 -0.36 6.78 -7.33
C PRO A 26 -1.41 6.82 -6.23
N PHE A 27 -1.06 6.29 -5.06
CA PHE A 27 -1.96 6.32 -3.93
C PHE A 27 -1.55 7.44 -3.00
N THR A 28 -2.48 8.28 -2.62
CA THR A 28 -2.14 9.41 -1.77
C THR A 28 -2.28 9.08 -0.29
N PHE A 29 -1.22 9.35 0.44
CA PHE A 29 -1.19 9.14 1.88
C PHE A 29 -0.64 10.39 2.54
N LEU A 30 -1.20 10.74 3.69
CA LEU A 30 -0.80 11.87 4.48
C LEU A 30 -0.43 13.11 3.66
N GLY A 31 -1.20 13.35 2.60
CA GLY A 31 -0.98 14.51 1.74
C GLY A 31 -0.01 14.29 0.59
N ASN A 32 0.69 13.16 0.55
CA ASN A 32 1.64 12.91 -0.52
C ASN A 32 1.16 11.82 -1.47
N LYS A 33 1.36 12.04 -2.76
CA LYS A 33 1.00 11.08 -3.77
C LYS A 33 2.09 10.03 -3.88
N TYR A 34 1.74 8.77 -3.66
CA TYR A 34 2.71 7.70 -3.70
C TYR A 34 2.59 6.90 -4.98
N GLU A 35 3.53 7.15 -5.85
CA GLU A 35 3.58 6.50 -7.14
C GLU A 35 4.28 5.14 -7.06
N SER A 36 4.86 4.89 -5.91
CA SER A 36 5.53 3.65 -5.63
C SER A 36 5.17 3.21 -4.21
N CYS A 37 5.87 2.22 -3.65
CA CYS A 37 5.57 1.80 -2.29
C CYS A 37 6.02 2.87 -1.31
N THR A 38 5.63 2.68 -0.07
CA THR A 38 5.97 3.62 0.99
C THR A 38 6.08 2.87 2.30
N SER A 39 6.53 3.56 3.32
CA SER A 39 6.64 3.00 4.65
C SER A 39 5.92 3.92 5.61
N ALA A 40 5.03 4.73 5.02
CA ALA A 40 4.23 5.72 5.75
C ALA A 40 3.25 5.07 6.70
N GLY A 41 3.08 5.70 7.85
CA GLY A 41 2.16 5.20 8.86
C GLY A 41 2.68 3.97 9.56
N ARG A 42 3.83 3.46 9.13
CA ARG A 42 4.38 2.27 9.74
C ARG A 42 5.50 2.61 10.70
N SER A 43 5.45 2.00 11.88
CA SER A 43 6.47 2.21 12.90
C SER A 43 7.35 0.98 12.99
N ASP A 44 7.06 -0.01 12.14
CA ASP A 44 7.80 -1.24 12.09
C ASP A 44 8.99 -1.13 11.15
N GLY A 45 8.74 -1.33 9.87
CA GLY A 45 9.79 -1.23 8.89
C GLY A 45 9.37 -1.66 7.50
N LYS A 46 8.44 -2.59 7.42
CA LYS A 46 7.96 -3.12 6.15
C LYS A 46 7.36 -2.01 5.29
N MET A 47 7.58 -2.10 3.99
CA MET A 47 7.03 -1.13 3.07
C MET A 47 5.75 -1.68 2.46
N TRP A 48 4.83 -0.80 2.12
CA TRP A 48 3.55 -1.21 1.56
C TRP A 48 3.09 -0.28 0.45
N CYS A 49 1.86 -0.49 0.01
CA CYS A 49 1.23 0.33 -1.01
C CYS A 49 -0.28 0.21 -0.87
N ALA A 50 -0.99 1.32 -0.99
CA ALA A 50 -2.45 1.29 -0.84
C ALA A 50 -3.10 0.60 -2.00
N THR A 51 -4.24 0.03 -1.72
CA THR A 51 -5.02 -0.67 -2.71
C THR A 51 -6.18 0.23 -3.15
N THR A 52 -6.11 1.46 -2.66
CA THR A 52 -7.10 2.49 -2.97
C THR A 52 -6.41 3.75 -3.47
N ALA A 53 -7.02 4.44 -4.43
CA ALA A 53 -6.45 5.67 -4.99
C ALA A 53 -6.14 6.67 -3.89
N ASN A 54 -7.10 6.91 -3.02
CA ASN A 54 -6.92 7.82 -1.90
C ASN A 54 -6.94 7.01 -0.61
N TYR A 55 -5.76 6.79 -0.05
CA TYR A 55 -5.63 6.00 1.16
C TYR A 55 -6.07 6.78 2.40
N ASP A 56 -5.92 8.09 2.39
CA ASP A 56 -6.30 8.90 3.54
C ASP A 56 -7.75 8.67 3.94
N ASP A 57 -8.62 8.51 2.95
CA ASP A 57 -10.03 8.29 3.19
C ASP A 57 -10.38 6.82 3.41
N ASP A 58 -9.96 5.96 2.49
CA ASP A 58 -10.27 4.52 2.56
C ASP A 58 -9.42 3.77 3.58
N ARG A 59 -8.12 4.03 3.56
CA ARG A 59 -7.17 3.39 4.45
C ARG A 59 -7.12 1.87 4.29
N LYS A 60 -7.24 1.43 3.05
CA LYS A 60 -7.13 0.02 2.72
C LYS A 60 -5.78 -0.20 2.06
N TRP A 61 -4.95 -1.00 2.69
CA TRP A 61 -3.58 -1.19 2.23
C TRP A 61 -3.15 -2.63 2.06
N GLY A 62 -1.94 -2.75 1.53
CA GLY A 62 -1.29 -4.01 1.30
C GLY A 62 0.21 -3.77 1.24
N PHE A 63 1.00 -4.72 1.70
CA PHE A 63 2.45 -4.58 1.70
C PHE A 63 3.01 -4.57 0.29
N CYS A 64 4.26 -4.13 0.18
CA CYS A 64 4.97 -4.09 -1.09
C CYS A 64 5.24 -5.55 -1.47
N PRO A 65 5.55 -5.86 -2.75
CA PRO A 65 5.78 -7.25 -3.20
C PRO A 65 6.96 -7.95 -2.51
N ASP A 66 7.66 -8.76 -3.28
CA ASP A 66 8.78 -9.53 -2.76
C ASP A 66 9.88 -8.61 -2.22
N GLN A 67 10.14 -8.73 -0.93
CA GLN A 67 11.17 -7.94 -0.26
C GLN A 67 12.22 -8.85 0.36
N GLY A 68 13.37 -8.26 0.67
CA GLY A 68 14.44 -9.02 1.28
C GLY A 68 14.93 -8.36 2.56
N SER A 9 -4.28 -9.38 -12.31
CA SER A 9 -3.43 -8.66 -13.29
C SER A 9 -2.25 -8.00 -12.59
N TRP A 10 -2.54 -7.02 -11.73
CA TRP A 10 -1.50 -6.30 -10.99
C TRP A 10 -0.91 -7.16 -9.88
N MET A 11 -0.03 -6.56 -9.08
CA MET A 11 0.61 -7.26 -7.98
C MET A 11 -0.40 -7.52 -6.86
N SER A 12 -0.23 -8.64 -6.19
CA SER A 12 -1.12 -9.00 -5.09
C SER A 12 -0.56 -8.49 -3.77
N THR A 13 -1.39 -8.44 -2.74
CA THR A 13 -0.95 -7.93 -1.46
C THR A 13 -0.83 -9.03 -0.41
N VAL A 14 0.06 -8.77 0.54
CA VAL A 14 0.33 -9.63 1.66
C VAL A 14 0.35 -8.76 2.90
N GLY A 15 0.27 -9.29 4.10
CA GLY A 15 0.31 -8.40 5.25
C GLY A 15 -0.99 -7.66 5.51
N GLY A 16 -1.19 -6.59 4.74
CA GLY A 16 -2.37 -5.73 4.84
C GLY A 16 -3.70 -6.46 4.92
N ASN A 17 -4.74 -5.71 5.29
CA ASN A 17 -6.09 -6.29 5.43
C ASN A 17 -6.77 -6.58 4.10
N SER A 18 -6.21 -6.09 3.01
CA SER A 18 -6.76 -6.34 1.69
C SER A 18 -6.00 -7.46 1.01
N GLY A 19 -5.50 -8.41 1.81
CA GLY A 19 -4.72 -9.52 1.29
C GLY A 19 -5.33 -10.14 0.04
N GLY A 20 -4.81 -9.75 -1.11
CA GLY A 20 -5.31 -10.26 -2.36
C GLY A 20 -5.62 -9.17 -3.37
N ALA A 21 -5.91 -7.96 -2.90
CA ALA A 21 -6.22 -6.85 -3.81
C ALA A 21 -4.95 -6.14 -4.25
N PRO A 22 -4.92 -5.72 -5.52
CA PRO A 22 -3.76 -5.01 -6.09
C PRO A 22 -3.56 -3.61 -5.51
N CYS A 23 -2.31 -3.19 -5.42
CA CYS A 23 -1.99 -1.86 -4.91
C CYS A 23 -2.14 -0.82 -6.02
N VAL A 24 -3.08 0.11 -5.83
CA VAL A 24 -3.32 1.16 -6.81
C VAL A 24 -2.25 2.26 -6.72
N PHE A 25 -1.52 2.46 -7.81
CA PHE A 25 -0.46 3.46 -7.85
C PHE A 25 -0.78 4.55 -8.86
N PRO A 26 -0.53 5.81 -8.48
CA PRO A 26 0.03 6.13 -7.17
C PRO A 26 -1.04 6.23 -6.09
N PHE A 27 -0.71 5.78 -4.89
CA PHE A 27 -1.65 5.88 -3.78
C PHE A 27 -1.20 6.99 -2.87
N THR A 28 -2.10 7.88 -2.54
CA THR A 28 -1.74 9.00 -1.71
C THR A 28 -2.06 8.75 -0.25
N PHE A 29 -1.01 8.85 0.57
CA PHE A 29 -1.15 8.68 2.00
C PHE A 29 -1.08 10.05 2.65
N LEU A 30 -0.40 10.14 3.79
CA LEU A 30 -0.23 11.35 4.63
C LEU A 30 0.21 12.61 3.89
N GLY A 31 -0.52 12.91 2.86
CA GLY A 31 -0.27 14.06 2.03
C GLY A 31 0.72 13.78 0.93
N ASN A 32 1.10 12.51 0.75
CA ASN A 32 2.09 12.18 -0.26
C ASN A 32 1.61 11.13 -1.22
N LYS A 33 1.84 11.38 -2.51
CA LYS A 33 1.49 10.46 -3.55
C LYS A 33 2.54 9.37 -3.63
N TYR A 34 2.16 8.13 -3.41
CA TYR A 34 3.11 7.04 -3.43
C TYR A 34 2.96 6.22 -4.69
N GLU A 35 3.96 6.34 -5.53
CA GLU A 35 4.01 5.63 -6.80
C GLU A 35 4.63 4.26 -6.60
N SER A 36 5.29 4.11 -5.47
CA SER A 36 5.93 2.88 -5.10
C SER A 36 5.47 2.52 -3.70
N CYS A 37 5.94 1.39 -3.18
CA CYS A 37 5.54 0.99 -1.84
C CYS A 37 6.08 1.98 -0.83
N THR A 38 5.50 1.97 0.34
CA THR A 38 5.90 2.87 1.41
C THR A 38 5.95 2.13 2.72
N SER A 39 6.48 2.78 3.73
CA SER A 39 6.55 2.21 5.05
C SER A 39 5.84 3.18 6.00
N ALA A 40 5.09 4.10 5.38
CA ALA A 40 4.33 5.13 6.08
C ALA A 40 3.30 4.52 7.01
N GLY A 41 3.15 5.12 8.18
CA GLY A 41 2.19 4.62 9.15
C GLY A 41 2.67 3.35 9.83
N ARG A 42 3.78 2.80 9.35
CA ARG A 42 4.32 1.58 9.92
C ARG A 42 5.61 1.86 10.66
N SER A 43 6.65 2.23 9.90
CA SER A 43 7.99 2.52 10.42
C SER A 43 8.52 1.39 11.29
N ASP A 44 8.12 0.16 10.96
CA ASP A 44 8.56 -1.01 11.69
C ASP A 44 9.61 -1.77 10.90
N GLY A 45 9.14 -2.54 9.94
CA GLY A 45 10.01 -3.31 9.11
C GLY A 45 9.44 -3.60 7.75
N LYS A 46 8.14 -3.84 7.68
CA LYS A 46 7.49 -4.18 6.42
C LYS A 46 7.03 -2.95 5.66
N MET A 47 7.19 -2.98 4.35
CA MET A 47 6.72 -1.91 3.50
C MET A 47 5.42 -2.36 2.87
N TRP A 48 4.51 -1.43 2.61
CA TRP A 48 3.23 -1.79 2.05
C TRP A 48 2.83 -0.84 0.92
N CYS A 49 1.57 -0.94 0.53
CA CYS A 49 1.00 -0.09 -0.52
C CYS A 49 -0.53 -0.15 -0.43
N ALA A 50 -1.18 0.97 -0.68
CA ALA A 50 -2.64 1.00 -0.60
C ALA A 50 -3.26 0.30 -1.78
N THR A 51 -4.43 -0.25 -1.55
CA THR A 51 -5.16 -0.96 -2.59
C THR A 51 -6.23 -0.05 -3.16
N THR A 52 -6.10 1.24 -2.84
CA THR A 52 -7.02 2.28 -3.30
C THR A 52 -6.20 3.48 -3.76
N ALA A 53 -6.76 4.28 -4.66
CA ALA A 53 -6.06 5.47 -5.16
C ALA A 53 -5.77 6.44 -4.02
N ASN A 54 -6.73 6.60 -3.13
CA ASN A 54 -6.58 7.45 -1.97
C ASN A 54 -6.70 6.61 -0.72
N TYR A 55 -5.60 6.48 -0.01
CA TYR A 55 -5.57 5.65 1.19
C TYR A 55 -6.16 6.36 2.40
N ASP A 56 -6.08 7.68 2.43
CA ASP A 56 -6.61 8.45 3.56
C ASP A 56 -8.10 8.19 3.78
N ASP A 57 -8.82 8.05 2.67
CA ASP A 57 -10.26 7.83 2.72
C ASP A 57 -10.64 6.38 3.02
N ASP A 58 -10.22 5.46 2.15
CA ASP A 58 -10.59 4.04 2.30
C ASP A 58 -9.72 3.27 3.29
N ARG A 59 -8.49 3.72 3.50
CA ARG A 59 -7.56 3.06 4.42
C ARG A 59 -7.46 1.55 4.22
N LYS A 60 -7.34 1.14 2.96
CA LYS A 60 -7.18 -0.27 2.63
C LYS A 60 -5.78 -0.46 2.11
N TRP A 61 -5.02 -1.28 2.81
CA TRP A 61 -3.62 -1.48 2.49
C TRP A 61 -3.19 -2.93 2.38
N GLY A 62 -1.94 -3.10 1.98
CA GLY A 62 -1.33 -4.40 1.82
C GLY A 62 0.15 -4.25 1.64
N PHE A 63 0.93 -5.17 2.20
CA PHE A 63 2.38 -5.13 2.10
C PHE A 63 2.85 -5.18 0.66
N CYS A 64 4.08 -4.75 0.46
CA CYS A 64 4.70 -4.74 -0.86
C CYS A 64 4.98 -6.16 -1.32
N PRO A 65 4.70 -6.49 -2.59
CA PRO A 65 4.95 -7.83 -3.14
C PRO A 65 6.42 -8.10 -3.36
N ASP A 66 7.19 -7.15 -2.90
CA ASP A 66 8.63 -7.15 -2.97
C ASP A 66 9.19 -6.63 -1.65
N GLN A 67 9.31 -7.52 -0.67
CA GLN A 67 9.80 -7.14 0.65
C GLN A 67 11.30 -7.39 0.76
N GLY A 68 11.81 -8.26 -0.11
CA GLY A 68 13.22 -8.58 -0.09
C GLY A 68 13.46 -10.08 -0.09
N SER A 9 3.53 -9.91 -13.48
CA SER A 9 2.35 -10.48 -12.78
C SER A 9 2.54 -10.40 -11.27
N TRP A 10 1.51 -9.92 -10.57
CA TRP A 10 1.56 -9.80 -9.13
C TRP A 10 0.37 -10.52 -8.52
N MET A 11 0.60 -11.33 -7.50
CA MET A 11 -0.47 -12.08 -6.85
C MET A 11 -0.96 -11.38 -5.58
N SER A 12 -1.76 -10.33 -5.77
CA SER A 12 -2.32 -9.57 -4.65
C SER A 12 -1.23 -8.93 -3.79
N THR A 13 -1.62 -8.44 -2.63
CA THR A 13 -0.69 -7.81 -1.70
C THR A 13 -0.38 -8.72 -0.53
N VAL A 14 0.42 -8.22 0.38
CA VAL A 14 0.79 -8.93 1.60
C VAL A 14 0.26 -8.09 2.74
N GLY A 15 0.59 -8.46 3.97
CA GLY A 15 0.17 -7.71 5.14
C GLY A 15 -1.24 -7.12 5.01
N GLY A 16 -1.34 -5.82 5.29
CA GLY A 16 -2.59 -5.09 5.15
C GLY A 16 -3.84 -5.83 5.61
N ASN A 17 -4.93 -5.55 4.90
CA ASN A 17 -6.22 -6.18 5.19
C ASN A 17 -7.11 -6.18 3.96
N SER A 18 -6.48 -6.22 2.79
CA SER A 18 -7.20 -6.23 1.52
C SER A 18 -7.74 -7.62 1.20
N GLY A 19 -6.85 -8.61 1.22
CA GLY A 19 -7.25 -9.97 0.93
C GLY A 19 -6.84 -10.37 -0.48
N GLY A 20 -7.41 -9.71 -1.48
CA GLY A 20 -7.08 -10.02 -2.85
C GLY A 20 -7.01 -8.77 -3.72
N ALA A 21 -6.61 -7.66 -3.12
CA ALA A 21 -6.49 -6.41 -3.85
C ALA A 21 -5.04 -5.99 -4.02
N PRO A 22 -4.68 -5.48 -5.20
CA PRO A 22 -3.33 -5.03 -5.50
C PRO A 22 -3.11 -3.57 -5.08
N CYS A 23 -1.88 -3.09 -5.20
CA CYS A 23 -1.57 -1.73 -4.83
C CYS A 23 -2.01 -0.77 -5.94
N VAL A 24 -2.61 0.36 -5.58
CA VAL A 24 -3.06 1.33 -6.56
C VAL A 24 -2.09 2.50 -6.64
N PHE A 25 -1.41 2.64 -7.77
CA PHE A 25 -0.46 3.71 -7.93
C PHE A 25 -0.86 4.64 -9.06
N PRO A 26 -0.72 5.95 -8.82
CA PRO A 26 -0.22 6.48 -7.57
C PRO A 26 -1.32 6.68 -6.54
N PHE A 27 -1.04 6.34 -5.29
CA PHE A 27 -2.04 6.54 -4.26
C PHE A 27 -1.65 7.73 -3.41
N THR A 28 -2.32 7.92 -2.31
CA THR A 28 -2.02 9.03 -1.44
C THR A 28 -2.23 8.63 0.02
N PHE A 29 -1.20 8.79 0.82
CA PHE A 29 -1.31 8.46 2.23
C PHE A 29 -1.11 9.70 3.05
N LEU A 30 -2.04 9.91 3.96
CA LEU A 30 -2.03 10.96 4.91
C LEU A 30 -1.40 12.25 4.39
N GLY A 31 -1.79 12.60 3.18
CA GLY A 31 -1.31 13.83 2.55
C GLY A 31 -0.23 13.68 1.48
N ASN A 32 0.45 12.54 1.38
CA ASN A 32 1.51 12.40 0.38
C ASN A 32 1.15 11.42 -0.73
N LYS A 33 1.44 11.82 -1.96
CA LYS A 33 1.19 11.01 -3.14
C LYS A 33 2.25 9.91 -3.24
N TYR A 34 1.85 8.65 -3.25
CA TYR A 34 2.81 7.58 -3.35
C TYR A 34 2.67 6.83 -4.66
N GLU A 35 3.73 6.87 -5.43
CA GLU A 35 3.78 6.22 -6.72
C GLU A 35 4.47 4.87 -6.59
N SER A 36 5.10 4.68 -5.46
CA SER A 36 5.80 3.46 -5.13
C SER A 36 5.37 2.99 -3.76
N CYS A 37 5.99 1.94 -3.24
CA CYS A 37 5.63 1.46 -1.93
C CYS A 37 6.11 2.44 -0.87
N THR A 38 5.60 2.30 0.32
CA THR A 38 5.95 3.19 1.42
C THR A 38 5.98 2.43 2.73
N SER A 39 6.45 3.08 3.76
CA SER A 39 6.47 2.51 5.08
C SER A 39 5.72 3.44 6.01
N ALA A 40 4.91 4.30 5.38
CA ALA A 40 4.10 5.30 6.06
C ALA A 40 3.15 4.67 7.07
N GLY A 41 3.08 5.26 8.25
CA GLY A 41 2.23 4.74 9.29
C GLY A 41 2.81 3.53 9.97
N ARG A 42 3.97 3.07 9.49
CA ARG A 42 4.60 1.90 10.06
C ARG A 42 5.94 2.27 10.68
N SER A 43 6.29 1.57 11.76
CA SER A 43 7.56 1.78 12.43
C SER A 43 8.25 0.43 12.61
N ASP A 44 7.67 -0.61 12.00
CA ASP A 44 8.22 -1.94 12.12
C ASP A 44 9.22 -2.23 11.00
N GLY A 45 8.87 -1.82 9.80
CA GLY A 45 9.77 -2.02 8.68
C GLY A 45 9.10 -2.48 7.40
N LYS A 46 8.06 -3.31 7.49
CA LYS A 46 7.39 -3.81 6.30
C LYS A 46 6.81 -2.69 5.46
N MET A 47 7.38 -2.45 4.30
CA MET A 47 6.86 -1.42 3.43
C MET A 47 5.61 -1.96 2.75
N TRP A 48 4.59 -1.13 2.64
CA TRP A 48 3.32 -1.54 2.06
C TRP A 48 2.94 -0.67 0.86
N CYS A 49 1.68 -0.74 0.50
CA CYS A 49 1.10 0.00 -0.62
C CYS A 49 -0.41 0.03 -0.46
N ALA A 50 -1.03 1.16 -0.76
CA ALA A 50 -2.48 1.25 -0.63
C ALA A 50 -3.15 0.46 -1.72
N THR A 51 -4.32 -0.07 -1.41
CA THR A 51 -5.06 -0.85 -2.37
C THR A 51 -6.23 -0.03 -2.91
N THR A 52 -6.17 1.26 -2.64
CA THR A 52 -7.15 2.22 -3.10
C THR A 52 -6.43 3.45 -3.63
N ALA A 53 -7.08 4.18 -4.54
CA ALA A 53 -6.47 5.38 -5.12
C ALA A 53 -6.20 6.43 -4.05
N ASN A 54 -7.17 6.62 -3.15
CA ASN A 54 -7.01 7.58 -2.07
C ASN A 54 -7.07 6.84 -0.75
N TYR A 55 -5.93 6.71 -0.10
CA TYR A 55 -5.85 6.01 1.17
C TYR A 55 -6.37 6.88 2.30
N ASP A 56 -6.19 8.20 2.17
CA ASP A 56 -6.66 9.15 3.18
C ASP A 56 -8.10 8.90 3.59
N ASP A 57 -8.92 8.49 2.63
CA ASP A 57 -10.33 8.24 2.87
C ASP A 57 -10.66 6.76 3.08
N ASP A 58 -10.31 5.91 2.12
CA ASP A 58 -10.62 4.48 2.18
C ASP A 58 -9.77 3.68 3.16
N ARG A 59 -8.55 4.15 3.42
CA ARG A 59 -7.63 3.51 4.36
C ARG A 59 -7.53 1.99 4.24
N LYS A 60 -7.35 1.50 3.02
CA LYS A 60 -7.18 0.08 2.78
C LYS A 60 -5.78 -0.14 2.25
N TRP A 61 -5.02 -0.94 2.97
CA TRP A 61 -3.62 -1.15 2.62
C TRP A 61 -3.22 -2.62 2.51
N GLY A 62 -1.99 -2.80 2.04
CA GLY A 62 -1.39 -4.11 1.86
C GLY A 62 0.12 -3.97 1.70
N PHE A 63 0.89 -4.90 2.23
CA PHE A 63 2.35 -4.84 2.14
C PHE A 63 2.84 -4.85 0.69
N CYS A 64 4.03 -4.31 0.49
CA CYS A 64 4.66 -4.24 -0.82
C CYS A 64 5.01 -5.65 -1.29
N PRO A 65 4.37 -6.13 -2.36
CA PRO A 65 4.58 -7.49 -2.88
C PRO A 65 5.76 -7.63 -3.80
N ASP A 66 6.49 -6.56 -3.93
CA ASP A 66 7.68 -6.52 -4.79
C ASP A 66 8.77 -5.66 -4.15
N GLN A 67 9.67 -6.31 -3.42
CA GLN A 67 10.76 -5.62 -2.75
C GLN A 67 12.10 -6.19 -3.16
N GLY A 68 12.17 -6.75 -4.37
CA GLY A 68 13.40 -7.32 -4.84
C GLY A 68 13.35 -7.62 -6.33
N SER A 9 -4.01 -5.97 -13.17
CA SER A 9 -2.65 -6.54 -13.05
C SER A 9 -2.72 -7.91 -12.38
N TRP A 10 -1.93 -8.86 -12.88
CA TRP A 10 -1.92 -10.21 -12.32
C TRP A 10 -0.99 -10.32 -11.12
N MET A 11 -1.25 -9.51 -10.10
CA MET A 11 -0.45 -9.51 -8.89
C MET A 11 -1.31 -9.25 -7.68
N SER A 12 -0.77 -9.47 -6.51
CA SER A 12 -1.50 -9.26 -5.27
C SER A 12 -0.57 -8.74 -4.19
N THR A 13 -1.11 -8.55 -2.99
CA THR A 13 -0.32 -8.04 -1.88
C THR A 13 -0.17 -9.06 -0.76
N VAL A 14 0.57 -8.65 0.25
CA VAL A 14 0.82 -9.41 1.45
C VAL A 14 0.54 -8.46 2.58
N GLY A 15 0.33 -8.91 3.80
CA GLY A 15 0.04 -7.93 4.83
C GLY A 15 -1.32 -7.30 4.64
N GLY A 16 -1.42 -6.04 5.04
CA GLY A 16 -2.63 -5.26 4.88
C GLY A 16 -3.93 -5.99 5.17
N ASN A 17 -4.94 -5.71 4.34
CA ASN A 17 -6.27 -6.33 4.47
C ASN A 17 -7.00 -6.23 3.14
N SER A 18 -6.26 -6.44 2.07
CA SER A 18 -6.80 -6.36 0.72
C SER A 18 -7.59 -7.61 0.35
N GLY A 19 -6.89 -8.70 0.06
CA GLY A 19 -7.55 -9.93 -0.31
C GLY A 19 -7.46 -10.20 -1.79
N GLY A 20 -6.22 -10.33 -2.28
CA GLY A 20 -6.00 -10.58 -3.70
C GLY A 20 -5.98 -9.29 -4.49
N ALA A 21 -5.79 -8.17 -3.80
CA ALA A 21 -5.76 -6.88 -4.45
C ALA A 21 -4.34 -6.36 -4.59
N PRO A 22 -4.01 -5.78 -5.75
CA PRO A 22 -2.69 -5.22 -6.01
C PRO A 22 -2.59 -3.78 -5.52
N CYS A 23 -1.37 -3.26 -5.42
CA CYS A 23 -1.16 -1.90 -4.98
C CYS A 23 -1.60 -0.92 -6.07
N VAL A 24 -2.29 0.14 -5.68
CA VAL A 24 -2.75 1.13 -6.65
C VAL A 24 -1.96 2.43 -6.55
N PHE A 25 -0.94 2.56 -7.39
CA PHE A 25 -0.14 3.76 -7.42
C PHE A 25 -0.61 4.71 -8.51
N PRO A 26 -0.50 6.01 -8.23
CA PRO A 26 0.03 6.49 -6.96
C PRO A 26 -1.04 6.53 -5.88
N PHE A 27 -0.75 5.99 -4.70
CA PHE A 27 -1.74 6.06 -3.63
C PHE A 27 -1.58 7.38 -2.93
N THR A 28 -2.07 7.50 -1.72
CA THR A 28 -1.94 8.78 -1.04
C THR A 28 -1.72 8.71 0.47
N PHE A 29 -0.58 9.28 0.81
CA PHE A 29 -0.08 9.50 2.13
C PHE A 29 0.34 10.85 2.55
N LEU A 30 -0.34 11.20 3.64
CA LEU A 30 -0.18 12.36 4.44
C LEU A 30 0.38 13.54 3.67
N GLY A 31 -0.28 13.83 2.55
CA GLY A 31 0.11 14.95 1.71
C GLY A 31 0.92 14.58 0.47
N ASN A 32 1.29 13.32 0.31
CA ASN A 32 2.10 12.91 -0.82
C ASN A 32 1.49 11.78 -1.61
N LYS A 33 1.64 11.85 -2.94
CA LYS A 33 1.17 10.82 -3.81
C LYS A 33 2.19 9.70 -3.82
N TYR A 34 1.82 8.50 -3.42
CA TYR A 34 2.78 7.43 -3.35
C TYR A 34 2.72 6.56 -4.58
N GLU A 35 3.60 6.89 -5.49
CA GLU A 35 3.72 6.23 -6.78
C GLU A 35 4.47 4.92 -6.66
N SER A 36 5.11 4.71 -5.53
CA SER A 36 5.84 3.50 -5.25
C SER A 36 5.46 3.06 -3.86
N CYS A 37 6.01 1.94 -3.39
CA CYS A 37 5.70 1.51 -2.05
C CYS A 37 6.26 2.53 -1.07
N THR A 38 5.78 2.47 0.14
CA THR A 38 6.23 3.39 1.17
C THR A 38 6.36 2.66 2.50
N SER A 39 6.80 3.38 3.50
CA SER A 39 6.92 2.84 4.83
C SER A 39 6.18 3.75 5.79
N ALA A 40 5.42 4.69 5.19
CA ALA A 40 4.61 5.65 5.93
C ALA A 40 3.58 4.94 6.78
N GLY A 41 3.26 5.50 7.93
CA GLY A 41 2.28 4.88 8.80
C GLY A 41 2.84 3.66 9.51
N ARG A 42 4.02 3.20 9.09
CA ARG A 42 4.65 2.04 9.69
C ARG A 42 5.90 2.44 10.45
N SER A 43 7.01 2.58 9.72
CA SER A 43 8.32 2.92 10.29
C SER A 43 8.78 1.80 11.22
N ASP A 44 8.34 0.59 10.91
CA ASP A 44 8.66 -0.58 11.70
C ASP A 44 9.64 -1.47 10.95
N GLY A 45 9.56 -1.42 9.65
CA GLY A 45 10.44 -2.21 8.80
C GLY A 45 9.84 -2.54 7.45
N LYS A 46 8.76 -3.34 7.47
CA LYS A 46 8.10 -3.77 6.25
C LYS A 46 7.46 -2.62 5.50
N MET A 47 7.80 -2.47 4.23
CA MET A 47 7.20 -1.43 3.42
C MET A 47 5.89 -1.97 2.86
N TRP A 48 4.96 -1.09 2.56
CA TRP A 48 3.66 -1.50 2.05
C TRP A 48 3.27 -0.67 0.83
N CYS A 49 2.06 -0.89 0.37
CA CYS A 49 1.48 -0.18 -0.76
C CYS A 49 -0.03 -0.20 -0.62
N ALA A 50 -0.67 0.94 -0.83
CA ALA A 50 -2.11 1.01 -0.70
C ALA A 50 -2.78 0.31 -1.86
N THR A 51 -3.93 -0.24 -1.61
CA THR A 51 -4.68 -0.93 -2.63
C THR A 51 -5.80 -0.04 -3.15
N THR A 52 -5.67 1.24 -2.83
CA THR A 52 -6.62 2.26 -3.25
C THR A 52 -5.86 3.49 -3.71
N ALA A 53 -6.36 4.14 -4.77
CA ALA A 53 -5.73 5.34 -5.32
C ALA A 53 -5.47 6.40 -4.24
N ASN A 54 -6.32 6.43 -3.23
CA ASN A 54 -6.18 7.36 -2.12
C ASN A 54 -6.25 6.55 -0.84
N TYR A 55 -5.19 6.60 -0.06
CA TYR A 55 -5.14 5.84 1.18
C TYR A 55 -5.77 6.59 2.34
N ASP A 56 -5.35 7.84 2.58
CA ASP A 56 -5.92 8.63 3.68
C ASP A 56 -7.44 8.50 3.78
N ASP A 57 -8.09 8.32 2.63
CA ASP A 57 -9.55 8.19 2.56
C ASP A 57 -10.06 6.76 2.81
N ASP A 58 -9.65 5.80 1.97
CA ASP A 58 -10.13 4.41 2.08
C ASP A 58 -9.34 3.56 3.10
N ARG A 59 -8.10 3.94 3.36
CA ARG A 59 -7.23 3.25 4.30
C ARG A 59 -7.16 1.74 4.10
N LYS A 60 -6.99 1.33 2.84
CA LYS A 60 -6.86 -0.09 2.52
C LYS A 60 -5.46 -0.32 1.99
N TRP A 61 -4.68 -1.10 2.72
CA TRP A 61 -3.29 -1.33 2.38
C TRP A 61 -2.90 -2.78 2.28
N GLY A 62 -1.65 -2.96 1.91
CA GLY A 62 -1.03 -4.25 1.76
C GLY A 62 0.47 -4.08 1.67
N PHE A 63 1.22 -4.94 2.31
CA PHE A 63 2.67 -4.87 2.29
C PHE A 63 3.21 -4.98 0.87
N CYS A 64 4.35 -4.34 0.64
CA CYS A 64 4.98 -4.35 -0.68
C CYS A 64 5.43 -5.78 -1.00
N PRO A 65 4.90 -6.38 -2.10
CA PRO A 65 5.23 -7.76 -2.47
C PRO A 65 6.60 -7.94 -3.09
N ASP A 66 7.33 -6.86 -3.09
CA ASP A 66 8.69 -6.82 -3.61
C ASP A 66 9.51 -5.77 -2.88
N GLN A 67 10.36 -6.21 -1.97
CA GLN A 67 11.20 -5.29 -1.21
C GLN A 67 12.67 -5.62 -1.40
N GLY A 68 13.33 -4.89 -2.28
CA GLY A 68 14.74 -5.12 -2.55
C GLY A 68 15.17 -4.55 -3.88
N SER A 9 4.17 -13.19 -12.18
CA SER A 9 2.92 -13.29 -11.37
C SER A 9 2.25 -11.93 -11.25
N TRP A 10 0.93 -11.93 -11.15
CA TRP A 10 0.18 -10.69 -11.03
C TRP A 10 0.42 -10.11 -9.63
N MET A 11 0.90 -8.87 -9.59
CA MET A 11 1.22 -8.21 -8.33
C MET A 11 0.00 -8.08 -7.43
N SER A 12 -0.11 -9.00 -6.48
CA SER A 12 -1.20 -8.98 -5.53
C SER A 12 -0.65 -8.46 -4.21
N THR A 13 -1.46 -8.45 -3.17
CA THR A 13 -0.99 -7.94 -1.90
C THR A 13 -0.78 -9.03 -0.86
N VAL A 14 0.06 -8.69 0.10
CA VAL A 14 0.39 -9.52 1.23
C VAL A 14 0.21 -8.61 2.41
N GLY A 15 0.03 -9.12 3.60
CA GLY A 15 -0.14 -8.18 4.69
C GLY A 15 -1.45 -7.41 4.54
N GLY A 16 -1.50 -6.22 5.11
CA GLY A 16 -2.67 -5.35 4.97
C GLY A 16 -4.00 -6.05 5.17
N ASN A 17 -4.95 -5.69 4.33
CA ASN A 17 -6.29 -6.24 4.35
C ASN A 17 -6.76 -6.38 2.91
N SER A 18 -7.64 -5.47 2.51
CA SER A 18 -8.20 -5.36 1.16
C SER A 18 -8.54 -6.67 0.43
N GLY A 19 -8.61 -7.79 1.15
CA GLY A 19 -8.92 -9.07 0.52
C GLY A 19 -7.91 -9.48 -0.52
N GLY A 20 -6.74 -8.84 -0.50
CA GLY A 20 -5.70 -9.16 -1.45
C GLY A 20 -5.83 -8.39 -2.75
N ALA A 21 -6.42 -7.19 -2.66
CA ALA A 21 -6.61 -6.33 -3.82
C ALA A 21 -5.28 -5.71 -4.27
N PRO A 22 -5.15 -5.38 -5.57
CA PRO A 22 -3.93 -4.78 -6.12
C PRO A 22 -3.69 -3.36 -5.60
N CYS A 23 -2.43 -2.98 -5.48
CA CYS A 23 -2.09 -1.65 -5.00
C CYS A 23 -2.26 -0.62 -6.12
N VAL A 24 -3.09 0.38 -5.87
CA VAL A 24 -3.36 1.44 -6.85
C VAL A 24 -2.27 2.50 -6.80
N PHE A 25 -1.59 2.69 -7.92
CA PHE A 25 -0.54 3.67 -8.01
C PHE A 25 -0.85 4.70 -9.08
N PRO A 26 -0.63 5.98 -8.77
CA PRO A 26 -0.12 6.41 -7.48
C PRO A 26 -1.23 6.66 -6.46
N PHE A 27 -1.07 6.12 -5.26
CA PHE A 27 -2.07 6.34 -4.23
C PHE A 27 -1.69 7.56 -3.43
N THR A 28 -2.37 7.81 -2.33
CA THR A 28 -2.06 8.98 -1.54
C THR A 28 -2.23 8.71 -0.06
N PHE A 29 -1.18 8.99 0.69
CA PHE A 29 -1.19 8.81 2.13
C PHE A 29 -0.63 10.07 2.77
N LEU A 30 -1.19 10.45 3.91
CA LEU A 30 -0.76 11.59 4.68
C LEU A 30 -0.38 12.80 3.82
N GLY A 31 -1.13 13.02 2.74
CA GLY A 31 -0.88 14.16 1.87
C GLY A 31 0.12 13.92 0.75
N ASN A 32 0.78 12.78 0.72
CA ASN A 32 1.76 12.50 -0.31
C ASN A 32 1.31 11.40 -1.25
N LYS A 33 1.52 11.61 -2.54
CA LYS A 33 1.17 10.64 -3.55
C LYS A 33 2.23 9.55 -3.60
N TYR A 34 1.83 8.30 -3.51
CA TYR A 34 2.79 7.23 -3.53
C TYR A 34 2.70 6.43 -4.82
N GLU A 35 3.74 6.55 -5.62
CA GLU A 35 3.82 5.87 -6.90
C GLU A 35 4.51 4.52 -6.74
N SER A 36 5.10 4.32 -5.57
CA SER A 36 5.78 3.10 -5.23
C SER A 36 5.34 2.69 -3.84
N CYS A 37 5.84 1.58 -3.33
CA CYS A 37 5.46 1.16 -2.00
C CYS A 37 6.00 2.15 -0.99
N THR A 38 5.36 2.18 0.14
CA THR A 38 5.73 3.09 1.21
C THR A 38 5.83 2.35 2.53
N SER A 39 6.25 3.05 3.54
CA SER A 39 6.33 2.50 4.87
C SER A 39 5.63 3.46 5.82
N ALA A 40 4.83 4.35 5.21
CA ALA A 40 4.07 5.37 5.92
C ALA A 40 3.10 4.75 6.90
N GLY A 41 2.95 5.38 8.06
CA GLY A 41 2.05 4.89 9.08
C GLY A 41 2.61 3.67 9.79
N ARG A 42 3.69 3.11 9.25
CA ARG A 42 4.30 1.94 9.84
C ARG A 42 5.57 2.33 10.59
N SER A 43 6.60 2.72 9.83
CA SER A 43 7.91 3.11 10.35
C SER A 43 8.49 2.02 11.28
N ASP A 44 8.11 0.77 11.01
CA ASP A 44 8.56 -0.35 11.80
C ASP A 44 9.54 -1.19 10.98
N GLY A 45 9.23 -1.31 9.72
CA GLY A 45 10.08 -2.07 8.82
C GLY A 45 9.39 -2.44 7.51
N LYS A 46 8.40 -3.32 7.60
CA LYS A 46 7.68 -3.79 6.43
C LYS A 46 7.03 -2.65 5.64
N MET A 47 7.25 -2.66 4.33
CA MET A 47 6.67 -1.65 3.47
C MET A 47 5.36 -2.17 2.90
N TRP A 48 4.48 -1.27 2.51
CA TRP A 48 3.18 -1.64 1.97
C TRP A 48 2.76 -0.70 0.84
N CYS A 49 1.50 -0.82 0.43
CA CYS A 49 0.94 0.04 -0.61
C CYS A 49 -0.59 -0.02 -0.53
N ALA A 50 -1.25 1.11 -0.80
CA ALA A 50 -2.70 1.15 -0.71
C ALA A 50 -3.34 0.47 -1.91
N THR A 51 -4.54 -0.03 -1.71
CA THR A 51 -5.26 -0.69 -2.77
C THR A 51 -6.33 0.24 -3.33
N THR A 52 -6.27 1.49 -2.88
CA THR A 52 -7.19 2.53 -3.30
C THR A 52 -6.39 3.77 -3.65
N ALA A 53 -6.93 4.61 -4.54
CA ALA A 53 -6.22 5.84 -4.93
C ALA A 53 -6.01 6.74 -3.73
N ASN A 54 -7.03 6.83 -2.87
CA ASN A 54 -6.93 7.62 -1.66
C ASN A 54 -6.99 6.68 -0.47
N TYR A 55 -5.87 6.54 0.20
CA TYR A 55 -5.78 5.63 1.34
C TYR A 55 -6.29 6.29 2.62
N ASP A 56 -6.12 7.60 2.75
CA ASP A 56 -6.56 8.33 3.93
C ASP A 56 -8.03 8.07 4.26
N ASP A 57 -8.86 7.94 3.21
CA ASP A 57 -10.28 7.71 3.38
C ASP A 57 -10.62 6.22 3.53
N ASP A 58 -10.41 5.45 2.47
CA ASP A 58 -10.74 4.03 2.45
C ASP A 58 -9.86 3.19 3.37
N ARG A 59 -8.62 3.63 3.58
CA ARG A 59 -7.66 2.96 4.44
C ARG A 59 -7.56 1.46 4.20
N LYS A 60 -7.47 1.07 2.93
CA LYS A 60 -7.31 -0.32 2.59
C LYS A 60 -5.91 -0.48 2.04
N TRP A 61 -5.12 -1.27 2.74
CA TRP A 61 -3.72 -1.44 2.40
C TRP A 61 -3.30 -2.89 2.23
N GLY A 62 -2.01 -3.03 1.97
CA GLY A 62 -1.39 -4.32 1.79
C GLY A 62 0.11 -4.15 1.65
N PHE A 63 0.86 -5.05 2.27
CA PHE A 63 2.31 -5.01 2.23
C PHE A 63 2.85 -5.12 0.81
N CYS A 64 4.03 -4.56 0.61
CA CYS A 64 4.69 -4.59 -0.69
C CYS A 64 5.15 -6.01 -0.99
N PRO A 65 4.87 -6.53 -2.20
CA PRO A 65 5.26 -7.90 -2.59
C PRO A 65 6.75 -8.07 -2.85
N ASP A 66 7.45 -7.02 -2.57
CA ASP A 66 8.90 -6.97 -2.73
C ASP A 66 9.56 -6.62 -1.41
N GLN A 67 9.44 -7.50 -0.42
CA GLN A 67 10.04 -7.27 0.89
C GLN A 67 11.55 -7.37 0.84
N GLY A 68 12.20 -6.84 1.87
CA GLY A 68 13.65 -6.86 1.93
C GLY A 68 14.16 -6.15 3.16
N SER A 9 2.97 -12.52 -11.36
CA SER A 9 1.51 -12.31 -11.22
C SER A 9 1.20 -10.82 -11.07
N TRP A 10 0.05 -10.51 -10.47
CA TRP A 10 -0.34 -9.12 -10.26
C TRP A 10 0.33 -8.55 -9.03
N MET A 11 0.09 -7.28 -8.77
CA MET A 11 0.64 -6.60 -7.62
C MET A 11 -0.24 -6.83 -6.40
N SER A 12 -0.51 -8.11 -6.12
CA SER A 12 -1.35 -8.49 -4.99
C SER A 12 -0.68 -8.10 -3.68
N THR A 13 -1.48 -7.96 -2.64
CA THR A 13 -0.98 -7.56 -1.34
C THR A 13 -0.74 -8.73 -0.41
N VAL A 14 0.14 -8.45 0.54
CA VAL A 14 0.51 -9.33 1.60
C VAL A 14 0.34 -8.48 2.84
N GLY A 15 0.27 -9.03 4.03
CA GLY A 15 0.09 -8.14 5.16
C GLY A 15 -1.27 -7.45 5.12
N GLY A 16 -1.28 -6.18 5.53
CA GLY A 16 -2.48 -5.34 5.51
C GLY A 16 -3.79 -6.02 5.86
N ASN A 17 -4.86 -5.60 5.18
CA ASN A 17 -6.20 -6.13 5.41
C ASN A 17 -7.03 -6.09 4.12
N SER A 18 -6.36 -6.21 2.99
CA SER A 18 -7.02 -6.18 1.69
C SER A 18 -7.59 -7.54 1.33
N GLY A 19 -6.72 -8.54 1.24
CA GLY A 19 -7.16 -9.87 0.88
C GLY A 19 -6.74 -10.25 -0.53
N GLY A 20 -5.49 -9.96 -0.88
CA GLY A 20 -4.99 -10.27 -2.20
C GLY A 20 -5.41 -9.24 -3.23
N ALA A 21 -5.53 -7.99 -2.80
CA ALA A 21 -5.91 -6.91 -3.71
C ALA A 21 -4.68 -6.27 -4.32
N PRO A 22 -4.78 -5.74 -5.55
CA PRO A 22 -3.66 -5.10 -6.20
C PRO A 22 -3.45 -3.65 -5.72
N CYS A 23 -2.23 -3.33 -5.31
CA CYS A 23 -1.92 -1.98 -4.84
C CYS A 23 -2.12 -0.97 -5.96
N VAL A 24 -2.91 0.07 -5.69
CA VAL A 24 -3.21 1.09 -6.68
C VAL A 24 -2.22 2.26 -6.61
N PHE A 25 -1.58 2.55 -7.74
CA PHE A 25 -0.64 3.64 -7.82
C PHE A 25 -1.11 4.66 -8.85
N PRO A 26 -0.94 5.95 -8.57
CA PRO A 26 -0.33 6.43 -7.34
C PRO A 26 -1.34 6.52 -6.20
N PHE A 27 -0.97 6.03 -5.02
CA PHE A 27 -1.86 6.11 -3.88
C PHE A 27 -1.36 7.20 -2.95
N THR A 28 -2.24 8.10 -2.58
CA THR A 28 -1.86 9.19 -1.70
C THR A 28 -2.05 8.80 -0.24
N PHE A 29 -0.97 8.89 0.52
CA PHE A 29 -1.01 8.58 1.92
C PHE A 29 -0.68 9.80 2.71
N LEU A 30 -1.50 10.06 3.70
CA LEU A 30 -1.33 11.13 4.64
C LEU A 30 -0.73 12.39 4.02
N GLY A 31 -1.27 12.75 2.87
CA GLY A 31 -0.83 13.95 2.17
C GLY A 31 0.18 13.74 1.06
N ASN A 32 0.85 12.59 0.97
CA ASN A 32 1.86 12.40 -0.06
C ASN A 32 1.43 11.36 -1.09
N LYS A 33 1.62 11.68 -2.36
CA LYS A 33 1.27 10.80 -3.45
C LYS A 33 2.34 9.72 -3.60
N TYR A 34 1.95 8.45 -3.49
CA TYR A 34 2.90 7.35 -3.58
C TYR A 34 2.74 6.59 -4.86
N GLU A 35 3.75 6.67 -5.68
CA GLU A 35 3.78 5.98 -6.96
C GLU A 35 4.38 4.60 -6.81
N SER A 36 5.08 4.41 -5.71
CA SER A 36 5.70 3.14 -5.40
C SER A 36 5.27 2.72 -4.00
N CYS A 37 5.83 1.63 -3.49
CA CYS A 37 5.47 1.21 -2.16
C CYS A 37 6.00 2.20 -1.14
N THR A 38 5.58 2.05 0.09
CA THR A 38 6.01 2.95 1.15
C THR A 38 6.10 2.20 2.47
N SER A 39 6.59 2.89 3.47
CA SER A 39 6.70 2.34 4.80
C SER A 39 6.08 3.33 5.78
N ALA A 40 5.21 4.16 5.21
CA ALA A 40 4.50 5.20 5.93
C ALA A 40 3.48 4.64 6.91
N GLY A 41 3.47 5.20 8.11
CA GLY A 41 2.53 4.75 9.12
C GLY A 41 2.97 3.47 9.79
N ARG A 42 4.17 2.99 9.48
CA ARG A 42 4.66 1.76 10.08
C ARG A 42 5.75 2.02 11.09
N SER A 43 5.82 1.16 12.10
CA SER A 43 6.81 1.30 13.15
C SER A 43 7.91 0.25 13.02
N ASP A 44 7.73 -0.69 12.09
CA ASP A 44 8.73 -1.75 11.89
C ASP A 44 9.60 -1.44 10.68
N GLY A 45 9.15 -1.89 9.53
CA GLY A 45 9.88 -1.66 8.33
C GLY A 45 9.31 -2.38 7.11
N LYS A 46 8.25 -3.18 7.33
CA LYS A 46 7.64 -3.90 6.22
C LYS A 46 6.96 -2.91 5.29
N MET A 47 7.56 -2.65 4.14
CA MET A 47 6.97 -1.71 3.20
C MET A 47 5.65 -2.25 2.68
N TRP A 48 4.70 -1.37 2.47
CA TRP A 48 3.37 -1.73 2.00
C TRP A 48 2.94 -0.81 0.85
N CYS A 49 1.67 -0.90 0.49
CA CYS A 49 1.07 -0.07 -0.56
C CYS A 49 -0.44 -0.10 -0.44
N ALA A 50 -1.09 1.02 -0.72
CA ALA A 50 -2.55 1.07 -0.62
C ALA A 50 -3.21 0.32 -1.73
N THR A 51 -4.44 -0.08 -1.49
CA THR A 51 -5.19 -0.83 -2.47
C THR A 51 -6.26 0.07 -3.08
N THR A 52 -6.17 1.34 -2.74
CA THR A 52 -7.08 2.36 -3.24
C THR A 52 -6.28 3.54 -3.76
N ALA A 53 -6.83 4.26 -4.73
CA ALA A 53 -6.15 5.43 -5.31
C ALA A 53 -5.82 6.45 -4.24
N ASN A 54 -6.73 6.61 -3.29
CA ASN A 54 -6.52 7.53 -2.18
C ASN A 54 -6.66 6.76 -0.88
N TYR A 55 -5.57 6.69 -0.14
CA TYR A 55 -5.55 5.94 1.11
C TYR A 55 -6.13 6.76 2.26
N ASP A 56 -6.00 8.08 2.21
CA ASP A 56 -6.52 8.95 3.27
C ASP A 56 -8.00 8.69 3.54
N ASP A 57 -8.74 8.39 2.48
CA ASP A 57 -10.18 8.14 2.59
C ASP A 57 -10.50 6.70 2.98
N ASP A 58 -10.21 5.74 2.10
CA ASP A 58 -10.55 4.32 2.35
C ASP A 58 -9.65 3.64 3.39
N ARG A 59 -8.42 4.12 3.53
CA ARG A 59 -7.45 3.58 4.48
C ARG A 59 -7.35 2.05 4.44
N LYS A 60 -7.23 1.51 3.23
CA LYS A 60 -7.07 0.09 3.03
C LYS A 60 -5.68 -0.16 2.50
N TRP A 61 -4.92 -0.97 3.21
CA TRP A 61 -3.54 -1.20 2.85
C TRP A 61 -3.16 -2.67 2.80
N GLY A 62 -1.93 -2.88 2.36
CA GLY A 62 -1.35 -4.20 2.26
C GLY A 62 0.13 -4.08 1.98
N PHE A 63 0.93 -4.95 2.59
CA PHE A 63 2.37 -4.94 2.41
C PHE A 63 2.76 -5.05 0.94
N CYS A 64 3.92 -4.49 0.63
CA CYS A 64 4.45 -4.49 -0.72
C CYS A 64 4.84 -5.91 -1.15
N PRO A 65 4.44 -6.33 -2.36
CA PRO A 65 4.76 -7.67 -2.87
C PRO A 65 6.21 -7.79 -3.31
N ASP A 66 6.93 -6.73 -3.05
CA ASP A 66 8.34 -6.63 -3.38
C ASP A 66 9.14 -6.24 -2.14
N GLN A 67 9.33 -7.21 -1.25
CA GLN A 67 10.07 -6.98 -0.01
C GLN A 67 11.39 -7.73 -0.01
N GLY A 68 11.42 -8.86 -0.70
CA GLY A 68 12.62 -9.66 -0.78
C GLY A 68 12.35 -11.07 -1.24
N SER A 9 -4.51 -10.61 -6.29
CA SER A 9 -4.34 -11.38 -7.53
C SER A 9 -2.86 -11.48 -7.90
N TRP A 10 -2.19 -12.53 -7.38
CA TRP A 10 -0.77 -12.77 -7.64
C TRP A 10 0.10 -11.60 -7.21
N MET A 11 0.37 -10.69 -8.13
CA MET A 11 1.17 -9.51 -7.86
C MET A 11 0.33 -8.45 -7.15
N SER A 12 -0.01 -8.72 -5.90
CA SER A 12 -0.83 -7.81 -5.12
C SER A 12 -0.29 -7.70 -3.71
N THR A 13 -1.10 -7.14 -2.82
CA THR A 13 -0.73 -6.95 -1.43
C THR A 13 -0.61 -8.27 -0.67
N VAL A 14 0.11 -8.20 0.45
CA VAL A 14 0.32 -9.35 1.31
C VAL A 14 -0.18 -9.01 2.68
N GLY A 15 0.34 -7.91 3.09
CA GLY A 15 0.03 -7.32 4.37
C GLY A 15 -1.24 -6.50 4.31
N GLY A 16 -1.44 -5.65 5.30
CA GLY A 16 -2.61 -4.80 5.31
C GLY A 16 -3.88 -5.53 5.68
N ASN A 17 -4.99 -4.81 5.61
CA ASN A 17 -6.29 -5.39 5.93
C ASN A 17 -7.03 -5.82 4.66
N SER A 18 -6.49 -5.45 3.50
CA SER A 18 -7.11 -5.81 2.24
C SER A 18 -6.84 -7.29 1.95
N GLY A 19 -5.55 -7.63 1.81
CA GLY A 19 -5.15 -9.00 1.56
C GLY A 19 -5.58 -9.51 0.22
N GLY A 20 -4.74 -9.30 -0.79
CA GLY A 20 -5.06 -9.78 -2.11
C GLY A 20 -5.39 -8.67 -3.08
N ALA A 21 -5.81 -7.52 -2.58
CA ALA A 21 -6.13 -6.40 -3.45
C ALA A 21 -4.87 -5.76 -3.98
N PRO A 22 -4.89 -5.27 -5.23
CA PRO A 22 -3.72 -4.64 -5.84
C PRO A 22 -3.56 -3.18 -5.39
N CYS A 23 -2.33 -2.71 -5.32
CA CYS A 23 -2.07 -1.33 -4.91
C CYS A 23 -2.29 -0.37 -6.08
N VAL A 24 -2.91 0.77 -5.79
CA VAL A 24 -3.20 1.77 -6.81
C VAL A 24 -2.15 2.88 -6.76
N PHE A 25 -1.51 3.14 -7.89
CA PHE A 25 -0.50 4.16 -7.97
C PHE A 25 -0.82 5.17 -9.05
N PRO A 26 -0.59 6.46 -8.78
CA PRO A 26 -0.07 6.91 -7.51
C PRO A 26 -1.17 7.12 -6.48
N PHE A 27 -0.96 6.65 -5.25
CA PHE A 27 -1.96 6.86 -4.23
C PHE A 27 -1.50 7.99 -3.35
N THR A 28 -2.18 8.22 -2.25
CA THR A 28 -1.80 9.31 -1.38
C THR A 28 -2.08 8.96 0.07
N PHE A 29 -1.04 9.05 0.90
CA PHE A 29 -1.17 8.75 2.30
C PHE A 29 -0.87 9.96 3.14
N LEU A 30 -1.77 10.22 4.05
CA LEU A 30 -1.67 11.26 5.02
C LEU A 30 -0.95 12.50 4.53
N GLY A 31 -1.31 12.92 3.33
CA GLY A 31 -0.75 14.13 2.76
C GLY A 31 0.30 13.91 1.67
N ASN A 32 0.87 12.71 1.51
CA ASN A 32 1.89 12.51 0.50
C ASN A 32 1.45 11.53 -0.58
N LYS A 33 1.69 11.87 -1.84
CA LYS A 33 1.36 11.03 -2.96
C LYS A 33 2.43 9.96 -3.13
N TYR A 34 2.05 8.69 -3.15
CA TYR A 34 3.01 7.62 -3.28
C TYR A 34 2.86 6.89 -4.60
N GLU A 35 3.96 6.87 -5.33
CA GLU A 35 4.03 6.22 -6.62
C GLU A 35 4.53 4.80 -6.47
N SER A 36 5.20 4.56 -5.36
CA SER A 36 5.74 3.25 -5.05
C SER A 36 5.28 2.85 -3.67
N CYS A 37 5.79 1.73 -3.15
CA CYS A 37 5.40 1.32 -1.81
C CYS A 37 5.92 2.32 -0.80
N THR A 38 5.36 2.29 0.37
CA THR A 38 5.73 3.22 1.42
C THR A 38 5.82 2.50 2.75
N SER A 39 6.37 3.17 3.72
CA SER A 39 6.46 2.65 5.06
C SER A 39 5.81 3.66 6.00
N ALA A 40 4.92 4.46 5.38
CA ALA A 40 4.18 5.50 6.09
C ALA A 40 3.26 4.93 7.15
N GLY A 41 3.25 5.57 8.31
CA GLY A 41 2.42 5.09 9.40
C GLY A 41 3.05 3.91 10.11
N ARG A 42 4.17 3.43 9.56
CA ARG A 42 4.88 2.31 10.15
C ARG A 42 6.21 2.76 10.74
N SER A 43 6.81 1.92 11.56
CA SER A 43 8.09 2.24 12.19
C SER A 43 8.94 0.99 12.35
N ASP A 44 8.57 -0.08 11.66
CA ASP A 44 9.31 -1.34 11.72
C ASP A 44 10.27 -1.47 10.56
N GLY A 45 9.73 -1.89 9.44
CA GLY A 45 10.49 -2.08 8.23
C GLY A 45 9.61 -2.60 7.11
N LYS A 46 8.44 -3.09 7.48
CA LYS A 46 7.48 -3.61 6.53
C LYS A 46 6.92 -2.48 5.68
N MET A 47 7.08 -2.57 4.37
CA MET A 47 6.57 -1.54 3.49
C MET A 47 5.23 -1.99 2.92
N TRP A 48 4.37 -1.04 2.61
CA TRP A 48 3.05 -1.35 2.09
C TRP A 48 2.65 -0.36 1.00
N CYS A 49 1.39 -0.42 0.61
CA CYS A 49 0.83 0.47 -0.41
C CYS A 49 -0.70 0.43 -0.36
N ALA A 50 -1.32 1.55 -0.71
CA ALA A 50 -2.78 1.65 -0.69
C ALA A 50 -3.38 0.88 -1.84
N THR A 51 -4.56 0.34 -1.62
CA THR A 51 -5.25 -0.42 -2.64
C THR A 51 -6.32 0.46 -3.30
N THR A 52 -6.29 1.73 -2.93
CA THR A 52 -7.21 2.72 -3.47
C THR A 52 -6.41 3.95 -3.93
N ALA A 53 -6.99 4.74 -4.84
CA ALA A 53 -6.31 5.93 -5.36
C ALA A 53 -5.97 6.90 -4.23
N ASN A 54 -6.86 7.04 -3.27
CA ASN A 54 -6.61 7.90 -2.13
C ASN A 54 -6.81 7.09 -0.87
N TYR A 55 -5.72 6.89 -0.14
CA TYR A 55 -5.75 6.10 1.08
C TYR A 55 -6.51 6.79 2.21
N ASP A 56 -6.34 8.10 2.36
CA ASP A 56 -7.02 8.84 3.42
C ASP A 56 -8.52 8.61 3.41
N ASP A 57 -9.07 8.42 2.22
CA ASP A 57 -10.50 8.20 2.03
C ASP A 57 -10.96 6.80 2.46
N ASP A 58 -10.53 5.78 1.70
CA ASP A 58 -10.95 4.40 1.95
C ASP A 58 -10.08 3.65 2.97
N ARG A 59 -8.87 4.16 3.21
CA ARG A 59 -7.94 3.58 4.17
C ARG A 59 -7.81 2.06 4.07
N LYS A 60 -7.53 1.59 2.87
CA LYS A 60 -7.31 0.17 2.65
C LYS A 60 -5.89 -0.03 2.16
N TRP A 61 -5.12 -0.77 2.94
CA TRP A 61 -3.73 -0.96 2.64
C TRP A 61 -3.31 -2.42 2.60
N GLY A 62 -2.09 -2.61 2.14
CA GLY A 62 -1.51 -3.93 2.04
C GLY A 62 -0.01 -3.83 1.83
N PHE A 63 0.74 -4.80 2.35
CA PHE A 63 2.19 -4.79 2.23
C PHE A 63 2.67 -4.89 0.79
N CYS A 64 3.93 -4.49 0.59
CA CYS A 64 4.57 -4.51 -0.71
C CYS A 64 4.86 -5.95 -1.11
N PRO A 65 4.76 -6.29 -2.42
CA PRO A 65 4.98 -7.65 -2.93
C PRO A 65 6.45 -8.09 -2.88
N ASP A 66 6.82 -8.91 -3.85
CA ASP A 66 8.19 -9.45 -3.95
C ASP A 66 9.22 -8.34 -3.97
N GLN A 67 10.23 -8.46 -3.12
CA GLN A 67 11.28 -7.46 -3.04
C GLN A 67 12.55 -7.95 -3.73
N GLY A 68 13.21 -8.94 -3.15
CA GLY A 68 14.42 -9.47 -3.75
C GLY A 68 15.30 -10.14 -2.74
N SER A 9 -3.33 -9.10 -14.85
CA SER A 9 -1.98 -9.30 -14.25
C SER A 9 -1.62 -8.17 -13.31
N TRP A 10 -1.27 -8.52 -12.08
CA TRP A 10 -0.87 -7.54 -11.07
C TRP A 10 -0.18 -8.23 -9.90
N MET A 11 0.26 -7.43 -8.94
CA MET A 11 0.94 -7.95 -7.76
C MET A 11 0.00 -7.94 -6.57
N SER A 12 -0.10 -9.08 -5.88
CA SER A 12 -0.98 -9.21 -4.72
C SER A 12 -0.31 -8.62 -3.49
N THR A 13 -1.11 -8.33 -2.47
CA THR A 13 -0.57 -7.75 -1.26
C THR A 13 -0.39 -8.75 -0.14
N VAL A 14 0.38 -8.32 0.84
CA VAL A 14 0.65 -9.07 2.05
C VAL A 14 0.11 -8.24 3.18
N GLY A 15 0.48 -8.58 4.40
CA GLY A 15 0.06 -7.80 5.57
C GLY A 15 -1.35 -7.23 5.44
N GLY A 16 -1.44 -5.91 5.63
CA GLY A 16 -2.70 -5.17 5.49
C GLY A 16 -3.94 -5.94 5.90
N ASN A 17 -5.00 -5.78 5.10
CA ASN A 17 -6.26 -6.45 5.36
C ASN A 17 -7.08 -6.57 4.08
N SER A 18 -6.38 -6.69 2.96
CA SER A 18 -7.02 -6.81 1.66
C SER A 18 -7.00 -8.24 1.18
N GLY A 19 -5.85 -8.90 1.30
CA GLY A 19 -5.73 -10.27 0.86
C GLY A 19 -5.02 -10.39 -0.47
N GLY A 20 -5.79 -10.60 -1.53
CA GLY A 20 -5.21 -10.73 -2.85
C GLY A 20 -5.52 -9.54 -3.73
N ALA A 21 -5.63 -8.36 -3.11
CA ALA A 21 -5.92 -7.14 -3.85
C ALA A 21 -4.64 -6.43 -4.23
N PRO A 22 -4.61 -5.77 -5.40
CA PRO A 22 -3.41 -5.06 -5.86
C PRO A 22 -3.32 -3.65 -5.30
N CYS A 23 -2.13 -3.08 -5.32
CA CYS A 23 -1.91 -1.73 -4.82
C CYS A 23 -2.12 -0.70 -5.92
N VAL A 24 -2.91 0.33 -5.63
CA VAL A 24 -3.19 1.37 -6.61
C VAL A 24 -2.17 2.50 -6.51
N PHE A 25 -1.46 2.75 -7.59
CA PHE A 25 -0.46 3.80 -7.61
C PHE A 25 -0.84 4.90 -8.60
N PRO A 26 -0.63 6.16 -8.21
CA PRO A 26 -0.06 6.50 -6.92
C PRO A 26 -1.10 6.62 -5.83
N PHE A 27 -0.81 6.06 -4.66
CA PHE A 27 -1.73 6.16 -3.54
C PHE A 27 -1.25 7.23 -2.60
N THR A 28 -2.12 8.14 -2.25
CA THR A 28 -1.74 9.23 -1.39
C THR A 28 -1.99 8.93 0.08
N PHE A 29 -0.92 9.04 0.86
CA PHE A 29 -0.97 8.83 2.28
C PHE A 29 -0.36 10.06 2.93
N LEU A 30 -0.89 10.44 4.08
CA LEU A 30 -0.43 11.57 4.85
C LEU A 30 -0.06 12.79 3.99
N GLY A 31 -0.82 12.99 2.91
CA GLY A 31 -0.59 14.12 2.02
C GLY A 31 0.43 13.88 0.92
N ASN A 32 1.06 12.71 0.89
CA ASN A 32 2.06 12.41 -0.12
C ASN A 32 1.58 11.35 -1.10
N LYS A 33 1.83 11.59 -2.39
CA LYS A 33 1.45 10.65 -3.43
C LYS A 33 2.51 9.56 -3.51
N TYR A 34 2.14 8.31 -3.25
CA TYR A 34 3.10 7.23 -3.28
C TYR A 34 3.00 6.44 -4.57
N GLU A 35 4.05 6.54 -5.35
CA GLU A 35 4.15 5.85 -6.63
C GLU A 35 4.72 4.46 -6.43
N SER A 36 5.38 4.28 -5.31
CA SER A 36 5.96 3.02 -4.94
C SER A 36 5.46 2.66 -3.55
N CYS A 37 5.85 1.52 -3.01
CA CYS A 37 5.42 1.15 -1.68
C CYS A 37 5.97 2.13 -0.66
N THR A 38 5.37 2.12 0.51
CA THR A 38 5.77 3.02 1.57
C THR A 38 5.81 2.28 2.89
N SER A 39 6.35 2.93 3.89
CA SER A 39 6.39 2.36 5.22
C SER A 39 5.68 3.31 6.16
N ALA A 40 4.92 4.22 5.53
CA ALA A 40 4.14 5.24 6.24
C ALA A 40 3.12 4.60 7.14
N GLY A 41 2.89 5.19 8.30
CA GLY A 41 1.93 4.63 9.24
C GLY A 41 2.49 3.44 9.98
N ARG A 42 3.58 2.88 9.46
CA ARG A 42 4.20 1.74 10.08
C ARG A 42 5.45 2.15 10.83
N SER A 43 6.50 2.44 10.06
CA SER A 43 7.79 2.86 10.60
C SER A 43 8.37 1.78 11.53
N ASP A 44 7.95 0.54 11.32
CA ASP A 44 8.40 -0.58 12.13
C ASP A 44 9.41 -1.41 11.34
N GLY A 45 9.17 -1.48 10.06
CA GLY A 45 10.04 -2.22 9.17
C GLY A 45 9.42 -2.54 7.83
N LYS A 46 8.44 -3.44 7.84
CA LYS A 46 7.76 -3.87 6.64
C LYS A 46 7.10 -2.71 5.89
N MET A 47 7.24 -2.71 4.57
CA MET A 47 6.65 -1.69 3.75
C MET A 47 5.36 -2.22 3.14
N TRP A 48 4.45 -1.33 2.84
CA TRP A 48 3.16 -1.70 2.28
C TRP A 48 2.76 -0.74 1.16
N CYS A 49 1.51 -0.85 0.73
CA CYS A 49 0.95 0.01 -0.31
C CYS A 49 -0.56 -0.07 -0.27
N ALA A 50 -1.22 1.06 -0.46
CA ALA A 50 -2.68 1.09 -0.42
C ALA A 50 -3.27 0.40 -1.64
N THR A 51 -4.42 -0.19 -1.45
CA THR A 51 -5.10 -0.86 -2.52
C THR A 51 -6.17 0.06 -3.09
N THR A 52 -6.09 1.32 -2.68
CA THR A 52 -7.00 2.36 -3.11
C THR A 52 -6.19 3.58 -3.56
N ALA A 53 -6.77 4.40 -4.43
CA ALA A 53 -6.09 5.59 -4.92
C ALA A 53 -5.79 6.55 -3.78
N ASN A 54 -6.72 6.69 -2.86
CA ASN A 54 -6.55 7.56 -1.71
C ASN A 54 -6.67 6.73 -0.45
N TYR A 55 -5.55 6.59 0.26
CA TYR A 55 -5.52 5.78 1.47
C TYR A 55 -6.04 6.54 2.69
N ASP A 56 -5.83 7.84 2.75
CA ASP A 56 -6.27 8.63 3.90
C ASP A 56 -7.77 8.49 4.16
N ASP A 57 -8.56 8.33 3.09
CA ASP A 57 -10.00 8.20 3.22
C ASP A 57 -10.46 6.74 3.33
N ASP A 58 -10.08 5.93 2.34
CA ASP A 58 -10.51 4.52 2.33
C ASP A 58 -9.77 3.64 3.33
N ARG A 59 -8.55 4.03 3.69
CA ARG A 59 -7.72 3.30 4.64
C ARG A 59 -7.72 1.79 4.47
N LYS A 60 -7.46 1.33 3.24
CA LYS A 60 -7.35 -0.08 2.93
C LYS A 60 -5.96 -0.32 2.39
N TRP A 61 -5.22 -1.18 3.07
CA TRP A 61 -3.83 -1.39 2.72
C TRP A 61 -3.41 -2.86 2.66
N GLY A 62 -2.16 -3.03 2.30
CA GLY A 62 -1.54 -4.33 2.20
C GLY A 62 -0.05 -4.17 2.01
N PHE A 63 0.74 -5.09 2.56
CA PHE A 63 2.19 -5.02 2.45
C PHE A 63 2.66 -5.06 1.01
N CYS A 64 3.87 -4.55 0.79
CA CYS A 64 4.46 -4.51 -0.54
C CYS A 64 4.67 -5.91 -1.08
N PRO A 65 4.34 -6.14 -2.37
CA PRO A 65 4.48 -7.45 -3.02
C PRO A 65 5.92 -7.81 -3.33
N ASP A 66 6.11 -8.57 -4.39
CA ASP A 66 7.44 -8.98 -4.82
C ASP A 66 8.32 -7.76 -5.07
N GLN A 67 9.43 -7.68 -4.35
CA GLN A 67 10.35 -6.56 -4.48
C GLN A 67 11.69 -7.01 -5.05
N GLY A 68 11.72 -8.22 -5.59
CA GLY A 68 12.94 -8.74 -6.16
C GLY A 68 13.43 -9.97 -5.42
N SER A 9 5.33 -14.11 -9.51
CA SER A 9 5.11 -12.98 -8.59
C SER A 9 4.13 -12.00 -9.21
N TRP A 10 3.04 -11.72 -8.50
CA TRP A 10 2.03 -10.79 -8.97
C TRP A 10 2.17 -9.44 -8.31
N MET A 11 1.51 -8.44 -8.88
CA MET A 11 1.56 -7.09 -8.33
C MET A 11 0.37 -6.84 -7.40
N SER A 12 0.08 -7.84 -6.58
CA SER A 12 -1.00 -7.76 -5.62
C SER A 12 -0.46 -7.43 -4.25
N THR A 13 -1.34 -7.29 -3.27
CA THR A 13 -0.92 -6.93 -1.93
C THR A 13 -0.78 -8.12 -0.98
N VAL A 14 -0.16 -7.81 0.14
CA VAL A 14 0.05 -8.73 1.25
C VAL A 14 -0.46 -7.99 2.46
N GLY A 15 -0.03 -8.41 3.63
CA GLY A 15 -0.41 -7.74 4.87
C GLY A 15 -1.82 -7.18 4.84
N GLY A 16 -1.91 -5.87 5.08
CA GLY A 16 -3.17 -5.11 5.02
C GLY A 16 -4.41 -5.85 5.48
N ASN A 17 -5.52 -5.55 4.82
CA ASN A 17 -6.81 -6.17 5.11
C ASN A 17 -7.52 -6.53 3.82
N SER A 18 -7.20 -5.78 2.75
CA SER A 18 -7.78 -6.00 1.43
C SER A 18 -7.47 -7.40 0.91
N GLY A 19 -6.42 -8.01 1.45
CA GLY A 19 -6.02 -9.33 1.03
C GLY A 19 -4.97 -9.26 -0.05
N GLY A 20 -5.32 -9.71 -1.24
CA GLY A 20 -4.38 -9.68 -2.34
C GLY A 20 -4.89 -8.83 -3.48
N ALA A 21 -5.39 -7.63 -3.18
CA ALA A 21 -5.90 -6.74 -4.20
C ALA A 21 -4.76 -5.94 -4.84
N PRO A 22 -4.88 -5.59 -6.12
CA PRO A 22 -3.85 -4.83 -6.83
C PRO A 22 -3.70 -3.42 -6.25
N CYS A 23 -2.46 -3.02 -5.98
CA CYS A 23 -2.21 -1.69 -5.43
C CYS A 23 -2.59 -0.63 -6.46
N VAL A 24 -3.29 0.41 -6.03
CA VAL A 24 -3.70 1.48 -6.93
C VAL A 24 -2.75 2.66 -6.85
N PHE A 25 -2.02 2.92 -7.93
CA PHE A 25 -1.10 4.04 -7.96
C PHE A 25 -1.59 5.08 -8.96
N PRO A 26 -1.39 6.38 -8.64
CA PRO A 26 -0.76 6.82 -7.41
C PRO A 26 -1.76 6.91 -6.25
N PHE A 27 -1.38 6.37 -5.10
CA PHE A 27 -2.24 6.45 -3.94
C PHE A 27 -1.69 7.48 -2.97
N THR A 28 -2.53 8.37 -2.52
CA THR A 28 -2.08 9.43 -1.64
C THR A 28 -2.28 9.11 -0.17
N PHE A 29 -1.20 9.28 0.59
CA PHE A 29 -1.19 9.05 2.03
C PHE A 29 -0.50 10.24 2.68
N LEU A 30 -0.94 10.60 3.88
CA LEU A 30 -0.39 11.69 4.66
C LEU A 30 -0.01 12.92 3.82
N GLY A 31 -0.82 13.22 2.80
CA GLY A 31 -0.57 14.37 1.95
C GLY A 31 0.39 14.11 0.79
N ASN A 32 0.98 12.92 0.72
CA ASN A 32 1.92 12.62 -0.34
C ASN A 32 1.38 11.57 -1.30
N LYS A 33 1.52 11.86 -2.58
CA LYS A 33 1.07 10.98 -3.63
C LYS A 33 2.11 9.87 -3.81
N TYR A 34 1.69 8.61 -3.67
CA TYR A 34 2.62 7.52 -3.79
C TYR A 34 2.45 6.78 -5.09
N GLU A 35 3.47 6.87 -5.90
CA GLU A 35 3.49 6.22 -7.20
C GLU A 35 4.15 4.86 -7.09
N SER A 36 4.84 4.65 -6.00
CA SER A 36 5.49 3.40 -5.70
C SER A 36 5.11 2.99 -4.30
N CYS A 37 5.58 1.83 -3.84
CA CYS A 37 5.27 1.39 -2.50
C CYS A 37 5.78 2.38 -1.48
N THR A 38 5.27 2.26 -0.28
CA THR A 38 5.66 3.12 0.80
C THR A 38 5.68 2.34 2.10
N SER A 39 6.21 2.94 3.13
CA SER A 39 6.23 2.33 4.43
C SER A 39 5.60 3.31 5.41
N ALA A 40 4.77 4.19 4.83
CA ALA A 40 4.05 5.23 5.58
C ALA A 40 3.11 4.62 6.59
N GLY A 41 3.04 5.22 7.76
CA GLY A 41 2.17 4.71 8.81
C GLY A 41 2.75 3.46 9.45
N ARG A 42 3.82 2.93 8.87
CA ARG A 42 4.48 1.74 9.38
C ARG A 42 5.82 2.10 10.01
N SER A 43 6.84 2.22 9.17
CA SER A 43 8.20 2.54 9.60
C SER A 43 8.75 1.43 10.50
N ASP A 44 8.14 0.26 10.43
CA ASP A 44 8.57 -0.88 11.23
C ASP A 44 9.49 -1.77 10.42
N GLY A 45 9.24 -1.78 9.13
CA GLY A 45 10.04 -2.58 8.22
C GLY A 45 9.30 -2.94 6.95
N LYS A 46 8.16 -3.62 7.09
CA LYS A 46 7.36 -4.03 5.96
C LYS A 46 6.79 -2.85 5.21
N MET A 47 6.89 -2.89 3.88
CA MET A 47 6.34 -1.84 3.05
C MET A 47 4.99 -2.27 2.52
N TRP A 48 4.17 -1.32 2.09
CA TRP A 48 2.86 -1.65 1.59
C TRP A 48 2.44 -0.75 0.41
N CYS A 49 1.19 -0.91 0.01
CA CYS A 49 0.60 -0.14 -1.09
C CYS A 49 -0.90 -0.09 -0.90
N ALA A 50 -1.50 1.06 -1.14
CA ALA A 50 -2.94 1.17 -0.98
C ALA A 50 -3.66 0.52 -2.14
N THR A 51 -4.88 0.07 -1.89
CA THR A 51 -5.65 -0.58 -2.92
C THR A 51 -6.72 0.37 -3.45
N THR A 52 -6.56 1.64 -3.10
CA THR A 52 -7.46 2.68 -3.51
C THR A 52 -6.67 3.92 -3.93
N ALA A 53 -7.18 4.66 -4.91
CA ALA A 53 -6.52 5.87 -5.40
C ALA A 53 -6.15 6.81 -4.27
N ASN A 54 -7.06 7.01 -3.33
CA ASN A 54 -6.79 7.86 -2.18
C ASN A 54 -6.91 7.01 -0.93
N TYR A 55 -5.77 6.71 -0.33
CA TYR A 55 -5.74 5.88 0.86
C TYR A 55 -6.28 6.61 2.09
N ASP A 56 -6.10 7.91 2.16
CA ASP A 56 -6.59 8.66 3.31
C ASP A 56 -8.11 8.67 3.37
N ASP A 57 -8.73 8.49 2.22
CA ASP A 57 -10.19 8.47 2.11
C ASP A 57 -10.77 7.09 2.42
N ASP A 58 -10.36 6.09 1.65
CA ASP A 58 -10.90 4.73 1.78
C ASP A 58 -10.16 3.87 2.82
N ARG A 59 -8.93 4.25 3.16
CA ARG A 59 -8.10 3.53 4.12
C ARG A 59 -8.07 2.01 3.91
N LYS A 60 -7.79 1.60 2.69
CA LYS A 60 -7.65 0.18 2.36
C LYS A 60 -6.25 -0.04 1.85
N TRP A 61 -5.52 -0.92 2.52
CA TRP A 61 -4.14 -1.15 2.16
C TRP A 61 -3.74 -2.62 2.14
N GLY A 62 -2.49 -2.82 1.75
CA GLY A 62 -1.90 -4.13 1.70
C GLY A 62 -0.42 -4.03 1.46
N PHE A 63 0.35 -4.98 1.98
CA PHE A 63 1.80 -4.97 1.83
C PHE A 63 2.25 -5.13 0.38
N CYS A 64 3.53 -4.84 0.16
CA CYS A 64 4.14 -5.01 -1.15
C CYS A 64 4.95 -6.30 -1.11
N PRO A 65 5.45 -6.82 -2.25
CA PRO A 65 6.21 -8.07 -2.28
C PRO A 65 7.58 -7.98 -1.61
N ASP A 66 8.49 -8.81 -2.07
CA ASP A 66 9.84 -8.87 -1.52
C ASP A 66 10.60 -7.56 -1.69
N GLN A 67 11.32 -7.17 -0.65
CA GLN A 67 12.10 -5.94 -0.68
C GLN A 67 13.57 -6.25 -0.97
N GLY A 68 14.16 -7.07 -0.13
CA GLY A 68 15.55 -7.44 -0.29
C GLY A 68 16.07 -8.21 0.90
N SER A 9 -2.79 -13.57 -14.31
CA SER A 9 -1.76 -12.69 -13.73
C SER A 9 -2.41 -11.68 -12.78
N TRP A 10 -2.15 -11.84 -11.49
CA TRP A 10 -2.71 -10.96 -10.47
C TRP A 10 -1.84 -11.02 -9.21
N MET A 11 -1.08 -9.97 -8.97
CA MET A 11 -0.21 -9.92 -7.81
C MET A 11 -0.94 -9.30 -6.62
N SER A 12 -1.19 -10.11 -5.60
CA SER A 12 -1.89 -9.64 -4.41
C SER A 12 -0.89 -9.12 -3.38
N THR A 13 -1.38 -8.27 -2.47
CA THR A 13 -0.53 -7.70 -1.44
C THR A 13 -0.35 -8.63 -0.25
N VAL A 14 0.56 -8.25 0.62
CA VAL A 14 0.83 -8.97 1.85
C VAL A 14 0.28 -8.14 2.98
N GLY A 15 0.61 -8.48 4.20
CA GLY A 15 0.16 -7.70 5.36
C GLY A 15 -1.27 -7.22 5.24
N GLY A 16 -1.42 -5.90 5.33
CA GLY A 16 -2.70 -5.21 5.19
C GLY A 16 -3.94 -5.95 5.64
N ASN A 17 -5.01 -5.75 4.88
CA ASN A 17 -6.30 -6.37 5.17
C ASN A 17 -7.15 -6.45 3.91
N SER A 18 -6.48 -6.43 2.75
CA SER A 18 -7.17 -6.48 1.47
C SER A 18 -7.39 -7.92 1.02
N GLY A 19 -6.57 -8.83 1.54
CA GLY A 19 -6.68 -10.22 1.18
C GLY A 19 -6.02 -10.54 -0.13
N GLY A 20 -6.67 -10.18 -1.23
CA GLY A 20 -6.11 -10.45 -2.53
C GLY A 20 -6.02 -9.23 -3.42
N ALA A 21 -6.27 -8.05 -2.87
CA ALA A 21 -6.20 -6.82 -3.64
C ALA A 21 -4.77 -6.35 -3.84
N PRO A 22 -4.45 -5.83 -5.04
CA PRO A 22 -3.12 -5.33 -5.36
C PRO A 22 -2.96 -3.87 -4.98
N CYS A 23 -1.77 -3.32 -5.21
CA CYS A 23 -1.53 -1.93 -4.88
C CYS A 23 -2.04 -1.02 -6.00
N VAL A 24 -2.48 0.19 -5.63
CA VAL A 24 -2.97 1.15 -6.60
C VAL A 24 -2.06 2.37 -6.62
N PHE A 25 -1.44 2.64 -7.77
CA PHE A 25 -0.55 3.77 -7.89
C PHE A 25 -1.00 4.74 -8.97
N PRO A 26 -0.79 6.05 -8.72
CA PRO A 26 -0.20 6.55 -7.49
C PRO A 26 -1.25 6.76 -6.41
N PHE A 27 -0.96 6.34 -5.18
CA PHE A 27 -1.91 6.55 -4.12
C PHE A 27 -1.44 7.72 -3.26
N THR A 28 -2.08 7.91 -2.13
CA THR A 28 -1.70 9.00 -1.26
C THR A 28 -1.92 8.63 0.19
N PHE A 29 -0.88 8.78 0.99
CA PHE A 29 -0.95 8.47 2.40
C PHE A 29 -0.57 9.67 3.22
N LEU A 30 -1.38 9.94 4.21
CA LEU A 30 -1.16 10.98 5.17
C LEU A 30 -0.51 12.22 4.59
N GLY A 31 -1.05 12.67 3.47
CA GLY A 31 -0.58 13.87 2.82
C GLY A 31 0.46 13.68 1.71
N ASN A 32 1.04 12.49 1.56
CA ASN A 32 2.05 12.31 0.53
C ASN A 32 1.62 11.32 -0.55
N LYS A 33 1.86 11.69 -1.81
CA LYS A 33 1.54 10.89 -2.97
C LYS A 33 2.57 9.76 -3.11
N TYR A 34 2.13 8.51 -3.17
CA TYR A 34 3.07 7.42 -3.30
C TYR A 34 2.89 6.70 -4.63
N GLU A 35 3.92 6.73 -5.42
CA GLU A 35 3.93 6.10 -6.73
C GLU A 35 4.57 4.72 -6.63
N SER A 36 5.28 4.52 -5.52
CA SER A 36 5.93 3.26 -5.23
C SER A 36 5.47 2.80 -3.85
N CYS A 37 6.00 1.69 -3.36
CA CYS A 37 5.62 1.23 -2.05
C CYS A 37 6.14 2.20 -1.00
N THR A 38 5.63 2.08 0.20
CA THR A 38 6.04 2.96 1.28
C THR A 38 6.10 2.20 2.59
N SER A 39 6.58 2.84 3.62
CA SER A 39 6.66 2.25 4.94
C SER A 39 6.02 3.24 5.92
N ALA A 40 5.17 4.10 5.36
CA ALA A 40 4.46 5.13 6.08
C ALA A 40 3.51 4.57 7.13
N GLY A 41 3.46 5.23 8.28
CA GLY A 41 2.59 4.79 9.36
C GLY A 41 3.10 3.54 10.04
N ARG A 42 4.22 3.00 9.56
CA ARG A 42 4.80 1.81 10.13
C ARG A 42 5.97 2.15 11.02
N SER A 43 5.91 1.66 12.26
CA SER A 43 6.97 1.91 13.22
C SER A 43 7.98 0.76 13.24
N ASP A 44 7.83 -0.19 12.33
CA ASP A 44 8.73 -1.32 12.24
C ASP A 44 9.72 -1.14 11.09
N GLY A 45 9.29 -1.55 9.93
CA GLY A 45 10.12 -1.44 8.75
C GLY A 45 9.44 -2.00 7.52
N LYS A 46 8.50 -2.93 7.74
CA LYS A 46 7.75 -3.57 6.66
C LYS A 46 7.17 -2.55 5.69
N MET A 47 7.54 -2.63 4.42
CA MET A 47 7.01 -1.70 3.45
C MET A 47 5.71 -2.24 2.88
N TRP A 48 4.77 -1.35 2.66
CA TRP A 48 3.46 -1.71 2.14
C TRP A 48 3.08 -0.85 0.95
N CYS A 49 1.80 -0.86 0.63
CA CYS A 49 1.23 -0.09 -0.47
C CYS A 49 -0.27 -0.01 -0.29
N ALA A 50 -0.90 1.04 -0.78
CA ALA A 50 -2.33 1.16 -0.63
C ALA A 50 -3.01 0.38 -1.73
N THR A 51 -4.14 -0.22 -1.40
CA THR A 51 -4.88 -1.00 -2.37
C THR A 51 -6.03 -0.17 -2.92
N THR A 52 -5.96 1.12 -2.64
CA THR A 52 -6.93 2.10 -3.09
C THR A 52 -6.20 3.35 -3.57
N ALA A 53 -6.80 4.06 -4.52
CA ALA A 53 -6.19 5.29 -5.08
C ALA A 53 -5.90 6.31 -3.99
N ASN A 54 -6.82 6.45 -3.05
CA ASN A 54 -6.63 7.38 -1.96
C ASN A 54 -6.76 6.65 -0.64
N TYR A 55 -5.63 6.50 0.04
CA TYR A 55 -5.61 5.77 1.30
C TYR A 55 -6.19 6.60 2.44
N ASP A 56 -5.98 7.90 2.40
CA ASP A 56 -6.49 8.79 3.44
C ASP A 56 -7.97 8.59 3.73
N ASP A 57 -8.74 8.27 2.70
CA ASP A 57 -10.18 8.08 2.85
C ASP A 57 -10.58 6.62 3.02
N ASP A 58 -10.14 5.75 2.11
CA ASP A 58 -10.51 4.33 2.15
C ASP A 58 -9.68 3.50 3.14
N ARG A 59 -8.47 3.95 3.42
CA ARG A 59 -7.56 3.28 4.35
C ARG A 59 -7.45 1.77 4.19
N LYS A 60 -7.22 1.32 2.97
CA LYS A 60 -7.02 -0.10 2.71
C LYS A 60 -5.60 -0.30 2.25
N TRP A 61 -4.86 -1.11 2.96
CA TRP A 61 -3.45 -1.33 2.68
C TRP A 61 -3.07 -2.79 2.55
N GLY A 62 -1.83 -2.98 2.15
CA GLY A 62 -1.23 -4.28 1.98
C GLY A 62 0.26 -4.14 1.80
N PHE A 63 1.04 -5.04 2.38
CA PHE A 63 2.49 -4.99 2.28
C PHE A 63 2.94 -5.09 0.83
N CYS A 64 4.11 -4.52 0.55
CA CYS A 64 4.67 -4.53 -0.79
C CYS A 64 5.03 -5.96 -1.18
N PRO A 65 4.36 -6.51 -2.22
CA PRO A 65 4.59 -7.89 -2.67
C PRO A 65 5.85 -8.05 -3.50
N ASP A 66 6.54 -6.95 -3.64
CA ASP A 66 7.78 -6.88 -4.37
C ASP A 66 8.68 -5.79 -3.78
N GLN A 67 9.32 -6.12 -2.66
CA GLN A 67 10.19 -5.16 -1.98
C GLN A 67 11.57 -5.12 -2.63
N GLY A 68 12.12 -3.92 -2.74
CA GLY A 68 13.42 -3.75 -3.34
C GLY A 68 13.90 -2.31 -3.27
N SER A 9 2.78 -4.18 -10.86
CA SER A 9 2.76 -5.61 -11.22
C SER A 9 1.34 -6.14 -11.28
N TRP A 10 1.18 -7.37 -11.79
CA TRP A 10 -0.15 -7.97 -11.92
C TRP A 10 -0.53 -8.77 -10.67
N MET A 11 0.45 -9.07 -9.84
CA MET A 11 0.22 -9.84 -8.62
C MET A 11 -0.58 -9.06 -7.59
N SER A 12 -1.05 -9.76 -6.56
CA SER A 12 -1.82 -9.15 -5.49
C SER A 12 -0.95 -8.79 -4.30
N THR A 13 -1.57 -8.31 -3.23
CA THR A 13 -0.84 -7.90 -2.05
C THR A 13 -0.58 -9.05 -1.07
N VAL A 14 0.10 -8.70 0.00
CA VAL A 14 0.46 -9.57 1.08
C VAL A 14 0.35 -8.70 2.30
N GLY A 15 0.25 -9.24 3.50
CA GLY A 15 0.13 -8.35 4.65
C GLY A 15 -1.16 -7.57 4.60
N GLY A 16 -1.14 -6.37 5.15
CA GLY A 16 -2.33 -5.51 5.14
C GLY A 16 -3.60 -6.17 5.62
N ASN A 17 -4.73 -5.67 5.12
CA ASN A 17 -6.03 -6.20 5.48
C ASN A 17 -6.79 -6.60 4.22
N SER A 18 -6.50 -5.91 3.12
CA SER A 18 -7.15 -6.19 1.84
C SER A 18 -6.96 -7.65 1.45
N GLY A 19 -5.76 -8.17 1.62
CA GLY A 19 -5.48 -9.56 1.30
C GLY A 19 -5.01 -9.75 -0.13
N GLY A 20 -5.94 -9.98 -1.05
CA GLY A 20 -5.57 -10.19 -2.43
C GLY A 20 -6.06 -9.10 -3.35
N ALA A 21 -5.82 -7.85 -2.99
CA ALA A 21 -6.23 -6.73 -3.81
C ALA A 21 -5.01 -6.04 -4.41
N PRO A 22 -5.16 -5.38 -5.57
CA PRO A 22 -4.05 -4.69 -6.22
C PRO A 22 -3.78 -3.32 -5.61
N CYS A 23 -2.52 -2.91 -5.60
CA CYS A 23 -2.14 -1.62 -5.06
C CYS A 23 -2.47 -0.53 -6.08
N VAL A 24 -3.40 0.35 -5.74
CA VAL A 24 -3.79 1.41 -6.66
C VAL A 24 -2.78 2.54 -6.63
N PHE A 25 -2.00 2.67 -7.70
CA PHE A 25 -1.00 3.71 -7.80
C PHE A 25 -1.39 4.77 -8.82
N PRO A 26 -1.16 6.05 -8.49
CA PRO A 26 -0.56 6.45 -7.23
C PRO A 26 -1.58 6.58 -6.10
N PHE A 27 -1.22 6.11 -4.92
CA PHE A 27 -2.11 6.23 -3.77
C PHE A 27 -1.57 7.31 -2.86
N THR A 28 -2.42 8.20 -2.42
CA THR A 28 -1.98 9.29 -1.60
C THR A 28 -2.11 8.99 -0.11
N PHE A 29 -1.01 9.20 0.59
CA PHE A 29 -0.96 9.00 2.01
C PHE A 29 -0.33 10.22 2.64
N LEU A 30 -0.83 10.62 3.80
CA LEU A 30 -0.35 11.74 4.57
C LEU A 30 0.06 12.95 3.70
N GLY A 31 -0.73 13.20 2.66
CA GLY A 31 -0.49 14.34 1.78
C GLY A 31 0.47 14.05 0.63
N ASN A 32 1.07 12.87 0.59
CA ASN A 32 2.01 12.56 -0.47
C ASN A 32 1.46 11.51 -1.41
N LYS A 33 1.64 11.72 -2.71
CA LYS A 33 1.18 10.79 -3.70
C LYS A 33 2.21 9.67 -3.83
N TYR A 34 1.78 8.44 -3.57
CA TYR A 34 2.69 7.31 -3.62
C TYR A 34 2.50 6.51 -4.89
N GLU A 35 3.49 6.59 -5.74
CA GLU A 35 3.48 5.89 -7.01
C GLU A 35 4.13 4.52 -6.89
N SER A 36 4.67 4.25 -5.71
CA SER A 36 5.31 3.00 -5.42
C SER A 36 4.95 2.60 -3.99
N CYS A 37 5.59 1.57 -3.46
CA CYS A 37 5.30 1.16 -2.10
C CYS A 37 5.82 2.20 -1.13
N THR A 38 5.38 2.09 0.10
CA THR A 38 5.79 3.02 1.15
C THR A 38 5.86 2.29 2.48
N SER A 39 6.30 2.99 3.50
CA SER A 39 6.38 2.45 4.83
C SER A 39 5.73 3.44 5.78
N ALA A 40 4.90 4.30 5.18
CA ALA A 40 4.18 5.35 5.88
C ALA A 40 3.15 4.79 6.84
N GLY A 41 3.01 5.47 7.98
CA GLY A 41 2.04 5.06 8.98
C GLY A 41 2.41 3.79 9.71
N ARG A 42 3.57 3.22 9.39
CA ARG A 42 3.98 1.99 10.04
C ARG A 42 5.07 2.24 11.06
N SER A 43 4.79 1.86 12.29
CA SER A 43 5.74 2.02 13.39
C SER A 43 6.69 0.82 13.43
N ASP A 44 6.43 -0.15 12.57
CA ASP A 44 7.25 -1.35 12.49
C ASP A 44 8.38 -1.16 11.48
N GLY A 45 8.07 -1.40 10.21
CA GLY A 45 9.06 -1.25 9.18
C GLY A 45 8.69 -1.91 7.85
N LYS A 46 7.70 -2.80 7.85
CA LYS A 46 7.31 -3.49 6.61
C LYS A 46 6.74 -2.49 5.61
N MET A 47 7.21 -2.54 4.38
CA MET A 47 6.70 -1.64 3.38
C MET A 47 5.43 -2.21 2.76
N TRP A 48 4.49 -1.33 2.45
CA TRP A 48 3.22 -1.74 1.90
C TRP A 48 2.78 -0.87 0.71
N CYS A 49 1.52 -1.03 0.32
CA CYS A 49 0.91 -0.29 -0.78
C CYS A 49 -0.59 -0.21 -0.53
N ALA A 50 -1.20 0.94 -0.78
CA ALA A 50 -2.63 1.06 -0.57
C ALA A 50 -3.38 0.41 -1.70
N THR A 51 -4.52 -0.16 -1.38
CA THR A 51 -5.32 -0.82 -2.38
C THR A 51 -6.48 0.08 -2.80
N THR A 52 -6.32 1.37 -2.50
CA THR A 52 -7.28 2.39 -2.85
C THR A 52 -6.55 3.61 -3.37
N ALA A 53 -7.19 4.40 -4.22
CA ALA A 53 -6.57 5.60 -4.79
C ALA A 53 -6.16 6.58 -3.69
N ASN A 54 -7.02 6.71 -2.70
CA ASN A 54 -6.75 7.58 -1.58
C ASN A 54 -6.78 6.76 -0.30
N TYR A 55 -5.62 6.54 0.28
CA TYR A 55 -5.51 5.73 1.49
C TYR A 55 -6.01 6.48 2.72
N ASP A 56 -5.85 7.81 2.71
CA ASP A 56 -6.26 8.63 3.83
C ASP A 56 -7.74 8.42 4.20
N ASP A 57 -8.56 8.23 3.19
CA ASP A 57 -10.00 8.04 3.39
C ASP A 57 -10.37 6.58 3.71
N ASP A 58 -10.30 5.72 2.70
CA ASP A 58 -10.69 4.29 2.85
C ASP A 58 -9.74 3.47 3.70
N ARG A 59 -8.50 3.94 3.88
CA ARG A 59 -7.49 3.25 4.66
C ARG A 59 -7.45 1.74 4.45
N LYS A 60 -7.35 1.35 3.19
CA LYS A 60 -7.25 -0.06 2.83
C LYS A 60 -5.86 -0.31 2.27
N TRP A 61 -5.12 -1.17 2.95
CA TRP A 61 -3.74 -1.41 2.58
C TRP A 61 -3.34 -2.88 2.50
N GLY A 62 -2.14 -3.06 1.99
CA GLY A 62 -1.52 -4.36 1.84
C GLY A 62 -0.03 -4.19 1.67
N PHE A 63 0.77 -5.07 2.25
CA PHE A 63 2.22 -5.01 2.15
C PHE A 63 2.68 -5.01 0.69
N CYS A 64 3.89 -4.53 0.46
CA CYS A 64 4.45 -4.48 -0.88
C CYS A 64 4.52 -5.88 -1.48
N PRO A 65 4.19 -6.02 -2.78
CA PRO A 65 4.20 -7.34 -3.46
C PRO A 65 5.58 -7.96 -3.60
N ASP A 66 6.53 -7.24 -3.09
CA ASP A 66 7.91 -7.65 -3.07
C ASP A 66 8.53 -7.34 -1.72
N GLN A 67 8.57 -8.33 -0.85
CA GLN A 67 9.13 -8.15 0.49
C GLN A 67 10.53 -8.72 0.58
N GLY A 68 11.09 -8.69 1.78
CA GLY A 68 12.42 -9.20 1.99
C GLY A 68 12.67 -9.58 3.43
N SER A 9 2.55 -10.89 -13.35
CA SER A 9 1.34 -11.61 -12.91
C SER A 9 0.40 -10.69 -12.14
N TRP A 10 -0.55 -11.27 -11.42
CA TRP A 10 -1.49 -10.49 -10.62
C TRP A 10 -0.79 -9.99 -9.37
N MET A 11 -0.51 -8.68 -9.34
CA MET A 11 0.19 -8.07 -8.22
C MET A 11 -0.65 -8.10 -6.94
N SER A 12 -0.60 -9.24 -6.24
CA SER A 12 -1.35 -9.40 -5.00
C SER A 12 -0.55 -8.89 -3.82
N THR A 13 -1.22 -8.66 -2.70
CA THR A 13 -0.57 -8.15 -1.51
C THR A 13 -0.42 -9.20 -0.42
N VAL A 14 0.27 -8.79 0.63
CA VAL A 14 0.55 -9.57 1.80
C VAL A 14 0.39 -8.60 2.95
N GLY A 15 0.27 -9.05 4.18
CA GLY A 15 0.11 -8.07 5.25
C GLY A 15 -1.22 -7.32 5.11
N GLY A 16 -1.23 -6.07 5.57
CA GLY A 16 -2.41 -5.23 5.46
C GLY A 16 -3.68 -5.88 5.99
N ASN A 17 -4.81 -5.51 5.39
CA ASN A 17 -6.10 -6.06 5.80
C ASN A 17 -7.00 -6.29 4.58
N SER A 18 -6.52 -5.90 3.40
CA SER A 18 -7.27 -6.08 2.17
C SER A 18 -7.02 -7.46 1.58
N GLY A 19 -6.36 -8.31 2.35
CA GLY A 19 -6.06 -9.65 1.89
C GLY A 19 -4.97 -9.67 0.84
N GLY A 20 -5.36 -9.91 -0.41
CA GLY A 20 -4.39 -9.94 -1.49
C GLY A 20 -4.80 -9.07 -2.66
N ALA A 21 -5.42 -7.93 -2.36
CA ALA A 21 -5.86 -7.00 -3.41
C ALA A 21 -4.66 -6.24 -3.97
N PRO A 22 -4.66 -5.97 -5.28
CA PRO A 22 -3.58 -5.23 -5.94
C PRO A 22 -3.48 -3.79 -5.46
N CYS A 23 -2.26 -3.28 -5.37
CA CYS A 23 -2.04 -1.91 -4.93
C CYS A 23 -2.48 -0.94 -6.03
N VAL A 24 -2.96 0.23 -5.64
CA VAL A 24 -3.38 1.25 -6.60
C VAL A 24 -2.38 2.41 -6.60
N PHE A 25 -1.62 2.53 -7.68
CA PHE A 25 -0.63 3.59 -7.77
C PHE A 25 -0.97 4.56 -8.88
N PRO A 26 -0.71 5.86 -8.65
CA PRO A 26 -0.13 6.33 -7.40
C PRO A 26 -1.21 6.64 -6.37
N PHE A 27 -1.00 6.24 -5.12
CA PHE A 27 -1.98 6.54 -4.09
C PHE A 27 -1.49 7.72 -3.28
N THR A 28 -2.16 8.03 -2.19
CA THR A 28 -1.75 9.15 -1.38
C THR A 28 -2.06 8.92 0.07
N PHE A 29 -1.05 9.09 0.91
CA PHE A 29 -1.20 8.92 2.33
C PHE A 29 -1.07 10.27 3.00
N LEU A 30 -0.47 10.28 4.19
CA LEU A 30 -0.26 11.45 5.07
C LEU A 30 0.29 12.69 4.38
N GLY A 31 -0.39 13.10 3.36
CA GLY A 31 -0.02 14.26 2.59
C GLY A 31 0.96 13.98 1.49
N ASN A 32 1.28 12.70 1.26
CA ASN A 32 2.26 12.38 0.23
C ASN A 32 1.72 11.35 -0.75
N LYS A 33 1.95 11.60 -2.04
CA LYS A 33 1.55 10.70 -3.08
C LYS A 33 2.52 9.54 -3.15
N TYR A 34 2.04 8.31 -3.09
CA TYR A 34 2.93 7.18 -3.13
C TYR A 34 2.74 6.40 -4.42
N GLU A 35 3.72 6.53 -5.27
CA GLU A 35 3.72 5.87 -6.57
C GLU A 35 4.29 4.46 -6.45
N SER A 36 5.01 4.25 -5.38
CA SER A 36 5.60 2.97 -5.09
C SER A 36 5.18 2.59 -3.68
N CYS A 37 5.73 1.52 -3.15
CA CYS A 37 5.37 1.13 -1.81
C CYS A 37 5.92 2.13 -0.81
N THR A 38 5.35 2.13 0.37
CA THR A 38 5.75 3.04 1.42
C THR A 38 5.82 2.30 2.74
N SER A 39 6.39 2.94 3.74
CA SER A 39 6.48 2.36 5.06
C SER A 39 5.80 3.30 6.05
N ALA A 40 4.89 4.10 5.51
CA ALA A 40 4.13 5.09 6.27
C ALA A 40 3.11 4.44 7.18
N GLY A 41 2.87 5.10 8.31
CA GLY A 41 1.89 4.61 9.26
C GLY A 41 2.35 3.41 10.04
N ARG A 42 3.50 2.83 9.70
CA ARG A 42 3.97 1.66 10.43
C ARG A 42 4.87 2.08 11.58
N SER A 43 5.51 1.10 12.23
CA SER A 43 6.38 1.40 13.36
C SER A 43 7.73 0.68 13.30
N ASP A 44 7.84 -0.44 12.59
CA ASP A 44 9.10 -1.16 12.55
C ASP A 44 9.84 -1.04 11.23
N GLY A 45 9.58 -1.96 10.31
CA GLY A 45 10.33 -1.92 9.08
C GLY A 45 9.68 -2.41 7.78
N LYS A 46 8.51 -3.07 7.78
CA LYS A 46 7.95 -3.52 6.52
C LYS A 46 7.42 -2.36 5.70
N MET A 47 7.20 -2.62 4.42
CA MET A 47 6.64 -1.63 3.53
C MET A 47 5.30 -2.15 3.04
N TRP A 48 4.46 -1.27 2.55
CA TRP A 48 3.14 -1.68 2.09
C TRP A 48 2.69 -0.81 0.91
N CYS A 49 1.43 -0.94 0.55
CA CYS A 49 0.84 -0.19 -0.55
C CYS A 49 -0.67 -0.10 -0.34
N ALA A 50 -1.26 1.01 -0.75
CA ALA A 50 -2.69 1.16 -0.59
C ALA A 50 -3.41 0.43 -1.71
N THR A 51 -4.56 -0.10 -1.41
CA THR A 51 -5.34 -0.82 -2.39
C THR A 51 -6.45 0.08 -2.93
N THR A 52 -6.25 1.38 -2.71
CA THR A 52 -7.19 2.41 -3.16
C THR A 52 -6.40 3.62 -3.67
N ALA A 53 -6.99 4.39 -4.57
CA ALA A 53 -6.32 5.57 -5.13
C ALA A 53 -5.99 6.58 -4.04
N ASN A 54 -6.83 6.62 -3.02
CA ASN A 54 -6.63 7.51 -1.88
C ASN A 54 -6.75 6.67 -0.62
N TYR A 55 -5.68 6.61 0.16
CA TYR A 55 -5.66 5.81 1.36
C TYR A 55 -6.29 6.51 2.55
N ASP A 56 -6.16 7.83 2.62
CA ASP A 56 -6.74 8.61 3.72
C ASP A 56 -8.22 8.31 3.94
N ASP A 57 -8.95 8.15 2.85
CA ASP A 57 -10.38 7.88 2.90
C ASP A 57 -10.72 6.42 3.26
N ASP A 58 -10.53 5.54 2.28
CA ASP A 58 -10.87 4.11 2.43
C ASP A 58 -9.94 3.33 3.35
N ARG A 59 -8.74 3.84 3.58
CA ARG A 59 -7.75 3.20 4.43
C ARG A 59 -7.69 1.68 4.28
N LYS A 60 -7.47 1.23 3.05
CA LYS A 60 -7.31 -0.18 2.77
C LYS A 60 -5.90 -0.40 2.29
N TRP A 61 -5.17 -1.23 3.02
CA TRP A 61 -3.77 -1.44 2.70
C TRP A 61 -3.33 -2.90 2.66
N GLY A 62 -2.11 -3.06 2.21
CA GLY A 62 -1.46 -4.35 2.10
C GLY A 62 0.03 -4.16 1.94
N PHE A 63 0.82 -5.01 2.57
CA PHE A 63 2.27 -4.95 2.51
C PHE A 63 2.76 -5.01 1.07
N CYS A 64 4.01 -4.61 0.87
CA CYS A 64 4.59 -4.59 -0.46
C CYS A 64 5.02 -5.97 -0.90
N PRO A 65 4.62 -6.38 -2.12
CA PRO A 65 4.99 -7.68 -2.70
C PRO A 65 6.43 -7.70 -3.18
N ASP A 66 6.68 -8.47 -4.23
CA ASP A 66 8.02 -8.57 -4.82
C ASP A 66 8.57 -7.19 -5.16
N GLN A 67 9.50 -6.71 -4.35
CA GLN A 67 10.09 -5.39 -4.55
C GLN A 67 11.34 -5.45 -5.43
N GLY A 68 11.68 -4.31 -6.00
CA GLY A 68 12.86 -4.22 -6.84
C GLY A 68 13.62 -2.93 -6.62
N SER A 9 -2.05 -7.83 -14.84
CA SER A 9 -1.12 -7.92 -13.69
C SER A 9 -1.89 -8.17 -12.40
N TRP A 10 -1.79 -9.38 -11.88
CA TRP A 10 -2.50 -9.75 -10.66
C TRP A 10 -1.57 -9.97 -9.47
N MET A 11 -0.75 -8.98 -9.15
CA MET A 11 0.15 -9.09 -8.02
C MET A 11 -0.58 -8.72 -6.73
N SER A 12 -0.91 -9.74 -5.93
CA SER A 12 -1.63 -9.51 -4.68
C SER A 12 -0.71 -8.93 -3.61
N THR A 13 -1.30 -8.24 -2.65
CA THR A 13 -0.54 -7.64 -1.56
C THR A 13 -0.35 -8.60 -0.40
N VAL A 14 0.54 -8.22 0.48
CA VAL A 14 0.82 -8.96 1.70
C VAL A 14 0.23 -8.17 2.83
N GLY A 15 0.57 -8.53 4.06
CA GLY A 15 0.10 -7.80 5.22
C GLY A 15 -1.33 -7.31 5.10
N GLY A 16 -1.49 -6.00 5.34
CA GLY A 16 -2.77 -5.32 5.22
C GLY A 16 -3.98 -6.06 5.72
N ASN A 17 -5.11 -5.78 5.07
CA ASN A 17 -6.39 -6.40 5.40
C ASN A 17 -7.34 -6.39 4.21
N SER A 18 -6.80 -6.09 3.04
CA SER A 18 -7.59 -6.04 1.82
C SER A 18 -7.72 -7.43 1.18
N GLY A 19 -7.12 -8.43 1.82
CA GLY A 19 -7.18 -9.78 1.32
C GLY A 19 -6.08 -10.08 0.33
N GLY A 20 -6.39 -9.99 -0.96
CA GLY A 20 -5.40 -10.25 -1.99
C GLY A 20 -5.53 -9.28 -3.14
N ALA A 21 -5.79 -8.02 -2.82
CA ALA A 21 -5.94 -7.00 -3.84
C ALA A 21 -4.60 -6.32 -4.13
N PRO A 22 -4.40 -5.89 -5.38
CA PRO A 22 -3.16 -5.21 -5.78
C PRO A 22 -3.07 -3.79 -5.20
N CYS A 23 -1.93 -3.16 -5.38
CA CYS A 23 -1.74 -1.80 -4.88
C CYS A 23 -2.26 -0.79 -5.91
N VAL A 24 -2.73 0.35 -5.43
CA VAL A 24 -3.21 1.40 -6.32
C VAL A 24 -2.23 2.56 -6.32
N PHE A 25 -1.54 2.75 -7.43
CA PHE A 25 -0.55 3.81 -7.54
C PHE A 25 -1.02 4.88 -8.53
N PRO A 26 -0.82 6.16 -8.18
CA PRO A 26 -0.19 6.56 -6.92
C PRO A 26 -1.21 6.66 -5.79
N PHE A 27 -0.89 6.08 -4.64
CA PHE A 27 -1.79 6.16 -3.50
C PHE A 27 -1.31 7.25 -2.58
N THR A 28 -2.18 8.18 -2.30
CA THR A 28 -1.82 9.30 -1.47
C THR A 28 -2.01 9.01 0.01
N PHE A 29 -0.92 9.14 0.75
CA PHE A 29 -0.92 8.94 2.18
C PHE A 29 -0.35 10.18 2.83
N LEU A 30 -0.88 10.53 3.98
CA LEU A 30 -0.45 11.67 4.77
C LEU A 30 -0.08 12.90 3.93
N GLY A 31 -0.78 13.07 2.81
CA GLY A 31 -0.52 14.22 1.96
C GLY A 31 0.39 13.94 0.77
N ASN A 32 1.06 12.81 0.74
CA ASN A 32 1.96 12.50 -0.36
C ASN A 32 1.43 11.39 -1.26
N LYS A 33 1.51 11.62 -2.56
CA LYS A 33 1.08 10.65 -3.53
C LYS A 33 2.19 9.62 -3.70
N TYR A 34 1.91 8.37 -3.33
CA TYR A 34 2.91 7.34 -3.41
C TYR A 34 2.78 6.53 -4.67
N GLU A 35 3.76 6.69 -5.52
CA GLU A 35 3.83 6.00 -6.79
C GLU A 35 4.47 4.64 -6.62
N SER A 36 5.11 4.46 -5.48
CA SER A 36 5.76 3.22 -5.15
C SER A 36 5.31 2.80 -3.76
N CYS A 37 5.89 1.76 -3.21
CA CYS A 37 5.53 1.33 -1.88
C CYS A 37 6.05 2.32 -0.86
N THR A 38 5.58 2.18 0.35
CA THR A 38 5.98 3.08 1.43
C THR A 38 6.04 2.32 2.75
N SER A 39 6.48 3.01 3.77
CA SER A 39 6.54 2.45 5.10
C SER A 39 5.87 3.43 6.05
N ALA A 40 5.06 4.31 5.43
CA ALA A 40 4.31 5.35 6.13
C ALA A 40 3.29 4.76 7.08
N GLY A 41 3.09 5.43 8.21
CA GLY A 41 2.13 4.98 9.20
C GLY A 41 2.59 3.75 9.94
N ARG A 42 3.76 3.23 9.59
CA ARG A 42 4.27 2.04 10.24
C ARG A 42 5.39 2.37 11.21
N SER A 43 5.26 1.90 12.43
CA SER A 43 6.27 2.14 13.46
C SER A 43 7.23 0.96 13.53
N ASP A 44 7.03 -0.02 12.68
CA ASP A 44 7.89 -1.20 12.66
C ASP A 44 8.99 -1.04 11.62
N GLY A 45 8.67 -1.40 10.39
CA GLY A 45 9.62 -1.30 9.31
C GLY A 45 9.14 -1.90 8.01
N LYS A 46 8.18 -2.83 8.09
CA LYS A 46 7.65 -3.49 6.92
C LYS A 46 6.99 -2.48 5.97
N MET A 47 7.37 -2.54 4.69
CA MET A 47 6.82 -1.62 3.71
C MET A 47 5.55 -2.18 3.10
N TRP A 48 4.65 -1.29 2.72
CA TRP A 48 3.38 -1.69 2.14
C TRP A 48 2.98 -0.81 0.96
N CYS A 49 1.74 -0.96 0.54
CA CYS A 49 1.14 -0.20 -0.54
C CYS A 49 -0.37 -0.18 -0.36
N ALA A 50 -1.01 0.96 -0.56
CA ALA A 50 -2.45 1.03 -0.38
C ALA A 50 -3.15 0.37 -1.55
N THR A 51 -4.33 -0.15 -1.27
CA THR A 51 -5.10 -0.81 -2.30
C THR A 51 -6.20 0.13 -2.79
N THR A 52 -6.09 1.39 -2.37
CA THR A 52 -7.02 2.43 -2.76
C THR A 52 -6.25 3.70 -3.14
N ALA A 53 -6.84 4.50 -4.03
CA ALA A 53 -6.20 5.74 -4.49
C ALA A 53 -5.90 6.68 -3.32
N ASN A 54 -6.88 6.90 -2.47
CA ASN A 54 -6.70 7.75 -1.30
C ASN A 54 -6.74 6.89 -0.06
N TYR A 55 -5.58 6.66 0.51
CA TYR A 55 -5.48 5.79 1.68
C TYR A 55 -5.96 6.48 2.95
N ASP A 56 -5.78 7.78 3.07
CA ASP A 56 -6.20 8.51 4.27
C ASP A 56 -7.67 8.27 4.60
N ASP A 57 -8.50 8.17 3.57
CA ASP A 57 -9.93 7.97 3.76
C ASP A 57 -10.30 6.48 3.84
N ASP A 58 -10.04 5.74 2.76
CA ASP A 58 -10.38 4.32 2.69
C ASP A 58 -9.58 3.46 3.66
N ARG A 59 -8.32 3.83 3.88
CA ARG A 59 -7.43 3.12 4.80
C ARG A 59 -7.42 1.61 4.58
N LYS A 60 -7.27 1.21 3.33
CA LYS A 60 -7.17 -0.20 2.98
C LYS A 60 -5.78 -0.42 2.40
N TRP A 61 -5.00 -1.25 3.07
CA TRP A 61 -3.62 -1.44 2.69
C TRP A 61 -3.19 -2.91 2.58
N GLY A 62 -1.95 -3.07 2.13
CA GLY A 62 -1.33 -4.36 1.98
C GLY A 62 0.17 -4.18 1.82
N PHE A 63 0.96 -5.09 2.39
CA PHE A 63 2.41 -4.98 2.30
C PHE A 63 2.88 -5.02 0.85
N CYS A 64 4.08 -4.50 0.62
CA CYS A 64 4.64 -4.44 -0.74
C CYS A 64 4.87 -5.85 -1.28
N PRO A 65 4.29 -6.16 -2.45
CA PRO A 65 4.40 -7.49 -3.08
C PRO A 65 5.67 -7.71 -3.87
N ASP A 66 6.55 -6.75 -3.78
CA ASP A 66 7.83 -6.79 -4.46
C ASP A 66 8.95 -6.43 -3.49
N GLN A 67 9.56 -7.43 -2.90
CA GLN A 67 10.64 -7.20 -1.94
C GLN A 67 11.78 -8.18 -2.19
N GLY A 68 11.68 -9.36 -1.57
CA GLY A 68 12.72 -10.36 -1.73
C GLY A 68 13.56 -10.48 -0.48
N SER A 9 3.35 -11.67 -12.80
CA SER A 9 2.21 -10.86 -13.26
C SER A 9 1.64 -10.02 -12.11
N TRP A 10 0.32 -9.86 -12.05
CA TRP A 10 -0.31 -9.08 -10.99
C TRP A 10 -0.29 -9.83 -9.67
N MET A 11 0.42 -9.25 -8.69
CA MET A 11 0.54 -9.85 -7.37
C MET A 11 -0.35 -9.12 -6.37
N SER A 12 -0.83 -9.84 -5.36
CA SER A 12 -1.67 -9.23 -4.35
C SER A 12 -0.79 -8.71 -3.21
N THR A 13 -1.40 -7.96 -2.32
CA THR A 13 -0.67 -7.37 -1.20
C THR A 13 -0.47 -8.38 -0.06
N VAL A 14 0.45 -8.02 0.82
CA VAL A 14 0.74 -8.80 2.01
C VAL A 14 0.17 -8.01 3.16
N GLY A 15 0.54 -8.38 4.37
CA GLY A 15 0.08 -7.65 5.56
C GLY A 15 -1.35 -7.17 5.45
N GLY A 16 -1.53 -5.87 5.67
CA GLY A 16 -2.82 -5.19 5.54
C GLY A 16 -4.04 -6.03 5.86
N ASN A 17 -5.07 -5.85 5.05
CA ASN A 17 -6.33 -6.56 5.19
C ASN A 17 -7.19 -6.36 3.93
N SER A 18 -6.51 -6.33 2.80
CA SER A 18 -7.16 -6.11 1.51
C SER A 18 -8.13 -7.23 1.16
N GLY A 19 -7.59 -8.43 0.97
CA GLY A 19 -8.41 -9.58 0.62
C GLY A 19 -8.28 -9.96 -0.83
N GLY A 20 -7.04 -10.08 -1.29
CA GLY A 20 -6.79 -10.43 -2.67
C GLY A 20 -6.82 -9.21 -3.58
N ALA A 21 -6.31 -8.09 -3.08
CA ALA A 21 -6.28 -6.85 -3.84
C ALA A 21 -4.85 -6.35 -4.02
N PRO A 22 -4.57 -5.66 -5.14
CA PRO A 22 -3.27 -5.10 -5.44
C PRO A 22 -3.17 -3.65 -4.97
N CYS A 23 -2.00 -3.05 -5.09
CA CYS A 23 -1.82 -1.66 -4.69
C CYS A 23 -2.25 -0.73 -5.83
N VAL A 24 -2.86 0.38 -5.49
CA VAL A 24 -3.30 1.35 -6.50
C VAL A 24 -2.40 2.59 -6.46
N PHE A 25 -1.77 2.90 -7.58
CA PHE A 25 -0.89 4.05 -7.64
C PHE A 25 -1.34 5.03 -8.71
N PRO A 26 -1.18 6.33 -8.46
CA PRO A 26 -0.61 6.82 -7.22
C PRO A 26 -1.67 6.98 -6.14
N PHE A 27 -1.35 6.56 -4.92
CA PHE A 27 -2.30 6.68 -3.83
C PHE A 27 -1.87 7.83 -2.93
N THR A 28 -2.67 8.14 -1.94
CA THR A 28 -2.34 9.23 -1.04
C THR A 28 -2.46 8.79 0.41
N PHE A 29 -1.37 8.95 1.15
CA PHE A 29 -1.34 8.61 2.55
C PHE A 29 -0.87 9.80 3.33
N LEU A 30 -1.50 10.02 4.47
CA LEU A 30 -1.14 11.04 5.40
C LEU A 30 -0.62 12.32 4.75
N GLY A 31 -1.34 12.76 3.74
CA GLY A 31 -1.01 14.00 3.04
C GLY A 31 0.00 13.88 1.89
N ASN A 32 0.60 12.72 1.69
CA ASN A 32 1.59 12.57 0.62
C ASN A 32 1.06 11.71 -0.52
N LYS A 33 1.62 11.91 -1.72
CA LYS A 33 1.25 11.16 -2.88
C LYS A 33 2.24 10.01 -3.03
N TYR A 34 1.76 8.78 -3.12
CA TYR A 34 2.64 7.63 -3.21
C TYR A 34 2.53 6.93 -4.54
N GLU A 35 3.64 6.90 -5.25
CA GLU A 35 3.73 6.28 -6.54
C GLU A 35 4.28 4.86 -6.40
N SER A 36 4.94 4.60 -5.29
CA SER A 36 5.50 3.30 -5.01
C SER A 36 5.08 2.88 -3.61
N CYS A 37 5.59 1.77 -3.12
CA CYS A 37 5.25 1.32 -1.79
C CYS A 37 5.83 2.28 -0.76
N THR A 38 5.34 2.21 0.44
CA THR A 38 5.78 3.09 1.50
C THR A 38 5.85 2.36 2.82
N SER A 39 6.54 2.93 3.78
CA SER A 39 6.63 2.38 5.10
C SER A 39 5.97 3.38 6.05
N ALA A 40 5.13 4.23 5.45
CA ALA A 40 4.40 5.28 6.14
C ALA A 40 3.50 4.73 7.22
N GLY A 41 3.42 5.47 8.33
CA GLY A 41 2.58 5.07 9.44
C GLY A 41 3.13 3.89 10.21
N ARG A 42 4.19 3.28 9.71
CA ARG A 42 4.78 2.13 10.37
C ARG A 42 6.02 2.52 11.16
N SER A 43 6.23 1.83 12.27
CA SER A 43 7.38 2.09 13.12
C SER A 43 8.38 0.94 13.03
N ASP A 44 8.01 -0.12 12.30
CA ASP A 44 8.87 -1.28 12.13
C ASP A 44 9.80 -1.10 10.96
N GLY A 45 9.29 -1.37 9.79
CA GLY A 45 10.07 -1.24 8.58
C GLY A 45 9.38 -1.82 7.37
N LYS A 46 8.49 -2.78 7.59
CA LYS A 46 7.74 -3.43 6.53
C LYS A 46 7.02 -2.41 5.67
N MET A 47 7.37 -2.35 4.40
CA MET A 47 6.72 -1.41 3.51
C MET A 47 5.42 -1.99 2.99
N TRP A 48 4.43 -1.13 2.82
CA TRP A 48 3.12 -1.53 2.34
C TRP A 48 2.69 -0.66 1.18
N CYS A 49 1.42 -0.74 0.82
CA CYS A 49 0.86 0.04 -0.28
C CYS A 49 -0.66 0.10 -0.12
N ALA A 50 -1.27 1.21 -0.52
CA ALA A 50 -2.71 1.33 -0.43
C ALA A 50 -3.35 0.57 -1.57
N THR A 51 -4.46 -0.07 -1.30
CA THR A 51 -5.14 -0.84 -2.32
C THR A 51 -6.25 -0.02 -2.97
N THR A 52 -6.17 1.29 -2.75
CA THR A 52 -7.13 2.23 -3.30
C THR A 52 -6.41 3.48 -3.79
N ALA A 53 -7.07 4.25 -4.66
CA ALA A 53 -6.47 5.47 -5.19
C ALA A 53 -6.24 6.50 -4.09
N ASN A 54 -7.08 6.46 -3.06
CA ASN A 54 -6.96 7.37 -1.94
C ASN A 54 -7.07 6.59 -0.64
N TYR A 55 -5.98 6.57 0.13
CA TYR A 55 -5.96 5.82 1.37
C TYR A 55 -6.61 6.62 2.50
N ASP A 56 -6.39 7.94 2.51
CA ASP A 56 -6.95 8.82 3.53
C ASP A 56 -8.44 8.56 3.77
N ASP A 57 -9.15 8.24 2.70
CA ASP A 57 -10.58 7.96 2.78
C ASP A 57 -10.89 6.47 2.91
N ASP A 58 -10.40 5.68 1.96
CA ASP A 58 -10.66 4.24 1.95
C ASP A 58 -10.00 3.50 3.11
N ARG A 59 -8.75 3.83 3.41
CA ARG A 59 -8.00 3.22 4.50
C ARG A 59 -7.87 1.71 4.38
N LYS A 60 -7.64 1.23 3.17
CA LYS A 60 -7.42 -0.18 2.92
C LYS A 60 -5.99 -0.36 2.46
N TRP A 61 -5.25 -1.17 3.18
CA TRP A 61 -3.83 -1.33 2.89
C TRP A 61 -3.37 -2.77 2.84
N GLY A 62 -2.14 -2.92 2.39
CA GLY A 62 -1.50 -4.21 2.29
C GLY A 62 0.00 -4.03 2.09
N PHE A 63 0.82 -4.90 2.68
CA PHE A 63 2.26 -4.79 2.54
C PHE A 63 2.71 -4.92 1.09
N CYS A 64 3.88 -4.37 0.79
CA CYS A 64 4.45 -4.46 -0.55
C CYS A 64 4.79 -5.93 -0.81
N PRO A 65 4.31 -6.51 -1.92
CA PRO A 65 4.56 -7.92 -2.22
C PRO A 65 5.92 -8.18 -2.84
N ASP A 66 6.03 -9.35 -3.48
CA ASP A 66 7.23 -9.82 -4.16
C ASP A 66 8.52 -9.43 -3.42
N GLN A 67 8.66 -9.95 -2.20
CA GLN A 67 9.84 -9.66 -1.39
C GLN A 67 10.72 -10.90 -1.30
N GLY A 68 11.94 -10.79 -1.81
CA GLY A 68 12.86 -11.90 -1.76
C GLY A 68 14.22 -11.54 -2.31
#